data_3WOF
#
_entry.id   3WOF
#
_cell.length_a   213.777
_cell.length_b   213.777
_cell.length_c   234.598
_cell.angle_alpha   90.00
_cell.angle_beta   90.00
_cell.angle_gamma   90.00
#
_symmetry.space_group_name_H-M   'P 41 21 2'
#
loop_
_entity.id
_entity.type
_entity.pdbx_description
1 polymer 'DNA-directed RNA polymerase subunit beta'
2 polymer 'Putative uncharacterized protein'
#
loop_
_entity_poly.entity_id
_entity_poly.type
_entity_poly.pdbx_seq_one_letter_code
_entity_poly.pdbx_strand_id
1 'polypeptide(L)'
;GPIHIERYEIEARDTKLGPERITRDIPHLSEAALRDLDEEGVVRIGAEVKPGDILVGRTSFKGESEPTPEERLLRSIFGE
KARDVKDTSLRVPPGEGGIVVRTVRLRRGDPGVELKPGVREVVRVYVAQK
;
A,C,E,G,I,K,M,O,Q,S,U,W
2 'polypeptide(L)'
;GPVEPYIRLFEAIPDAETELATFYDADLDTLPPRMFLPSGDLYTPPGPVRLEEIKRKRRVRLVKVSIYRFEHVGLGLAAR
PYAYAYAWQGDNGILHLYHAPVVLEDVPEVLELDEVTYNESYVRLMRAM
;
B,D,F,H,J,L,N,P,R,T,V,X
#
# COMPACT_ATOMS: atom_id res chain seq x y z
N GLY A 1 8.34 -53.85 13.59
CA GLY A 1 7.85 -53.77 12.22
C GLY A 1 8.46 -52.62 11.46
N PRO A 2 8.29 -52.64 10.14
CA PRO A 2 8.85 -51.62 9.25
C PRO A 2 8.22 -50.30 9.62
N ILE A 3 8.89 -49.19 9.35
CA ILE A 3 8.38 -47.93 9.84
C ILE A 3 6.94 -47.81 9.38
N HIS A 4 6.09 -47.46 10.33
CA HIS A 4 4.65 -47.37 10.14
C HIS A 4 4.45 -45.96 10.71
N ILE A 5 4.02 -45.04 9.85
CA ILE A 5 3.78 -43.67 10.28
C ILE A 5 2.29 -43.32 10.33
N GLU A 6 1.86 -43.02 11.56
CA GLU A 6 0.51 -42.59 11.86
C GLU A 6 0.30 -41.12 11.53
N ARG A 7 -0.96 -40.77 11.29
CA ARG A 7 -1.40 -39.42 11.01
C ARG A 7 -2.62 -39.10 11.87
N TYR A 8 -2.42 -38.25 12.87
CA TYR A 8 -3.51 -37.77 13.72
C TYR A 8 -4.00 -36.39 13.30
N GLU A 9 -5.32 -36.18 13.34
CA GLU A 9 -5.92 -34.93 12.86
C GLU A 9 -7.06 -34.41 13.76
N ILE A 10 -7.10 -33.09 13.95
CA ILE A 10 -8.23 -32.46 14.65
C ILE A 10 -8.60 -31.13 14.01
N GLU A 11 -9.90 -30.90 13.92
CA GLU A 11 -10.43 -29.65 13.38
C GLU A 11 -11.13 -28.84 14.49
N ALA A 12 -10.89 -27.53 14.48
CA ALA A 12 -11.67 -26.61 15.29
C ALA A 12 -12.68 -25.92 14.37
N ARG A 13 -13.96 -26.12 14.64
CA ARG A 13 -15.01 -25.59 13.76
C ARG A 13 -15.90 -24.52 14.42
N ASP A 14 -16.62 -23.77 13.59
CA ASP A 14 -17.67 -22.88 14.09
C ASP A 14 -18.83 -23.71 14.62
N THR A 15 -19.48 -23.23 15.66
CA THR A 15 -20.57 -23.98 16.28
C THR A 15 -21.69 -23.04 16.71
N LYS A 16 -22.92 -23.55 16.87
CA LYS A 16 -24.03 -22.71 17.28
C LYS A 16 -23.81 -22.13 18.69
N LEU A 17 -23.10 -22.89 19.51
CA LEU A 17 -22.69 -22.46 20.84
C LEU A 17 -21.45 -21.56 20.84
N GLY A 18 -20.86 -21.31 19.68
CA GLY A 18 -19.62 -20.55 19.63
C GLY A 18 -18.41 -21.37 19.22
N PRO A 19 -17.34 -20.70 18.77
CA PRO A 19 -16.20 -21.38 18.12
C PRO A 19 -15.39 -22.35 19.02
N GLU A 20 -15.03 -23.49 18.44
CA GLU A 20 -13.99 -24.34 19.01
C GLU A 20 -12.67 -23.68 18.72
N ARG A 21 -11.68 -23.90 19.58
CA ARG A 21 -10.37 -23.28 19.39
C ARG A 21 -9.22 -24.21 19.74
N ILE A 22 -8.20 -24.24 18.87
CA ILE A 22 -6.95 -24.94 19.18
C ILE A 22 -6.17 -24.03 20.11
N THR A 23 -5.75 -24.57 21.25
CA THR A 23 -5.09 -23.78 22.26
C THR A 23 -4.43 -24.63 23.33
N ARG A 24 -3.51 -24.00 24.06
CA ARG A 24 -2.87 -24.62 25.21
C ARG A 24 -3.71 -24.38 26.48
N ASP A 25 -4.61 -23.41 26.42
CA ASP A 25 -5.28 -22.91 27.62
C ASP A 25 -6.51 -23.74 28.00
N ILE A 26 -6.25 -24.90 28.60
CA ILE A 26 -7.25 -25.94 28.80
C ILE A 26 -7.49 -26.17 30.29
N PRO A 27 -8.72 -26.12 30.79
CA PRO A 27 -8.99 -26.22 32.25
C PRO A 27 -8.87 -27.60 32.99
N HIS A 28 -8.65 -27.63 34.32
CA HIS A 28 -8.63 -28.90 35.04
C HIS A 28 -7.54 -29.87 34.57
N LEU A 29 -6.44 -29.32 34.08
CA LEU A 29 -5.30 -30.12 33.65
C LEU A 29 -4.03 -29.79 34.43
N SER A 30 -3.41 -30.84 34.97
CA SER A 30 -2.15 -30.74 35.67
C SER A 30 -1.03 -30.36 34.71
N GLU A 31 -0.08 -29.60 35.24
CA GLU A 31 1.13 -29.15 34.55
C GLU A 31 1.78 -30.25 33.73
N ALA A 32 1.86 -31.45 34.31
CA ALA A 32 2.48 -32.58 33.65
C ALA A 32 1.77 -32.89 32.34
N ALA A 33 0.44 -32.80 32.34
CA ALA A 33 -0.33 -33.11 31.13
C ALA A 33 -0.08 -32.08 30.04
N LEU A 34 0.26 -30.86 30.44
CA LEU A 34 0.52 -29.79 29.49
C LEU A 34 2.01 -29.68 29.12
N ARG A 35 2.86 -30.49 29.76
CA ARG A 35 4.31 -30.33 29.67
C ARG A 35 4.90 -30.26 28.24
N ASP A 36 4.46 -31.13 27.34
CA ASP A 36 5.08 -31.20 26.02
C ASP A 36 4.43 -30.36 24.93
N LEU A 37 3.45 -29.54 25.33
CA LEU A 37 2.70 -28.72 24.39
C LEU A 37 3.40 -27.39 24.11
N ASP A 38 3.53 -27.01 22.83
CA ASP A 38 3.99 -25.65 22.54
C ASP A 38 2.96 -24.60 22.99
N GLU A 39 3.25 -23.31 22.75
CA GLU A 39 2.39 -22.24 23.26
C GLU A 39 1.05 -22.19 22.54
N GLU A 40 0.95 -22.90 21.42
CA GLU A 40 -0.29 -22.97 20.66
C GLU A 40 -1.11 -24.19 21.08
N GLY A 41 -0.57 -24.99 22.00
CA GLY A 41 -1.25 -26.21 22.43
C GLY A 41 -0.95 -27.39 21.51
N VAL A 42 -0.03 -27.21 20.57
CA VAL A 42 0.35 -28.33 19.70
C VAL A 42 1.59 -29.03 20.25
N VAL A 43 1.52 -30.35 20.36
CA VAL A 43 2.62 -31.12 20.94
C VAL A 43 3.92 -30.88 20.18
N ARG A 44 5.03 -30.82 20.93
CA ARG A 44 6.33 -30.46 20.35
C ARG A 44 6.95 -31.64 19.60
N ILE A 45 7.65 -31.33 18.50
CA ILE A 45 8.45 -32.35 17.80
C ILE A 45 9.47 -32.99 18.75
N GLY A 46 9.66 -34.30 18.61
CA GLY A 46 10.68 -35.00 19.36
C GLY A 46 10.18 -35.48 20.69
N ALA A 47 8.87 -35.53 20.85
CA ALA A 47 8.27 -35.90 22.14
C ALA A 47 7.60 -37.27 22.15
N GLU A 48 7.93 -38.09 23.13
CA GLU A 48 7.30 -39.40 23.23
C GLU A 48 5.85 -39.18 23.65
N VAL A 49 4.94 -39.88 22.99
CA VAL A 49 3.52 -39.79 23.36
C VAL A 49 2.89 -41.14 23.75
N LYS A 50 2.11 -41.19 24.83
CA LYS A 50 1.52 -42.44 25.30
C LYS A 50 0.00 -42.35 25.41
N PRO A 51 -0.70 -43.48 25.30
CA PRO A 51 -2.17 -43.43 25.31
C PRO A 51 -2.75 -42.51 26.38
N GLY A 52 -3.65 -41.62 25.96
CA GLY A 52 -4.21 -40.62 26.86
C GLY A 52 -3.48 -39.28 26.83
N ASP A 53 -2.28 -39.25 26.24
CA ASP A 53 -1.55 -37.99 26.16
C ASP A 53 -2.10 -37.09 25.06
N ILE A 54 -2.05 -35.79 25.31
CA ILE A 54 -2.49 -34.78 24.36
C ILE A 54 -1.53 -34.54 23.18
N LEU A 55 -2.09 -34.57 21.97
CA LEU A 55 -1.36 -34.19 20.78
C LEU A 55 -1.66 -32.74 20.40
N VAL A 56 -2.93 -32.37 20.51
CA VAL A 56 -3.38 -31.03 20.15
C VAL A 56 -4.46 -30.56 21.14
N GLY A 57 -4.18 -29.48 21.86
CA GLY A 57 -5.16 -28.92 22.77
C GLY A 57 -6.33 -28.30 22.05
N ARG A 58 -7.54 -28.56 22.55
CA ARG A 58 -8.75 -27.92 22.01
C ARG A 58 -9.78 -27.65 23.09
N THR A 59 -10.44 -26.50 23.01
CA THR A 59 -11.56 -26.24 23.90
C THR A 59 -12.83 -25.90 23.14
N SER A 60 -13.94 -26.41 23.66
CA SER A 60 -15.23 -26.13 23.08
C SER A 60 -16.09 -25.47 24.12
N PHE A 61 -17.07 -24.71 23.65
CA PHE A 61 -18.00 -24.09 24.57
C PHE A 61 -19.04 -25.10 25.06
N LYS A 62 -19.32 -25.08 26.35
CA LYS A 62 -20.30 -26.00 26.89
C LYS A 62 -21.40 -25.14 27.46
N GLY A 63 -22.44 -25.78 28.01
CA GLY A 63 -23.24 -25.19 29.09
C GLY A 63 -24.45 -24.30 28.80
N GLU A 64 -24.23 -22.99 28.83
CA GLU A 64 -25.25 -21.97 28.58
C GLU A 64 -26.65 -22.24 29.17
N SER A 65 -26.74 -22.94 30.30
CA SER A 65 -28.03 -23.15 30.95
C SER A 65 -28.43 -21.82 31.57
N GLU A 66 -29.73 -21.54 31.70
CA GLU A 66 -30.16 -20.24 32.23
C GLU A 66 -29.51 -19.92 33.57
N PRO A 67 -29.20 -18.63 33.79
CA PRO A 67 -28.49 -18.31 35.02
C PRO A 67 -29.30 -18.47 36.30
N THR A 68 -28.57 -18.73 37.38
CA THR A 68 -29.14 -18.91 38.71
C THR A 68 -29.56 -17.56 39.21
N PRO A 69 -30.44 -17.48 40.21
CA PRO A 69 -30.73 -16.14 40.73
C PRO A 69 -29.47 -15.45 41.26
N GLU A 70 -28.56 -16.24 41.82
CA GLU A 70 -27.29 -15.71 42.28
C GLU A 70 -26.49 -15.09 41.14
N GLU A 71 -26.29 -15.85 40.07
CA GLU A 71 -25.48 -15.38 38.95
C GLU A 71 -26.10 -14.21 38.19
N ARG A 72 -27.32 -13.80 38.57
CA ARG A 72 -27.97 -12.66 37.94
C ARG A 72 -27.73 -11.41 38.78
N LEU A 73 -27.89 -11.58 40.09
CA LEU A 73 -27.55 -10.56 41.05
C LEU A 73 -26.18 -10.00 40.74
N LEU A 74 -25.18 -10.88 40.61
CA LEU A 74 -23.83 -10.44 40.20
C LEU A 74 -23.83 -9.85 38.81
N ARG A 75 -24.53 -10.46 37.87
CA ARG A 75 -24.51 -10.03 36.46
C ARG A 75 -24.68 -8.51 36.33
N SER A 76 -25.18 -7.85 37.38
CA SER A 76 -25.17 -6.39 37.33
C SER A 76 -23.92 -5.75 37.97
N ILE A 77 -23.69 -6.04 39.26
CA ILE A 77 -22.56 -5.48 40.05
C ILE A 77 -21.07 -5.81 39.77
N PHE A 78 -20.74 -7.09 39.61
CA PHE A 78 -19.35 -7.51 39.44
C PHE A 78 -18.93 -7.51 37.99
N GLY A 79 -19.89 -7.21 37.10
CA GLY A 79 -19.67 -7.21 35.65
C GLY A 79 -20.60 -8.17 34.91
N GLU A 80 -20.75 -8.02 33.59
CA GLU A 80 -21.62 -8.93 32.85
C GLU A 80 -21.02 -10.32 32.91
N LYS A 81 -21.83 -11.35 32.78
CA LYS A 81 -21.35 -12.72 32.98
C LYS A 81 -20.37 -13.09 31.89
N ALA A 82 -19.89 -14.34 31.93
CA ALA A 82 -18.90 -14.88 30.99
C ALA A 82 -19.10 -16.40 30.80
N ARG A 83 -18.39 -17.04 29.85
CA ARG A 83 -18.76 -18.42 29.46
C ARG A 83 -17.80 -19.61 29.70
N ASP A 84 -18.35 -20.80 29.97
CA ASP A 84 -17.50 -21.95 30.32
C ASP A 84 -17.13 -22.87 29.15
N VAL A 85 -15.86 -23.28 29.15
CA VAL A 85 -15.28 -24.17 28.14
C VAL A 85 -14.94 -25.54 28.74
N LYS A 86 -14.93 -26.56 27.89
CA LYS A 86 -14.47 -27.88 28.33
C LYS A 86 -13.32 -28.39 27.45
N ASP A 87 -12.45 -29.20 28.03
CA ASP A 87 -11.42 -29.91 27.27
C ASP A 87 -11.99 -30.84 26.21
N THR A 88 -11.68 -30.59 24.95
CA THR A 88 -12.11 -31.49 23.89
C THR A 88 -10.91 -31.82 23.02
N SER A 89 -9.78 -31.99 23.71
CA SER A 89 -8.46 -32.14 23.07
C SER A 89 -8.28 -33.45 22.30
N LEU A 90 -7.37 -33.42 21.33
CA LEU A 90 -6.96 -34.63 20.60
C LEU A 90 -5.98 -35.42 21.47
N ARG A 91 -6.35 -36.64 21.85
CA ARG A 91 -5.53 -37.48 22.72
C ARG A 91 -5.15 -38.82 22.10
N VAL A 92 -3.92 -39.27 22.36
CA VAL A 92 -3.42 -40.53 21.80
C VAL A 92 -4.36 -41.66 22.19
N PRO A 93 -4.84 -42.42 21.18
CA PRO A 93 -5.75 -43.55 21.37
C PRO A 93 -5.10 -44.72 22.10
N PRO A 94 -5.91 -45.55 22.77
CA PRO A 94 -5.47 -46.78 23.42
C PRO A 94 -4.67 -47.66 22.47
N GLY A 95 -3.53 -48.17 22.96
CA GLY A 95 -2.73 -49.11 22.20
C GLY A 95 -1.82 -48.45 21.17
N GLU A 96 -1.71 -47.13 21.21
CA GLU A 96 -0.86 -46.43 20.26
C GLU A 96 0.14 -45.52 20.98
N GLY A 97 0.98 -44.82 20.22
CA GLY A 97 2.00 -43.98 20.80
C GLY A 97 3.35 -44.09 20.09
N GLY A 98 4.31 -43.28 20.52
CA GLY A 98 5.60 -43.22 19.87
C GLY A 98 6.19 -41.84 19.98
N ILE A 99 6.92 -41.42 18.94
CA ILE A 99 7.61 -40.14 18.94
C ILE A 99 7.03 -39.20 17.88
N VAL A 100 6.73 -37.96 18.28
CA VAL A 100 6.21 -36.96 17.34
C VAL A 100 7.31 -36.56 16.35
N VAL A 101 7.04 -36.67 15.05
CA VAL A 101 8.06 -36.39 14.04
C VAL A 101 7.74 -35.19 13.14
N ARG A 102 6.47 -34.81 13.10
CA ARG A 102 6.10 -33.62 12.37
C ARG A 102 4.76 -33.12 12.84
N THR A 103 4.52 -31.83 12.64
CA THR A 103 3.19 -31.27 12.81
C THR A 103 2.88 -30.38 11.63
N VAL A 104 1.58 -30.22 11.35
CA VAL A 104 1.12 -29.32 10.30
C VAL A 104 -0.07 -28.58 10.87
N ARG A 105 -0.09 -27.26 10.70
CA ARG A 105 -1.22 -26.48 11.17
C ARG A 105 -1.65 -25.51 10.10
N LEU A 106 -2.96 -25.52 9.80
CA LEU A 106 -3.54 -24.66 8.78
C LEU A 106 -4.69 -23.83 9.37
N ARG A 107 -4.80 -22.58 8.94
CA ARG A 107 -5.86 -21.70 9.43
C ARG A 107 -6.75 -21.14 8.31
N ARG A 108 -8.06 -21.21 8.49
CA ARG A 108 -8.99 -20.68 7.49
C ARG A 108 -8.68 -19.23 7.17
N GLY A 109 -8.53 -18.93 5.88
CA GLY A 109 -8.38 -17.55 5.42
C GLY A 109 -6.95 -17.20 5.10
N ASP A 110 -6.02 -18.10 5.46
CA ASP A 110 -4.63 -17.97 5.03
C ASP A 110 -4.57 -18.14 3.51
N PRO A 111 -3.54 -17.57 2.86
CA PRO A 111 -3.39 -17.67 1.41
C PRO A 111 -3.22 -19.11 0.91
N GLY A 112 -4.11 -19.54 0.02
CA GLY A 112 -4.01 -20.85 -0.60
C GLY A 112 -4.69 -21.98 0.17
N VAL A 113 -5.11 -21.68 1.39
CA VAL A 113 -5.70 -22.67 2.29
C VAL A 113 -7.20 -22.86 2.04
N GLU A 114 -7.63 -24.10 1.89
CA GLU A 114 -9.04 -24.41 1.67
C GLU A 114 -9.50 -25.52 2.62
N LEU A 115 -10.25 -25.14 3.64
CA LEU A 115 -10.70 -26.12 4.62
C LEU A 115 -12.18 -26.44 4.39
N LYS A 116 -12.65 -27.55 4.97
CA LYS A 116 -14.07 -27.88 4.95
C LYS A 116 -14.96 -26.72 5.46
N PRO A 117 -16.18 -26.64 4.95
CA PRO A 117 -17.16 -25.66 5.44
C PRO A 117 -17.33 -25.76 6.95
N GLY A 118 -17.13 -24.65 7.66
CA GLY A 118 -17.29 -24.61 9.10
C GLY A 118 -15.98 -24.64 9.88
N VAL A 119 -14.93 -25.16 9.25
CA VAL A 119 -13.64 -25.36 9.93
C VAL A 119 -12.83 -24.07 10.01
N ARG A 120 -12.39 -23.69 11.21
CA ARG A 120 -11.60 -22.48 11.39
C ARG A 120 -10.11 -22.79 11.26
N GLU A 121 -9.72 -23.98 11.74
CA GLU A 121 -8.33 -24.41 11.72
C GLU A 121 -8.23 -25.92 11.82
N VAL A 122 -7.11 -26.46 11.31
CA VAL A 122 -6.85 -27.89 11.38
C VAL A 122 -5.38 -28.14 11.68
N VAL A 123 -5.13 -29.12 12.54
CA VAL A 123 -3.78 -29.49 12.92
C VAL A 123 -3.60 -30.99 12.72
N ARG A 124 -2.50 -31.37 12.09
CA ARG A 124 -2.10 -32.78 12.03
C ARG A 124 -0.78 -33.06 12.74
N VAL A 125 -0.73 -34.20 13.41
CA VAL A 125 0.45 -34.66 14.13
C VAL A 125 0.87 -36.05 13.63
N TYR A 126 2.15 -36.19 13.28
CA TYR A 126 2.68 -37.48 12.80
C TYR A 126 3.55 -38.12 13.89
N VAL A 127 3.31 -39.41 14.14
CA VAL A 127 4.09 -40.16 15.13
C VAL A 127 4.63 -41.51 14.62
N ALA A 128 5.86 -41.85 15.04
CA ALA A 128 6.51 -43.12 14.70
C ALA A 128 5.91 -44.30 15.47
N GLN A 129 6.08 -45.51 14.93
CA GLN A 129 5.55 -46.71 15.57
C GLN A 129 5.95 -47.96 14.81
N VAL B 3 9.64 -14.67 42.31
CA VAL B 3 9.33 -14.32 40.92
C VAL B 3 10.23 -14.97 39.85
N GLU B 4 11.55 -14.90 40.02
CA GLU B 4 12.48 -15.43 39.01
C GLU B 4 12.29 -16.91 38.61
N PRO B 5 12.03 -17.81 39.58
CA PRO B 5 11.79 -19.20 39.15
C PRO B 5 10.54 -19.35 38.28
N TYR B 6 9.59 -18.41 38.43
CA TYR B 6 8.37 -18.43 37.63
C TYR B 6 8.60 -17.87 36.21
N ILE B 7 9.53 -16.92 36.08
CA ILE B 7 10.00 -16.50 34.77
C ILE B 7 10.66 -17.68 34.08
N ARG B 8 11.37 -18.49 34.86
CA ARG B 8 12.05 -19.67 34.32
C ARG B 8 11.06 -20.69 33.77
N LEU B 9 10.08 -21.07 34.58
CA LEU B 9 9.03 -22.00 34.14
C LEU B 9 8.29 -21.48 32.92
N PHE B 10 7.90 -20.21 32.96
CA PHE B 10 7.15 -19.61 31.86
C PHE B 10 7.92 -19.62 30.54
N GLU B 11 9.20 -19.23 30.59
CA GLU B 11 9.98 -19.07 29.37
C GLU B 11 10.36 -20.40 28.75
N ALA B 12 10.29 -21.45 29.55
CA ALA B 12 10.45 -22.82 29.06
C ALA B 12 9.24 -23.36 28.27
N ILE B 13 8.14 -22.60 28.23
CA ILE B 13 7.05 -23.02 27.33
C ILE B 13 7.54 -22.89 25.89
N PRO B 14 7.46 -23.98 25.12
CA PRO B 14 8.00 -23.92 23.76
C PRO B 14 7.24 -22.90 22.91
N ASP B 15 7.97 -22.18 22.06
CA ASP B 15 7.41 -21.10 21.23
C ASP B 15 6.79 -21.63 19.94
N ALA B 16 5.98 -20.78 19.31
CA ALA B 16 5.35 -21.13 18.05
C ALA B 16 4.98 -19.86 17.28
N GLU B 17 5.19 -19.85 15.97
CA GLU B 17 4.74 -18.73 15.16
C GLU B 17 3.22 -18.74 15.03
N THR B 18 2.59 -17.77 15.69
CA THR B 18 1.15 -17.54 15.60
C THR B 18 0.86 -16.08 15.80
N GLU B 19 -0.41 -15.72 15.61
CA GLU B 19 -0.89 -14.40 15.95
C GLU B 19 -0.77 -14.15 17.45
N LEU B 20 -0.60 -12.88 17.83
CA LEU B 20 -0.64 -12.51 19.24
C LEU B 20 -2.09 -12.58 19.71
N ALA B 21 -2.31 -13.18 20.87
CA ALA B 21 -3.64 -13.13 21.46
C ALA B 21 -3.86 -11.80 22.19
N THR B 22 -5.13 -11.41 22.35
CA THR B 22 -5.49 -10.33 23.26
C THR B 22 -5.94 -10.93 24.60
N PHE B 23 -5.19 -10.68 25.66
CA PHE B 23 -5.50 -11.29 26.95
C PHE B 23 -6.61 -10.58 27.71
N TYR B 24 -7.25 -11.34 28.59
CA TYR B 24 -8.31 -10.81 29.43
C TYR B 24 -7.72 -10.13 30.66
N ASP B 25 -7.77 -8.80 30.66
CA ASP B 25 -7.32 -8.00 31.79
C ASP B 25 -8.35 -7.91 32.90
N ALA B 26 -8.48 -8.98 33.68
CA ALA B 26 -9.44 -9.01 34.77
C ALA B 26 -9.15 -7.96 35.85
N ASP B 27 -10.21 -7.48 36.52
CA ASP B 27 -10.08 -6.35 37.42
C ASP B 27 -11.08 -6.46 38.56
N LEU B 28 -11.00 -5.52 39.51
CA LEU B 28 -11.96 -5.47 40.61
C LEU B 28 -13.37 -5.26 40.09
N ASP B 29 -13.47 -4.66 38.91
CA ASP B 29 -14.74 -4.43 38.23
C ASP B 29 -15.34 -5.68 37.58
N THR B 30 -14.50 -6.64 37.25
CA THR B 30 -14.91 -7.77 36.43
C THR B 30 -14.87 -9.12 37.17
N LEU B 31 -15.57 -10.11 36.63
CA LEU B 31 -15.49 -11.47 37.15
C LEU B 31 -14.09 -12.00 36.99
N PRO B 32 -13.51 -12.54 38.06
CA PRO B 32 -12.24 -13.21 37.88
C PRO B 32 -12.43 -14.43 36.99
N PRO B 33 -11.38 -14.79 36.24
CA PRO B 33 -11.50 -15.99 35.40
C PRO B 33 -11.27 -17.24 36.24
N ARG B 34 -11.61 -18.41 35.71
CA ARG B 34 -11.33 -19.66 36.41
C ARG B 34 -9.84 -19.76 36.71
N MET B 35 -9.52 -20.20 37.91
CA MET B 35 -8.14 -20.34 38.36
C MET B 35 -7.86 -21.77 38.80
N PHE B 36 -6.74 -22.33 38.34
CA PHE B 36 -6.40 -23.68 38.72
C PHE B 36 -5.03 -23.77 39.37
N LEU B 37 -4.93 -24.58 40.42
CA LEU B 37 -3.65 -24.91 41.06
C LEU B 37 -2.84 -25.84 40.16
N PRO B 38 -1.52 -25.97 40.41
CA PRO B 38 -0.67 -26.85 39.59
C PRO B 38 -1.13 -28.31 39.58
N SER B 39 -1.97 -28.72 40.51
CA SER B 39 -2.47 -30.10 40.52
C SER B 39 -3.63 -30.27 39.56
N GLY B 40 -4.19 -29.15 39.09
CA GLY B 40 -5.36 -29.21 38.24
C GLY B 40 -6.63 -28.89 39.01
N ASP B 41 -6.53 -28.80 40.33
CA ASP B 41 -7.66 -28.45 41.16
C ASP B 41 -8.12 -27.00 40.93
N LEU B 42 -9.44 -26.82 40.90
CA LEU B 42 -10.04 -25.50 40.82
C LEU B 42 -9.69 -24.72 42.08
N TYR B 43 -9.29 -23.46 41.89
CA TYR B 43 -9.09 -22.57 43.03
C TYR B 43 -10.18 -21.49 43.01
N THR B 44 -10.98 -21.43 44.06
CA THR B 44 -12.06 -20.44 44.09
C THR B 44 -11.67 -19.24 44.95
N PRO B 45 -11.48 -18.07 44.32
CA PRO B 45 -11.06 -16.87 45.07
C PRO B 45 -12.22 -16.33 45.91
N PRO B 46 -11.92 -15.60 47.01
CA PRO B 46 -12.99 -15.04 47.85
C PRO B 46 -13.43 -13.67 47.35
N GLY B 47 -12.86 -13.23 46.25
CA GLY B 47 -13.22 -11.97 45.63
C GLY B 47 -12.57 -11.87 44.25
N PRO B 48 -12.60 -10.67 43.66
CA PRO B 48 -12.03 -10.45 42.32
C PRO B 48 -10.51 -10.41 42.34
N VAL B 49 -9.91 -10.39 41.15
CA VAL B 49 -8.47 -10.32 41.05
C VAL B 49 -8.04 -9.15 40.15
N ARG B 50 -6.76 -8.80 40.26
CA ARG B 50 -6.13 -7.88 39.34
C ARG B 50 -4.87 -8.57 38.82
N LEU B 51 -4.49 -8.28 37.59
CA LEU B 51 -3.34 -8.94 36.99
C LEU B 51 -2.23 -7.95 36.67
N GLU B 52 -1.00 -8.40 36.86
CA GLU B 52 0.15 -7.63 36.42
C GLU B 52 1.01 -8.50 35.52
N GLU B 53 1.08 -8.11 34.25
CA GLU B 53 1.85 -8.85 33.27
C GLU B 53 3.35 -8.72 33.53
N ILE B 54 4.05 -9.85 33.52
CA ILE B 54 5.49 -9.85 33.74
C ILE B 54 6.23 -10.12 32.43
N LYS B 55 5.81 -11.17 31.74
CA LYS B 55 6.36 -11.52 30.44
C LYS B 55 5.22 -11.98 29.55
N ARG B 56 5.42 -11.91 28.23
CA ARG B 56 4.39 -12.34 27.29
C ARG B 56 4.92 -13.21 26.15
N LYS B 57 4.06 -14.15 25.76
CA LYS B 57 4.24 -15.07 24.65
C LYS B 57 2.99 -14.89 23.80
N ARG B 58 3.08 -15.18 22.50
CA ARG B 58 2.01 -14.87 21.57
C ARG B 58 0.67 -15.42 22.06
N ARG B 59 0.69 -16.62 22.64
CA ARG B 59 -0.55 -17.26 23.10
C ARG B 59 -0.70 -17.45 24.63
N VAL B 60 0.34 -17.11 25.38
CA VAL B 60 0.35 -17.19 26.83
C VAL B 60 1.14 -16.01 27.38
N ARG B 61 0.81 -15.61 28.61
CA ARG B 61 1.59 -14.60 29.29
C ARG B 61 1.79 -15.03 30.73
N LEU B 62 2.80 -14.46 31.37
CA LEU B 62 3.05 -14.64 32.80
C LEU B 62 2.47 -13.44 33.55
N VAL B 63 1.74 -13.71 34.62
CA VAL B 63 1.16 -12.61 35.39
C VAL B 63 1.36 -12.83 36.87
N LYS B 64 1.36 -11.71 37.60
CA LYS B 64 1.22 -11.74 39.04
C LYS B 64 -0.26 -11.52 39.33
N VAL B 65 -0.89 -12.46 40.03
CA VAL B 65 -2.30 -12.35 40.30
C VAL B 65 -2.53 -11.85 41.72
N SER B 66 -3.18 -10.69 41.85
CA SER B 66 -3.52 -10.16 43.17
C SER B 66 -4.97 -10.51 43.50
N ILE B 67 -5.15 -11.19 44.62
CA ILE B 67 -6.46 -11.72 44.99
C ILE B 67 -7.10 -10.88 46.09
N TYR B 68 -8.29 -10.33 45.82
CA TYR B 68 -8.98 -9.42 46.75
C TYR B 68 -10.29 -9.87 47.40
N ARG B 69 -10.57 -9.15 48.47
CA ARG B 69 -11.64 -9.35 49.42
C ARG B 69 -12.29 -7.97 49.52
N PHE B 70 -13.54 -7.86 49.14
CA PHE B 70 -14.31 -6.63 49.32
C PHE B 70 -14.54 -6.15 50.75
N GLU B 71 -14.41 -4.85 50.97
CA GLU B 71 -14.53 -4.29 52.32
C GLU B 71 -15.50 -3.11 52.43
N HIS B 72 -15.85 -2.75 53.67
CA HIS B 72 -16.62 -1.52 53.92
C HIS B 72 -15.68 -0.32 53.89
N VAL B 73 -15.79 0.55 52.90
CA VAL B 73 -14.93 1.75 52.87
C VAL B 73 -15.73 2.98 52.48
N GLY B 74 -15.38 4.13 53.03
CA GLY B 74 -16.26 5.27 52.84
C GLY B 74 -17.74 4.98 53.11
N LEU B 75 -18.61 5.51 52.27
CA LEU B 75 -20.04 5.27 52.40
C LEU B 75 -20.45 4.16 51.46
N GLY B 76 -19.51 3.34 51.06
CA GLY B 76 -19.84 2.28 50.14
C GLY B 76 -18.93 1.11 50.36
N LEU B 77 -18.75 0.28 49.33
CA LEU B 77 -17.70 -0.71 49.43
C LEU B 77 -16.78 -0.75 48.23
N ALA B 78 -15.55 -1.17 48.48
CA ALA B 78 -14.59 -1.42 47.42
C ALA B 78 -13.64 -2.54 47.79
N ALA B 79 -12.85 -3.02 46.83
CA ALA B 79 -11.95 -4.14 47.08
C ALA B 79 -10.59 -3.73 47.65
N ARG B 80 -10.11 -4.47 48.64
CA ARG B 80 -8.78 -4.34 49.21
C ARG B 80 -8.18 -5.76 49.14
N PRO B 81 -6.84 -5.92 49.18
CA PRO B 81 -6.04 -7.17 49.04
C PRO B 81 -6.30 -8.45 49.91
N TYR B 82 -6.03 -9.69 49.40
CA TYR B 82 -6.00 -10.85 50.30
C TYR B 82 -4.79 -11.81 50.12
N ALA B 83 -4.62 -12.31 48.90
CA ALA B 83 -3.54 -13.25 48.56
C ALA B 83 -3.01 -13.05 47.13
N TYR B 84 -1.79 -13.51 46.88
CA TYR B 84 -1.16 -13.39 45.57
C TYR B 84 -0.53 -14.70 45.08
N ALA B 85 -0.47 -14.85 43.76
CA ALA B 85 0.11 -16.03 43.13
C ALA B 85 0.63 -15.65 41.77
N TYR B 86 1.74 -16.27 41.40
CA TYR B 86 2.22 -16.15 40.04
C TYR B 86 1.51 -17.21 39.22
N ALA B 87 1.26 -16.88 37.96
CA ALA B 87 0.50 -17.77 37.12
C ALA B 87 0.82 -17.50 35.66
N TRP B 88 0.46 -18.46 34.79
CA TRP B 88 0.38 -18.16 33.36
C TRP B 88 -1.08 -18.11 32.95
N GLN B 89 -1.38 -17.27 31.97
CA GLN B 89 -2.72 -17.08 31.48
C GLN B 89 -2.74 -17.41 30.00
N GLY B 90 -3.79 -18.07 29.53
CA GLY B 90 -3.89 -18.42 28.13
C GLY B 90 -4.94 -17.62 27.38
N ASP B 91 -5.26 -18.05 26.16
CA ASP B 91 -6.17 -17.26 25.33
C ASP B 91 -7.67 -17.49 25.57
N ASN B 92 -8.03 -18.32 26.54
CA ASN B 92 -9.39 -18.38 27.07
C ASN B 92 -9.49 -17.55 28.34
N GLY B 93 -8.39 -16.89 28.70
CA GLY B 93 -8.35 -16.06 29.88
C GLY B 93 -8.09 -16.80 31.19
N ILE B 94 -7.93 -18.12 31.11
CA ILE B 94 -7.83 -18.97 32.30
C ILE B 94 -6.49 -18.76 33.04
N LEU B 95 -6.52 -18.71 34.38
CA LEU B 95 -5.27 -18.61 35.14
C LEU B 95 -4.80 -19.97 35.65
N HIS B 96 -3.57 -20.32 35.29
CA HIS B 96 -2.90 -21.52 35.78
C HIS B 96 -1.88 -21.11 36.83
N LEU B 97 -2.19 -21.37 38.09
CA LEU B 97 -1.31 -20.98 39.16
C LEU B 97 -0.06 -21.87 39.21
N TYR B 98 1.08 -21.29 39.53
CA TYR B 98 2.30 -22.08 39.73
C TYR B 98 2.42 -22.60 41.15
N HIS B 99 1.59 -22.08 42.05
CA HIS B 99 1.66 -22.48 43.45
C HIS B 99 0.38 -22.04 44.11
N ALA B 100 0.05 -22.66 45.25
CA ALA B 100 -1.10 -22.20 46.01
C ALA B 100 -0.85 -20.75 46.41
N PRO B 101 -1.90 -19.91 46.35
CA PRO B 101 -1.84 -18.47 46.69
C PRO B 101 -1.29 -18.22 48.09
N VAL B 102 -0.41 -17.23 48.20
CA VAL B 102 0.15 -16.84 49.48
C VAL B 102 -0.78 -15.82 50.15
N VAL B 103 -1.35 -16.19 51.29
CA VAL B 103 -2.29 -15.34 51.98
C VAL B 103 -1.56 -14.23 52.76
N LEU B 104 -1.97 -12.99 52.52
CA LEU B 104 -1.27 -11.81 53.02
C LEU B 104 -1.67 -11.44 54.45
N GLY C 1 -72.74 2.02 103.88
CA GLY C 1 -73.13 1.81 102.50
C GLY C 1 -72.67 0.47 101.97
N PRO C 2 -73.59 -0.33 101.44
CA PRO C 2 -73.26 -1.72 101.12
C PRO C 2 -72.15 -1.79 100.11
N ILE C 3 -72.30 -1.04 99.03
CA ILE C 3 -71.27 -0.94 98.02
C ILE C 3 -71.39 0.42 97.36
N HIS C 4 -70.27 0.99 96.97
CA HIS C 4 -70.29 2.22 96.22
C HIS C 4 -69.66 1.85 94.89
N ILE C 5 -70.40 2.03 93.81
CA ILE C 5 -69.82 1.70 92.52
C ILE C 5 -70.00 2.86 91.56
N GLU C 6 -68.90 3.30 90.97
CA GLU C 6 -68.96 4.35 89.97
C GLU C 6 -68.73 3.81 88.57
N ARG C 7 -69.35 4.46 87.60
CA ARG C 7 -69.21 4.13 86.19
C ARG C 7 -68.48 5.26 85.48
N TYR C 8 -67.23 5.01 85.10
CA TYR C 8 -66.44 5.97 84.32
C TYR C 8 -66.41 5.62 82.85
N GLU C 9 -66.49 6.63 81.98
CA GLU C 9 -66.60 6.42 80.54
C GLU C 9 -65.75 7.40 79.70
N ILE C 10 -65.11 6.90 78.65
CA ILE C 10 -64.40 7.76 77.69
C ILE C 10 -64.60 7.27 76.26
N GLU C 11 -64.79 8.23 75.36
CA GLU C 11 -64.94 7.95 73.94
C GLU C 11 -63.74 8.49 73.15
N ALA C 12 -63.25 7.69 72.20
CA ALA C 12 -62.29 8.16 71.22
C ALA C 12 -63.06 8.42 69.92
N ARG C 13 -63.05 9.67 69.46
CA ARG C 13 -63.84 10.02 68.29
C ARG C 13 -62.99 10.47 67.08
N ASP C 14 -63.60 10.49 65.91
CA ASP C 14 -62.99 11.11 64.73
C ASP C 14 -62.95 12.62 64.92
N THR C 15 -61.92 13.27 64.41
CA THR C 15 -61.76 14.71 64.60
C THR C 15 -61.20 15.35 63.32
N LYS C 16 -61.41 16.65 63.13
CA LYS C 16 -60.89 17.32 61.94
C LYS C 16 -59.36 17.29 61.90
N LEU C 17 -58.75 17.29 63.08
CA LEU C 17 -57.31 17.16 63.25
C LEU C 17 -56.82 15.72 63.15
N GLY C 18 -57.72 14.76 63.01
CA GLY C 18 -57.33 13.35 63.02
C GLY C 18 -57.82 12.59 64.25
N PRO C 19 -57.85 11.25 64.17
CA PRO C 19 -58.52 10.42 65.18
C PRO C 19 -57.91 10.46 66.60
N GLU C 20 -58.78 10.49 67.60
CA GLU C 20 -58.40 10.19 68.97
C GLU C 20 -58.25 8.69 69.06
N ARG C 21 -57.38 8.23 69.95
CA ARG C 21 -57.16 6.79 70.09
C ARG C 21 -56.98 6.34 71.55
N ILE C 22 -57.65 5.25 71.91
CA ILE C 22 -57.43 4.62 73.20
C ILE C 22 -56.14 3.84 73.08
N THR C 23 -55.22 4.08 74.01
CA THR C 23 -53.91 3.45 73.93
C THR C 23 -53.10 3.63 75.22
N ARG C 24 -52.08 2.80 75.36
CA ARG C 24 -51.13 2.89 76.45
C ARG C 24 -50.00 3.86 76.11
N ASP C 25 -49.85 4.15 74.82
CA ASP C 25 -48.65 4.85 74.32
C ASP C 25 -48.77 6.37 74.44
N ILE C 26 -48.59 6.85 75.66
CA ILE C 26 -48.90 8.24 76.04
C ILE C 26 -47.64 8.99 76.43
N PRO C 27 -47.42 10.18 75.84
CA PRO C 27 -46.19 10.93 76.08
C PRO C 27 -46.17 11.60 77.46
N HIS C 28 -44.98 11.90 77.98
CA HIS C 28 -44.82 12.66 79.22
C HIS C 28 -45.33 11.99 80.52
N LEU C 29 -45.51 10.68 80.48
CA LEU C 29 -45.96 9.95 81.65
C LEU C 29 -44.88 9.05 82.20
N SER C 30 -44.69 9.09 83.52
CA SER C 30 -43.70 8.22 84.17
C SER C 30 -44.12 6.77 84.10
N GLU C 31 -43.16 5.85 84.25
CA GLU C 31 -43.46 4.42 84.36
C GLU C 31 -44.52 4.14 85.43
N ALA C 32 -44.38 4.78 86.59
CA ALA C 32 -45.30 4.60 87.70
C ALA C 32 -46.72 4.93 87.27
N ALA C 33 -46.88 6.00 86.50
CA ALA C 33 -48.22 6.42 86.07
C ALA C 33 -48.84 5.41 85.12
N LEU C 34 -48.00 4.69 84.39
CA LEU C 34 -48.47 3.69 83.44
C LEU C 34 -48.56 2.29 84.05
N ARG C 35 -48.12 2.14 85.30
CA ARG C 35 -47.93 0.82 85.92
C ARG C 35 -49.15 -0.13 85.86
N ASP C 36 -50.36 0.37 86.15
CA ASP C 36 -51.52 -0.52 86.23
C ASP C 36 -52.32 -0.68 84.95
N LEU C 37 -51.81 -0.12 83.85
CA LEU C 37 -52.51 -0.16 82.57
C LEU C 37 -52.21 -1.43 81.78
N ASP C 38 -53.24 -2.10 81.26
CA ASP C 38 -52.97 -3.20 80.33
C ASP C 38 -52.33 -2.68 79.01
N GLU C 39 -52.07 -3.57 78.07
CA GLU C 39 -51.36 -3.19 76.85
C GLU C 39 -52.20 -2.31 75.94
N GLU C 40 -53.50 -2.22 76.21
CA GLU C 40 -54.39 -1.37 75.44
C GLU C 40 -54.47 0.01 76.06
N GLY C 41 -53.90 0.16 77.25
CA GLY C 41 -54.03 1.41 77.99
C GLY C 41 -55.24 1.43 78.91
N VAL C 42 -55.92 0.30 79.04
CA VAL C 42 -57.06 0.23 79.96
C VAL C 42 -56.62 -0.33 81.31
N VAL C 43 -56.98 0.36 82.39
CA VAL C 43 -56.55 -0.03 83.72
C VAL C 43 -56.98 -1.46 84.04
N ARG C 44 -56.10 -2.20 84.74
CA ARG C 44 -56.33 -3.61 85.01
C ARG C 44 -57.34 -3.83 86.13
N ILE C 45 -58.16 -4.88 86.02
CA ILE C 45 -59.04 -5.29 87.11
C ILE C 45 -58.24 -5.56 88.38
N GLY C 46 -58.72 -5.07 89.51
CA GLY C 46 -58.08 -5.35 90.79
C GLY C 46 -57.17 -4.23 91.24
N ALA C 47 -56.99 -3.23 90.37
CA ALA C 47 -56.08 -2.14 90.68
C ALA C 47 -56.69 -1.13 91.65
N GLU C 48 -55.85 -0.56 92.49
CA GLU C 48 -56.28 0.56 93.29
C GLU C 48 -56.02 1.89 92.57
N VAL C 49 -57.08 2.66 92.36
CA VAL C 49 -56.96 3.96 91.70
C VAL C 49 -57.28 5.10 92.67
N LYS C 50 -56.50 6.16 92.59
CA LYS C 50 -56.65 7.33 93.44
C LYS C 50 -56.73 8.58 92.55
N PRO C 51 -57.27 9.71 93.07
CA PRO C 51 -57.47 10.92 92.26
C PRO C 51 -56.23 11.31 91.43
N GLY C 52 -56.44 11.52 90.14
CA GLY C 52 -55.35 11.81 89.23
C GLY C 52 -54.80 10.58 88.50
N ASP C 53 -55.15 9.38 88.97
CA ASP C 53 -54.69 8.16 88.32
C ASP C 53 -55.48 7.89 87.05
N ILE C 54 -54.79 7.33 86.06
CA ILE C 54 -55.38 6.95 84.79
C ILE C 54 -56.26 5.68 84.84
N LEU C 55 -57.46 5.80 84.30
CA LEU C 55 -58.34 4.65 84.11
C LEU C 55 -58.23 4.13 82.68
N VAL C 56 -58.19 5.05 81.72
CA VAL C 56 -58.13 4.71 80.31
C VAL C 56 -57.20 5.70 79.58
N GLY C 57 -56.12 5.19 78.99
CA GLY C 57 -55.22 6.02 78.23
C GLY C 57 -55.84 6.51 76.92
N ARG C 58 -55.65 7.79 76.62
CA ARG C 58 -56.11 8.34 75.34
C ARG C 58 -55.16 9.42 74.82
N THR C 59 -54.93 9.42 73.50
CA THR C 59 -54.17 10.51 72.90
C THR C 59 -54.94 11.18 71.78
N SER C 60 -54.69 12.47 71.63
CA SER C 60 -55.30 13.25 70.58
C SER C 60 -54.18 13.93 69.80
N PHE C 61 -54.45 14.22 68.55
CA PHE C 61 -53.45 14.86 67.72
C PHE C 61 -53.37 16.36 67.97
N LYS C 62 -52.16 16.89 67.81
CA LYS C 62 -51.89 18.28 68.15
C LYS C 62 -51.87 19.15 66.89
N GLY C 63 -52.73 20.16 66.85
CA GLY C 63 -52.82 21.05 65.72
C GLY C 63 -51.47 21.66 65.38
N GLU C 64 -50.98 21.35 64.18
CA GLU C 64 -49.61 21.68 63.78
C GLU C 64 -49.27 23.19 63.89
N SER C 65 -48.30 23.51 64.75
CA SER C 65 -47.80 24.87 64.86
C SER C 65 -46.83 25.18 63.70
N GLU C 66 -46.33 26.40 63.65
CA GLU C 66 -45.42 26.79 62.57
C GLU C 66 -44.11 26.01 62.65
N PRO C 67 -43.65 25.53 61.50
CA PRO C 67 -42.34 24.86 61.47
C PRO C 67 -41.19 25.85 61.36
N THR C 68 -40.32 25.92 62.38
CA THR C 68 -39.08 26.70 62.25
C THR C 68 -38.31 26.18 61.02
N PRO C 69 -37.53 27.04 60.35
CA PRO C 69 -36.73 26.54 59.23
C PRO C 69 -35.75 25.49 59.72
N GLU C 70 -35.40 25.55 60.99
CA GLU C 70 -34.57 24.51 61.61
C GLU C 70 -35.21 23.16 61.30
N GLU C 71 -36.50 23.02 61.58
CA GLU C 71 -37.25 21.81 61.27
C GLU C 71 -37.47 21.62 59.77
N ARG C 72 -37.87 22.68 59.08
CA ARG C 72 -38.06 22.65 57.63
C ARG C 72 -36.86 22.05 56.90
N LEU C 73 -35.69 22.21 57.51
CA LEU C 73 -34.42 21.74 56.96
C LEU C 73 -34.25 20.22 57.17
N LEU C 74 -34.44 19.75 58.41
CA LEU C 74 -34.49 18.31 58.73
C LEU C 74 -35.47 17.59 57.81
N ARG C 75 -36.69 18.10 57.72
CA ARG C 75 -37.72 17.52 56.88
C ARG C 75 -37.19 17.11 55.50
N SER C 76 -36.18 17.86 55.01
CA SER C 76 -35.64 17.75 53.66
C SER C 76 -34.52 16.71 53.57
N ILE C 77 -33.76 16.62 54.62
CA ILE C 77 -32.67 15.68 54.71
C ILE C 77 -33.26 14.36 55.20
N PHE C 78 -33.77 14.34 56.42
CA PHE C 78 -34.24 13.09 56.96
C PHE C 78 -35.61 12.69 56.50
N GLY C 79 -36.51 13.65 56.39
CA GLY C 79 -37.87 13.32 56.02
C GLY C 79 -38.89 13.65 57.07
N GLU C 80 -40.10 13.84 56.60
CA GLU C 80 -41.18 14.37 57.39
C GLU C 80 -41.43 13.59 58.68
N LYS C 81 -41.90 14.31 59.69
CA LYS C 81 -42.06 13.82 61.05
C LYS C 81 -43.30 12.96 61.21
N ALA C 82 -43.30 12.04 62.18
CA ALA C 82 -44.59 11.46 62.63
C ALA C 82 -45.27 12.33 63.69
N ARG C 83 -46.46 12.82 63.30
CA ARG C 83 -47.27 13.86 63.99
C ARG C 83 -47.40 13.71 65.48
N ASP C 84 -47.26 14.82 66.18
CA ASP C 84 -47.19 14.82 67.63
C ASP C 84 -48.55 14.69 68.28
N VAL C 85 -48.62 13.85 69.32
CA VAL C 85 -49.86 13.56 70.04
C VAL C 85 -49.85 14.23 71.43
N LYS C 86 -51.04 14.51 71.98
CA LYS C 86 -51.13 14.98 73.36
C LYS C 86 -51.98 14.03 74.21
N ASP C 87 -51.67 13.98 75.50
CA ASP C 87 -52.39 13.17 76.50
C ASP C 87 -53.77 13.76 76.83
N THR C 88 -54.82 13.02 76.47
CA THR C 88 -56.17 13.37 76.92
C THR C 88 -56.83 12.18 77.59
N SER C 89 -56.09 11.57 78.51
CA SER C 89 -56.54 10.36 79.19
C SER C 89 -57.68 10.56 80.18
N LEU C 90 -58.43 9.50 80.43
CA LEU C 90 -59.47 9.48 81.47
C LEU C 90 -58.79 9.30 82.82
N ARG C 91 -58.90 10.30 83.69
CA ARG C 91 -58.31 10.24 85.03
C ARG C 91 -59.36 10.20 86.14
N VAL C 92 -59.00 9.59 87.27
CA VAL C 92 -59.88 9.58 88.44
C VAL C 92 -60.05 11.01 88.96
N PRO C 93 -61.31 11.45 89.10
CA PRO C 93 -61.68 12.78 89.59
C PRO C 93 -61.30 13.00 91.06
N PRO C 94 -61.09 14.26 91.45
CA PRO C 94 -60.84 14.64 92.84
C PRO C 94 -61.91 14.09 93.78
N GLY C 95 -61.47 13.52 94.89
CA GLY C 95 -62.38 13.04 95.92
C GLY C 95 -62.98 11.68 95.63
N GLU C 96 -62.47 10.99 94.62
CA GLU C 96 -62.98 9.67 94.28
C GLU C 96 -61.86 8.65 94.22
N GLY C 97 -62.21 7.39 93.93
CA GLY C 97 -61.23 6.32 93.91
C GLY C 97 -61.72 5.04 94.55
N GLY C 98 -60.90 3.99 94.49
CA GLY C 98 -61.30 2.68 94.97
C GLY C 98 -60.64 1.58 94.17
N ILE C 99 -61.35 0.48 93.98
CA ILE C 99 -60.81 -0.69 93.31
C ILE C 99 -61.54 -0.94 91.99
N VAL C 100 -60.79 -1.14 90.90
CA VAL C 100 -61.39 -1.46 89.60
C VAL C 100 -62.01 -2.86 89.64
N VAL C 101 -63.29 -2.97 89.30
CA VAL C 101 -63.98 -4.25 89.37
C VAL C 101 -64.45 -4.81 88.02
N ARG C 102 -64.54 -3.93 87.04
CA ARG C 102 -64.86 -4.38 85.70
C ARG C 102 -64.45 -3.35 84.68
N THR C 103 -64.22 -3.80 83.46
CA THR C 103 -64.05 -2.89 82.34
C THR C 103 -64.89 -3.39 81.18
N VAL C 104 -65.27 -2.47 80.30
CA VAL C 104 -66.00 -2.80 79.09
C VAL C 104 -65.39 -1.98 77.98
N ARG C 105 -65.09 -2.61 76.85
CA ARG C 105 -64.55 -1.88 75.71
C ARG C 105 -65.27 -2.29 74.45
N LEU C 106 -65.74 -1.28 73.71
CA LEU C 106 -66.47 -1.49 72.47
C LEU C 106 -65.81 -0.74 71.31
N ARG C 107 -65.79 -1.35 70.13
CA ARG C 107 -65.19 -0.74 68.95
C ARG C 107 -66.23 -0.53 67.85
N ARG C 108 -66.20 0.63 67.18
CA ARG C 108 -67.08 0.85 66.03
C ARG C 108 -66.83 -0.17 64.93
N GLY C 109 -67.91 -0.81 64.48
CA GLY C 109 -67.83 -1.71 63.34
C GLY C 109 -67.79 -3.17 63.73
N ASP C 110 -67.65 -3.42 65.03
CA ASP C 110 -67.80 -4.77 65.56
C ASP C 110 -69.25 -5.20 65.41
N PRO C 111 -69.50 -6.53 65.34
CA PRO C 111 -70.87 -7.04 65.17
C PRO C 111 -71.80 -6.68 66.32
N GLY C 112 -72.91 -6.00 66.00
CA GLY C 112 -73.92 -5.68 67.00
C GLY C 112 -73.70 -4.36 67.74
N VAL C 113 -72.52 -3.78 67.54
CA VAL C 113 -72.12 -2.56 68.24
C VAL C 113 -72.64 -1.30 67.54
N GLU C 114 -73.26 -0.41 68.31
CA GLU C 114 -73.79 0.84 67.77
C GLU C 114 -73.35 2.02 68.64
N LEU C 115 -72.38 2.79 68.16
CA LEU C 115 -71.87 3.91 68.95
C LEU C 115 -72.41 5.22 68.38
N LYS C 116 -72.32 6.29 69.17
CA LYS C 116 -72.67 7.63 68.69
C LYS C 116 -71.93 7.99 67.38
N PRO C 117 -72.55 8.83 66.55
CA PRO C 117 -71.89 9.34 65.34
C PRO C 117 -70.56 10.00 65.68
N GLY C 118 -69.49 9.54 65.03
CA GLY C 118 -68.16 10.09 65.24
C GLY C 118 -67.25 9.24 66.12
N VAL C 119 -67.86 8.40 66.97
CA VAL C 119 -67.12 7.63 67.96
C VAL C 119 -66.48 6.38 67.34
N ARG C 120 -65.18 6.21 67.54
CA ARG C 120 -64.47 5.04 67.00
C ARG C 120 -64.48 3.90 68.02
N GLU C 121 -64.40 4.26 69.30
CA GLU C 121 -64.36 3.29 70.38
C GLU C 121 -64.77 3.92 71.71
N VAL C 122 -65.27 3.08 72.61
CA VAL C 122 -65.66 3.54 73.94
C VAL C 122 -65.26 2.51 74.98
N VAL C 123 -64.78 3.01 76.12
CA VAL C 123 -64.35 2.16 77.22
C VAL C 123 -65.02 2.63 78.50
N ARG C 124 -65.59 1.69 79.25
CA ARG C 124 -66.07 2.00 80.59
C ARG C 124 -65.32 1.22 81.69
N VAL C 125 -65.08 1.92 82.80
CA VAL C 125 -64.39 1.35 83.96
C VAL C 125 -65.29 1.47 85.20
N TYR C 126 -65.48 0.37 85.92
CA TYR C 126 -66.29 0.37 87.14
C TYR C 126 -65.37 0.27 88.38
N VAL C 127 -65.56 1.18 89.32
CA VAL C 127 -64.70 1.25 90.50
C VAL C 127 -65.53 1.22 91.77
N ALA C 128 -65.21 0.27 92.65
CA ALA C 128 -65.86 0.15 93.94
C ALA C 128 -65.14 1.07 94.92
N GLN C 129 -65.87 2.08 95.39
CA GLN C 129 -65.28 3.21 96.10
C GLN C 129 -64.93 2.89 97.55
N PRO D 2 -28.32 -5.66 81.55
CA PRO D 2 -29.33 -6.55 82.12
C PRO D 2 -30.54 -6.69 81.19
N VAL D 3 -30.34 -7.20 79.99
CA VAL D 3 -31.42 -7.25 79.02
C VAL D 3 -32.55 -8.08 79.60
N GLU D 4 -32.21 -9.14 80.32
CA GLU D 4 -33.23 -9.99 80.95
C GLU D 4 -34.21 -9.28 81.93
N PRO D 5 -33.70 -8.37 82.78
CA PRO D 5 -34.66 -7.68 83.65
C PRO D 5 -35.66 -6.80 82.87
N TYR D 6 -35.27 -6.39 81.66
CA TYR D 6 -36.15 -5.60 80.81
C TYR D 6 -37.20 -6.46 80.09
N ILE D 7 -36.83 -7.71 79.79
CA ILE D 7 -37.81 -8.68 79.32
C ILE D 7 -38.83 -8.92 80.43
N ARG D 8 -38.35 -8.92 81.68
CA ARG D 8 -39.22 -9.13 82.83
C ARG D 8 -40.25 -7.99 82.96
N LEU D 9 -39.77 -6.75 82.99
CA LEU D 9 -40.65 -5.59 83.07
C LEU D 9 -41.65 -5.56 81.91
N PHE D 10 -41.17 -5.79 80.69
CA PHE D 10 -42.02 -5.76 79.52
C PHE D 10 -43.14 -6.80 79.56
N GLU D 11 -42.79 -8.03 79.93
CA GLU D 11 -43.74 -9.14 79.88
C GLU D 11 -44.79 -9.04 80.96
N ALA D 12 -44.48 -8.26 82.00
CA ALA D 12 -45.44 -7.94 83.05
C ALA D 12 -46.51 -6.91 82.63
N ILE D 13 -46.38 -6.33 81.43
CA ILE D 13 -47.49 -5.51 80.94
C ILE D 13 -48.70 -6.41 80.70
N PRO D 14 -49.84 -6.07 81.32
CA PRO D 14 -51.00 -6.96 81.16
C PRO D 14 -51.46 -7.03 79.71
N ASP D 15 -51.87 -8.23 79.28
CA ASP D 15 -52.27 -8.49 77.90
C ASP D 15 -53.73 -8.13 77.63
N ALA D 16 -54.06 -8.00 76.35
CA ALA D 16 -55.42 -7.69 75.93
C ALA D 16 -55.66 -8.18 74.52
N GLU D 17 -56.83 -8.76 74.26
CA GLU D 17 -57.20 -9.13 72.89
C GLU D 17 -57.48 -7.88 72.06
N THR D 18 -56.58 -7.59 71.13
CA THR D 18 -56.73 -6.49 70.16
C THR D 18 -56.01 -6.85 68.89
N GLU D 19 -56.19 -6.00 67.88
CA GLU D 19 -55.41 -6.08 66.66
C GLU D 19 -53.94 -5.84 66.95
N LEU D 20 -53.08 -6.45 66.13
CA LEU D 20 -51.65 -6.16 66.19
C LEU D 20 -51.42 -4.77 65.62
N ALA D 21 -50.61 -3.97 66.31
CA ALA D 21 -50.22 -2.69 65.73
C ALA D 21 -49.06 -2.89 64.74
N THR D 22 -48.89 -1.95 63.82
CA THR D 22 -47.68 -1.85 63.01
C THR D 22 -46.75 -0.81 63.63
N PHE D 23 -45.59 -1.24 64.12
CA PHE D 23 -44.69 -0.31 64.80
C PHE D 23 -43.85 0.54 63.86
N TYR D 24 -43.41 1.68 64.37
CA TYR D 24 -42.57 2.59 63.63
C TYR D 24 -41.11 2.15 63.73
N ASP D 25 -40.59 1.60 62.64
CA ASP D 25 -39.19 1.19 62.54
C ASP D 25 -38.26 2.36 62.24
N ALA D 26 -37.99 3.18 63.24
CA ALA D 26 -37.12 4.33 63.07
C ALA D 26 -35.68 3.92 62.67
N ASP D 27 -35.01 4.80 61.93
CA ASP D 27 -33.73 4.45 61.34
C ASP D 27 -32.84 5.69 61.21
N LEU D 28 -31.61 5.49 60.76
CA LEU D 28 -30.68 6.59 60.53
C LEU D 28 -31.25 7.54 59.46
N ASP D 29 -32.05 6.99 58.58
CA ASP D 29 -32.75 7.79 57.58
C ASP D 29 -33.81 8.74 58.16
N THR D 30 -34.51 8.26 59.20
CA THR D 30 -35.75 8.87 59.66
C THR D 30 -35.59 9.66 60.96
N LEU D 31 -36.56 10.54 61.24
CA LEU D 31 -36.60 11.24 62.51
C LEU D 31 -36.80 10.24 63.64
N PRO D 32 -35.96 10.32 64.68
CA PRO D 32 -36.23 9.50 65.84
C PRO D 32 -37.56 9.93 66.46
N PRO D 33 -38.26 8.99 67.10
CA PRO D 33 -39.51 9.38 67.76
C PRO D 33 -39.21 10.00 69.13
N ARG D 34 -40.20 10.65 69.74
CA ARG D 34 -40.02 11.18 71.08
C ARG D 34 -39.62 10.05 72.03
N MET D 35 -38.67 10.34 72.90
CA MET D 35 -38.20 9.36 73.86
C MET D 35 -38.37 9.94 75.24
N PHE D 36 -38.77 9.08 76.19
CA PHE D 36 -38.92 9.53 77.55
C PHE D 36 -38.19 8.61 78.52
N LEU D 37 -37.54 9.20 79.53
CA LEU D 37 -36.93 8.46 80.64
C LEU D 37 -38.03 7.93 81.55
N PRO D 38 -37.70 6.95 82.43
CA PRO D 38 -38.69 6.39 83.36
C PRO D 38 -39.34 7.42 84.29
N SER D 39 -38.73 8.59 84.43
CA SER D 39 -39.33 9.63 85.28
C SER D 39 -40.41 10.41 84.54
N GLY D 40 -40.47 10.23 83.22
CA GLY D 40 -41.39 10.99 82.40
C GLY D 40 -40.72 12.14 81.69
N ASP D 41 -39.46 12.40 82.04
CA ASP D 41 -38.70 13.47 81.40
C ASP D 41 -38.39 13.12 79.92
N LEU D 42 -38.49 14.14 79.08
CA LEU D 42 -38.13 14.04 77.68
C LEU D 42 -36.63 13.76 77.58
N TYR D 43 -36.26 12.81 76.74
CA TYR D 43 -34.85 12.58 76.44
C TYR D 43 -34.57 13.01 75.00
N THR D 44 -33.68 13.97 74.82
CA THR D 44 -33.39 14.45 73.47
C THR D 44 -32.09 13.84 72.94
N PRO D 45 -32.19 12.96 71.92
CA PRO D 45 -30.98 12.30 71.39
C PRO D 45 -30.13 13.28 70.58
N PRO D 46 -28.82 13.03 70.46
CA PRO D 46 -27.95 13.94 69.68
C PRO D 46 -27.91 13.53 68.21
N GLY D 47 -28.70 12.52 67.84
CA GLY D 47 -28.80 12.09 66.48
C GLY D 47 -29.93 11.08 66.36
N PRO D 48 -30.01 10.39 65.22
CA PRO D 48 -31.08 9.41 64.96
C PRO D 48 -30.88 8.12 65.73
N VAL D 49 -31.89 7.25 65.71
CA VAL D 49 -31.78 5.96 66.37
C VAL D 49 -32.10 4.82 65.43
N ARG D 50 -31.71 3.62 65.84
CA ARG D 50 -32.12 2.39 65.18
C ARG D 50 -32.72 1.48 66.25
N LEU D 51 -33.69 0.67 65.87
CA LEU D 51 -34.36 -0.18 66.85
C LEU D 51 -34.13 -1.65 66.54
N GLU D 52 -33.99 -2.44 67.60
CA GLU D 52 -33.96 -3.89 67.48
C GLU D 52 -35.04 -4.48 68.37
N GLU D 53 -36.03 -5.10 67.74
CA GLU D 53 -37.13 -5.71 68.47
C GLU D 53 -36.66 -6.95 69.23
N ILE D 54 -37.03 -7.03 70.50
CA ILE D 54 -36.66 -8.19 71.32
C ILE D 54 -37.88 -9.07 71.56
N LYS D 55 -38.98 -8.45 71.99
CA LYS D 55 -40.23 -9.16 72.20
C LYS D 55 -41.35 -8.25 71.72
N ARG D 56 -42.53 -8.84 71.48
CA ARG D 56 -43.70 -8.07 71.07
C ARG D 56 -44.99 -8.42 71.82
N LYS D 57 -45.86 -7.41 71.95
CA LYS D 57 -47.19 -7.55 72.55
C LYS D 57 -48.11 -6.91 71.52
N ARG D 58 -49.42 -7.13 71.58
CA ARG D 58 -50.26 -6.71 70.48
C ARG D 58 -50.13 -5.22 70.13
N ARG D 59 -49.95 -4.38 71.13
CA ARG D 59 -49.86 -2.93 70.93
C ARG D 59 -48.52 -2.32 71.35
N VAL D 60 -47.73 -3.08 72.10
CA VAL D 60 -46.44 -2.62 72.58
C VAL D 60 -45.38 -3.65 72.21
N ARG D 61 -44.15 -3.19 72.05
CA ARG D 61 -43.04 -4.10 71.85
C ARG D 61 -41.87 -3.64 72.69
N LEU D 62 -40.95 -4.56 72.94
CA LEU D 62 -39.68 -4.26 73.62
C LEU D 62 -38.59 -4.09 72.57
N VAL D 63 -37.80 -3.02 72.70
CA VAL D 63 -36.74 -2.80 71.72
C VAL D 63 -35.44 -2.43 72.41
N LYS D 64 -34.34 -2.72 71.72
CA LYS D 64 -33.06 -2.16 72.07
C LYS D 64 -32.89 -0.92 71.19
N VAL D 65 -32.68 0.23 71.81
CA VAL D 65 -32.56 1.47 71.05
C VAL D 65 -31.10 1.85 70.92
N SER D 66 -30.59 1.91 69.68
CA SER D 66 -29.23 2.37 69.45
C SER D 66 -29.22 3.85 69.06
N ILE D 67 -28.49 4.64 69.82
CA ILE D 67 -28.50 6.08 69.65
C ILE D 67 -27.25 6.57 68.95
N TYR D 68 -27.40 7.20 67.80
CA TYR D 68 -26.27 7.62 66.99
C TYR D 68 -26.03 9.13 67.04
N ARG D 69 -24.98 9.42 66.30
CA ARG D 69 -24.52 10.74 66.00
C ARG D 69 -23.75 10.62 64.69
N PHE D 70 -23.99 11.54 63.76
CA PHE D 70 -23.24 11.56 62.51
C PHE D 70 -21.78 11.95 62.68
N GLU D 71 -20.90 11.32 61.91
CA GLU D 71 -19.49 11.68 61.86
C GLU D 71 -19.16 12.02 60.43
N HIS D 72 -17.95 12.48 60.21
CA HIS D 72 -17.51 12.63 58.86
C HIS D 72 -17.00 11.25 58.54
N VAL D 73 -17.58 10.62 57.51
CA VAL D 73 -17.03 9.37 57.01
C VAL D 73 -16.95 9.33 55.48
N GLY D 74 -15.76 9.03 54.97
CA GLY D 74 -15.53 9.06 53.54
C GLY D 74 -15.81 10.43 52.96
N LEU D 75 -16.33 10.45 51.75
CA LEU D 75 -16.67 11.68 51.05
C LEU D 75 -17.97 12.35 51.56
N GLY D 76 -18.52 11.87 52.66
CA GLY D 76 -19.76 12.43 53.15
C GLY D 76 -19.91 12.19 54.63
N LEU D 77 -21.14 11.99 55.09
CA LEU D 77 -21.33 11.62 56.49
C LEU D 77 -22.28 10.47 56.69
N ALA D 78 -22.09 9.78 57.80
CA ALA D 78 -22.82 8.57 58.11
C ALA D 78 -22.92 8.48 59.61
N ALA D 79 -23.91 7.75 60.11
CA ALA D 79 -24.10 7.66 61.56
C ALA D 79 -23.22 6.59 62.27
N ARG D 80 -22.55 6.98 63.34
CA ARG D 80 -21.88 6.02 64.24
C ARG D 80 -22.60 5.99 65.60
N PRO D 81 -22.37 4.93 66.43
CA PRO D 81 -22.98 4.81 67.77
C PRO D 81 -22.63 5.89 68.81
N TYR D 82 -23.53 6.27 69.74
CA TYR D 82 -23.31 7.16 70.86
C TYR D 82 -23.78 6.54 72.18
N ALA D 83 -24.91 5.85 72.13
CA ALA D 83 -25.49 5.28 73.34
C ALA D 83 -26.53 4.22 73.04
N TYR D 84 -27.01 3.58 74.09
CA TYR D 84 -28.05 2.59 73.95
C TYR D 84 -28.95 2.53 75.19
N ALA D 85 -30.17 2.07 74.99
CA ALA D 85 -31.13 1.93 76.05
C ALA D 85 -32.17 0.91 75.66
N TYR D 86 -32.62 0.15 76.63
CA TYR D 86 -33.76 -0.71 76.42
C TYR D 86 -35.01 0.11 76.66
N ALA D 87 -36.05 -0.20 75.91
CA ALA D 87 -37.26 0.58 75.99
C ALA D 87 -38.46 -0.25 75.53
N TRP D 88 -39.65 0.22 75.88
CA TRP D 88 -40.86 -0.26 75.20
C TRP D 88 -41.38 0.82 74.28
N GLN D 89 -41.97 0.40 73.17
CA GLN D 89 -42.50 1.30 72.18
C GLN D 89 -43.99 1.02 72.00
N GLY D 90 -44.80 2.06 71.87
CA GLY D 90 -46.23 1.89 71.70
C GLY D 90 -46.72 2.19 70.30
N ASP D 91 -48.04 2.29 70.12
CA ASP D 91 -48.58 2.45 68.79
C ASP D 91 -48.63 3.89 68.25
N ASN D 92 -48.11 4.85 69.00
CA ASN D 92 -47.82 6.18 68.47
C ASN D 92 -46.34 6.28 68.11
N GLY D 93 -45.64 5.16 68.26
CA GLY D 93 -44.21 5.10 67.95
C GLY D 93 -43.30 5.62 69.04
N ILE D 94 -43.87 6.05 70.17
CA ILE D 94 -43.08 6.69 71.23
C ILE D 94 -42.17 5.70 71.97
N LEU D 95 -40.94 6.10 72.29
CA LEU D 95 -40.06 5.23 73.08
C LEU D 95 -40.08 5.60 74.56
N HIS D 96 -40.40 4.62 75.38
CA HIS D 96 -40.34 4.74 76.84
C HIS D 96 -39.11 3.99 77.35
N LEU D 97 -38.09 4.75 77.74
CA LEU D 97 -36.86 4.16 78.19
C LEU D 97 -37.03 3.52 79.58
N TYR D 98 -36.37 2.39 79.80
CA TYR D 98 -36.35 1.77 81.13
C TYR D 98 -35.25 2.34 82.01
N HIS D 99 -34.32 3.08 81.41
CA HIS D 99 -33.18 3.61 82.16
C HIS D 99 -32.57 4.70 81.31
N ALA D 100 -31.81 5.59 81.94
CA ALA D 100 -31.06 6.58 81.18
C ALA D 100 -30.10 5.83 80.26
N PRO D 101 -29.94 6.32 79.01
CA PRO D 101 -29.07 5.73 77.99
C PRO D 101 -27.63 5.58 78.47
N VAL D 102 -27.04 4.43 78.17
CA VAL D 102 -25.65 4.16 78.50
C VAL D 102 -24.75 4.69 77.38
N VAL D 103 -23.91 5.67 77.70
CA VAL D 103 -23.06 6.28 76.71
C VAL D 103 -21.83 5.41 76.41
N LEU D 104 -21.62 5.11 75.14
CA LEU D 104 -20.61 4.15 74.70
C LEU D 104 -19.22 4.75 74.59
N ILE E 3 16.75 72.99 44.42
CA ILE E 3 16.07 71.72 44.58
C ILE E 3 15.29 71.34 43.33
N HIS E 4 15.44 70.09 42.88
CA HIS E 4 14.77 69.62 41.72
C HIS E 4 13.74 68.65 42.12
N ILE E 5 12.59 68.82 41.54
CA ILE E 5 11.43 67.96 41.75
C ILE E 5 10.95 67.28 40.45
N GLU E 6 11.03 65.95 40.42
CA GLU E 6 10.61 65.22 39.24
C GLU E 6 9.15 64.77 39.34
N ARG E 7 8.49 64.68 38.20
CA ARG E 7 7.12 64.23 38.09
C ARG E 7 7.09 62.88 37.36
N TYR E 8 6.81 61.82 38.11
CA TYR E 8 6.65 60.49 37.54
C TYR E 8 5.19 60.11 37.36
N GLU E 9 4.86 59.45 36.25
CA GLU E 9 3.48 59.13 35.90
C GLU E 9 3.28 57.72 35.32
N ILE E 10 2.21 57.05 35.72
CA ILE E 10 1.85 55.76 35.12
C ILE E 10 0.33 55.64 34.95
N GLU E 11 -0.07 55.08 33.81
CA GLU E 11 -1.47 54.84 33.50
C GLU E 11 -1.76 53.34 33.48
N ALA E 12 -2.90 52.96 34.06
CA ALA E 12 -3.44 51.61 33.89
C ALA E 12 -4.57 51.69 32.87
N ARG E 13 -4.43 51.01 31.75
CA ARG E 13 -5.42 51.10 30.68
C ARG E 13 -6.17 49.79 30.40
N ASP E 14 -7.29 49.90 29.69
CA ASP E 14 -7.98 48.71 29.16
C ASP E 14 -7.13 48.11 28.05
N THR E 15 -7.15 46.78 27.93
CA THR E 15 -6.32 46.11 26.94
C THR E 15 -7.09 44.92 26.34
N LYS E 16 -6.72 44.48 25.14
CA LYS E 16 -7.41 43.35 24.52
C LYS E 16 -7.24 42.07 25.34
N LEU E 17 -6.11 41.96 26.02
CA LEU E 17 -5.84 40.87 26.95
C LEU E 17 -6.50 41.04 28.31
N GLY E 18 -7.17 42.16 28.54
CA GLY E 18 -7.72 42.44 29.87
C GLY E 18 -7.04 43.60 30.58
N PRO E 19 -7.72 44.17 31.60
CA PRO E 19 -7.28 45.42 32.23
C PRO E 19 -5.92 45.38 32.96
N GLU E 20 -5.14 46.44 32.79
CA GLU E 20 -4.00 46.72 33.65
C GLU E 20 -4.57 47.27 34.95
N ARG E 21 -3.87 47.04 36.05
CA ARG E 21 -4.36 47.51 37.35
C ARG E 21 -3.24 48.06 38.25
N ILE E 22 -3.50 49.21 38.86
CA ILE E 22 -2.60 49.74 39.89
C ILE E 22 -2.88 48.95 41.15
N THR E 23 -1.83 48.39 41.75
CA THR E 23 -2.00 47.53 42.90
C THR E 23 -0.68 47.23 43.59
N ARG E 24 -0.79 46.77 44.84
CA ARG E 24 0.36 46.31 45.61
C ARG E 24 0.62 44.83 45.34
N ASP E 25 -0.36 44.14 44.78
CA ASP E 25 -0.33 42.68 44.71
C ASP E 25 0.43 42.16 43.49
N ILE E 26 1.75 42.21 43.59
CA ILE E 26 2.65 42.01 42.46
C ILE E 26 3.51 40.77 42.66
N PRO E 27 3.54 39.88 41.65
CA PRO E 27 4.25 38.60 41.79
C PRO E 27 5.78 38.78 41.71
N HIS E 28 6.52 37.83 42.28
CA HIS E 28 7.98 37.79 42.14
C HIS E 28 8.77 38.95 42.81
N LEU E 29 8.13 39.65 43.73
CA LEU E 29 8.79 40.74 44.43
C LEU E 29 9.02 40.40 45.88
N SER E 30 10.22 40.68 46.38
CA SER E 30 10.55 40.44 47.79
C SER E 30 9.77 41.39 48.68
N GLU E 31 9.64 41.03 49.96
CA GLU E 31 9.07 41.94 50.96
C GLU E 31 9.74 43.31 50.96
N ALA E 32 11.07 43.30 50.89
CA ALA E 32 11.85 44.54 50.90
C ALA E 32 11.43 45.44 49.75
N ALA E 33 11.20 44.85 48.57
CA ALA E 33 10.84 45.64 47.39
C ALA E 33 9.46 46.27 47.56
N LEU E 34 8.61 45.62 48.35
CA LEU E 34 7.25 46.12 48.59
C LEU E 34 7.16 47.02 49.84
N ARG E 35 8.27 47.13 50.58
CA ARG E 35 8.24 47.75 51.91
C ARG E 35 7.61 49.16 51.99
N ASP E 36 7.93 50.04 51.05
CA ASP E 36 7.44 51.43 51.15
C ASP E 36 6.14 51.74 50.45
N LEU E 37 5.47 50.70 49.95
CA LEU E 37 4.23 50.86 49.19
C LEU E 37 3.01 50.89 50.11
N ASP E 38 2.12 51.85 49.93
CA ASP E 38 0.84 51.78 50.64
C ASP E 38 -0.01 50.58 50.15
N GLU E 39 -1.21 50.43 50.71
CA GLU E 39 -2.02 49.25 50.40
C GLU E 39 -2.55 49.26 48.97
N GLU E 40 -2.45 50.41 48.31
CA GLU E 40 -2.87 50.52 46.91
C GLU E 40 -1.72 50.21 45.98
N GLY E 41 -0.51 50.08 46.54
CA GLY E 41 0.67 49.90 45.72
C GLY E 41 1.34 51.22 45.35
N VAL E 42 0.85 52.32 45.92
CA VAL E 42 1.49 53.61 45.66
C VAL E 42 2.49 53.94 46.76
N VAL E 43 3.70 54.32 46.35
CA VAL E 43 4.77 54.58 47.31
C VAL E 43 4.37 55.66 48.32
N ARG E 44 4.78 55.49 49.57
CA ARG E 44 4.36 56.37 50.65
C ARG E 44 5.12 57.69 50.63
N ILE E 45 4.44 58.78 51.00
CA ILE E 45 5.11 60.07 51.19
C ILE E 45 6.22 59.95 52.24
N GLY E 46 7.38 60.52 51.94
CA GLY E 46 8.47 60.54 52.90
C GLY E 46 9.49 59.45 52.65
N ALA E 47 9.19 58.59 51.69
CA ALA E 47 10.07 57.46 51.41
C ALA E 47 11.29 57.87 50.59
N GLU E 48 12.40 57.18 50.75
CA GLU E 48 13.53 57.50 49.93
C GLU E 48 13.70 56.44 48.88
N VAL E 49 13.55 56.82 47.63
CA VAL E 49 13.56 55.93 46.47
C VAL E 49 14.88 56.05 45.70
N LYS E 50 15.39 54.90 45.26
CA LYS E 50 16.65 54.81 44.52
C LYS E 50 16.40 54.04 43.22
N PRO E 51 17.28 54.19 42.21
CA PRO E 51 17.08 53.56 40.89
C PRO E 51 16.68 52.08 40.98
N GLY E 52 15.61 51.71 40.30
CA GLY E 52 15.07 50.36 40.37
C GLY E 52 13.95 50.20 41.40
N ASP E 53 13.79 51.17 42.29
CA ASP E 53 12.73 51.07 43.30
C ASP E 53 11.38 51.42 42.69
N ILE E 54 10.35 50.75 43.19
CA ILE E 54 8.97 50.98 42.77
C ILE E 54 8.34 52.27 43.32
N LEU E 55 7.74 53.04 42.42
CA LEU E 55 6.96 54.21 42.80
C LEU E 55 5.47 53.85 42.82
N VAL E 56 5.04 53.09 41.81
CA VAL E 56 3.65 52.70 41.67
C VAL E 56 3.56 51.25 41.16
N GLY E 57 2.96 50.36 41.95
CA GLY E 57 2.78 48.99 41.53
C GLY E 57 1.76 48.87 40.41
N ARG E 58 2.08 48.04 39.41
CA ARG E 58 1.13 47.76 38.33
C ARG E 58 1.27 46.32 37.82
N THR E 59 0.14 45.69 37.54
CA THR E 59 0.18 44.39 36.89
C THR E 59 -0.62 44.36 35.60
N SER E 60 -0.10 43.68 34.59
CA SER E 60 -0.84 43.50 33.35
C SER E 60 -0.96 42.01 33.15
N PHE E 61 -1.94 41.64 32.35
CA PHE E 61 -2.17 40.23 32.01
C PHE E 61 -1.18 39.73 30.96
N LYS E 62 -0.72 38.48 31.09
CA LYS E 62 -0.14 37.77 29.95
C LYS E 62 -1.19 36.75 29.50
N GLY E 63 -1.38 36.61 28.19
CA GLY E 63 -2.37 35.67 27.71
C GLY E 63 -1.85 34.88 26.54
N GLU E 64 -2.75 34.33 25.74
CA GLU E 64 -2.38 33.74 24.45
C GLU E 64 -1.34 32.62 24.52
N SER E 65 -0.90 32.23 25.71
CA SER E 65 0.02 31.10 25.82
C SER E 65 -0.77 29.84 25.47
N GLU E 66 -0.22 29.00 24.59
CA GLU E 66 -0.92 27.78 24.18
C GLU E 66 -1.19 27.02 25.45
N PRO E 67 -2.47 26.68 25.69
CA PRO E 67 -2.70 26.08 27.00
C PRO E 67 -1.96 24.75 27.08
N THR E 68 -0.97 24.72 27.96
CA THR E 68 -0.32 23.52 28.35
C THR E 68 -1.45 22.65 28.84
N PRO E 69 -1.43 21.37 28.46
CA PRO E 69 -2.62 20.54 28.53
C PRO E 69 -2.59 19.55 29.68
N GLU E 70 -1.57 19.63 30.55
CA GLU E 70 -1.69 19.03 31.89
C GLU E 70 -2.51 20.05 32.64
N GLU E 71 -2.42 21.29 32.16
CA GLU E 71 -3.16 22.44 32.69
C GLU E 71 -4.63 22.39 32.28
N ARG E 72 -4.88 22.09 31.02
CA ARG E 72 -6.22 21.98 30.50
C ARG E 72 -6.96 20.81 31.17
N LEU E 73 -6.20 19.80 31.59
CA LEU E 73 -6.81 18.64 32.25
C LEU E 73 -7.35 19.11 33.60
N LEU E 74 -6.42 19.61 34.40
CA LEU E 74 -6.64 20.24 35.68
C LEU E 74 -7.67 21.36 35.69
N ARG E 75 -7.96 21.94 34.53
CA ARG E 75 -9.00 22.97 34.47
C ARG E 75 -10.38 22.34 34.60
N SER E 76 -10.59 21.23 33.90
CA SER E 76 -11.89 20.53 33.91
C SER E 76 -12.23 20.08 35.32
N ILE E 77 -11.24 19.48 35.95
CA ILE E 77 -11.43 18.95 37.26
C ILE E 77 -11.65 20.09 38.28
N PHE E 78 -10.63 20.87 38.62
CA PHE E 78 -10.74 21.84 39.71
C PHE E 78 -11.59 23.04 39.41
N GLY E 79 -11.25 23.71 38.33
CA GLY E 79 -11.96 24.89 37.90
C GLY E 79 -11.08 25.73 37.02
N GLU E 80 -11.68 26.41 36.06
CA GLU E 80 -10.91 27.34 35.26
C GLU E 80 -10.65 28.47 36.20
N LYS E 81 -9.39 28.83 36.39
CA LYS E 81 -9.09 29.92 37.28
C LYS E 81 -8.33 31.04 36.59
N ALA E 82 -8.65 32.26 37.06
CA ALA E 82 -8.07 33.55 36.68
C ALA E 82 -6.73 33.59 35.96
N ARG E 83 -6.57 34.60 35.12
CA ARG E 83 -5.40 34.72 34.27
C ARG E 83 -4.21 35.05 35.11
N ASP E 84 -3.03 34.83 34.56
CA ASP E 84 -1.81 35.12 35.28
C ASP E 84 -1.39 36.54 34.96
N VAL E 85 -0.75 37.22 35.92
CA VAL E 85 -0.26 38.58 35.65
C VAL E 85 1.24 38.74 35.80
N LYS E 86 1.73 39.81 35.17
CA LYS E 86 3.14 40.16 35.17
C LYS E 86 3.40 41.53 35.80
N ASP E 87 4.62 41.70 36.30
CA ASP E 87 5.08 42.94 36.90
C ASP E 87 5.42 44.00 35.84
N THR E 88 4.58 45.03 35.76
CA THR E 88 4.83 46.15 34.85
C THR E 88 4.76 47.47 35.62
N SER E 89 5.37 47.44 36.79
CA SER E 89 5.37 48.57 37.72
C SER E 89 6.19 49.78 37.26
N LEU E 90 5.83 50.95 37.78
CA LEU E 90 6.62 52.17 37.57
C LEU E 90 7.82 52.15 38.51
N ARG E 91 9.02 52.12 37.92
CA ARG E 91 10.25 52.09 38.71
C ARG E 91 11.09 53.36 38.53
N VAL E 92 11.86 53.72 39.56
CA VAL E 92 12.77 54.85 39.47
C VAL E 92 13.84 54.56 38.41
N PRO E 93 13.99 55.48 37.43
CA PRO E 93 14.98 55.37 36.36
C PRO E 93 16.41 55.47 36.85
N PRO E 94 17.35 54.88 36.09
CA PRO E 94 18.79 54.98 36.35
C PRO E 94 19.23 56.43 36.52
N GLY E 95 20.03 56.70 37.55
CA GLY E 95 20.61 58.01 37.76
C GLY E 95 19.67 59.00 38.43
N GLU E 96 18.53 58.51 38.91
CA GLU E 96 17.58 59.40 39.58
C GLU E 96 17.22 58.88 40.97
N GLY E 97 16.36 59.60 41.68
CA GLY E 97 15.99 59.24 43.04
C GLY E 97 15.93 60.42 43.98
N GLY E 98 15.52 60.17 45.22
CA GLY E 98 15.32 61.22 46.20
C GLY E 98 14.21 60.87 47.16
N ILE E 99 13.46 61.87 47.59
CA ILE E 99 12.41 61.69 48.59
C ILE E 99 11.03 61.97 47.98
N VAL E 100 10.08 61.05 48.19
CA VAL E 100 8.71 61.24 47.71
C VAL E 100 8.03 62.38 48.49
N VAL E 101 7.51 63.39 47.80
CA VAL E 101 6.91 64.54 48.47
C VAL E 101 5.41 64.70 48.23
N ARG E 102 4.91 64.06 47.19
CA ARG E 102 3.48 64.07 46.94
C ARG E 102 3.10 62.93 46.03
N THR E 103 1.84 62.52 46.13
CA THR E 103 1.28 61.61 45.14
C THR E 103 -0.09 62.12 44.72
N VAL E 104 -0.50 61.76 43.53
CA VAL E 104 -1.82 62.09 43.01
C VAL E 104 -2.36 60.85 42.35
N ARG E 105 -3.60 60.49 42.65
CA ARG E 105 -4.23 59.34 42.01
C ARG E 105 -5.61 59.70 41.52
N LEU E 106 -5.88 59.40 40.28
CA LEU E 106 -7.17 59.67 39.66
C LEU E 106 -7.78 58.40 39.06
N ARG E 107 -9.07 58.19 39.24
CA ARG E 107 -9.68 56.97 38.75
C ARG E 107 -10.94 57.26 37.95
N ARG E 108 -11.09 56.56 36.83
CA ARG E 108 -12.32 56.72 36.07
C ARG E 108 -13.37 56.25 37.04
N GLY E 109 -14.43 57.03 37.20
CA GLY E 109 -15.49 56.71 38.13
C GLY E 109 -15.73 57.69 39.27
N ASP E 110 -14.66 58.13 39.93
CA ASP E 110 -14.77 59.06 41.06
C ASP E 110 -15.26 60.43 40.63
N PRO E 111 -16.02 61.12 41.49
CA PRO E 111 -16.58 62.42 41.12
C PRO E 111 -15.52 63.44 40.69
N GLY E 112 -15.65 63.97 39.48
CA GLY E 112 -14.76 65.02 38.99
C GLY E 112 -13.49 64.52 38.32
N VAL E 113 -13.28 63.21 38.35
CA VAL E 113 -12.14 62.64 37.64
C VAL E 113 -12.59 62.24 36.25
N GLU E 114 -12.00 62.88 35.24
CA GLU E 114 -12.30 62.60 33.84
C GLU E 114 -11.01 62.10 33.21
N LEU E 115 -11.08 60.99 32.49
CA LEU E 115 -9.85 60.40 31.97
C LEU E 115 -9.95 60.21 30.45
N LYS E 116 -8.77 60.10 29.85
CA LYS E 116 -8.57 59.98 28.42
C LYS E 116 -8.95 58.59 27.98
N PRO E 117 -9.14 58.42 26.68
CA PRO E 117 -9.60 57.12 26.19
C PRO E 117 -8.64 55.98 26.54
N GLY E 118 -9.27 54.93 27.04
CA GLY E 118 -8.67 53.65 27.38
C GLY E 118 -8.13 53.56 28.80
N VAL E 119 -7.83 54.71 29.41
CA VAL E 119 -7.20 54.77 30.73
C VAL E 119 -8.22 54.55 31.85
N ARG E 120 -7.95 53.61 32.73
CA ARG E 120 -8.84 53.34 33.86
C ARG E 120 -8.45 54.17 35.08
N GLU E 121 -7.15 54.39 35.24
CA GLU E 121 -6.62 55.15 36.37
C GLU E 121 -5.22 55.68 36.06
N VAL E 122 -4.85 56.76 36.75
CA VAL E 122 -3.53 57.34 36.60
C VAL E 122 -3.00 57.81 37.95
N VAL E 123 -1.71 57.56 38.17
CA VAL E 123 -1.05 57.94 39.40
C VAL E 123 0.20 58.75 39.08
N ARG E 124 0.38 59.87 39.76
CA ARG E 124 1.64 60.61 39.68
C ARG E 124 2.36 60.68 41.03
N VAL E 125 3.68 60.56 40.96
CA VAL E 125 4.55 60.63 42.13
C VAL E 125 5.59 61.75 41.95
N TYR E 126 5.71 62.63 42.95
CA TYR E 126 6.68 63.73 42.90
C TYR E 126 7.86 63.42 43.85
N VAL E 127 9.07 63.50 43.34
CA VAL E 127 10.26 63.16 44.11
C VAL E 127 11.26 64.31 44.09
N ALA E 128 11.66 64.73 45.29
CA ALA E 128 12.67 65.77 45.44
C ALA E 128 14.05 65.11 45.40
N GLN E 129 14.80 65.44 44.36
CA GLN E 129 16.02 64.71 44.02
C GLN E 129 17.20 65.05 44.91
N PRO F 2 3.04 31.49 66.40
CA PRO F 2 2.60 32.78 66.95
C PRO F 2 2.23 33.77 65.86
N VAL F 3 0.92 34.00 65.69
CA VAL F 3 0.42 34.95 64.70
C VAL F 3 0.75 36.44 64.91
N GLU F 4 0.69 36.89 66.15
CA GLU F 4 0.78 38.32 66.51
C GLU F 4 1.86 39.14 65.76
N PRO F 5 3.07 38.59 65.56
CA PRO F 5 4.04 39.37 64.78
C PRO F 5 3.59 39.61 63.33
N TYR F 6 2.74 38.72 62.82
CA TYR F 6 2.21 38.87 61.46
C TYR F 6 1.08 39.91 61.39
N ILE F 7 0.31 40.04 62.46
CA ILE F 7 -0.62 41.14 62.60
C ILE F 7 0.15 42.46 62.61
N ARG F 8 1.32 42.43 63.25
CA ARG F 8 2.18 43.61 63.32
C ARG F 8 2.67 44.04 61.94
N LEU F 9 3.28 43.11 61.20
CA LEU F 9 3.74 43.39 59.85
C LEU F 9 2.60 43.87 58.94
N PHE F 10 1.46 43.18 58.99
CA PHE F 10 0.33 43.53 58.16
C PHE F 10 -0.20 44.94 58.43
N GLU F 11 -0.35 45.29 59.71
CA GLU F 11 -0.98 46.55 60.07
C GLU F 11 -0.08 47.75 59.80
N ALA F 12 1.22 47.46 59.66
CA ALA F 12 2.19 48.46 59.24
C ALA F 12 2.13 48.80 57.74
N ILE F 13 1.32 48.08 56.96
CA ILE F 13 1.10 48.51 55.59
C ILE F 13 0.38 49.85 55.60
N PRO F 14 0.94 50.86 54.95
CA PRO F 14 0.30 52.19 55.01
C PRO F 14 -1.08 52.16 54.37
N ASP F 15 -2.03 52.88 54.97
CA ASP F 15 -3.43 52.90 54.54
C ASP F 15 -3.67 53.91 53.40
N ALA F 16 -4.81 53.74 52.73
CA ALA F 16 -5.20 54.64 51.65
C ALA F 16 -6.71 54.61 51.47
N GLU F 17 -7.31 55.77 51.24
CA GLU F 17 -8.73 55.82 50.92
C GLU F 17 -8.98 55.27 49.51
N THR F 18 -9.59 54.09 49.46
CA THR F 18 -10.01 53.46 48.21
C THR F 18 -11.22 52.60 48.45
N GLU F 19 -11.78 52.08 47.37
CA GLU F 19 -12.84 51.09 47.45
C GLU F 19 -12.31 49.82 48.11
N LEU F 20 -13.20 49.09 48.79
CA LEU F 20 -12.87 47.77 49.30
C LEU F 20 -12.76 46.80 48.14
N ALA F 21 -11.72 45.98 48.14
CA ALA F 21 -11.64 44.93 47.14
C ALA F 21 -12.48 43.72 47.59
N THR F 22 -12.89 42.90 46.62
CA THR F 22 -13.45 41.58 46.92
C THR F 22 -12.34 40.53 46.76
N PHE F 23 -11.95 39.88 47.86
CA PHE F 23 -10.85 38.94 47.80
C PHE F 23 -11.24 37.56 47.26
N TYR F 24 -10.24 36.87 46.74
CA TYR F 24 -10.42 35.53 46.22
C TYR F 24 -10.36 34.51 47.35
N ASP F 25 -11.51 33.97 47.71
CA ASP F 25 -11.62 32.92 48.73
C ASP F 25 -11.29 31.53 48.17
N ALA F 26 -10.01 31.26 47.99
CA ALA F 26 -9.58 29.97 47.46
C ALA F 26 -9.94 28.80 48.40
N ASP F 27 -10.18 27.64 47.81
CA ASP F 27 -10.70 26.51 48.56
C ASP F 27 -10.19 25.18 48.00
N LEU F 28 -10.55 24.08 48.65
CA LEU F 28 -10.18 22.76 48.17
C LEU F 28 -10.78 22.50 46.80
N ASP F 29 -11.91 23.15 46.53
CA ASP F 29 -12.55 23.09 45.21
C ASP F 29 -11.73 23.77 44.11
N THR F 30 -11.09 24.88 44.45
CA THR F 30 -10.54 25.82 43.47
C THR F 30 -9.02 25.75 43.34
N LEU F 31 -8.50 26.28 42.23
CA LEU F 31 -7.07 26.41 42.05
C LEU F 31 -6.51 27.35 43.09
N PRO F 32 -5.45 26.93 43.79
CA PRO F 32 -4.80 27.87 44.67
C PRO F 32 -4.19 29.00 43.84
N PRO F 33 -4.10 30.19 44.42
CA PRO F 33 -3.47 31.30 43.68
C PRO F 33 -1.96 31.20 43.78
N ARG F 34 -1.23 31.95 42.94
CA ARG F 34 0.22 31.98 43.04
C ARG F 34 0.64 32.40 44.44
N MET F 35 1.66 31.72 44.96
CA MET F 35 2.15 32.02 46.28
C MET F 35 3.62 32.37 46.18
N PHE F 36 4.04 33.37 46.95
CA PHE F 36 5.44 33.75 46.95
C PHE F 36 6.00 33.83 48.38
N LEU F 37 7.23 33.32 48.55
CA LEU F 37 7.97 33.47 49.80
C LEU F 37 8.45 34.91 49.95
N PRO F 38 8.85 35.32 51.18
CA PRO F 38 9.33 36.69 51.41
C PRO F 38 10.54 37.08 50.55
N SER F 39 11.24 36.12 49.97
CA SER F 39 12.38 36.43 49.10
C SER F 39 11.92 36.80 47.69
N GLY F 40 10.66 36.52 47.39
CA GLY F 40 10.14 36.73 46.06
C GLY F 40 10.07 35.44 45.26
N ASP F 41 10.64 34.37 45.80
CA ASP F 41 10.60 33.06 45.15
C ASP F 41 9.17 32.50 45.11
N LEU F 42 8.83 31.89 43.98
CA LEU F 42 7.57 31.19 43.81
C LEU F 42 7.53 30.00 44.77
N TYR F 43 6.41 29.85 45.46
CA TYR F 43 6.20 28.64 46.27
C TYR F 43 5.12 27.78 45.62
N THR F 44 5.46 26.56 45.25
CA THR F 44 4.49 25.69 44.60
C THR F 44 3.90 24.68 45.60
N PRO F 45 2.60 24.83 45.91
CA PRO F 45 1.98 23.93 46.89
C PRO F 45 1.77 22.53 46.30
N PRO F 46 1.70 21.48 47.15
CA PRO F 46 1.48 20.13 46.62
C PRO F 46 -0.02 19.81 46.49
N GLY F 47 -0.85 20.79 46.79
CA GLY F 47 -2.29 20.65 46.64
C GLY F 47 -2.94 22.00 46.81
N PRO F 48 -4.27 22.02 46.98
CA PRO F 48 -5.04 23.26 47.12
C PRO F 48 -4.88 23.88 48.51
N VAL F 49 -5.38 25.10 48.66
CA VAL F 49 -5.32 25.76 49.95
C VAL F 49 -6.70 26.22 50.41
N ARG F 50 -6.79 26.54 51.69
CA ARG F 50 -7.96 27.21 52.24
C ARG F 50 -7.44 28.43 52.99
N LEU F 51 -8.24 29.49 53.03
CA LEU F 51 -7.81 30.72 53.66
C LEU F 51 -8.68 31.07 54.86
N GLU F 52 -8.05 31.62 55.89
CA GLU F 52 -8.78 32.17 57.02
C GLU F 52 -8.35 33.61 57.23
N GLU F 53 -9.29 34.53 57.00
CA GLU F 53 -9.01 35.94 57.16
C GLU F 53 -8.82 36.32 58.63
N ILE F 54 -7.75 37.05 58.90
CA ILE F 54 -7.47 37.49 60.26
C ILE F 54 -7.76 38.97 60.42
N LYS F 55 -7.24 39.77 59.51
CA LYS F 55 -7.49 41.21 59.48
C LYS F 55 -7.65 41.63 58.03
N ARG F 56 -8.30 42.77 57.84
CA ARG F 56 -8.55 43.35 56.53
C ARG F 56 -8.23 44.85 56.41
N LYS F 57 -7.72 45.17 55.23
CA LYS F 57 -7.39 46.50 54.76
C LYS F 57 -8.09 46.60 53.42
N ARG F 58 -8.38 47.80 52.95
CA ARG F 58 -9.24 47.96 51.78
C ARG F 58 -8.79 47.15 50.56
N ARG F 59 -7.48 47.08 50.32
CA ARG F 59 -6.99 46.36 49.14
C ARG F 59 -6.19 45.10 49.48
N VAL F 60 -5.81 44.95 50.74
CA VAL F 60 -5.04 43.81 51.20
C VAL F 60 -5.70 43.24 52.43
N ARG F 61 -5.51 41.94 52.67
CA ARG F 61 -5.95 41.32 53.88
C ARG F 61 -4.86 40.39 54.39
N LEU F 62 -4.93 40.07 55.68
CA LEU F 62 -4.06 39.09 56.32
C LEU F 62 -4.81 37.76 56.39
N VAL F 63 -4.16 36.67 56.00
CA VAL F 63 -4.82 35.38 56.07
C VAL F 63 -3.90 34.33 56.66
N LYS F 64 -4.53 33.30 57.23
CA LYS F 64 -3.82 32.08 57.55
C LYS F 64 -4.06 31.13 56.38
N VAL F 65 -2.99 30.65 55.76
CA VAL F 65 -3.14 29.79 54.62
C VAL F 65 -2.92 28.34 55.01
N SER F 66 -3.94 27.50 54.84
CA SER F 66 -3.82 26.07 55.10
C SER F 66 -3.54 25.32 53.81
N ILE F 67 -2.43 24.59 53.79
CA ILE F 67 -1.96 23.94 52.59
C ILE F 67 -2.25 22.44 52.62
N TYR F 68 -3.03 21.96 51.66
CA TYR F 68 -3.45 20.56 51.66
C TYR F 68 -2.73 19.73 50.61
N ARG F 69 -2.91 18.41 50.74
CA ARG F 69 -2.62 17.44 49.68
C ARG F 69 -3.84 16.54 49.43
N PHE F 70 -4.07 16.17 48.18
CA PHE F 70 -5.13 15.20 47.95
C PHE F 70 -4.68 13.82 48.40
N GLU F 71 -5.63 12.93 48.60
CA GLU F 71 -5.40 11.70 49.33
C GLU F 71 -6.57 10.82 49.01
N HIS F 72 -6.38 9.52 49.05
CA HIS F 72 -7.53 8.63 48.85
C HIS F 72 -8.42 8.58 50.05
N VAL F 73 -9.63 9.12 49.94
CA VAL F 73 -10.58 8.91 51.02
C VAL F 73 -11.92 8.34 50.54
N GLY F 74 -12.41 7.31 51.24
CA GLY F 74 -13.64 6.66 50.84
C GLY F 74 -13.55 6.12 49.42
N LEU F 75 -14.56 6.41 48.61
CA LEU F 75 -14.59 5.89 47.25
C LEU F 75 -14.00 6.87 46.27
N GLY F 76 -13.35 7.89 46.80
CA GLY F 76 -12.75 8.85 45.92
C GLY F 76 -11.50 9.40 46.54
N LEU F 77 -11.30 10.68 46.27
CA LEU F 77 -10.26 11.42 46.96
C LEU F 77 -10.75 12.77 47.38
N ALA F 78 -10.29 13.17 48.56
CA ALA F 78 -10.55 14.51 49.03
C ALA F 78 -9.24 15.06 49.58
N ALA F 79 -9.23 16.35 49.92
CA ALA F 79 -8.00 16.99 50.41
C ALA F 79 -7.83 16.85 51.92
N ARG F 80 -6.58 16.71 52.35
CA ARG F 80 -6.24 16.60 53.77
C ARG F 80 -4.98 17.46 54.02
N PRO F 81 -4.81 18.00 55.24
CA PRO F 81 -3.77 18.99 55.62
C PRO F 81 -2.30 18.64 55.30
N TYR F 82 -1.46 19.63 54.98
CA TYR F 82 -0.01 19.42 54.91
C TYR F 82 0.85 20.47 55.64
N ALA F 83 0.56 21.74 55.41
CA ALA F 83 1.34 22.86 55.94
C ALA F 83 0.50 24.10 56.15
N TYR F 84 1.12 25.10 56.75
CA TYR F 84 0.44 26.37 56.95
C TYR F 84 1.44 27.54 56.92
N ALA F 85 0.93 28.72 56.60
CA ALA F 85 1.72 29.92 56.55
C ALA F 85 0.81 31.12 56.71
N TYR F 86 1.31 32.13 57.39
CA TYR F 86 0.62 33.40 57.42
C TYR F 86 1.05 34.18 56.19
N ALA F 87 0.13 34.98 55.67
CA ALA F 87 0.40 35.69 54.45
C ALA F 87 -0.49 36.91 54.35
N TRP F 88 -0.11 37.84 53.47
CA TRP F 88 -1.07 38.86 53.03
C TRP F 88 -1.50 38.55 51.60
N GLN F 89 -2.74 38.90 51.27
CA GLN F 89 -3.29 38.66 49.96
C GLN F 89 -3.73 39.99 49.37
N GLY F 90 -3.50 40.19 48.08
CA GLY F 90 -3.88 41.43 47.43
C GLY F 90 -5.07 41.28 46.50
N ASP F 91 -5.33 42.30 45.68
CA ASP F 91 -6.52 42.29 44.85
C ASP F 91 -6.39 41.54 43.50
N ASN F 92 -5.25 40.92 43.25
CA ASN F 92 -5.12 39.94 42.17
C ASN F 92 -5.24 38.54 42.74
N GLY F 93 -5.51 38.45 44.04
CA GLY F 93 -5.66 37.18 44.72
C GLY F 93 -4.35 36.52 45.13
N ILE F 94 -3.22 37.16 44.85
CA ILE F 94 -1.91 36.54 45.07
C ILE F 94 -1.57 36.42 46.58
N LEU F 95 -0.97 35.31 46.98
CA LEU F 95 -0.53 35.18 48.38
C LEU F 95 0.96 35.49 48.55
N HIS F 96 1.23 36.44 49.43
CA HIS F 96 2.60 36.80 49.82
C HIS F 96 2.87 36.22 51.20
N LEU F 97 3.67 35.15 51.25
CA LEU F 97 3.95 34.50 52.50
C LEU F 97 4.91 35.33 53.35
N TYR F 98 4.70 35.33 54.67
CA TYR F 98 5.62 35.99 55.58
C TYR F 98 6.78 35.08 55.98
N HIS F 99 6.66 33.79 55.68
CA HIS F 99 7.68 32.83 56.08
C HIS F 99 7.46 31.57 55.26
N ALA F 100 8.49 30.75 55.15
CA ALA F 100 8.31 29.45 54.50
C ALA F 100 7.28 28.67 55.30
N PRO F 101 6.38 27.95 54.60
CA PRO F 101 5.31 27.14 55.19
C PRO F 101 5.83 26.13 56.21
N VAL F 102 5.13 26.03 57.35
CA VAL F 102 5.47 25.06 58.38
C VAL F 102 4.79 23.73 58.06
N VAL F 103 5.59 22.70 57.82
CA VAL F 103 5.05 21.40 57.46
C VAL F 103 4.56 20.64 58.69
N LEU F 104 3.30 20.20 58.63
CA LEU F 104 2.62 19.62 59.78
C LEU F 104 2.93 18.14 59.99
N PRO G 2 13.82 -50.02 18.92
CA PRO G 2 13.88 -48.56 19.06
C PRO G 2 13.78 -47.87 17.71
N ILE G 3 13.18 -46.68 17.69
CA ILE G 3 13.03 -45.92 16.47
C ILE G 3 14.03 -44.78 16.51
N HIS G 4 14.92 -44.79 15.54
CA HIS G 4 15.95 -43.78 15.40
C HIS G 4 15.70 -42.91 14.18
N ILE G 5 15.67 -41.61 14.45
CA ILE G 5 15.48 -40.61 13.41
C ILE G 5 16.74 -39.78 13.27
N GLU G 6 17.24 -39.71 12.05
CA GLU G 6 18.44 -38.96 11.72
C GLU G 6 18.11 -37.56 11.20
N ARG G 7 19.02 -36.63 11.46
CA ARG G 7 18.91 -35.24 11.01
C ARG G 7 20.00 -34.98 9.97
N TYR G 8 19.59 -34.85 8.71
CA TYR G 8 20.51 -34.49 7.63
C TYR G 8 20.42 -33.01 7.28
N GLU G 9 21.55 -32.38 7.00
CA GLU G 9 21.62 -30.93 6.75
C GLU G 9 22.55 -30.54 5.60
N ILE G 10 22.14 -29.57 4.79
CA ILE G 10 23.00 -29.01 3.76
C ILE G 10 22.81 -27.50 3.62
N GLU G 11 23.93 -26.79 3.46
CA GLU G 11 23.91 -25.36 3.27
C GLU G 11 24.36 -24.99 1.85
N ALA G 12 23.67 -24.03 1.25
CA ALA G 12 24.12 -23.40 0.02
C ALA G 12 24.72 -22.05 0.37
N ARG G 13 26.00 -21.87 0.09
CA ARG G 13 26.69 -20.65 0.49
C ARG G 13 27.18 -19.80 -0.69
N ASP G 14 27.50 -18.54 -0.41
CA ASP G 14 28.19 -17.68 -1.38
C ASP G 14 29.61 -18.19 -1.55
N THR G 15 30.15 -18.07 -2.76
CA THR G 15 31.48 -18.59 -3.06
C THR G 15 32.21 -17.63 -4.01
N LYS G 16 33.54 -17.67 -4.03
CA LYS G 16 34.31 -16.79 -4.91
C LYS G 16 34.02 -17.10 -6.39
N LEU G 17 33.71 -18.37 -6.66
CA LEU G 17 33.29 -18.82 -7.98
C LEU G 17 31.82 -18.54 -8.29
N GLY G 18 31.07 -18.00 -7.33
CA GLY G 18 29.64 -17.81 -7.53
C GLY G 18 28.79 -18.71 -6.64
N PRO G 19 27.51 -18.34 -6.46
CA PRO G 19 26.64 -18.98 -5.45
C PRO G 19 26.33 -20.48 -5.67
N GLU G 20 26.35 -21.24 -4.59
CA GLU G 20 25.77 -22.57 -4.56
C GLU G 20 24.27 -22.38 -4.48
N ARG G 21 23.51 -23.33 -5.03
CA ARG G 21 22.05 -23.22 -5.01
C ARG G 21 21.35 -24.54 -4.75
N ILE G 22 20.34 -24.51 -3.86
CA ILE G 22 19.47 -25.67 -3.67
C ILE G 22 18.50 -25.68 -4.84
N THR G 23 18.41 -26.83 -5.51
CA THR G 23 17.60 -26.91 -6.70
C THR G 23 17.41 -28.35 -7.16
N ARG G 24 16.39 -28.55 -8.00
CA ARG G 24 16.14 -29.84 -8.62
C ARG G 24 16.74 -29.90 -10.02
N ASP G 25 17.40 -28.82 -10.45
CA ASP G 25 17.94 -28.77 -11.81
C ASP G 25 19.41 -29.16 -11.87
N ILE G 26 19.65 -30.47 -11.80
CA ILE G 26 20.98 -31.03 -11.59
C ILE G 26 21.42 -31.86 -12.78
N PRO G 27 22.63 -31.59 -13.30
CA PRO G 27 23.11 -32.26 -14.53
C PRO G 27 23.51 -33.71 -14.28
N HIS G 28 23.50 -34.54 -15.33
CA HIS G 28 24.00 -35.91 -15.25
C HIS G 28 23.22 -36.89 -14.35
N LEU G 29 22.00 -36.54 -14.01
CA LEU G 29 21.17 -37.41 -13.18
C LEU G 29 20.02 -37.99 -13.96
N SER G 30 19.79 -39.29 -13.81
CA SER G 30 18.67 -39.96 -14.47
C SER G 30 17.34 -39.48 -13.90
N GLU G 31 16.26 -39.66 -14.66
CA GLU G 31 14.91 -39.40 -14.15
C GLU G 31 14.64 -40.13 -12.84
N ALA G 32 15.05 -41.39 -12.75
CA ALA G 32 14.84 -42.19 -11.56
C ALA G 32 15.48 -41.54 -10.36
N ALA G 33 16.69 -40.98 -10.54
CA ALA G 33 17.41 -40.37 -9.43
C ALA G 33 16.70 -39.12 -8.94
N LEU G 34 15.98 -38.46 -9.85
CA LEU G 34 15.25 -37.24 -9.50
C LEU G 34 13.80 -37.51 -9.07
N ARG G 35 13.37 -38.77 -9.16
CA ARG G 35 11.96 -39.12 -9.00
C ARG G 35 11.25 -38.60 -7.73
N ASP G 36 11.91 -38.69 -6.57
CA ASP G 36 11.25 -38.33 -5.31
C ASP G 36 11.45 -36.89 -4.85
N LEU G 37 12.07 -36.08 -5.69
CA LEU G 37 12.39 -34.69 -5.34
C LEU G 37 11.23 -33.76 -5.67
N ASP G 38 10.86 -32.88 -4.74
CA ASP G 38 9.90 -31.83 -5.08
C ASP G 38 10.52 -30.84 -6.09
N GLU G 39 9.75 -29.81 -6.47
CA GLU G 39 10.21 -28.89 -7.52
C GLU G 39 11.37 -28.01 -7.07
N GLU G 40 11.63 -28.00 -5.76
CA GLU G 40 12.75 -27.24 -5.22
C GLU G 40 14.00 -28.09 -5.16
N GLY G 41 13.84 -29.39 -5.41
CA GLY G 41 14.95 -30.32 -5.27
C GLY G 41 15.02 -30.93 -3.88
N VAL G 42 14.04 -30.66 -3.04
CA VAL G 42 14.01 -31.27 -1.71
C VAL G 42 13.16 -32.54 -1.72
N VAL G 43 13.71 -33.62 -1.18
CA VAL G 43 13.04 -34.91 -1.20
C VAL G 43 11.67 -34.83 -0.51
N ARG G 44 10.69 -35.53 -1.07
CA ARG G 44 9.30 -35.44 -0.61
C ARG G 44 9.09 -36.24 0.68
N ILE G 45 8.24 -35.72 1.56
CA ILE G 45 7.81 -36.47 2.74
C ILE G 45 7.18 -37.81 2.34
N GLY G 46 7.56 -38.88 3.03
CA GLY G 46 6.96 -40.18 2.78
C GLY G 46 7.81 -41.05 1.88
N ALA G 47 8.88 -40.47 1.35
CA ALA G 47 9.73 -41.20 0.41
C ALA G 47 10.66 -42.18 1.11
N GLU G 48 10.99 -43.27 0.42
CA GLU G 48 11.95 -44.22 0.96
C GLU G 48 13.31 -43.90 0.33
N VAL G 49 14.28 -43.57 1.17
CA VAL G 49 15.62 -43.24 0.72
C VAL G 49 16.63 -44.33 1.13
N LYS G 50 17.53 -44.64 0.22
CA LYS G 50 18.56 -45.67 0.42
C LYS G 50 19.92 -45.06 0.09
N PRO G 51 21.02 -45.66 0.61
CA PRO G 51 22.37 -45.10 0.42
C PRO G 51 22.66 -44.67 -1.03
N GLY G 52 23.14 -43.44 -1.19
CA GLY G 52 23.37 -42.87 -2.50
C GLY G 52 22.19 -42.06 -3.04
N ASP G 53 21.03 -42.18 -2.43
CA ASP G 53 19.88 -41.40 -2.88
C ASP G 53 19.97 -39.96 -2.41
N ILE G 54 19.47 -39.06 -3.25
CA ILE G 54 19.41 -37.63 -2.96
C ILE G 54 18.33 -37.22 -1.95
N LEU G 55 18.75 -36.45 -0.95
CA LEU G 55 17.83 -35.84 0.00
C LEU G 55 17.55 -34.40 -0.41
N VAL G 56 18.59 -33.69 -0.81
CA VAL G 56 18.49 -32.29 -1.19
C VAL G 56 19.41 -32.00 -2.39
N GLY G 57 18.81 -31.59 -3.51
CA GLY G 57 19.59 -31.24 -4.68
C GLY G 57 20.40 -29.96 -4.48
N ARG G 58 21.65 -29.98 -4.92
CA ARG G 58 22.49 -28.77 -4.88
C ARG G 58 23.45 -28.71 -6.07
N THR G 59 23.63 -27.52 -6.62
CA THR G 59 24.65 -27.34 -7.64
C THR G 59 25.63 -26.23 -7.27
N SER G 60 26.85 -26.38 -7.77
CA SER G 60 27.89 -25.40 -7.49
C SER G 60 28.56 -25.02 -8.79
N PHE G 61 29.02 -23.79 -8.85
CA PHE G 61 29.75 -23.35 -10.04
C PHE G 61 31.13 -24.00 -10.13
N LYS G 62 31.38 -24.63 -11.28
CA LYS G 62 32.72 -25.06 -11.66
C LYS G 62 33.43 -23.81 -12.16
N GLY G 63 34.72 -23.67 -11.89
CA GLY G 63 35.40 -22.43 -12.18
C GLY G 63 36.87 -22.56 -12.43
N GLU G 64 37.47 -21.50 -12.97
CA GLU G 64 38.92 -21.39 -13.23
C GLU G 64 39.31 -21.98 -14.58
N SER G 65 38.35 -22.08 -15.49
CA SER G 65 38.66 -22.61 -16.81
C SER G 65 38.88 -21.47 -17.80
N GLU G 66 40.12 -21.25 -18.22
CA GLU G 66 40.42 -20.18 -19.18
C GLU G 66 39.60 -20.42 -20.44
N PRO G 67 39.00 -19.35 -20.98
CA PRO G 67 38.20 -19.52 -22.20
C PRO G 67 39.05 -20.08 -23.35
N THR G 68 38.67 -21.27 -23.84
CA THR G 68 39.36 -21.91 -24.97
C THR G 68 39.19 -21.01 -26.19
N PRO G 69 40.01 -21.23 -27.23
CA PRO G 69 39.95 -20.31 -28.37
C PRO G 69 38.67 -20.44 -29.21
N GLU G 70 38.30 -21.68 -29.50
CA GLU G 70 37.05 -21.96 -30.20
C GLU G 70 35.85 -21.39 -29.43
N GLU G 71 35.84 -21.56 -28.11
CA GLU G 71 34.74 -21.07 -27.28
C GLU G 71 34.71 -19.53 -27.13
N ARG G 72 35.66 -18.84 -27.77
CA ARG G 72 35.69 -17.37 -27.78
C ARG G 72 35.27 -16.81 -29.13
N LEU G 73 35.32 -17.66 -30.16
CA LEU G 73 34.69 -17.35 -31.42
C LEU G 73 33.23 -17.22 -31.09
N LEU G 74 32.62 -18.37 -30.82
CA LEU G 74 31.22 -18.52 -30.38
C LEU G 74 30.69 -17.38 -29.50
N ARG G 75 31.46 -17.00 -28.48
CA ARG G 75 31.06 -15.92 -27.57
C ARG G 75 30.67 -14.68 -28.37
N SER G 76 31.47 -14.36 -29.36
CA SER G 76 31.26 -13.18 -30.20
C SER G 76 30.10 -13.31 -31.19
N ILE G 77 29.95 -14.51 -31.75
CA ILE G 77 28.86 -14.83 -32.66
C ILE G 77 27.51 -15.00 -31.94
N PHE G 78 27.40 -16.04 -31.12
CA PHE G 78 26.13 -16.34 -30.45
C PHE G 78 25.80 -15.48 -29.23
N GLY G 79 26.34 -15.81 -28.07
CA GLY G 79 26.02 -15.05 -26.86
C GLY G 79 27.08 -15.03 -25.76
N GLU G 80 26.66 -14.67 -24.55
CA GLU G 80 27.53 -14.78 -23.38
C GLU G 80 27.55 -16.22 -22.88
N LYS G 81 28.74 -16.80 -22.87
CA LYS G 81 28.95 -18.19 -22.50
C LYS G 81 28.38 -18.52 -21.13
N ALA G 82 27.86 -19.73 -20.98
CA ALA G 82 27.27 -20.12 -19.69
C ALA G 82 28.23 -20.95 -18.84
N ARG G 83 28.51 -20.47 -17.62
CA ARG G 83 29.34 -21.22 -16.66
C ARG G 83 28.63 -22.50 -16.26
N ASP G 84 29.30 -23.62 -16.47
CA ASP G 84 28.70 -24.88 -16.07
C ASP G 84 28.66 -24.97 -14.56
N VAL G 85 27.99 -26.01 -14.08
CA VAL G 85 27.85 -26.27 -12.65
C VAL G 85 27.95 -27.76 -12.40
N LYS G 86 28.09 -28.14 -11.15
CA LYS G 86 28.31 -29.53 -10.83
C LYS G 86 27.34 -30.04 -9.77
N ASP G 87 27.03 -31.33 -9.82
CA ASP G 87 26.19 -31.91 -8.79
C ASP G 87 26.91 -31.89 -7.45
N THR G 88 26.47 -31.07 -6.53
CA THR G 88 27.01 -31.18 -5.19
C THR G 88 25.94 -31.51 -4.15
N SER G 89 25.08 -32.46 -4.51
CA SER G 89 23.87 -32.74 -3.74
C SER G 89 24.11 -33.48 -2.42
N LEU G 90 23.16 -33.32 -1.50
CA LEU G 90 23.16 -34.08 -0.24
C LEU G 90 22.62 -35.48 -0.51
N ARG G 91 23.47 -36.49 -0.30
CA ARG G 91 23.08 -37.88 -0.54
C ARG G 91 23.04 -38.69 0.76
N VAL G 92 22.20 -39.72 0.79
CA VAL G 92 22.15 -40.63 1.93
C VAL G 92 23.47 -41.38 2.04
N PRO G 93 24.11 -41.33 3.23
CA PRO G 93 25.38 -41.99 3.52
C PRO G 93 25.27 -43.51 3.52
N PRO G 94 26.39 -44.19 3.25
CA PRO G 94 26.48 -45.66 3.32
C PRO G 94 25.98 -46.19 4.66
N GLY G 95 25.16 -47.24 4.60
CA GLY G 95 24.69 -47.91 5.79
C GLY G 95 23.52 -47.22 6.47
N GLU G 96 22.94 -46.22 5.81
CA GLU G 96 21.80 -45.51 6.40
C GLU G 96 20.61 -45.49 5.44
N GLY G 97 19.51 -44.88 5.86
CA GLY G 97 18.30 -44.86 5.05
C GLY G 97 17.04 -45.09 5.87
N GLY G 98 15.89 -45.01 5.20
CA GLY G 98 14.62 -45.10 5.88
C GLY G 98 13.56 -44.27 5.18
N ILE G 99 12.64 -43.69 5.96
CA ILE G 99 11.53 -42.93 5.42
C ILE G 99 11.64 -41.45 5.82
N VAL G 100 11.50 -40.55 4.85
CA VAL G 100 11.52 -39.11 5.13
C VAL G 100 10.27 -38.71 5.91
N VAL G 101 10.45 -38.07 7.08
CA VAL G 101 9.31 -37.72 7.92
C VAL G 101 9.08 -36.22 8.09
N ARG G 102 10.12 -35.44 7.81
CA ARG G 102 9.97 -34.01 7.84
C ARG G 102 11.07 -33.35 7.03
N THR G 103 10.79 -32.14 6.57
CA THR G 103 11.84 -31.29 6.01
C THR G 103 11.70 -29.90 6.57
N VAL G 104 12.81 -29.17 6.59
CA VAL G 104 12.82 -27.78 7.03
C VAL G 104 13.70 -27.03 6.05
N ARG G 105 13.21 -25.89 5.56
CA ARG G 105 14.02 -25.09 4.65
C ARG G 105 13.97 -23.64 5.07
N LEU G 106 15.16 -23.04 5.20
CA LEU G 106 15.29 -21.64 5.61
C LEU G 106 16.09 -20.85 4.57
N ARG G 107 15.73 -19.59 4.42
CA ARG G 107 16.36 -18.72 3.46
C ARG G 107 16.96 -17.47 4.08
N ARG G 108 18.18 -17.12 3.71
CA ARG G 108 18.76 -15.87 4.22
C ARG G 108 17.92 -14.66 3.84
N GLY G 109 17.55 -13.87 4.85
CA GLY G 109 16.87 -12.61 4.59
C GLY G 109 15.37 -12.68 4.84
N ASP G 110 14.88 -13.90 5.07
CA ASP G 110 13.51 -14.09 5.53
C ASP G 110 13.38 -13.53 6.94
N PRO G 111 12.15 -13.14 7.34
CA PRO G 111 11.93 -12.56 8.67
C PRO G 111 12.26 -13.52 9.82
N GLY G 112 13.16 -13.11 10.70
CA GLY G 112 13.49 -13.88 11.88
C GLY G 112 14.59 -14.91 11.69
N VAL G 113 14.99 -15.12 10.43
CA VAL G 113 15.98 -16.12 10.08
C VAL G 113 17.41 -15.61 10.21
N GLU G 114 18.25 -16.38 10.91
CA GLU G 114 19.65 -16.00 11.09
C GLU G 114 20.57 -17.18 10.74
N LEU G 115 21.21 -17.10 9.59
CA LEU G 115 22.08 -18.19 9.16
C LEU G 115 23.55 -17.80 9.36
N LYS G 116 24.43 -18.80 9.34
CA LYS G 116 25.88 -18.54 9.36
C LYS G 116 26.31 -17.54 8.28
N PRO G 117 27.38 -16.78 8.55
CA PRO G 117 27.96 -15.89 7.54
C PRO G 117 28.31 -16.65 6.26
N GLY G 118 27.78 -16.17 5.13
CA GLY G 118 28.04 -16.79 3.84
C GLY G 118 26.91 -17.66 3.32
N VAL G 119 26.06 -18.15 4.22
CA VAL G 119 25.00 -19.10 3.87
C VAL G 119 23.78 -18.40 3.26
N ARG G 120 23.35 -18.85 2.09
CA ARG G 120 22.19 -18.25 1.43
C ARG G 120 20.91 -18.98 1.85
N GLU G 121 21.03 -20.29 2.05
CA GLU G 121 19.89 -21.13 2.42
C GLU G 121 20.36 -22.43 3.07
N VAL G 122 19.48 -23.01 3.89
CA VAL G 122 19.76 -24.27 4.55
C VAL G 122 18.53 -25.15 4.57
N VAL G 123 18.73 -26.44 4.32
CA VAL G 123 17.65 -27.41 4.32
C VAL G 123 18.01 -28.57 5.22
N ARG G 124 17.04 -29.00 6.02
CA ARG G 124 17.19 -30.17 6.89
C ARG G 124 16.14 -31.25 6.59
N VAL G 125 16.60 -32.51 6.47
CA VAL G 125 15.73 -33.65 6.19
C VAL G 125 15.80 -34.65 7.36
N TYR G 126 14.64 -35.06 7.86
CA TYR G 126 14.58 -36.04 8.95
C TYR G 126 14.11 -37.40 8.40
N VAL G 127 14.89 -38.44 8.69
CA VAL G 127 14.58 -39.76 8.20
C VAL G 127 14.46 -40.76 9.34
N ALA G 128 13.36 -41.50 9.34
CA ALA G 128 13.15 -42.56 10.31
C ALA G 128 13.74 -43.84 9.76
N GLN G 129 14.83 -44.24 10.42
CA GLN G 129 15.57 -45.47 10.17
C GLN G 129 15.69 -46.14 11.54
N LYS G 130 15.39 -47.42 11.59
CA LYS G 130 15.39 -48.19 12.83
C LYS G 130 16.69 -48.97 12.99
N VAL H 3 3.01 -35.96 -27.00
CA VAL H 3 2.96 -34.86 -26.03
C VAL H 3 2.26 -35.18 -24.69
N GLU H 4 1.06 -35.74 -24.75
CA GLU H 4 0.29 -36.01 -23.53
C GLU H 4 0.99 -36.86 -22.44
N PRO H 5 1.71 -37.93 -22.82
CA PRO H 5 2.40 -38.68 -21.77
C PRO H 5 3.50 -37.84 -21.08
N TYR H 6 4.01 -36.82 -21.78
CA TYR H 6 5.01 -35.93 -21.19
C TYR H 6 4.40 -34.89 -20.26
N ILE H 7 3.17 -34.48 -20.55
CA ILE H 7 2.40 -33.68 -19.61
C ILE H 7 2.17 -34.50 -18.33
N ARG H 8 1.94 -35.79 -18.52
CA ARG H 8 1.71 -36.69 -17.39
C ARG H 8 2.95 -36.78 -16.49
N LEU H 9 4.10 -37.10 -17.08
CA LEU H 9 5.36 -37.16 -16.33
C LEU H 9 5.67 -35.84 -15.62
N PHE H 10 5.53 -34.74 -16.35
CA PHE H 10 5.82 -33.43 -15.79
C PHE H 10 4.94 -33.08 -14.60
N GLU H 11 3.64 -33.32 -14.72
CA GLU H 11 2.70 -32.89 -13.69
C GLU H 11 2.80 -33.74 -12.42
N ALA H 12 3.39 -34.92 -12.57
CA ALA H 12 3.71 -35.78 -11.45
C ALA H 12 4.91 -35.30 -10.62
N ILE H 13 5.62 -34.27 -11.07
CA ILE H 13 6.64 -33.68 -10.20
C ILE H 13 5.96 -33.06 -8.99
N PRO H 14 6.36 -33.47 -7.78
CA PRO H 14 5.66 -32.95 -6.60
C PRO H 14 5.84 -31.43 -6.47
N ASP H 15 4.78 -30.74 -6.06
CA ASP H 15 4.75 -29.28 -5.95
C ASP H 15 5.35 -28.78 -4.64
N ALA H 16 5.67 -27.49 -4.61
CA ALA H 16 6.21 -26.85 -3.43
C ALA H 16 5.95 -25.36 -3.47
N GLU H 17 5.57 -24.77 -2.33
CA GLU H 17 5.44 -23.32 -2.25
C GLU H 17 6.80 -22.65 -2.30
N THR H 18 7.08 -21.99 -3.41
CA THR H 18 8.30 -21.18 -3.60
C THR H 18 8.01 -20.06 -4.56
N GLU H 19 9.00 -19.17 -4.70
CA GLU H 19 8.97 -18.14 -5.72
C GLU H 19 8.97 -18.77 -7.10
N LEU H 20 8.36 -18.08 -8.06
CA LEU H 20 8.44 -18.47 -9.46
C LEU H 20 9.84 -18.18 -9.97
N ALA H 21 10.43 -19.14 -10.68
CA ALA H 21 11.71 -18.86 -11.33
C ALA H 21 11.48 -18.13 -12.65
N THR H 22 12.50 -17.41 -13.12
CA THR H 22 12.51 -16.90 -14.49
C THR H 22 13.35 -17.86 -15.35
N PHE H 23 12.71 -18.50 -16.32
CA PHE H 23 13.41 -19.50 -17.13
C PHE H 23 14.23 -18.90 -18.25
N TYR H 24 15.24 -19.66 -18.68
CA TYR H 24 16.10 -19.25 -19.76
C TYR H 24 15.47 -19.59 -21.10
N ASP H 25 14.99 -18.57 -21.80
CA ASP H 25 14.41 -18.70 -23.13
C ASP H 25 15.46 -18.78 -24.22
N ALA H 26 16.11 -19.93 -24.34
CA ALA H 26 17.15 -20.13 -25.35
C ALA H 26 16.60 -19.99 -26.79
N ASP H 27 17.47 -19.54 -27.70
CA ASP H 27 17.03 -19.18 -29.03
C ASP H 27 18.13 -19.44 -30.05
N LEU H 28 17.82 -19.24 -31.33
CA LEU H 28 18.81 -19.37 -32.39
C LEU H 28 19.95 -18.38 -32.19
N ASP H 29 19.65 -17.26 -31.55
CA ASP H 29 20.65 -16.27 -31.18
C ASP H 29 21.63 -16.76 -30.13
N THR H 30 21.14 -17.54 -29.17
CA THR H 30 21.85 -17.82 -27.92
C THR H 30 22.45 -19.24 -27.87
N LEU H 31 23.39 -19.44 -26.95
CA LEU H 31 23.93 -20.77 -26.70
C LEU H 31 22.84 -21.64 -26.16
N PRO H 32 22.67 -22.84 -26.73
CA PRO H 32 21.75 -23.78 -26.12
C PRO H 32 22.28 -24.17 -24.74
N PRO H 33 21.38 -24.49 -23.81
CA PRO H 33 21.84 -24.92 -22.49
C PRO H 33 22.24 -26.41 -22.54
N ARG H 34 22.93 -26.89 -21.52
CA ARG H 34 23.26 -28.31 -21.45
C ARG H 34 21.98 -29.13 -21.50
N MET H 35 22.04 -30.22 -22.25
CA MET H 35 20.89 -31.10 -22.40
C MET H 35 21.30 -32.49 -21.96
N PHE H 36 20.40 -33.17 -21.27
CA PHE H 36 20.67 -34.53 -20.86
C PHE H 36 19.54 -35.48 -21.24
N LEU H 37 19.91 -36.68 -21.70
CA LEU H 37 18.96 -37.77 -21.96
C LEU H 37 18.46 -38.33 -20.64
N PRO H 38 17.35 -39.10 -20.66
CA PRO H 38 16.81 -39.70 -19.42
C PRO H 38 17.80 -40.62 -18.70
N SER H 39 18.85 -41.06 -19.37
CA SER H 39 19.85 -41.92 -18.72
C SER H 39 20.85 -41.09 -17.92
N GLY H 40 20.85 -39.79 -18.15
CA GLY H 40 21.83 -38.92 -17.52
C GLY H 40 22.96 -38.55 -18.46
N ASP H 41 23.01 -39.20 -19.61
CA ASP H 41 24.01 -38.89 -20.61
C ASP H 41 23.83 -37.49 -21.21
N LEU H 42 24.95 -36.81 -21.41
CA LEU H 42 24.98 -35.51 -22.07
C LEU H 42 24.52 -35.69 -23.51
N TYR H 43 23.63 -34.81 -23.96
CA TYR H 43 23.25 -34.78 -25.37
C TYR H 43 23.81 -33.51 -26.02
N THR H 44 24.67 -33.67 -27.02
CA THR H 44 25.26 -32.50 -27.66
C THR H 44 24.55 -32.18 -28.97
N PRO H 45 23.84 -31.04 -29.01
CA PRO H 45 23.08 -30.68 -30.23
C PRO H 45 24.03 -30.23 -31.35
N PRO H 46 23.62 -30.35 -32.62
CA PRO H 46 24.49 -29.92 -33.73
C PRO H 46 24.28 -28.43 -34.06
N GLY H 47 23.43 -27.77 -33.28
CA GLY H 47 23.19 -26.36 -33.44
C GLY H 47 22.39 -25.84 -32.26
N PRO H 48 21.85 -24.63 -32.37
CA PRO H 48 21.07 -24.00 -31.30
C PRO H 48 19.67 -24.59 -31.19
N VAL H 49 18.97 -24.22 -30.11
CA VAL H 49 17.61 -24.69 -29.94
C VAL H 49 16.64 -23.53 -29.72
N ARG H 50 15.35 -23.86 -29.84
CA ARG H 50 14.25 -22.94 -29.55
C ARG H 50 13.29 -23.68 -28.63
N LEU H 51 12.72 -23.00 -27.64
CA LEU H 51 11.86 -23.66 -26.68
C LEU H 51 10.42 -23.19 -26.82
N GLU H 52 9.50 -24.12 -26.62
CA GLU H 52 8.08 -23.78 -26.53
C GLU H 52 7.53 -24.33 -25.22
N GLU H 53 7.14 -23.42 -24.34
CA GLU H 53 6.60 -23.80 -23.05
C GLU H 53 5.22 -24.44 -23.20
N ILE H 54 5.03 -25.58 -22.54
CA ILE H 54 3.75 -26.26 -22.58
C ILE H 54 3.01 -26.11 -21.27
N LYS H 55 3.71 -26.39 -20.16
CA LYS H 55 3.16 -26.22 -18.84
C LYS H 55 4.27 -25.66 -17.95
N ARG H 56 3.85 -25.04 -16.85
CA ARG H 56 4.76 -24.46 -15.87
C ARG H 56 4.43 -24.81 -14.41
N LYS H 57 5.53 -24.91 -13.66
CA LYS H 57 5.57 -25.16 -12.23
C LYS H 57 6.49 -24.04 -11.73
N ARG H 58 6.50 -23.78 -10.43
CA ARG H 58 7.24 -22.65 -9.90
C ARG H 58 8.74 -22.69 -10.20
N ARG H 59 9.34 -23.86 -10.12
CA ARG H 59 10.78 -23.99 -10.39
C ARG H 59 11.15 -24.81 -11.64
N VAL H 60 10.17 -25.48 -12.23
CA VAL H 60 10.39 -26.29 -13.42
C VAL H 60 9.28 -25.99 -14.42
N ARG H 61 9.58 -26.17 -15.70
CA ARG H 61 8.56 -26.06 -16.73
C ARG H 61 8.76 -27.20 -17.72
N LEU H 62 7.69 -27.49 -18.46
CA LEU H 62 7.72 -28.46 -19.56
C LEU H 62 7.87 -27.69 -20.87
N VAL H 63 8.80 -28.14 -21.72
CA VAL H 63 8.99 -27.46 -22.99
C VAL H 63 9.09 -28.45 -24.12
N LYS H 64 8.75 -27.97 -25.32
CA LYS H 64 9.07 -28.67 -26.54
C LYS H 64 10.38 -28.04 -27.04
N VAL H 65 11.41 -28.87 -27.22
CA VAL H 65 12.69 -28.35 -27.64
C VAL H 65 12.90 -28.59 -29.13
N SER H 66 13.05 -27.52 -29.90
CA SER H 66 13.33 -27.64 -31.33
C SER H 66 14.82 -27.49 -31.59
N ILE H 67 15.42 -28.51 -32.20
CA ILE H 67 16.86 -28.57 -32.38
C ILE H 67 17.26 -28.23 -33.81
N TYR H 68 18.04 -27.18 -33.97
CA TYR H 68 18.40 -26.70 -35.31
C TYR H 68 19.84 -27.03 -35.69
N ARG H 69 20.11 -26.98 -36.98
CA ARG H 69 21.44 -27.12 -37.53
C ARG H 69 21.75 -25.72 -38.01
N PHE H 70 23.00 -25.41 -38.28
CA PHE H 70 23.27 -24.14 -38.95
C PHE H 70 23.55 -24.38 -40.43
N GLU H 71 23.26 -23.39 -41.27
CA GLU H 71 23.40 -23.59 -42.70
C GLU H 71 23.67 -22.30 -43.47
N HIS H 72 23.84 -22.42 -44.78
CA HIS H 72 23.93 -21.22 -45.58
C HIS H 72 22.59 -20.94 -46.19
N VAL H 73 22.05 -19.78 -45.81
CA VAL H 73 20.84 -19.27 -46.40
C VAL H 73 21.20 -17.85 -46.84
N GLY H 74 20.65 -17.39 -47.96
CA GLY H 74 20.92 -16.02 -48.37
C GLY H 74 22.39 -15.61 -48.45
N LEU H 75 22.69 -14.43 -47.92
CA LEU H 75 24.03 -13.87 -47.95
C LEU H 75 24.77 -14.11 -46.62
N GLY H 76 24.44 -15.23 -45.97
CA GLY H 76 25.04 -15.58 -44.68
C GLY H 76 24.51 -16.89 -44.09
N LEU H 77 24.43 -16.96 -42.76
CA LEU H 77 23.94 -18.19 -42.14
C LEU H 77 22.79 -17.93 -41.20
N ALA H 78 22.01 -18.99 -40.98
CA ALA H 78 20.84 -18.94 -40.13
C ALA H 78 20.41 -20.37 -39.91
N ALA H 79 19.74 -20.65 -38.79
CA ALA H 79 19.44 -22.04 -38.41
C ALA H 79 18.35 -22.70 -39.25
N ARG H 80 18.13 -23.99 -39.06
CA ARG H 80 17.09 -24.73 -39.76
C ARG H 80 16.85 -26.01 -38.97
N PRO H 81 15.61 -26.50 -38.91
CA PRO H 81 15.21 -27.69 -38.12
C PRO H 81 16.08 -28.95 -38.25
N TYR H 82 16.34 -29.72 -37.18
CA TYR H 82 17.05 -30.98 -37.24
C TYR H 82 16.34 -32.07 -36.42
N ALA H 83 15.82 -31.68 -35.27
CA ALA H 83 15.18 -32.64 -34.37
C ALA H 83 14.33 -31.96 -33.31
N TYR H 84 13.63 -32.78 -32.55
CA TYR H 84 12.82 -32.27 -31.46
C TYR H 84 12.73 -33.28 -30.31
N ALA H 85 12.47 -32.75 -29.12
CA ALA H 85 12.33 -33.56 -27.93
C ALA H 85 11.51 -32.79 -26.91
N TYR H 86 10.71 -33.52 -26.17
CA TYR H 86 10.04 -32.95 -25.03
C TYR H 86 10.99 -33.04 -23.85
N ALA H 87 10.92 -32.05 -22.98
CA ALA H 87 11.85 -32.00 -21.87
C ALA H 87 11.26 -31.18 -20.74
N TRP H 88 11.84 -31.33 -19.54
CA TRP H 88 11.61 -30.35 -18.48
C TRP H 88 12.86 -29.50 -18.30
N GLN H 89 12.67 -28.25 -17.94
CA GLN H 89 13.76 -27.32 -17.74
C GLN H 89 13.70 -26.81 -16.31
N GLY H 90 14.86 -26.66 -15.66
CA GLY H 90 14.90 -26.17 -14.31
C GLY H 90 15.44 -24.76 -14.18
N ASP H 91 15.74 -24.33 -12.96
CA ASP H 91 16.15 -22.95 -12.74
C ASP H 91 17.63 -22.64 -12.98
N ASN H 92 18.41 -23.63 -13.41
CA ASN H 92 19.75 -23.39 -13.96
C ASN H 92 19.69 -23.36 -15.48
N GLY H 93 18.48 -23.47 -16.01
CA GLY H 93 18.26 -23.47 -17.45
C GLY H 93 18.50 -24.79 -18.15
N ILE H 94 18.86 -25.82 -17.39
CA ILE H 94 19.25 -27.11 -17.97
C ILE H 94 18.05 -27.86 -18.58
N LEU H 95 18.24 -28.50 -19.74
CA LEU H 95 17.16 -29.32 -20.31
C LEU H 95 17.34 -30.80 -20.01
N HIS H 96 16.31 -31.37 -19.40
CA HIS H 96 16.24 -32.81 -19.13
C HIS H 96 15.28 -33.44 -20.14
N LEU H 97 15.84 -34.15 -21.11
CA LEU H 97 15.03 -34.76 -22.14
C LEU H 97 14.26 -35.97 -21.59
N TYR H 98 13.02 -36.14 -22.06
CA TYR H 98 12.25 -37.33 -21.70
C TYR H 98 12.54 -38.50 -22.63
N HIS H 99 13.21 -38.23 -23.75
CA HIS H 99 13.48 -39.27 -24.73
C HIS H 99 14.58 -38.75 -25.65
N ALA H 100 15.27 -39.66 -26.33
CA ALA H 100 16.24 -39.23 -27.33
C ALA H 100 15.49 -38.43 -28.38
N PRO H 101 16.11 -37.35 -28.87
CA PRO H 101 15.54 -36.44 -29.89
C PRO H 101 15.12 -37.18 -31.16
N VAL H 102 13.95 -36.84 -31.68
CA VAL H 102 13.46 -37.41 -32.92
C VAL H 102 13.99 -36.59 -34.10
N VAL H 103 14.81 -37.23 -34.94
CA VAL H 103 15.41 -36.55 -36.06
C VAL H 103 14.42 -36.39 -37.23
N LEU H 104 14.26 -35.16 -37.69
CA LEU H 104 13.23 -34.80 -38.66
C LEU H 104 13.65 -35.08 -40.11
N PRO I 2 81.29 -18.33 -92.09
CA PRO I 2 81.92 -18.46 -90.77
C PRO I 2 80.91 -18.24 -89.64
N ILE I 3 81.40 -17.98 -88.43
CA ILE I 3 80.53 -17.76 -87.28
C ILE I 3 80.13 -16.29 -87.18
N HIS I 4 78.82 -16.04 -87.26
CA HIS I 4 78.30 -14.69 -87.17
C HIS I 4 77.42 -14.58 -85.91
N ILE I 5 77.86 -13.77 -84.96
CA ILE I 5 77.12 -13.59 -83.72
C ILE I 5 76.46 -12.20 -83.62
N GLU I 6 75.13 -12.19 -83.57
CA GLU I 6 74.41 -10.93 -83.48
C GLU I 6 74.12 -10.54 -82.03
N ARG I 7 74.08 -9.24 -81.78
CA ARG I 7 73.71 -8.75 -80.48
C ARG I 7 72.38 -8.04 -80.62
N TYR I 8 71.39 -8.58 -79.94
CA TYR I 8 70.06 -7.98 -79.84
C TYR I 8 69.83 -7.32 -78.47
N GLU I 9 69.17 -6.17 -78.47
CA GLU I 9 68.99 -5.38 -77.24
C GLU I 9 67.59 -4.76 -77.11
N ILE I 10 67.03 -4.78 -75.90
CA ILE I 10 65.77 -4.08 -75.62
C ILE I 10 65.79 -3.42 -74.24
N GLU I 11 65.26 -2.21 -74.18
CA GLU I 11 65.15 -1.46 -72.94
C GLU I 11 63.68 -1.32 -72.52
N ALA I 12 63.43 -1.49 -71.22
CA ALA I 12 62.14 -1.15 -70.64
C ALA I 12 62.32 0.19 -69.90
N ARG I 13 61.59 1.19 -70.34
CA ARG I 13 61.76 2.53 -69.77
C ARG I 13 60.52 3.06 -69.03
N ASP I 14 60.71 4.10 -68.21
CA ASP I 14 59.59 4.82 -67.62
C ASP I 14 58.87 5.60 -68.72
N THR I 15 57.56 5.74 -68.59
CA THR I 15 56.77 6.40 -69.63
C THR I 15 55.65 7.24 -68.97
N LYS I 16 55.14 8.24 -69.68
CA LYS I 16 54.07 9.07 -69.12
C LYS I 16 52.80 8.25 -68.87
N LEU I 17 52.60 7.23 -69.69
CA LEU I 17 51.51 6.27 -69.53
C LEU I 17 51.79 5.20 -68.48
N GLY I 18 52.98 5.20 -67.89
CA GLY I 18 53.34 4.12 -66.97
C GLY I 18 54.45 3.21 -67.50
N PRO I 19 55.11 2.47 -66.59
CA PRO I 19 56.33 1.73 -66.93
C PRO I 19 56.17 0.58 -67.95
N GLU I 20 57.14 0.48 -68.86
CA GLU I 20 57.32 -0.70 -69.67
C GLU I 20 57.96 -1.75 -68.77
N ARG I 21 57.70 -3.02 -69.05
CA ARG I 21 58.26 -4.09 -68.22
C ARG I 21 58.70 -5.30 -69.02
N ILE I 22 59.90 -5.81 -68.70
CA ILE I 22 60.37 -7.08 -69.27
C ILE I 22 59.63 -8.18 -68.50
N THR I 23 58.99 -9.08 -69.24
CA THR I 23 58.19 -10.10 -68.61
C THR I 23 57.77 -11.19 -69.59
N ARG I 24 57.36 -12.32 -69.03
CA ARG I 24 56.81 -13.42 -69.80
C ARG I 24 55.30 -13.25 -69.99
N ASP I 25 54.70 -12.40 -69.17
CA ASP I 25 53.24 -12.34 -69.07
C ASP I 25 52.62 -11.43 -70.14
N ILE I 26 52.55 -11.95 -71.35
CA ILE I 26 52.22 -11.17 -72.55
C ILE I 26 50.90 -11.63 -73.15
N PRO I 27 49.98 -10.70 -73.43
CA PRO I 27 48.65 -11.04 -73.92
C PRO I 27 48.66 -11.48 -75.38
N HIS I 28 47.66 -12.24 -75.81
CA HIS I 28 47.47 -12.61 -77.22
C HIS I 28 48.56 -13.49 -77.86
N LEU I 29 49.35 -14.16 -77.03
CA LEU I 29 50.39 -15.04 -77.53
C LEU I 29 50.06 -16.50 -77.24
N SER I 30 50.23 -17.36 -78.23
CA SER I 30 50.00 -18.79 -78.06
C SER I 30 51.06 -19.39 -77.14
N GLU I 31 50.74 -20.55 -76.55
CA GLU I 31 51.73 -21.32 -75.78
C GLU I 31 53.02 -21.54 -76.56
N ALA I 32 52.88 -21.91 -77.83
CA ALA I 32 54.04 -22.19 -78.67
C ALA I 32 54.93 -20.97 -78.76
N ALA I 33 54.34 -19.78 -78.87
CA ALA I 33 55.13 -18.56 -78.99
C ALA I 33 55.90 -18.27 -77.71
N LEU I 34 55.37 -18.72 -76.58
CA LEU I 34 56.01 -18.51 -75.28
C LEU I 34 56.94 -19.66 -74.88
N ARG I 35 56.96 -20.72 -75.69
CA ARG I 35 57.62 -21.98 -75.31
C ARG I 35 59.08 -21.86 -74.82
N ASP I 36 59.91 -21.08 -75.51
CA ASP I 36 61.34 -21.04 -75.18
C ASP I 36 61.75 -19.94 -74.20
N LEU I 37 60.78 -19.24 -73.65
CA LEU I 37 61.04 -18.12 -72.75
C LEU I 37 61.22 -18.59 -71.30
N ASP I 38 62.26 -18.13 -70.62
CA ASP I 38 62.34 -18.38 -69.18
C ASP I 38 61.22 -17.63 -68.42
N GLU I 39 61.19 -17.76 -67.09
CA GLU I 39 60.10 -17.20 -66.31
C GLU I 39 60.12 -15.67 -66.28
N GLU I 40 61.24 -15.08 -66.72
CA GLU I 40 61.36 -13.64 -66.79
C GLU I 40 60.90 -13.12 -68.14
N GLY I 41 60.67 -14.04 -69.07
CA GLY I 41 60.34 -13.66 -70.44
C GLY I 41 61.59 -13.54 -71.33
N VAL I 42 62.74 -13.93 -70.80
CA VAL I 42 63.96 -13.90 -71.61
C VAL I 42 64.21 -15.27 -72.23
N VAL I 43 64.46 -15.30 -73.54
CA VAL I 43 64.63 -16.55 -74.26
C VAL I 43 65.78 -17.38 -73.65
N ARG I 44 65.59 -18.70 -73.61
CA ARG I 44 66.55 -19.59 -72.95
C ARG I 44 67.78 -19.83 -73.82
N ILE I 45 68.95 -19.96 -73.17
CA ILE I 45 70.16 -20.37 -73.87
C ILE I 45 69.97 -21.72 -74.56
N GLY I 46 70.41 -21.82 -75.80
CA GLY I 46 70.35 -23.09 -76.51
C GLY I 46 69.16 -23.17 -77.44
N ALA I 47 68.29 -22.17 -77.38
CA ALA I 47 67.08 -22.18 -78.17
C ALA I 47 67.34 -21.82 -79.64
N GLU I 48 66.57 -22.43 -80.53
CA GLU I 48 66.59 -21.99 -81.91
C GLU I 48 65.53 -20.91 -82.15
N VAL I 49 65.98 -19.76 -82.63
CA VAL I 49 65.07 -18.66 -82.92
C VAL I 49 65.03 -18.36 -84.42
N LYS I 50 63.84 -18.09 -84.93
CA LYS I 50 63.60 -17.81 -86.34
C LYS I 50 62.82 -16.50 -86.45
N PRO I 51 62.86 -15.84 -87.64
CA PRO I 51 62.21 -14.53 -87.80
C PRO I 51 60.77 -14.47 -87.25
N GLY I 52 60.51 -13.46 -86.43
CA GLY I 52 59.22 -13.34 -85.77
C GLY I 52 59.20 -13.95 -84.36
N ASP I 53 60.20 -14.75 -84.02
CA ASP I 53 60.24 -15.34 -82.68
C ASP I 53 60.70 -14.34 -81.65
N ILE I 54 60.15 -14.46 -80.44
CA ILE I 54 60.50 -13.62 -79.31
C ILE I 54 61.86 -13.93 -78.67
N LEU I 55 62.67 -12.90 -78.49
CA LEU I 55 63.92 -13.01 -77.74
C LEU I 55 63.72 -12.53 -76.31
N VAL I 56 62.98 -11.44 -76.15
CA VAL I 56 62.73 -10.84 -74.84
C VAL I 56 61.28 -10.31 -74.78
N GLY I 57 60.49 -10.86 -73.87
CA GLY I 57 59.13 -10.39 -73.69
C GLY I 57 59.07 -8.99 -73.08
N ARG I 58 58.20 -8.16 -73.63
CA ARG I 58 57.97 -6.81 -73.06
C ARG I 58 56.52 -6.37 -73.21
N THR I 59 55.99 -5.72 -72.18
CA THR I 59 54.68 -5.12 -72.29
C THR I 59 54.70 -3.64 -71.97
N SER I 60 53.83 -2.90 -72.66
CA SER I 60 53.56 -1.48 -72.38
C SER I 60 52.11 -1.33 -71.98
N PHE I 61 51.81 -0.25 -71.28
CA PHE I 61 50.44 0.10 -70.94
C PHE I 61 49.73 0.71 -72.14
N LYS I 62 48.50 0.31 -72.40
CA LYS I 62 47.73 1.00 -73.42
C LYS I 62 46.69 1.89 -72.76
N GLY I 63 47.04 3.16 -72.58
CA GLY I 63 46.14 4.12 -71.96
C GLY I 63 45.18 4.68 -72.97
N GLU I 64 45.05 6.00 -72.98
CA GLU I 64 44.29 6.75 -73.99
C GLU I 64 42.92 6.18 -74.40
N SER I 65 42.13 5.64 -73.47
CA SER I 65 40.75 5.28 -73.78
C SER I 65 39.79 5.85 -72.73
N GLU I 66 38.60 6.28 -73.18
CA GLU I 66 37.59 6.79 -72.26
C GLU I 66 36.64 5.68 -71.86
N PRO I 67 36.25 5.67 -70.57
CA PRO I 67 35.35 4.66 -70.00
C PRO I 67 33.96 4.65 -70.64
N THR I 68 33.53 3.48 -71.13
CA THR I 68 32.18 3.32 -71.66
C THR I 68 31.17 3.32 -70.50
N PRO I 69 29.87 3.55 -70.77
CA PRO I 69 28.89 3.62 -69.67
C PRO I 69 28.83 2.37 -68.80
N GLU I 70 28.93 1.22 -69.47
CA GLU I 70 28.75 -0.08 -68.86
C GLU I 70 29.95 -0.43 -67.98
N GLU I 71 31.11 0.05 -68.37
CA GLU I 71 32.33 -0.17 -67.60
C GLU I 71 32.38 0.70 -66.37
N ARG I 72 31.69 1.83 -66.43
CA ARG I 72 31.58 2.69 -65.24
C ARG I 72 30.50 2.17 -64.28
N LEU I 73 29.68 1.23 -64.74
CA LEU I 73 28.80 0.52 -63.84
C LEU I 73 29.67 -0.36 -62.99
N LEU I 74 30.38 -1.25 -63.67
CA LEU I 74 31.22 -2.27 -63.03
C LEU I 74 32.16 -1.69 -61.98
N ARG I 75 32.84 -0.59 -62.32
CA ARG I 75 33.79 0.05 -61.39
C ARG I 75 33.17 0.28 -60.01
N SER I 76 31.86 0.55 -59.99
CA SER I 76 31.11 0.79 -58.75
C SER I 76 30.87 -0.49 -57.95
N ILE I 77 30.51 -1.56 -58.64
CA ILE I 77 30.04 -2.79 -58.00
C ILE I 77 31.17 -3.73 -57.58
N PHE I 78 32.00 -4.13 -58.53
CA PHE I 78 33.10 -5.06 -58.26
C PHE I 78 34.32 -4.39 -57.65
N GLY I 79 34.95 -3.54 -58.45
CA GLY I 79 36.16 -2.87 -58.03
C GLY I 79 36.76 -2.16 -59.21
N GLU I 80 37.78 -1.34 -58.95
CA GLU I 80 38.46 -0.59 -59.99
C GLU I 80 39.32 -1.53 -60.84
N LYS I 81 39.85 -1.09 -61.98
CA LYS I 81 40.64 -2.02 -62.83
C LYS I 81 42.08 -1.63 -63.24
N ALA I 82 42.90 -2.66 -63.43
CA ALA I 82 44.27 -2.52 -63.96
C ALA I 82 44.20 -2.18 -65.45
N ARG I 83 45.26 -1.56 -65.96
CA ARG I 83 45.25 -1.10 -67.35
C ARG I 83 45.64 -2.22 -68.27
N ASP I 84 44.89 -2.36 -69.36
CA ASP I 84 45.23 -3.31 -70.39
C ASP I 84 46.63 -2.97 -70.92
N VAL I 85 47.42 -4.02 -71.18
CA VAL I 85 48.77 -3.87 -71.67
C VAL I 85 48.93 -4.50 -73.04
N LYS I 86 49.82 -3.94 -73.85
CA LYS I 86 50.01 -4.42 -75.21
C LYS I 86 51.39 -5.04 -75.41
N ASP I 87 51.44 -6.04 -76.29
CA ASP I 87 52.67 -6.74 -76.65
C ASP I 87 53.70 -5.81 -77.34
N THR I 88 54.82 -5.58 -76.69
CA THR I 88 55.88 -4.73 -77.27
C THR I 88 57.24 -5.46 -77.24
N SER I 89 57.19 -6.76 -77.52
CA SER I 89 58.33 -7.64 -77.33
C SER I 89 59.44 -7.49 -78.37
N LEU I 90 60.66 -7.87 -77.99
CA LEU I 90 61.79 -7.94 -78.93
C LEU I 90 61.68 -9.22 -79.74
N ARG I 91 61.50 -9.06 -81.06
CA ARG I 91 61.38 -10.20 -81.95
C ARG I 91 62.56 -10.33 -82.93
N VAL I 92 62.85 -11.54 -83.36
CA VAL I 92 63.89 -11.77 -84.37
C VAL I 92 63.47 -11.13 -85.68
N PRO I 93 64.33 -10.26 -86.24
CA PRO I 93 64.09 -9.57 -87.51
C PRO I 93 64.06 -10.50 -88.72
N PRO I 94 63.37 -10.09 -89.78
CA PRO I 94 63.33 -10.81 -91.05
C PRO I 94 64.73 -11.12 -91.56
N GLY I 95 64.95 -12.36 -92.01
CA GLY I 95 66.20 -12.76 -92.60
C GLY I 95 67.30 -13.08 -91.61
N GLU I 96 66.94 -13.18 -90.34
CA GLU I 96 67.94 -13.50 -89.31
C GLU I 96 67.49 -14.68 -88.46
N GLY I 97 68.32 -15.07 -87.49
CA GLY I 97 68.03 -16.23 -86.67
C GLY I 97 69.24 -17.12 -86.42
N GLY I 98 69.06 -18.15 -85.61
CA GLY I 98 70.16 -19.01 -85.21
C GLY I 98 69.93 -19.55 -83.82
N ILE I 99 71.02 -19.73 -83.07
CA ILE I 99 70.98 -20.32 -81.74
C ILE I 99 71.37 -19.29 -80.67
N VAL I 100 70.56 -19.17 -79.62
CA VAL I 100 70.87 -18.27 -78.51
C VAL I 100 72.09 -18.80 -77.74
N VAL I 101 73.13 -17.97 -77.58
CA VAL I 101 74.35 -18.42 -76.91
C VAL I 101 74.66 -17.70 -75.60
N ARG I 102 74.02 -16.57 -75.37
CA ARG I 102 74.27 -15.83 -74.14
C ARG I 102 73.13 -14.85 -73.97
N THR I 103 72.79 -14.53 -72.71
CA THR I 103 71.92 -13.41 -72.41
C THR I 103 72.56 -12.57 -71.32
N VAL I 104 72.19 -11.29 -71.29
CA VAL I 104 72.66 -10.38 -70.24
C VAL I 104 71.45 -9.57 -69.83
N ARG I 105 71.23 -9.44 -68.52
CA ARG I 105 70.12 -8.62 -68.05
C ARG I 105 70.60 -7.73 -66.92
N LEU I 106 70.31 -6.44 -67.05
CA LEU I 106 70.69 -5.43 -66.07
C LEU I 106 69.47 -4.66 -65.57
N ARG I 107 69.45 -4.34 -64.29
CA ARG I 107 68.34 -3.60 -63.68
C ARG I 107 68.82 -2.27 -63.11
N ARG I 108 68.06 -1.19 -63.33
CA ARG I 108 68.38 0.10 -62.71
C ARG I 108 68.39 0.01 -61.19
N GLY I 109 69.49 0.46 -60.60
CA GLY I 109 69.56 0.56 -59.15
C GLY I 109 70.35 -0.57 -58.51
N ASP I 110 70.69 -1.58 -59.33
CA ASP I 110 71.62 -2.62 -58.91
C ASP I 110 73.00 -2.00 -58.71
N PRO I 111 73.84 -2.62 -57.86
CA PRO I 111 75.19 -2.08 -57.59
C PRO I 111 76.08 -2.05 -58.83
N GLY I 112 76.59 -0.86 -59.17
CA GLY I 112 77.52 -0.70 -60.27
C GLY I 112 76.89 -0.47 -61.63
N VAL I 113 75.57 -0.63 -61.69
CA VAL I 113 74.82 -0.54 -62.93
C VAL I 113 74.44 0.92 -63.26
N GLU I 114 74.73 1.33 -64.49
CA GLU I 114 74.40 2.68 -64.94
C GLU I 114 73.69 2.64 -66.29
N LEU I 115 72.38 2.86 -66.28
CA LEU I 115 71.61 2.80 -67.51
C LEU I 115 71.26 4.22 -67.98
N LYS I 116 70.88 4.34 -69.25
CA LYS I 116 70.37 5.61 -69.77
C LYS I 116 69.24 6.20 -68.90
N PRO I 117 69.14 7.53 -68.87
CA PRO I 117 68.02 8.20 -68.19
C PRO I 117 66.67 7.67 -68.68
N GLY I 118 65.84 7.20 -67.74
CA GLY I 118 64.53 6.69 -68.07
C GLY I 118 64.42 5.18 -68.09
N VAL I 119 65.54 4.51 -68.29
CA VAL I 119 65.58 3.04 -68.46
C VAL I 119 65.50 2.32 -67.12
N ARG I 120 64.55 1.40 -66.98
CA ARG I 120 64.40 0.64 -65.74
C ARG I 120 65.23 -0.65 -65.80
N GLU I 121 65.32 -1.22 -66.99
CA GLU I 121 66.05 -2.48 -67.20
C GLU I 121 66.43 -2.66 -68.66
N VAL I 122 67.48 -3.43 -68.90
CA VAL I 122 67.93 -3.72 -70.25
C VAL I 122 68.37 -5.17 -70.36
N VAL I 123 68.01 -5.81 -71.47
CA VAL I 123 68.36 -7.20 -71.72
C VAL I 123 69.02 -7.30 -73.09
N ARG I 124 70.13 -8.01 -73.15
CA ARG I 124 70.74 -8.36 -74.44
C ARG I 124 70.77 -9.87 -74.68
N VAL I 125 70.53 -10.25 -75.93
CA VAL I 125 70.53 -11.64 -76.37
C VAL I 125 71.54 -11.82 -77.52
N TYR I 126 72.42 -12.80 -77.39
CA TYR I 126 73.41 -13.09 -78.43
C TYR I 126 73.02 -14.37 -79.20
N VAL I 127 72.98 -14.28 -80.52
CA VAL I 127 72.53 -15.39 -81.34
C VAL I 127 73.57 -15.71 -82.41
N ALA I 128 74.00 -16.97 -82.43
CA ALA I 128 74.99 -17.38 -83.42
C ALA I 128 74.23 -17.84 -84.63
N GLN I 129 74.43 -17.15 -85.74
CA GLN I 129 73.74 -17.49 -86.96
C GLN I 129 74.72 -18.04 -87.96
N LYS I 130 74.46 -19.25 -88.44
CA LYS I 130 75.31 -19.89 -89.44
C LYS I 130 74.80 -19.61 -90.85
N VAL J 3 45.12 -32.64 -63.19
CA VAL J 3 46.06 -31.73 -62.52
C VAL J 3 47.57 -32.02 -62.76
N GLU J 4 47.99 -33.27 -62.58
CA GLU J 4 49.40 -33.62 -62.71
C GLU J 4 50.09 -33.24 -64.05
N PRO J 5 49.41 -33.44 -65.20
CA PRO J 5 50.06 -33.02 -66.43
C PRO J 5 50.27 -31.50 -66.50
N TYR J 6 49.46 -30.74 -65.76
CA TYR J 6 49.60 -29.29 -65.72
C TYR J 6 50.75 -28.85 -64.79
N ILE J 7 50.99 -29.62 -63.73
CA ILE J 7 52.20 -29.44 -62.92
C ILE J 7 53.42 -29.69 -63.79
N ARG J 8 53.32 -30.69 -64.67
CA ARG J 8 54.40 -31.03 -65.60
C ARG J 8 54.71 -29.94 -66.62
N LEU J 9 53.67 -29.34 -67.20
CA LEU J 9 53.83 -28.23 -68.14
C LEU J 9 54.36 -26.96 -67.46
N PHE J 10 53.85 -26.67 -66.25
CA PHE J 10 54.28 -25.52 -65.48
C PHE J 10 55.74 -25.59 -65.05
N GLU J 11 56.15 -26.75 -64.54
CA GLU J 11 57.50 -26.89 -63.97
C GLU J 11 58.58 -26.91 -65.04
N ALA J 12 58.17 -27.19 -66.27
CA ALA J 12 59.05 -27.09 -67.43
C ALA J 12 59.32 -25.65 -67.88
N ILE J 13 58.66 -24.67 -67.28
CA ILE J 13 59.05 -23.28 -67.57
C ILE J 13 60.45 -23.05 -67.02
N PRO J 14 61.38 -22.60 -67.87
CA PRO J 14 62.76 -22.45 -67.39
C PRO J 14 62.84 -21.40 -66.29
N ASP J 15 63.67 -21.67 -65.28
CA ASP J 15 63.82 -20.81 -64.11
C ASP J 15 64.79 -19.65 -64.34
N ALA J 16 64.71 -18.65 -63.46
CA ALA J 16 65.60 -17.50 -63.54
C ALA J 16 65.72 -16.84 -62.17
N GLU J 17 66.93 -16.43 -61.81
CA GLU J 17 67.10 -15.66 -60.56
C GLU J 17 66.52 -14.26 -60.72
N THR J 18 65.41 -14.03 -60.03
CA THR J 18 64.77 -12.71 -59.96
C THR J 18 64.05 -12.56 -58.65
N GLU J 19 63.54 -11.36 -58.41
CA GLU J 19 62.65 -11.11 -57.28
C GLU J 19 61.37 -11.92 -57.43
N LEU J 20 60.77 -12.27 -56.30
CA LEU J 20 59.45 -12.88 -56.30
C LEU J 20 58.42 -11.82 -56.67
N ALA J 21 57.50 -12.15 -57.57
CA ALA J 21 56.39 -11.25 -57.85
C ALA J 21 55.31 -11.41 -56.77
N THR J 22 54.49 -10.37 -56.60
CA THR J 22 53.25 -10.50 -55.84
C THR J 22 52.09 -10.69 -56.83
N PHE J 23 51.45 -11.86 -56.78
CA PHE J 23 50.40 -12.17 -57.73
C PHE J 23 49.05 -11.55 -57.38
N TYR J 24 48.22 -11.38 -58.42
CA TYR J 24 46.89 -10.83 -58.25
C TYR J 24 45.93 -11.94 -57.86
N ASP J 25 45.51 -11.92 -56.59
CA ASP J 25 44.54 -12.85 -56.06
C ASP J 25 43.10 -12.44 -56.39
N ALA J 26 42.69 -12.68 -57.63
CA ALA J 26 41.34 -12.33 -58.06
C ALA J 26 40.26 -13.11 -57.30
N ASP J 27 39.09 -12.49 -57.14
CA ASP J 27 38.06 -13.04 -56.27
C ASP J 27 36.68 -12.68 -56.79
N LEU J 28 35.63 -13.19 -56.14
CA LEU J 28 34.26 -12.87 -56.49
C LEU J 28 34.01 -11.38 -56.32
N ASP J 29 34.80 -10.75 -55.46
CA ASP J 29 34.74 -9.31 -55.21
C ASP J 29 35.36 -8.46 -56.30
N THR J 30 36.30 -9.04 -57.04
CA THR J 30 37.14 -8.27 -57.96
C THR J 30 36.91 -8.63 -59.44
N LEU J 31 37.35 -7.74 -60.33
CA LEU J 31 37.32 -8.03 -61.75
C LEU J 31 38.25 -9.19 -62.05
N PRO J 32 37.75 -10.18 -62.78
CA PRO J 32 38.66 -11.23 -63.23
C PRO J 32 39.69 -10.62 -64.18
N PRO J 33 40.89 -11.20 -64.21
CA PRO J 33 41.90 -10.68 -65.15
C PRO J 33 41.65 -11.25 -66.54
N ARG J 34 42.28 -10.69 -67.56
CA ARG J 34 42.16 -11.24 -68.91
C ARG J 34 42.62 -12.70 -68.90
N MET J 35 41.88 -13.53 -69.62
CA MET J 35 42.20 -14.94 -69.69
C MET J 35 42.38 -15.31 -71.15
N PHE J 36 43.35 -16.16 -71.43
CA PHE J 36 43.57 -16.61 -72.78
C PHE J 36 43.65 -18.13 -72.87
N LEU J 37 43.04 -18.69 -73.92
CA LEU J 37 43.16 -20.12 -74.25
C LEU J 37 44.56 -20.40 -74.79
N PRO J 38 44.97 -21.69 -74.83
CA PRO J 38 46.30 -22.04 -75.36
C PRO J 38 46.53 -21.62 -76.81
N SER J 39 45.47 -21.29 -77.55
CA SER J 39 45.63 -20.83 -78.94
C SER J 39 45.98 -19.35 -78.98
N GLY J 40 45.81 -18.66 -77.87
CA GLY J 40 46.02 -17.23 -77.83
C GLY J 40 44.71 -16.46 -77.87
N ASP J 41 43.61 -17.17 -78.11
CA ASP J 41 42.30 -16.55 -78.14
C ASP J 41 41.88 -16.06 -76.74
N LEU J 42 41.25 -14.89 -76.72
CA LEU J 42 40.67 -14.33 -75.51
C LEU J 42 39.55 -15.24 -75.04
N TYR J 43 39.53 -15.53 -73.74
CA TYR J 43 38.39 -16.24 -73.16
C TYR J 43 37.61 -15.29 -72.25
N THR J 44 36.35 -15.06 -72.56
CA THR J 44 35.55 -14.14 -71.76
C THR J 44 34.66 -14.90 -70.78
N PRO J 45 34.94 -14.79 -69.47
CA PRO J 45 34.15 -15.53 -68.47
C PRO J 45 32.76 -14.91 -68.31
N PRO J 46 31.77 -15.70 -67.87
CA PRO J 46 30.41 -15.14 -67.67
C PRO J 46 30.24 -14.55 -66.28
N GLY J 47 31.31 -14.54 -65.50
CA GLY J 47 31.30 -13.96 -64.18
C GLY J 47 32.73 -13.89 -63.64
N PRO J 48 32.88 -13.62 -62.35
CA PRO J 48 34.20 -13.51 -61.72
C PRO J 48 34.86 -14.87 -61.49
N VAL J 49 36.13 -14.84 -61.10
CA VAL J 49 36.83 -16.08 -60.83
C VAL J 49 37.45 -16.06 -59.44
N ARG J 50 37.84 -17.25 -58.98
CA ARG J 50 38.64 -17.41 -57.77
C ARG J 50 39.84 -18.26 -58.15
N LEU J 51 40.97 -18.03 -57.51
CA LEU J 51 42.17 -18.77 -57.85
C LEU J 51 42.66 -19.62 -56.68
N GLU J 52 43.18 -20.79 -57.01
CA GLU J 52 43.85 -21.63 -56.03
C GLU J 52 45.26 -21.95 -56.52
N GLU J 53 46.25 -21.43 -55.81
CA GLU J 53 47.63 -21.66 -56.17
C GLU J 53 48.05 -23.10 -55.94
N ILE J 54 48.69 -23.69 -56.94
CA ILE J 54 49.14 -25.07 -56.82
C ILE J 54 50.66 -25.12 -56.65
N LYS J 55 51.35 -24.42 -57.54
CA LYS J 55 52.80 -24.30 -57.50
C LYS J 55 53.22 -22.88 -57.86
N ARG J 56 54.38 -22.48 -57.33
CA ARG J 56 54.92 -21.15 -57.59
C ARG J 56 56.38 -21.10 -58.07
N LYS J 57 56.55 -20.28 -59.10
CA LYS J 57 57.82 -19.88 -59.67
C LYS J 57 57.89 -18.40 -59.31
N ARG J 58 59.08 -17.81 -59.35
CA ARG J 58 59.24 -16.43 -58.89
C ARG J 58 58.38 -15.42 -59.65
N ARG J 59 58.27 -15.58 -60.96
CA ARG J 59 57.49 -14.64 -61.78
C ARG J 59 56.18 -15.20 -62.33
N VAL J 60 56.00 -16.52 -62.19
CA VAL J 60 54.80 -17.21 -62.66
C VAL J 60 54.35 -18.18 -61.58
N ARG J 61 53.05 -18.46 -61.55
CA ARG J 61 52.53 -19.49 -60.67
C ARG J 61 51.52 -20.31 -61.43
N LEU J 62 51.27 -21.52 -60.94
CA LEU J 62 50.23 -22.41 -61.44
C LEU J 62 48.99 -22.26 -60.57
N VAL J 63 47.82 -22.10 -61.19
CA VAL J 63 46.60 -21.96 -60.41
C VAL J 63 45.49 -22.81 -60.97
N LYS J 64 44.56 -23.17 -60.09
CA LYS J 64 43.29 -23.71 -60.52
C LYS J 64 42.32 -22.54 -60.57
N VAL J 65 41.71 -22.30 -61.71
CA VAL J 65 40.82 -21.16 -61.85
C VAL J 65 39.37 -21.63 -61.77
N SER J 66 38.64 -21.13 -60.77
CA SER J 66 37.21 -21.44 -60.65
C SER J 66 36.38 -20.31 -61.24
N ILE J 67 35.55 -20.66 -62.21
CA ILE J 67 34.80 -19.67 -62.96
C ILE J 67 33.33 -19.62 -62.52
N TYR J 68 32.90 -18.47 -62.03
CA TYR J 68 31.55 -18.35 -61.49
C TYR J 68 30.61 -17.58 -62.40
N ARG J 69 29.35 -17.64 -62.00
CA ARG J 69 28.26 -16.91 -62.60
C ARG J 69 27.42 -16.41 -61.41
N PHE J 70 27.06 -15.13 -61.41
CA PHE J 70 26.11 -14.62 -60.40
C PHE J 70 24.66 -15.16 -60.57
N GLU J 71 24.09 -15.66 -59.47
CA GLU J 71 22.73 -16.21 -59.42
C GLU J 71 21.88 -15.47 -58.37
N HIS J 72 20.58 -15.71 -58.34
CA HIS J 72 19.73 -15.18 -57.27
C HIS J 72 19.83 -16.06 -56.05
N VAL J 73 20.28 -15.48 -54.94
CA VAL J 73 20.25 -16.16 -53.65
C VAL J 73 19.80 -15.17 -52.56
N GLY J 74 19.04 -15.67 -51.59
CA GLY J 74 18.54 -14.81 -50.54
C GLY J 74 17.82 -13.55 -51.03
N LEU J 75 18.00 -12.46 -50.31
CA LEU J 75 17.26 -11.24 -50.59
C LEU J 75 17.96 -10.52 -51.72
N GLY J 76 19.15 -11.00 -52.06
CA GLY J 76 19.96 -10.38 -53.08
C GLY J 76 20.48 -11.38 -54.10
N LEU J 77 21.76 -11.26 -54.44
CA LEU J 77 22.40 -12.21 -55.34
C LEU J 77 23.86 -12.44 -54.98
N ALA J 78 24.28 -13.69 -55.10
CA ALA J 78 25.67 -14.08 -54.86
C ALA J 78 26.15 -15.01 -55.95
N ALA J 79 27.47 -15.20 -56.04
CA ALA J 79 28.08 -16.05 -57.06
C ALA J 79 27.86 -17.56 -56.89
N ARG J 80 28.30 -18.31 -57.88
CA ARG J 80 28.09 -19.74 -57.92
C ARG J 80 28.94 -20.27 -59.09
N PRO J 81 29.49 -21.49 -58.97
CA PRO J 81 30.29 -22.31 -59.90
C PRO J 81 29.76 -22.49 -61.35
N TYR J 82 30.58 -22.24 -62.38
CA TYR J 82 30.21 -22.46 -63.78
C TYR J 82 31.21 -23.36 -64.50
N ALA J 83 32.49 -23.16 -64.21
CA ALA J 83 33.54 -23.90 -64.90
C ALA J 83 34.87 -23.82 -64.17
N TYR J 84 35.82 -24.58 -64.67
CA TYR J 84 37.17 -24.55 -64.12
C TYR J 84 38.22 -24.83 -65.19
N ALA J 85 39.43 -24.34 -64.94
CA ALA J 85 40.55 -24.55 -65.82
C ALA J 85 41.83 -24.39 -65.04
N TYR J 86 42.82 -25.19 -65.42
CA TYR J 86 44.16 -24.99 -64.89
C TYR J 86 44.83 -23.96 -65.76
N ALA J 87 45.69 -23.16 -65.15
CA ALA J 87 46.33 -22.09 -65.88
C ALA J 87 47.63 -21.70 -65.20
N TRP J 88 48.47 -20.97 -65.93
CA TRP J 88 49.57 -20.24 -65.28
C TRP J 88 49.24 -18.75 -65.30
N GLN J 89 49.69 -18.05 -64.27
CA GLN J 89 49.45 -16.64 -64.14
C GLN J 89 50.80 -15.93 -64.06
N GLY J 90 50.91 -14.77 -64.70
CA GLY J 90 52.16 -14.02 -64.68
C GLY J 90 52.09 -12.76 -63.84
N ASP J 91 53.10 -11.90 -63.97
CA ASP J 91 53.17 -10.73 -63.11
C ASP J 91 52.36 -9.50 -63.57
N ASN J 92 51.62 -9.62 -64.66
CA ASN J 92 50.59 -8.66 -65.02
C ASN J 92 49.22 -9.16 -64.57
N GLY J 93 49.22 -10.32 -63.89
CA GLY J 93 48.00 -10.93 -63.40
C GLY J 93 47.22 -11.73 -64.43
N ILE J 94 47.74 -11.82 -65.66
CA ILE J 94 47.01 -12.46 -66.75
C ILE J 94 46.92 -13.98 -66.59
N LEU J 95 45.77 -14.58 -66.90
CA LEU J 95 45.66 -16.04 -66.86
C LEU J 95 45.82 -16.67 -68.23
N HIS J 96 46.78 -17.58 -68.33
CA HIS J 96 47.00 -18.39 -69.53
C HIS J 96 46.46 -19.79 -69.29
N LEU J 97 45.32 -20.10 -69.91
CA LEU J 97 44.70 -21.39 -69.70
C LEU J 97 45.47 -22.50 -70.43
N TYR J 98 45.54 -23.67 -69.81
CA TYR J 98 46.15 -24.83 -70.47
C TYR J 98 45.14 -25.58 -71.33
N HIS J 99 43.86 -25.27 -71.17
CA HIS J 99 42.82 -25.97 -71.91
C HIS J 99 41.55 -25.15 -71.82
N ALA J 100 40.63 -25.37 -72.74
CA ALA J 100 39.33 -24.71 -72.63
C ALA J 100 38.70 -25.15 -71.32
N PRO J 101 38.03 -24.20 -70.62
CA PRO J 101 37.37 -24.44 -69.34
C PRO J 101 36.35 -25.57 -69.40
N VAL J 102 36.36 -26.42 -68.37
CA VAL J 102 35.42 -27.51 -68.26
C VAL J 102 34.15 -27.01 -67.58
N VAL J 103 33.03 -27.04 -68.29
CA VAL J 103 31.77 -26.54 -67.76
C VAL J 103 31.13 -27.56 -66.81
N LEU J 104 30.80 -27.11 -65.61
CA LEU J 104 30.35 -27.98 -64.54
C LEU J 104 28.86 -28.28 -64.61
N PRO K 2 -45.11 10.31 -81.14
CA PRO K 2 -45.02 9.33 -80.06
C PRO K 2 -43.59 9.15 -79.56
N ILE K 3 -42.65 9.76 -80.26
CA ILE K 3 -41.24 9.67 -79.89
C ILE K 3 -40.91 10.61 -78.74
N HIS K 4 -40.43 10.05 -77.63
CA HIS K 4 -40.07 10.85 -76.46
C HIS K 4 -38.57 10.70 -76.22
N ILE K 5 -37.85 11.80 -76.37
CA ILE K 5 -36.41 11.79 -76.16
C ILE K 5 -35.99 12.54 -74.88
N GLU K 6 -35.40 11.81 -73.94
CA GLU K 6 -34.97 12.41 -72.69
C GLU K 6 -33.50 12.86 -72.75
N ARG K 7 -33.21 13.91 -72.03
CA ARG K 7 -31.85 14.38 -71.92
C ARG K 7 -31.40 14.16 -70.49
N TYR K 8 -30.39 13.31 -70.35
CA TYR K 8 -29.73 13.06 -69.07
C TYR K 8 -28.37 13.74 -68.98
N GLU K 9 -28.04 14.28 -67.81
CA GLU K 9 -26.81 15.06 -67.63
C GLU K 9 -26.10 14.79 -66.30
N ILE K 10 -24.76 14.72 -66.34
CA ILE K 10 -23.97 14.62 -65.10
C ILE K 10 -22.68 15.45 -65.21
N GLU K 11 -22.36 16.12 -64.11
CA GLU K 11 -21.15 16.92 -64.02
C GLU K 11 -20.16 16.28 -63.02
N ALA K 12 -18.89 16.28 -63.41
CA ALA K 12 -17.80 15.94 -62.48
C ALA K 12 -17.15 17.26 -62.06
N ARG K 13 -17.21 17.55 -60.76
CA ARG K 13 -16.70 18.83 -60.27
C ARG K 13 -15.49 18.70 -59.33
N ASP K 14 -14.78 19.81 -59.13
CA ASP K 14 -13.75 19.88 -58.08
C ASP K 14 -14.42 19.85 -56.72
N THR K 15 -13.77 19.23 -55.74
CA THR K 15 -14.36 19.09 -54.41
C THR K 15 -13.27 19.27 -53.34
N LYS K 16 -13.65 19.62 -52.11
CA LYS K 16 -12.68 19.78 -51.04
C LYS K 16 -11.97 18.47 -50.72
N LEU K 17 -12.68 17.37 -50.91
CA LEU K 17 -12.14 16.02 -50.77
C LEU K 17 -11.35 15.55 -51.98
N GLY K 18 -11.29 16.35 -53.05
CA GLY K 18 -10.64 15.91 -54.28
C GLY K 18 -11.61 15.71 -55.44
N PRO K 19 -11.09 15.68 -56.67
CA PRO K 19 -11.93 15.72 -57.87
C PRO K 19 -12.85 14.50 -58.10
N GLU K 20 -14.08 14.78 -58.54
CA GLU K 20 -14.94 13.76 -59.11
C GLU K 20 -14.44 13.49 -60.50
N ARG K 21 -14.63 12.28 -61.00
CA ARG K 21 -14.15 11.92 -62.33
C ARG K 21 -15.12 11.04 -63.10
N ILE K 22 -15.34 11.39 -64.38
CA ILE K 22 -16.10 10.52 -65.28
C ILE K 22 -15.16 9.40 -65.70
N THR K 23 -15.61 8.16 -65.53
CA THR K 23 -14.76 7.02 -65.80
C THR K 23 -15.52 5.71 -65.82
N ARG K 24 -14.90 4.70 -66.41
CA ARG K 24 -15.44 3.35 -66.41
C ARG K 24 -14.99 2.59 -65.17
N ASP K 25 -13.95 3.09 -64.50
CA ASP K 25 -13.26 2.34 -63.45
C ASP K 25 -13.94 2.48 -62.09
N ILE K 26 -15.04 1.76 -61.93
CA ILE K 26 -15.96 1.93 -60.81
C ILE K 26 -16.00 0.68 -59.94
N PRO K 27 -15.83 0.85 -58.62
CA PRO K 27 -15.75 -0.30 -57.70
C PRO K 27 -17.12 -0.95 -57.46
N HIS K 28 -17.13 -2.21 -57.07
CA HIS K 28 -18.36 -2.91 -56.66
C HIS K 28 -19.42 -3.13 -57.75
N LEU K 29 -19.02 -3.03 -59.01
CA LEU K 29 -19.93 -3.26 -60.11
C LEU K 29 -19.60 -4.53 -60.87
N SER K 30 -20.62 -5.32 -61.16
CA SER K 30 -20.43 -6.55 -61.92
C SER K 30 -20.05 -6.24 -63.36
N GLU K 31 -19.44 -7.21 -64.04
CA GLU K 31 -19.17 -7.09 -65.48
C GLU K 31 -20.42 -6.70 -66.28
N ALA K 32 -21.54 -7.35 -65.96
CA ALA K 32 -22.79 -7.10 -66.65
C ALA K 32 -23.18 -5.63 -66.53
N ALA K 33 -22.98 -5.05 -65.35
CA ALA K 33 -23.36 -3.65 -65.12
C ALA K 33 -22.50 -2.70 -65.95
N LEU K 34 -21.26 -3.14 -66.23
CA LEU K 34 -20.34 -2.32 -67.01
C LEU K 34 -20.39 -2.62 -68.52
N ARG K 35 -21.18 -3.62 -68.90
CA ARG K 35 -21.17 -4.16 -70.27
C ARG K 35 -21.32 -3.13 -71.40
N ASP K 36 -22.25 -2.19 -71.28
CA ASP K 36 -22.53 -1.27 -72.38
C ASP K 36 -21.76 0.04 -72.36
N LEU K 37 -20.81 0.16 -71.43
CA LEU K 37 -20.05 1.40 -71.25
C LEU K 37 -18.83 1.44 -72.17
N ASP K 38 -18.61 2.54 -72.87
CA ASP K 38 -17.33 2.70 -73.58
C ASP K 38 -16.15 2.81 -72.60
N GLU K 39 -14.94 2.99 -73.12
CA GLU K 39 -13.75 2.98 -72.26
C GLU K 39 -13.67 4.22 -71.37
N GLU K 40 -14.49 5.22 -71.65
CA GLU K 40 -14.54 6.42 -70.83
C GLU K 40 -15.57 6.28 -69.73
N GLY K 41 -16.37 5.21 -69.80
CA GLY K 41 -17.46 5.04 -68.86
C GLY K 41 -18.77 5.64 -69.37
N VAL K 42 -18.78 6.11 -70.60
CA VAL K 42 -20.01 6.65 -71.17
C VAL K 42 -20.75 5.57 -71.98
N VAL K 43 -22.04 5.42 -71.70
CA VAL K 43 -22.82 4.37 -72.34
C VAL K 43 -22.77 4.49 -73.87
N ARG K 44 -22.72 3.35 -74.55
CA ARG K 44 -22.55 3.33 -76.00
C ARG K 44 -23.84 3.66 -76.74
N ILE K 45 -23.74 4.35 -77.87
CA ILE K 45 -24.89 4.57 -78.74
C ILE K 45 -25.49 3.24 -79.18
N GLY K 46 -26.82 3.13 -79.13
CA GLY K 46 -27.50 1.94 -79.61
C GLY K 46 -27.86 1.00 -78.48
N ALA K 47 -27.42 1.32 -77.27
CA ALA K 47 -27.65 0.44 -76.13
C ALA K 47 -29.07 0.57 -75.60
N GLU K 48 -29.60 -0.54 -75.11
CA GLU K 48 -30.85 -0.48 -74.37
C GLU K 48 -30.59 -0.28 -72.87
N VAL K 49 -31.15 0.79 -72.33
CA VAL K 49 -31.00 1.09 -70.91
C VAL K 49 -32.34 0.98 -70.18
N LYS K 50 -32.30 0.39 -68.98
CA LYS K 50 -33.48 0.17 -68.16
C LYS K 50 -33.21 0.75 -66.76
N PRO K 51 -34.28 1.04 -65.97
CA PRO K 51 -34.10 1.68 -64.66
C PRO K 51 -33.01 1.03 -63.80
N GLY K 52 -32.10 1.85 -63.27
CA GLY K 52 -30.97 1.35 -62.52
C GLY K 52 -29.70 1.16 -63.35
N ASP K 53 -29.84 1.17 -64.68
CA ASP K 53 -28.66 1.01 -65.53
C ASP K 53 -27.86 2.30 -65.61
N ILE K 54 -26.54 2.15 -65.71
CA ILE K 54 -25.61 3.26 -65.85
C ILE K 54 -25.61 3.91 -67.24
N LEU K 55 -25.71 5.24 -67.25
CA LEU K 55 -25.55 6.02 -68.46
C LEU K 55 -24.14 6.59 -68.53
N VAL K 56 -23.64 7.07 -67.39
CA VAL K 56 -22.32 7.69 -67.30
C VAL K 56 -21.65 7.30 -65.97
N GLY K 57 -20.52 6.60 -66.06
CA GLY K 57 -19.78 6.24 -64.86
C GLY K 57 -19.14 7.44 -64.20
N ARG K 58 -19.25 7.50 -62.86
CA ARG K 58 -18.58 8.56 -62.09
C ARG K 58 -18.11 8.05 -60.73
N THR K 59 -16.91 8.48 -60.33
CA THR K 59 -16.46 8.18 -58.97
C THR K 59 -16.12 9.44 -58.20
N SER K 60 -16.33 9.40 -56.90
CA SER K 60 -15.97 10.50 -56.03
C SER K 60 -15.22 9.88 -54.90
N PHE K 61 -14.30 10.64 -54.33
CA PHE K 61 -13.45 10.13 -53.25
C PHE K 61 -14.19 9.88 -51.94
N LYS K 62 -13.53 9.15 -51.05
CA LYS K 62 -14.08 8.80 -49.75
C LYS K 62 -13.47 9.67 -48.65
N GLY K 63 -14.24 9.91 -47.59
CA GLY K 63 -13.71 10.60 -46.44
C GLY K 63 -12.58 9.79 -45.85
N GLU K 64 -11.49 10.46 -45.50
CA GLU K 64 -10.29 9.82 -44.95
C GLU K 64 -10.59 9.02 -43.69
N SER K 65 -10.17 7.75 -43.69
CA SER K 65 -10.36 6.89 -42.53
C SER K 65 -9.18 7.11 -41.57
N GLU K 66 -9.46 7.06 -40.28
CA GLU K 66 -8.43 7.26 -39.27
C GLU K 66 -7.42 6.11 -39.31
N PRO K 67 -6.13 6.43 -39.18
CA PRO K 67 -5.05 5.44 -39.23
C PRO K 67 -5.03 4.48 -38.03
N THR K 68 -5.59 3.28 -38.15
CA THR K 68 -5.40 2.26 -37.10
C THR K 68 -3.89 2.02 -36.94
N PRO K 69 -3.44 1.62 -35.74
CA PRO K 69 -1.99 1.68 -35.54
C PRO K 69 -1.24 0.58 -36.28
N GLU K 70 -1.95 -0.45 -36.72
CA GLU K 70 -1.35 -1.53 -37.50
C GLU K 70 -1.11 -1.02 -38.91
N GLU K 71 -2.03 -0.18 -39.37
CA GLU K 71 -2.04 0.23 -40.76
C GLU K 71 -1.02 1.36 -41.00
N ARG K 72 -0.51 1.96 -39.91
CA ARG K 72 0.67 2.81 -40.00
C ARG K 72 1.96 1.97 -40.13
N LEU K 73 1.95 0.75 -39.59
CA LEU K 73 3.07 -0.16 -39.80
C LEU K 73 3.21 -0.54 -41.26
N LEU K 74 2.11 -1.02 -41.83
CA LEU K 74 2.01 -1.22 -43.27
C LEU K 74 2.55 0.01 -43.97
N ARG K 75 1.94 1.16 -43.70
CA ARG K 75 2.34 2.42 -44.32
C ARG K 75 3.86 2.66 -44.26
N SER K 76 4.48 2.18 -43.19
CA SER K 76 5.93 2.22 -43.07
C SER K 76 6.55 1.32 -44.12
N ILE K 77 6.02 0.11 -44.20
CA ILE K 77 6.64 -1.00 -44.91
C ILE K 77 6.19 -1.18 -46.36
N PHE K 78 4.97 -0.72 -46.67
CA PHE K 78 4.38 -0.91 -48.00
C PHE K 78 3.94 0.41 -48.66
N GLY K 79 4.49 1.54 -48.24
CA GLY K 79 4.08 2.81 -48.83
C GLY K 79 2.72 3.32 -48.37
N GLU K 80 2.23 4.33 -49.06
CA GLU K 80 0.95 4.90 -48.69
C GLU K 80 -0.16 4.47 -49.63
N LYS K 81 -1.39 4.77 -49.24
CA LYS K 81 -2.56 4.15 -49.84
C LYS K 81 -3.34 5.09 -50.73
N ALA K 82 -3.79 4.57 -51.87
CA ALA K 82 -4.70 5.30 -52.75
C ALA K 82 -6.01 5.45 -52.00
N ARG K 83 -6.61 6.65 -52.03
CA ARG K 83 -7.86 6.85 -51.31
C ARG K 83 -8.94 6.11 -52.08
N ASP K 84 -9.71 5.30 -51.37
CA ASP K 84 -10.85 4.64 -51.98
C ASP K 84 -11.72 5.73 -52.59
N VAL K 85 -12.35 5.41 -53.70
CA VAL K 85 -13.38 6.26 -54.28
C VAL K 85 -14.71 5.52 -54.16
N LYS K 86 -15.83 6.24 -54.35
CA LYS K 86 -17.14 5.59 -54.36
C LYS K 86 -17.90 5.73 -55.69
N ASP K 87 -18.85 4.82 -55.90
CA ASP K 87 -19.67 4.76 -57.09
C ASP K 87 -20.74 5.84 -57.02
N THR K 88 -20.58 6.90 -57.80
CA THR K 88 -21.55 8.00 -57.84
C THR K 88 -21.91 8.27 -59.28
N SER K 89 -22.32 7.20 -59.95
CA SER K 89 -22.66 7.20 -61.37
C SER K 89 -24.06 7.71 -61.69
N LEU K 90 -24.21 8.19 -62.93
CA LEU K 90 -25.54 8.58 -63.46
C LEU K 90 -26.29 7.32 -63.87
N ARG K 91 -27.42 7.07 -63.19
CA ARG K 91 -28.23 5.89 -63.48
C ARG K 91 -29.60 6.26 -64.05
N VAL K 92 -30.18 5.37 -64.85
CA VAL K 92 -31.52 5.56 -65.38
C VAL K 92 -32.52 5.55 -64.24
N PRO K 93 -33.35 6.61 -64.13
CA PRO K 93 -34.38 6.76 -63.10
C PRO K 93 -35.50 5.74 -63.22
N PRO K 94 -36.17 5.44 -62.11
CA PRO K 94 -37.35 4.58 -62.08
C PRO K 94 -38.41 5.02 -63.09
N GLY K 95 -38.95 4.06 -63.83
CA GLY K 95 -40.03 4.32 -64.75
C GLY K 95 -39.58 4.90 -66.09
N GLU K 96 -38.27 4.90 -66.33
CA GLU K 96 -37.76 5.43 -67.59
C GLU K 96 -36.86 4.42 -68.29
N GLY K 97 -36.33 4.78 -69.46
CA GLY K 97 -35.51 3.88 -70.24
C GLY K 97 -35.82 3.92 -71.73
N GLY K 98 -35.05 3.18 -72.51
CA GLY K 98 -35.17 3.20 -73.95
C GLY K 98 -33.84 2.95 -74.62
N ILE K 99 -33.61 3.59 -75.76
CA ILE K 99 -32.40 3.37 -76.54
C ILE K 99 -31.54 4.65 -76.58
N VAL K 100 -30.25 4.50 -76.29
CA VAL K 100 -29.32 5.64 -76.36
C VAL K 100 -29.13 6.07 -77.82
N VAL K 101 -29.37 7.36 -78.11
CA VAL K 101 -29.29 7.84 -79.49
C VAL K 101 -28.18 8.87 -79.73
N ARG K 102 -27.70 9.48 -78.66
CA ARG K 102 -26.58 10.38 -78.77
C ARG K 102 -25.92 10.57 -77.44
N THR K 103 -24.64 10.95 -77.48
CA THR K 103 -23.97 11.40 -76.28
C THR K 103 -23.18 12.67 -76.61
N VAL K 104 -22.95 13.48 -75.59
CA VAL K 104 -22.16 14.69 -75.73
C VAL K 104 -21.25 14.74 -74.51
N ARG K 105 -19.96 14.99 -74.74
CA ARG K 105 -19.04 15.11 -73.61
C ARG K 105 -18.16 16.34 -73.80
N LEU K 106 -18.11 17.17 -72.76
CA LEU K 106 -17.31 18.40 -72.78
C LEU K 106 -16.33 18.42 -71.60
N ARG K 107 -15.14 18.94 -71.85
CA ARG K 107 -14.10 19.03 -70.82
C ARG K 107 -13.72 20.48 -70.55
N ARG K 108 -13.56 20.85 -69.28
CA ARG K 108 -13.07 22.19 -68.94
C ARG K 108 -11.69 22.45 -69.53
N GLY K 109 -11.57 23.57 -70.25
CA GLY K 109 -10.27 24.00 -70.76
C GLY K 109 -10.07 23.68 -72.22
N ASP K 110 -10.99 22.91 -72.78
CA ASP K 110 -11.04 22.70 -74.23
C ASP K 110 -11.39 24.02 -74.90
N PRO K 111 -10.99 24.19 -76.18
CA PRO K 111 -11.27 25.43 -76.91
C PRO K 111 -12.76 25.71 -77.09
N GLY K 112 -13.21 26.86 -76.62
CA GLY K 112 -14.59 27.29 -76.81
C GLY K 112 -15.57 26.81 -75.74
N VAL K 113 -15.09 25.92 -74.88
CA VAL K 113 -15.92 25.31 -73.85
C VAL K 113 -16.00 26.17 -72.58
N GLU K 114 -17.23 26.40 -72.11
CA GLU K 114 -17.43 27.19 -70.90
C GLU K 114 -18.38 26.46 -69.94
N LEU K 115 -17.82 25.88 -68.88
CA LEU K 115 -18.64 25.14 -67.93
C LEU K 115 -18.86 25.97 -66.66
N LYS K 116 -19.85 25.57 -65.87
CA LYS K 116 -20.07 26.18 -64.55
C LYS K 116 -18.79 26.20 -63.69
N PRO K 117 -18.66 27.19 -62.82
CA PRO K 117 -17.54 27.24 -61.85
C PRO K 117 -17.46 25.95 -61.04
N GLY K 118 -16.30 25.30 -61.06
CA GLY K 118 -16.08 24.08 -60.32
C GLY K 118 -16.13 22.81 -61.15
N VAL K 119 -16.80 22.88 -62.30
CA VAL K 119 -17.03 21.70 -63.14
C VAL K 119 -15.81 21.37 -64.00
N ARG K 120 -15.34 20.13 -63.93
CA ARG K 120 -14.18 19.70 -64.72
C ARG K 120 -14.64 19.14 -66.07
N GLU K 121 -15.78 18.48 -66.07
CA GLU K 121 -16.32 17.86 -67.26
C GLU K 121 -17.83 17.61 -67.13
N VAL K 122 -18.50 17.55 -68.28
CA VAL K 122 -19.93 17.28 -68.31
C VAL K 122 -20.27 16.35 -69.46
N VAL K 123 -21.17 15.40 -69.20
CA VAL K 123 -21.60 14.45 -70.21
C VAL K 123 -23.12 14.45 -70.26
N ARG K 124 -23.67 14.52 -71.48
CA ARG K 124 -25.10 14.30 -71.67
C ARG K 124 -25.41 13.08 -72.53
N VAL K 125 -26.46 12.36 -72.14
CA VAL K 125 -26.93 11.18 -72.84
C VAL K 125 -28.40 11.36 -73.27
N TYR K 126 -28.69 11.10 -74.53
CA TYR K 126 -30.05 11.21 -75.05
C TYR K 126 -30.65 9.81 -75.28
N VAL K 127 -31.83 9.57 -74.73
CA VAL K 127 -32.45 8.26 -74.81
C VAL K 127 -33.87 8.36 -75.37
N ALA K 128 -34.11 7.59 -76.42
CA ALA K 128 -35.43 7.53 -77.04
C ALA K 128 -36.25 6.49 -76.29
N GLN K 129 -37.31 6.95 -75.62
CA GLN K 129 -38.03 6.15 -74.64
C GLN K 129 -38.97 5.13 -75.27
N VAL L 3 -5.33 -16.70 -72.25
CA VAL L 3 -5.05 -15.29 -72.55
C VAL L 3 -5.86 -14.70 -73.72
N GLU L 4 -5.90 -15.37 -74.86
CA GLU L 4 -6.59 -14.84 -76.04
C GLU L 4 -8.08 -14.45 -75.87
N PRO L 5 -8.87 -15.27 -75.14
CA PRO L 5 -10.25 -14.83 -74.94
C PRO L 5 -10.36 -13.53 -74.11
N TYR L 6 -9.34 -13.27 -73.30
CA TYR L 6 -9.31 -12.03 -72.51
C TYR L 6 -8.88 -10.82 -73.33
N ILE L 7 -8.03 -11.03 -74.34
CA ILE L 7 -7.76 -10.00 -75.32
C ILE L 7 -9.05 -9.68 -76.07
N ARG L 8 -9.85 -10.70 -76.33
CA ARG L 8 -11.12 -10.52 -77.01
C ARG L 8 -12.09 -9.65 -76.21
N LEU L 9 -12.33 -10.03 -74.95
CA LEU L 9 -13.19 -9.24 -74.07
C LEU L 9 -12.69 -7.80 -73.92
N PHE L 10 -11.40 -7.63 -73.70
CA PHE L 10 -10.82 -6.31 -73.52
C PHE L 10 -11.00 -5.41 -74.74
N GLU L 11 -10.72 -5.96 -75.93
CA GLU L 11 -10.73 -5.15 -77.15
C GLU L 11 -12.13 -4.76 -77.58
N ALA L 12 -13.11 -5.51 -77.08
CA ALA L 12 -14.52 -5.18 -77.27
C ALA L 12 -15.00 -3.99 -76.41
N ILE L 13 -14.17 -3.48 -75.51
CA ILE L 13 -14.54 -2.24 -74.82
C ILE L 13 -14.58 -1.12 -75.86
N PRO L 14 -15.71 -0.42 -75.95
CA PRO L 14 -15.80 0.62 -76.99
C PRO L 14 -14.80 1.74 -76.74
N ASP L 15 -14.20 2.25 -77.83
CA ASP L 15 -13.16 3.27 -77.77
C ASP L 15 -13.72 4.68 -77.65
N ALA L 16 -12.85 5.62 -77.25
CA ALA L 16 -13.24 7.01 -77.13
C ALA L 16 -12.01 7.90 -77.24
N GLU L 17 -12.12 9.02 -77.95
CA GLU L 17 -11.04 10.00 -77.99
C GLU L 17 -10.91 10.70 -76.65
N THR L 18 -9.83 10.39 -75.93
CA THR L 18 -9.48 11.06 -74.67
C THR L 18 -7.99 11.05 -74.50
N GLU L 19 -7.54 11.74 -73.45
CA GLU L 19 -6.14 11.66 -73.02
C GLU L 19 -5.81 10.25 -72.58
N LEU L 20 -4.54 9.88 -72.74
CA LEU L 20 -4.04 8.61 -72.17
C LEU L 20 -3.96 8.76 -70.67
N ALA L 21 -4.42 7.76 -69.94
CA ALA L 21 -4.23 7.76 -68.50
C ALA L 21 -2.82 7.23 -68.17
N THR L 22 -2.31 7.59 -66.98
CA THR L 22 -1.13 6.94 -66.43
C THR L 22 -1.59 5.88 -65.43
N PHE L 23 -1.33 4.61 -65.71
CA PHE L 23 -1.80 3.53 -64.85
C PHE L 23 -0.94 3.30 -63.62
N TYR L 24 -1.56 2.73 -62.60
CA TYR L 24 -0.88 2.41 -61.37
C TYR L 24 -0.16 1.06 -61.51
N ASP L 25 1.16 1.13 -61.60
CA ASP L 25 2.01 -0.06 -61.67
C ASP L 25 2.29 -0.67 -60.29
N ALA L 26 1.29 -1.36 -59.75
CA ALA L 26 1.43 -1.97 -58.44
C ALA L 26 2.53 -3.05 -58.40
N ASP L 27 3.16 -3.22 -57.23
CA ASP L 27 4.34 -4.06 -57.13
C ASP L 27 4.42 -4.70 -55.75
N LEU L 28 5.41 -5.57 -55.55
CA LEU L 28 5.63 -6.20 -54.26
C LEU L 28 5.92 -5.15 -53.19
N ASP L 29 6.43 -4.01 -53.63
CA ASP L 29 6.73 -2.87 -52.77
C ASP L 29 5.50 -2.09 -52.33
N THR L 30 4.43 -2.15 -53.13
CA THR L 30 3.28 -1.27 -52.94
C THR L 30 2.00 -2.01 -52.53
N LEU L 31 1.03 -1.27 -52.00
CA LEU L 31 -0.27 -1.83 -51.70
C LEU L 31 -0.94 -2.26 -52.99
N PRO L 32 -1.45 -3.48 -53.03
CA PRO L 32 -2.23 -3.86 -54.20
C PRO L 32 -3.50 -3.01 -54.23
N PRO L 33 -4.01 -2.75 -55.44
CA PRO L 33 -5.26 -1.97 -55.52
C PRO L 33 -6.46 -2.89 -55.27
N ARG L 34 -7.64 -2.31 -55.03
CA ARG L 34 -8.85 -3.10 -54.87
C ARG L 34 -9.06 -3.98 -56.10
N MET L 35 -9.45 -5.21 -55.86
CA MET L 35 -9.68 -6.14 -56.94
C MET L 35 -11.10 -6.65 -56.84
N PHE L 36 -11.76 -6.80 -57.98
CA PHE L 36 -13.10 -7.33 -57.99
C PHE L 36 -13.26 -8.48 -58.99
N LEU L 37 -14.00 -9.50 -58.56
CA LEU L 37 -14.39 -10.62 -59.44
C LEU L 37 -15.44 -10.15 -60.43
N PRO L 38 -15.68 -10.92 -61.53
CA PRO L 38 -16.70 -10.52 -62.52
C PRO L 38 -18.11 -10.38 -61.95
N SER L 39 -18.36 -10.92 -60.76
CA SER L 39 -19.69 -10.79 -60.14
C SER L 39 -19.83 -9.44 -59.44
N GLY L 40 -18.71 -8.74 -59.25
CA GLY L 40 -18.72 -7.51 -58.51
C GLY L 40 -18.23 -7.69 -57.09
N ASP L 41 -18.05 -8.94 -56.67
CA ASP L 41 -17.53 -9.23 -55.34
C ASP L 41 -16.07 -8.79 -55.18
N LEU L 42 -15.77 -8.23 -54.02
CA LEU L 42 -14.42 -7.86 -53.64
C LEU L 42 -13.57 -9.13 -53.56
N TYR L 43 -12.37 -9.08 -54.14
CA TYR L 43 -11.42 -10.17 -53.97
C TYR L 43 -10.25 -9.67 -53.11
N THR L 44 -10.03 -10.31 -51.97
CA THR L 44 -8.96 -9.88 -51.08
C THR L 44 -7.73 -10.77 -51.24
N PRO L 45 -6.63 -10.23 -51.80
CA PRO L 45 -5.43 -11.04 -52.02
C PRO L 45 -4.71 -11.34 -50.70
N PRO L 46 -3.94 -12.44 -50.63
CA PRO L 46 -3.22 -12.76 -49.37
C PRO L 46 -1.85 -12.08 -49.33
N GLY L 47 -1.55 -11.27 -50.34
CA GLY L 47 -0.32 -10.52 -50.39
C GLY L 47 -0.39 -9.52 -51.53
N PRO L 48 0.76 -8.92 -51.89
CA PRO L 48 0.82 -7.92 -52.95
C PRO L 48 0.73 -8.53 -54.33
N VAL L 49 0.59 -7.68 -55.35
CA VAL L 49 0.55 -8.17 -56.72
C VAL L 49 1.58 -7.47 -57.59
N ARG L 50 1.82 -8.06 -58.75
CA ARG L 50 2.62 -7.45 -59.80
C ARG L 50 1.78 -7.50 -61.07
N LEU L 51 1.93 -6.50 -61.93
CA LEU L 51 1.12 -6.45 -63.15
C LEU L 51 1.98 -6.56 -64.39
N GLU L 52 1.44 -7.24 -65.40
CA GLU L 52 2.06 -7.27 -66.71
C GLU L 52 1.04 -6.81 -67.74
N GLU L 53 1.33 -5.66 -68.35
CA GLU L 53 0.45 -5.10 -69.37
C GLU L 53 0.47 -5.93 -70.64
N ILE L 54 -0.72 -6.24 -71.14
CA ILE L 54 -0.83 -7.01 -72.38
C ILE L 54 -1.27 -6.13 -73.53
N LYS L 55 -2.33 -5.35 -73.30
CA LYS L 55 -2.82 -4.40 -74.29
C LYS L 55 -3.24 -3.16 -73.54
N ARG L 56 -3.31 -2.04 -74.28
CA ARG L 56 -3.75 -0.76 -73.74
C ARG L 56 -4.75 0.00 -74.62
N LYS L 57 -5.63 0.69 -73.91
CA LYS L 57 -6.65 1.58 -74.42
C LYS L 57 -6.36 2.86 -73.64
N ARG L 58 -6.92 3.98 -74.07
CA ARG L 58 -6.57 5.27 -73.49
C ARG L 58 -6.85 5.35 -71.98
N ARG L 59 -7.99 4.83 -71.55
CA ARG L 59 -8.38 4.87 -70.14
C ARG L 59 -8.37 3.53 -69.39
N VAL L 60 -8.24 2.44 -70.14
CA VAL L 60 -8.18 1.11 -69.55
C VAL L 60 -7.12 0.26 -70.23
N ARG L 61 -6.53 -0.66 -69.48
CA ARG L 61 -5.54 -1.56 -70.03
C ARG L 61 -5.88 -2.97 -69.59
N LEU L 62 -5.35 -3.94 -70.33
CA LEU L 62 -5.43 -5.36 -69.98
C LEU L 62 -4.14 -5.77 -69.29
N VAL L 63 -4.26 -6.47 -68.17
CA VAL L 63 -3.05 -6.91 -67.46
C VAL L 63 -3.17 -8.35 -67.04
N LYS L 64 -2.01 -8.97 -66.89
CA LYS L 64 -1.90 -10.24 -66.19
C LYS L 64 -1.54 -9.90 -64.74
N VAL L 65 -2.36 -10.33 -63.80
CA VAL L 65 -2.09 -10.01 -62.41
C VAL L 65 -1.47 -11.19 -61.70
N SER L 66 -0.25 -11.02 -61.18
CA SER L 66 0.41 -12.07 -60.41
C SER L 66 0.22 -11.81 -58.93
N ILE L 67 -0.35 -12.79 -58.24
CA ILE L 67 -0.72 -12.63 -56.84
C ILE L 67 0.25 -13.36 -55.92
N TYR L 68 0.91 -12.60 -55.04
CA TYR L 68 1.94 -13.18 -54.18
C TYR L 68 1.48 -13.34 -52.74
N ARG L 69 2.29 -14.12 -52.01
CA ARG L 69 2.18 -14.28 -50.57
C ARG L 69 3.60 -14.15 -50.00
N PHE L 70 3.73 -13.63 -48.79
CA PHE L 70 5.06 -13.47 -48.18
C PHE L 70 5.60 -14.75 -47.59
N GLU L 71 6.92 -14.96 -47.75
CA GLU L 71 7.58 -16.16 -47.27
C GLU L 71 8.93 -15.81 -46.70
N HIS L 72 9.52 -16.75 -45.95
CA HIS L 72 10.88 -16.59 -45.46
C HIS L 72 11.88 -16.92 -46.55
N VAL L 73 12.68 -15.94 -46.95
CA VAL L 73 13.81 -16.23 -47.85
C VAL L 73 15.05 -15.59 -47.25
N GLY L 74 16.22 -16.23 -47.37
CA GLY L 74 17.46 -15.66 -46.85
C GLY L 74 17.41 -15.17 -45.41
N LEU L 75 18.09 -14.06 -45.12
CA LEU L 75 18.06 -13.46 -43.79
C LEU L 75 16.66 -12.98 -43.33
N GLY L 76 15.76 -12.73 -44.28
CA GLY L 76 14.48 -12.13 -43.96
C GLY L 76 13.23 -12.65 -44.65
N LEU L 77 12.49 -11.76 -45.30
CA LEU L 77 11.26 -12.12 -46.02
C LEU L 77 11.14 -11.43 -47.37
N ALA L 78 10.67 -12.18 -48.35
CA ALA L 78 10.39 -11.63 -49.65
C ALA L 78 9.13 -12.27 -50.19
N ALA L 79 8.50 -11.61 -51.16
CA ALA L 79 7.18 -12.01 -51.63
C ALA L 79 7.34 -13.04 -52.74
N ARG L 80 6.58 -14.11 -52.68
CA ARG L 80 6.74 -15.19 -53.64
C ARG L 80 5.41 -15.56 -54.26
N PRO L 81 5.43 -15.97 -55.54
CA PRO L 81 4.26 -16.29 -56.38
C PRO L 81 3.14 -17.10 -55.72
N TYR L 82 1.90 -16.82 -56.09
CA TYR L 82 0.79 -17.61 -55.55
C TYR L 82 -0.33 -17.91 -56.55
N ALA L 83 -1.04 -16.87 -56.98
CA ALA L 83 -2.18 -17.02 -57.89
C ALA L 83 -2.17 -15.95 -58.99
N TYR L 84 -2.84 -16.23 -60.11
CA TYR L 84 -2.85 -15.30 -61.22
C TYR L 84 -4.25 -15.14 -61.80
N ALA L 85 -4.48 -14.00 -62.44
CA ALA L 85 -5.75 -13.70 -63.07
C ALA L 85 -5.52 -12.64 -64.14
N TYR L 86 -6.27 -12.77 -65.21
CA TYR L 86 -6.31 -11.71 -66.20
C TYR L 86 -7.35 -10.71 -65.76
N ALA L 87 -7.10 -9.45 -66.06
CA ALA L 87 -7.98 -8.40 -65.60
C ALA L 87 -7.86 -7.18 -66.49
N TRP L 88 -8.84 -6.28 -66.40
CA TRP L 88 -8.65 -4.94 -66.92
C TRP L 88 -8.49 -3.98 -65.75
N GLN L 89 -7.71 -2.92 -65.96
CA GLN L 89 -7.45 -1.93 -64.94
C GLN L 89 -7.87 -0.57 -65.49
N GLY L 90 -8.48 0.24 -64.63
CA GLY L 90 -8.93 1.57 -65.04
C GLY L 90 -8.10 2.69 -64.47
N ASP L 91 -8.58 3.93 -64.61
CA ASP L 91 -7.80 5.07 -64.20
C ASP L 91 -7.86 5.44 -62.70
N ASN L 92 -8.58 4.66 -61.91
CA ASN L 92 -8.48 4.73 -60.45
C ASN L 92 -7.55 3.63 -59.95
N GLY L 93 -6.96 2.89 -60.89
CA GLY L 93 -6.05 1.81 -60.57
C GLY L 93 -6.71 0.50 -60.20
N ILE L 94 -8.04 0.45 -60.22
CA ILE L 94 -8.79 -0.72 -59.75
C ILE L 94 -8.65 -1.92 -60.70
N LEU L 95 -8.49 -3.13 -60.15
CA LEU L 95 -8.45 -4.32 -61.01
C LEU L 95 -9.81 -5.03 -61.09
N HIS L 96 -10.29 -5.19 -62.30
CA HIS L 96 -11.50 -5.96 -62.59
C HIS L 96 -11.11 -7.32 -63.16
N LEU L 97 -11.24 -8.35 -62.35
CA LEU L 97 -10.85 -9.68 -62.77
C LEU L 97 -11.84 -10.24 -63.79
N TYR L 98 -11.34 -10.98 -64.78
CA TYR L 98 -12.22 -11.68 -65.73
C TYR L 98 -12.63 -13.05 -65.20
N HIS L 99 -11.98 -13.52 -64.16
CA HIS L 99 -12.26 -14.84 -63.63
C HIS L 99 -11.66 -14.92 -62.25
N ALA L 100 -12.16 -15.85 -61.43
CA ALA L 100 -11.54 -16.07 -60.13
C ALA L 100 -10.09 -16.48 -60.37
N PRO L 101 -9.17 -15.98 -59.53
CA PRO L 101 -7.73 -16.27 -59.61
C PRO L 101 -7.41 -17.76 -59.60
N VAL L 102 -6.50 -18.18 -60.46
CA VAL L 102 -6.06 -19.56 -60.52
C VAL L 102 -4.92 -19.76 -59.53
N VAL L 103 -5.14 -20.60 -58.52
CA VAL L 103 -4.15 -20.83 -57.49
C VAL L 103 -3.06 -21.79 -57.96
N LEU L 104 -1.81 -21.35 -57.84
CA LEU L 104 -0.66 -22.05 -58.41
C LEU L 104 -0.15 -23.19 -57.52
N ILE M 3 16.08 6.50 -14.55
CA ILE M 3 15.47 6.74 -13.26
C ILE M 3 16.52 7.07 -12.21
N HIS M 4 16.18 7.97 -11.29
CA HIS M 4 17.09 8.37 -10.24
C HIS M 4 16.61 7.81 -8.92
N ILE M 5 17.49 7.06 -8.27
CA ILE M 5 17.17 6.46 -6.99
C ILE M 5 17.92 7.12 -5.81
N GLU M 6 17.19 7.71 -4.90
CA GLU M 6 17.81 8.36 -3.75
C GLU M 6 17.88 7.41 -2.55
N ARG M 7 18.92 7.61 -1.73
CA ARG M 7 19.13 6.85 -0.50
C ARG M 7 18.95 7.77 0.69
N TYR M 8 17.85 7.59 1.41
CA TYR M 8 17.59 8.33 2.64
C TYR M 8 17.93 7.51 3.89
N GLU M 9 18.51 8.16 4.90
CA GLU M 9 18.99 7.47 6.10
C GLU M 9 18.70 8.22 7.41
N ILE M 10 18.31 7.49 8.45
CA ILE M 10 18.16 8.07 9.78
C ILE M 10 18.64 7.11 10.87
N GLU M 11 19.34 7.68 11.85
CA GLU M 11 19.83 6.92 12.99
C GLU M 11 19.09 7.34 14.27
N ALA M 12 18.74 6.34 15.09
CA ALA M 12 18.26 6.59 16.45
C ALA M 12 19.42 6.28 17.40
N ARG M 13 19.87 7.28 18.13
CA ARG M 13 21.03 7.11 18.99
C ARG M 13 20.73 7.26 20.49
N ASP M 14 21.65 6.79 21.33
CA ASP M 14 21.59 7.06 22.77
C ASP M 14 21.87 8.54 23.01
N THR M 15 21.23 9.13 24.01
CA THR M 15 21.39 10.54 24.28
C THR M 15 21.41 10.79 25.80
N LYS M 16 21.98 11.91 26.24
CA LYS M 16 22.03 12.22 27.67
C LYS M 16 20.62 12.40 28.25
N LEU M 17 19.71 12.88 27.41
CA LEU M 17 18.30 13.01 27.75
C LEU M 17 17.52 11.70 27.63
N GLY M 18 18.16 10.63 27.18
CA GLY M 18 17.45 9.38 26.94
C GLY M 18 17.34 9.01 25.47
N PRO M 19 17.07 7.74 25.17
CA PRO M 19 17.16 7.20 23.81
C PRO M 19 16.18 7.80 22.78
N GLU M 20 16.69 8.03 21.57
CA GLU M 20 15.85 8.28 20.41
C GLU M 20 15.32 6.93 19.98
N ARG M 21 14.13 6.92 19.37
CA ARG M 21 13.54 5.65 18.95
C ARG M 21 12.83 5.75 17.60
N ILE M 22 13.07 4.76 16.74
CA ILE M 22 12.31 4.63 15.50
C ILE M 22 10.96 4.05 15.86
N THR M 23 9.89 4.71 15.44
CA THR M 23 8.56 4.29 15.82
C THR M 23 7.48 4.99 15.00
N ARG M 24 6.28 4.41 15.03
CA ARG M 24 5.11 5.00 14.43
C ARG M 24 4.40 5.94 15.40
N ASP M 25 4.72 5.81 16.69
CA ASP M 25 3.94 6.46 17.75
C ASP M 25 4.40 7.89 18.00
N ILE M 26 3.98 8.78 17.11
CA ILE M 26 4.49 10.15 17.03
C ILE M 26 3.40 11.16 17.33
N PRO M 27 3.68 12.11 18.26
CA PRO M 27 2.65 13.07 18.68
C PRO M 27 2.38 14.15 17.64
N HIS M 28 1.20 14.76 17.69
CA HIS M 28 0.87 15.92 16.83
C HIS M 28 0.78 15.65 15.32
N LEU M 29 0.65 14.39 14.94
CA LEU M 29 0.52 14.04 13.53
C LEU M 29 -0.86 13.54 13.20
N SER M 30 -1.43 14.04 12.10
CA SER M 30 -2.75 13.59 11.65
C SER M 30 -2.70 12.14 11.18
N GLU M 31 -3.85 11.49 11.14
CA GLU M 31 -3.96 10.15 10.56
C GLU M 31 -3.39 10.09 9.14
N ALA M 32 -3.70 11.09 8.33
CA ALA M 32 -3.23 11.15 6.96
C ALA M 32 -1.71 11.13 6.90
N ALA M 33 -1.07 11.84 7.83
CA ALA M 33 0.39 11.92 7.83
C ALA M 33 1.01 10.56 8.18
N LEU M 34 0.27 9.77 8.96
CA LEU M 34 0.75 8.45 9.36
C LEU M 34 0.30 7.33 8.41
N ARG M 35 -0.48 7.66 7.40
CA ARG M 35 -1.18 6.67 6.60
C ARG M 35 -0.31 5.61 5.92
N ASP M 36 0.85 5.99 5.39
CA ASP M 36 1.67 5.03 4.65
C ASP M 36 2.76 4.33 5.47
N LEU M 37 2.76 4.56 6.77
CA LEU M 37 3.78 4.01 7.66
C LEU M 37 3.42 2.59 8.12
N ASP M 38 4.37 1.65 8.04
CA ASP M 38 4.13 0.36 8.69
C ASP M 38 4.06 0.49 10.22
N GLU M 39 3.88 -0.62 10.92
CA GLU M 39 3.68 -0.57 12.37
C GLU M 39 4.96 -0.17 13.12
N GLU M 40 6.08 -0.20 12.42
CA GLU M 40 7.35 0.20 12.98
C GLU M 40 7.64 1.67 12.71
N GLY M 41 6.74 2.33 11.98
CA GLY M 41 6.95 3.73 11.61
C GLY M 41 7.79 3.88 10.35
N VAL M 42 8.09 2.77 9.69
CA VAL M 42 8.85 2.85 8.43
C VAL M 42 7.89 2.84 7.24
N VAL M 43 8.08 3.79 6.33
CA VAL M 43 7.18 3.94 5.19
C VAL M 43 7.13 2.65 4.36
N ARG M 44 5.93 2.30 3.92
CA ARG M 44 5.72 1.06 3.16
C ARG M 44 6.24 1.09 1.74
N ILE M 45 6.77 -0.05 1.27
CA ILE M 45 7.15 -0.19 -0.14
C ILE M 45 5.96 0.09 -1.06
N GLY M 46 6.19 0.87 -2.11
CA GLY M 46 5.15 1.13 -3.09
C GLY M 46 4.45 2.45 -2.87
N ALA M 47 4.79 3.12 -1.76
CA ALA M 47 4.14 4.36 -1.42
C ALA M 47 4.65 5.54 -2.23
N GLU M 48 3.76 6.47 -2.52
CA GLU M 48 4.20 7.72 -3.11
C GLU M 48 4.50 8.75 -2.01
N VAL M 49 5.74 9.26 -2.00
CA VAL M 49 6.14 10.25 -1.03
C VAL M 49 6.44 11.60 -1.70
N LYS M 50 5.99 12.68 -1.07
CA LYS M 50 6.16 14.04 -1.57
C LYS M 50 6.82 14.89 -0.47
N PRO M 51 7.44 16.03 -0.84
CA PRO M 51 8.16 16.86 0.13
C PRO M 51 7.37 17.12 1.43
N GLY M 52 8.00 16.87 2.57
CA GLY M 52 7.34 16.98 3.86
C GLY M 52 6.76 15.67 4.37
N ASP M 53 6.65 14.66 3.50
CA ASP M 53 6.11 13.37 3.94
C ASP M 53 7.16 12.58 4.71
N ILE M 54 6.68 11.82 5.69
CA ILE M 54 7.52 10.96 6.52
C ILE M 54 7.99 9.68 5.81
N LEU M 55 9.29 9.43 5.89
CA LEU M 55 9.87 8.17 5.44
C LEU M 55 10.08 7.23 6.61
N VAL M 56 10.56 7.77 7.72
CA VAL M 56 10.83 7.00 8.92
C VAL M 56 10.45 7.80 10.18
N GLY M 57 9.49 7.28 10.95
CA GLY M 57 9.10 7.94 12.19
C GLY M 57 10.19 7.86 13.24
N ARG M 58 10.42 8.98 13.93
CA ARG M 58 11.37 9.00 15.06
C ARG M 58 10.92 9.97 16.15
N THR M 59 11.11 9.55 17.40
CA THR M 59 10.86 10.48 18.50
C THR M 59 12.07 10.62 19.41
N SER M 60 12.26 11.83 19.91
CA SER M 60 13.35 12.12 20.84
C SER M 60 12.72 12.68 22.09
N PHE M 61 13.26 12.28 23.24
CA PHE M 61 12.84 12.84 24.52
C PHE M 61 13.14 14.36 24.65
N LYS M 62 12.25 15.08 25.31
CA LYS M 62 12.43 16.51 25.50
C LYS M 62 13.49 16.78 26.54
N GLY M 63 14.05 17.99 26.56
CA GLY M 63 14.91 18.42 27.65
C GLY M 63 14.05 18.59 28.88
N GLU M 64 14.34 17.83 29.93
CA GLU M 64 13.53 17.84 31.14
C GLU M 64 13.66 19.16 31.92
N SER M 65 12.57 19.93 31.96
CA SER M 65 12.57 21.19 32.68
C SER M 65 12.23 20.95 34.15
N GLU M 66 12.42 21.95 35.01
CA GLU M 66 11.90 21.87 36.37
C GLU M 66 10.40 21.79 36.24
N PRO M 67 9.79 20.79 36.89
CA PRO M 67 8.34 20.52 36.82
C PRO M 67 7.52 21.75 37.16
N THR M 68 6.38 21.92 36.50
CA THR M 68 5.53 23.11 36.63
C THR M 68 4.61 23.00 37.86
N PRO M 69 4.02 24.12 38.30
CA PRO M 69 3.19 24.01 39.51
C PRO M 69 1.89 23.27 39.26
N GLU M 70 1.55 23.14 37.99
CA GLU M 70 0.39 22.39 37.55
C GLU M 70 0.72 20.91 37.60
N GLU M 71 1.87 20.49 37.07
CA GLU M 71 2.25 19.08 37.20
C GLU M 71 2.24 18.67 38.65
N ARG M 72 2.61 19.60 39.50
CA ARG M 72 2.77 19.29 40.91
C ARG M 72 1.41 19.22 41.60
N LEU M 73 0.43 19.96 41.08
CA LEU M 73 -0.89 19.91 41.68
C LEU M 73 -1.45 18.50 41.52
N LEU M 74 -1.21 17.97 40.32
CA LEU M 74 -1.64 16.64 39.85
C LEU M 74 -0.84 15.46 40.43
N ARG M 75 0.44 15.66 40.70
CA ARG M 75 1.31 14.57 41.13
C ARG M 75 0.85 13.93 42.44
N SER M 76 -0.24 14.43 42.98
CA SER M 76 -0.84 13.80 44.14
C SER M 76 -2.04 12.93 43.74
N ILE M 77 -2.86 13.45 42.82
CA ILE M 77 -4.05 12.77 42.32
C ILE M 77 -3.72 11.52 41.46
N PHE M 78 -3.11 11.73 40.30
CA PHE M 78 -2.73 10.62 39.42
C PHE M 78 -1.26 10.21 39.46
N GLY M 79 -0.47 10.87 40.29
CA GLY M 79 0.95 10.57 40.44
C GLY M 79 1.95 11.12 39.43
N GLU M 80 3.08 10.43 39.29
CA GLU M 80 4.24 11.00 38.58
C GLU M 80 4.10 11.15 37.06
N LYS M 81 4.27 12.39 36.62
CA LYS M 81 4.36 12.80 35.22
C LYS M 81 5.49 12.06 34.52
N ALA M 82 5.27 11.66 33.27
CA ALA M 82 6.30 10.95 32.50
C ALA M 82 6.93 11.89 31.48
N ARG M 83 8.16 11.60 31.05
CA ARG M 83 8.87 12.50 30.14
C ARG M 83 8.19 12.50 28.78
N ASP M 84 8.15 13.66 28.13
CA ASP M 84 7.44 13.79 26.87
C ASP M 84 8.39 13.59 25.70
N VAL M 85 7.82 13.35 24.53
CA VAL M 85 8.61 13.13 23.31
C VAL M 85 8.28 14.16 22.25
N LYS M 86 9.18 14.36 21.30
CA LYS M 86 8.86 15.21 20.16
C LYS M 86 9.08 14.54 18.80
N ASP M 87 8.50 15.12 17.75
CA ASP M 87 8.71 14.62 16.39
C ASP M 87 10.11 15.02 15.92
N THR M 88 10.93 14.03 15.56
CA THR M 88 12.20 14.30 14.88
C THR M 88 12.34 13.31 13.73
N SER M 89 11.20 13.07 13.09
CA SER M 89 11.11 12.10 12.00
C SER M 89 11.92 12.47 10.76
N LEU M 90 12.27 11.45 9.97
CA LEU M 90 12.90 11.64 8.66
C LEU M 90 11.82 12.01 7.64
N ARG M 91 11.92 13.22 7.10
CA ARG M 91 10.95 13.69 6.11
C ARG M 91 11.57 13.88 4.73
N VAL M 92 10.75 13.74 3.69
CA VAL M 92 11.21 14.00 2.32
C VAL M 92 11.56 15.47 2.17
N PRO M 93 12.79 15.76 1.70
CA PRO M 93 13.29 17.12 1.49
C PRO M 93 12.56 17.85 0.37
N PRO M 94 12.57 19.19 0.43
CA PRO M 94 12.02 20.05 -0.62
C PRO M 94 12.59 19.69 -1.99
N GLY M 95 11.70 19.60 -2.99
CA GLY M 95 12.11 19.38 -4.35
C GLY M 95 12.41 17.92 -4.68
N GLU M 96 12.08 17.02 -3.77
CA GLU M 96 12.33 15.59 -4.01
C GLU M 96 11.05 14.78 -3.82
N GLY M 97 11.15 13.46 -4.01
CA GLY M 97 9.99 12.59 -3.92
C GLY M 97 9.93 11.54 -5.01
N GLY M 98 8.94 10.66 -4.94
CA GLY M 98 8.84 9.55 -5.87
C GLY M 98 8.19 8.36 -5.20
N ILE M 99 8.63 7.16 -5.59
CA ILE M 99 8.05 5.92 -5.09
C ILE M 99 9.06 5.14 -4.25
N VAL M 100 8.64 4.70 -3.06
CA VAL M 100 9.51 3.89 -2.20
C VAL M 100 9.72 2.50 -2.83
N VAL M 101 10.99 2.11 -3.02
CA VAL M 101 11.28 0.83 -3.68
C VAL M 101 11.98 -0.19 -2.79
N ARG M 102 12.54 0.25 -1.68
CA ARG M 102 13.22 -0.67 -0.78
C ARG M 102 13.38 0.03 0.56
N THR M 103 13.39 -0.74 1.64
CA THR M 103 13.80 -0.25 2.94
C THR M 103 14.80 -1.22 3.54
N VAL M 104 15.63 -0.71 4.43
CA VAL M 104 16.61 -1.52 5.16
C VAL M 104 16.58 -1.05 6.59
N ARG M 105 16.48 -1.98 7.54
CA ARG M 105 16.50 -1.59 8.94
C ARG M 105 17.44 -2.49 9.71
N LEU M 106 18.36 -1.87 10.46
CA LEU M 106 19.35 -2.58 11.25
C LEU M 106 19.27 -2.17 12.73
N ARG M 107 19.46 -3.13 13.62
CA ARG M 107 19.41 -2.84 15.06
C ARG M 107 20.70 -3.24 15.79
N ARG M 108 21.21 -2.34 16.62
CA ARG M 108 22.43 -2.64 17.40
C ARG M 108 22.28 -3.91 18.20
N GLY M 109 23.24 -4.82 18.03
CA GLY M 109 23.29 -6.02 18.85
C GLY M 109 22.77 -7.26 18.13
N ASP M 110 22.19 -7.04 16.95
CA ASP M 110 21.83 -8.14 16.06
C ASP M 110 23.11 -8.79 15.56
N PRO M 111 23.04 -10.08 15.18
CA PRO M 111 24.22 -10.81 14.70
C PRO M 111 24.83 -10.21 13.42
N GLY M 112 26.10 -9.86 13.48
CA GLY M 112 26.82 -9.36 12.32
C GLY M 112 26.71 -7.86 12.08
N VAL M 113 25.83 -7.21 12.84
CA VAL M 113 25.56 -5.79 12.69
C VAL M 113 26.55 -4.91 13.45
N GLU M 114 27.11 -3.93 12.78
CA GLU M 114 28.07 -3.01 13.40
C GLU M 114 27.70 -1.56 13.10
N LEU M 115 27.13 -0.87 14.08
CA LEU M 115 26.72 0.51 13.87
C LEU M 115 27.71 1.47 14.52
N LYS M 116 27.66 2.74 14.13
CA LYS M 116 28.45 3.78 14.79
C LYS M 116 28.25 3.78 16.33
N PRO M 117 29.28 4.20 17.06
CA PRO M 117 29.17 4.37 18.52
C PRO M 117 27.99 5.28 18.88
N GLY M 118 27.09 4.78 19.73
CA GLY M 118 25.94 5.55 20.16
C GLY M 118 24.64 5.18 19.48
N VAL M 119 24.73 4.60 18.29
CA VAL M 119 23.56 4.31 17.46
C VAL M 119 22.85 3.03 17.91
N ARG M 120 21.54 3.13 18.16
CA ARG M 120 20.77 1.96 18.59
C ARG M 120 20.18 1.24 17.37
N GLU M 121 19.78 2.01 16.38
CA GLU M 121 19.22 1.45 15.15
C GLU M 121 19.39 2.43 13.98
N VAL M 122 19.32 1.89 12.77
CA VAL M 122 19.40 2.70 11.56
C VAL M 122 18.46 2.16 10.50
N VAL M 123 17.80 3.07 9.80
CA VAL M 123 16.86 2.70 8.75
C VAL M 123 17.22 3.48 7.48
N ARG M 124 17.27 2.77 6.35
CA ARG M 124 17.39 3.44 5.06
C ARG M 124 16.18 3.19 4.16
N VAL M 125 15.79 4.24 3.43
CA VAL M 125 14.68 4.20 2.48
C VAL M 125 15.15 4.60 1.08
N TYR M 126 14.84 3.77 0.09
CA TYR M 126 15.21 4.07 -1.30
C TYR M 126 13.98 4.52 -2.09
N VAL M 127 14.09 5.66 -2.77
CA VAL M 127 12.97 6.24 -3.49
C VAL M 127 13.34 6.52 -4.94
N ALA M 128 12.54 6.00 -5.85
CA ALA M 128 12.76 6.30 -7.26
C ALA M 128 12.20 7.68 -7.52
N GLN M 129 13.03 8.55 -8.08
CA GLN M 129 12.61 9.90 -8.41
C GLN M 129 12.64 10.09 -9.91
N LYS M 130 11.53 10.58 -10.47
CA LYS M 130 11.44 10.79 -11.91
C LYS M 130 12.53 11.74 -12.40
N PRO N 2 -20.28 0.33 15.16
CA PRO N 2 -19.75 -0.92 15.69
C PRO N 2 -18.23 -0.89 15.80
N VAL N 3 -17.69 -1.64 16.74
CA VAL N 3 -16.24 -1.67 16.92
C VAL N 3 -15.62 -2.18 15.63
N GLU N 4 -16.31 -3.12 15.00
CA GLU N 4 -15.75 -3.85 13.85
C GLU N 4 -15.03 -2.98 12.79
N PRO N 5 -15.57 -1.79 12.44
CA PRO N 5 -14.82 -0.98 11.47
C PRO N 5 -13.47 -0.51 12.02
N TYR N 6 -13.35 -0.44 13.34
CA TYR N 6 -12.09 -0.06 13.97
C TYR N 6 -11.07 -1.20 14.00
N ILE N 7 -11.57 -2.43 14.11
CA ILE N 7 -10.73 -3.61 13.90
C ILE N 7 -10.20 -3.60 12.48
N ARG N 8 -11.03 -3.24 11.53
CA ARG N 8 -10.56 -3.15 10.18
C ARG N 8 -9.54 -2.09 9.91
N LEU N 9 -9.72 -0.88 10.38
CA LEU N 9 -8.67 0.15 10.27
C LEU N 9 -7.36 -0.28 10.93
N PHE N 10 -7.47 -0.83 12.14
CA PHE N 10 -6.29 -1.25 12.88
C PHE N 10 -5.51 -2.34 12.16
N GLU N 11 -6.20 -3.36 11.66
CA GLU N 11 -5.54 -4.52 11.08
C GLU N 11 -4.91 -4.21 9.73
N ALA N 12 -5.37 -3.12 9.12
CA ALA N 12 -4.76 -2.59 7.91
C ALA N 12 -3.42 -1.88 8.14
N ILE N 13 -3.01 -1.68 9.39
CA ILE N 13 -1.67 -1.17 9.63
C ILE N 13 -0.66 -2.23 9.17
N PRO N 14 0.25 -1.85 8.26
CA PRO N 14 1.17 -2.86 7.75
C PRO N 14 2.06 -3.43 8.85
N ASP N 15 2.32 -4.73 8.79
CA ASP N 15 3.09 -5.45 9.81
C ASP N 15 4.60 -5.35 9.60
N ALA N 16 5.35 -5.67 10.64
CA ALA N 16 6.81 -5.65 10.57
C ALA N 16 7.39 -6.57 11.63
N GLU N 17 8.43 -7.32 11.28
CA GLU N 17 9.13 -8.13 12.27
C GLU N 17 9.93 -7.25 13.22
N THR N 18 9.46 -7.15 14.46
CA THR N 18 10.16 -6.45 15.53
C THR N 18 9.84 -7.09 16.86
N GLU N 19 10.51 -6.62 17.90
CA GLU N 19 10.18 -6.99 19.27
C GLU N 19 8.77 -6.51 19.62
N LEU N 20 8.12 -7.25 20.51
CA LEU N 20 6.85 -6.79 21.07
C LEU N 20 7.11 -5.64 22.02
N ALA N 21 6.32 -4.58 21.91
CA ALA N 21 6.42 -3.50 22.88
C ALA N 21 5.64 -3.88 24.15
N THR N 22 5.99 -3.25 25.28
CA THR N 22 5.15 -3.28 26.47
C THR N 22 4.32 -2.00 26.53
N PHE N 23 3.00 -2.12 26.42
CA PHE N 23 2.15 -0.94 26.38
C PHE N 23 1.85 -0.34 27.74
N TYR N 24 1.54 0.94 27.73
CA TYR N 24 1.20 1.66 28.94
C TYR N 24 -0.28 1.44 29.28
N ASP N 25 -0.51 0.64 30.32
CA ASP N 25 -1.85 0.38 30.83
C ASP N 25 -2.36 1.49 31.74
N ALA N 26 -2.77 2.61 31.15
CA ALA N 26 -3.27 3.74 31.92
C ALA N 26 -4.54 3.40 32.71
N ASP N 27 -4.67 3.99 33.90
CA ASP N 27 -5.74 3.65 34.84
C ASP N 27 -6.16 4.83 35.72
N LEU N 28 -7.34 4.72 36.34
CA LEU N 28 -7.88 5.80 37.17
C LEU N 28 -6.81 6.30 38.14
N ASP N 29 -5.85 5.43 38.45
CA ASP N 29 -4.74 5.76 39.32
C ASP N 29 -3.66 6.61 38.66
N THR N 30 -3.56 6.54 37.34
CA THR N 30 -2.44 7.13 36.61
C THR N 30 -2.84 8.29 35.70
N LEU N 31 -1.86 9.10 35.30
CA LEU N 31 -2.09 10.15 34.33
C LEU N 31 -2.48 9.53 33.00
N PRO N 32 -3.57 10.02 32.41
CA PRO N 32 -3.88 9.57 31.07
C PRO N 32 -2.78 10.03 30.11
N PRO N 33 -2.54 9.26 29.05
CA PRO N 33 -1.52 9.70 28.08
C PRO N 33 -2.11 10.74 27.13
N ARG N 34 -1.27 11.43 26.38
CA ARG N 34 -1.76 12.37 25.37
C ARG N 34 -2.68 11.64 24.41
N MET N 35 -3.77 12.29 24.05
CA MET N 35 -4.73 11.70 23.13
C MET N 35 -4.90 12.66 21.97
N PHE N 36 -5.02 12.11 20.77
CA PHE N 36 -5.24 12.93 19.61
C PHE N 36 -6.42 12.44 18.78
N LEU N 37 -7.23 13.38 18.27
CA LEU N 37 -8.30 13.09 17.32
C LEU N 37 -7.71 12.75 15.96
N PRO N 38 -8.51 12.13 15.06
CA PRO N 38 -8.01 11.78 13.72
C PRO N 38 -7.51 12.96 12.90
N SER N 39 -7.86 14.19 13.29
CA SER N 39 -7.37 15.37 12.57
C SER N 39 -5.96 15.75 13.02
N GLY N 40 -5.52 15.17 14.13
CA GLY N 40 -4.24 15.53 14.70
C GLY N 40 -4.39 16.47 15.88
N ASP N 41 -5.60 16.98 16.10
CA ASP N 41 -5.86 17.85 17.23
C ASP N 41 -5.73 17.12 18.57
N LEU N 42 -5.14 17.81 19.54
CA LEU N 42 -5.05 17.32 20.91
C LEU N 42 -6.45 17.20 21.49
N TYR N 43 -6.72 16.07 22.13
CA TYR N 43 -7.97 15.91 22.88
C TYR N 43 -7.66 15.90 24.37
N THR N 44 -8.21 16.85 25.11
CA THR N 44 -7.94 16.92 26.54
C THR N 44 -9.10 16.32 27.35
N PRO N 45 -8.85 15.17 28.00
CA PRO N 45 -9.94 14.51 28.77
C PRO N 45 -10.25 15.28 30.05
N PRO N 46 -11.47 15.15 30.58
CA PRO N 46 -11.82 15.85 31.84
C PRO N 46 -11.46 15.03 33.07
N GLY N 47 -10.84 13.87 32.85
CA GLY N 47 -10.38 13.02 33.92
C GLY N 47 -9.51 11.92 33.36
N PRO N 48 -9.21 10.90 34.16
CA PRO N 48 -8.36 9.78 33.75
C PRO N 48 -9.08 8.82 32.82
N VAL N 49 -8.32 7.89 32.25
CA VAL N 49 -8.92 6.89 31.37
C VAL N 49 -8.55 5.48 31.82
N ARG N 50 -9.29 4.52 31.26
CA ARG N 50 -9.05 3.09 31.43
C ARG N 50 -9.02 2.47 30.03
N LEU N 51 -8.12 1.52 29.79
CA LEU N 51 -8.01 0.94 28.46
C LEU N 51 -8.44 -0.51 28.45
N GLU N 52 -9.08 -0.92 27.36
CA GLU N 52 -9.37 -2.32 27.12
C GLU N 52 -8.79 -2.72 25.77
N GLU N 53 -7.82 -3.61 25.81
CA GLU N 53 -7.18 -4.08 24.60
C GLU N 53 -8.12 -4.97 23.78
N ILE N 54 -8.21 -4.69 22.49
CA ILE N 54 -9.05 -5.48 21.61
C ILE N 54 -8.21 -6.37 20.72
N LYS N 55 -7.20 -5.79 20.07
CA LYS N 55 -6.27 -6.53 19.24
C LYS N 55 -4.89 -5.94 19.48
N ARG N 56 -3.87 -6.73 19.16
CA ARG N 56 -2.48 -6.33 19.27
C ARG N 56 -1.60 -6.67 18.05
N LYS N 57 -0.68 -5.75 17.80
CA LYS N 57 0.35 -5.81 16.80
C LYS N 57 1.61 -5.58 17.63
N ARG N 58 2.78 -5.88 17.08
CA ARG N 58 4.00 -5.84 17.87
C ARG N 58 4.30 -4.47 18.49
N ARG N 59 4.05 -3.39 17.76
CA ARG N 59 4.35 -2.07 18.28
C ARG N 59 3.11 -1.20 18.54
N VAL N 60 1.96 -1.64 18.03
CA VAL N 60 0.72 -0.91 18.19
C VAL N 60 -0.35 -1.88 18.67
N ARG N 61 -1.34 -1.37 19.39
CA ARG N 61 -2.49 -2.16 19.76
C ARG N 61 -3.74 -1.34 19.56
N LEU N 62 -4.88 -2.03 19.45
CA LEU N 62 -6.20 -1.40 19.39
C LEU N 62 -6.82 -1.44 20.80
N VAL N 63 -7.36 -0.32 21.24
CA VAL N 63 -7.97 -0.29 22.57
C VAL N 63 -9.31 0.41 22.53
N LYS N 64 -10.15 0.05 23.48
CA LYS N 64 -11.33 0.83 23.80
C LYS N 64 -10.94 1.75 24.95
N VAL N 65 -11.09 3.06 24.76
CA VAL N 65 -10.69 3.99 25.79
C VAL N 65 -11.91 4.48 26.55
N SER N 66 -11.95 4.22 27.86
CA SER N 66 -13.04 4.72 28.70
C SER N 66 -12.61 5.99 29.41
N ILE N 67 -13.33 7.08 29.17
CA ILE N 67 -12.96 8.36 29.73
C ILE N 67 -13.82 8.68 30.93
N TYR N 68 -13.18 9.04 32.03
CA TYR N 68 -13.89 9.27 33.27
C TYR N 68 -13.75 10.69 33.76
N ARG N 69 -14.87 11.14 34.32
CA ARG N 69 -15.07 12.51 34.79
C ARG N 69 -15.07 12.50 36.31
N PHE N 70 -14.34 13.42 36.91
CA PHE N 70 -14.49 13.61 38.35
C PHE N 70 -15.79 14.33 38.66
N GLU N 71 -16.62 13.66 39.46
CA GLU N 71 -17.83 14.23 40.00
C GLU N 71 -17.46 14.89 41.32
N HIS N 72 -18.15 15.98 41.64
CA HIS N 72 -17.86 16.72 42.84
C HIS N 72 -18.76 16.30 43.99
N VAL N 73 -18.15 15.77 45.04
CA VAL N 73 -18.92 15.28 46.18
C VAL N 73 -18.51 16.02 47.42
N GLY N 74 -19.18 17.14 47.66
CA GLY N 74 -18.72 18.11 48.63
C GLY N 74 -17.52 18.81 48.01
N LEU N 75 -16.43 18.90 48.74
CA LEU N 75 -15.19 19.43 48.17
C LEU N 75 -14.25 18.27 47.85
N GLY N 76 -14.81 17.22 47.27
CA GLY N 76 -14.12 15.97 47.10
C GLY N 76 -14.50 15.44 45.75
N LEU N 77 -13.81 14.37 45.34
CA LEU N 77 -13.92 13.87 43.98
C LEU N 77 -14.14 12.39 43.90
N ALA N 78 -14.95 11.99 42.93
CA ALA N 78 -15.33 10.60 42.75
C ALA N 78 -15.35 10.33 41.25
N ALA N 79 -14.63 9.32 40.77
CA ALA N 79 -14.61 9.08 39.34
C ALA N 79 -15.89 8.42 38.86
N ARG N 80 -16.39 8.85 37.72
CA ARG N 80 -17.59 8.28 37.16
C ARG N 80 -17.35 8.34 35.65
N PRO N 81 -17.95 7.45 34.85
CA PRO N 81 -17.69 7.38 33.38
C PRO N 81 -18.27 8.54 32.51
N TYR N 82 -17.55 9.11 31.54
CA TYR N 82 -17.92 10.33 30.84
C TYR N 82 -18.06 10.10 29.34
N ALA N 83 -17.15 9.32 28.78
CA ALA N 83 -17.13 9.08 27.34
C ALA N 83 -16.29 7.87 26.96
N TYR N 84 -16.35 7.54 25.68
CA TYR N 84 -15.55 6.44 25.17
C TYR N 84 -15.14 6.68 23.71
N ALA N 85 -14.04 6.05 23.32
CA ALA N 85 -13.54 6.14 21.97
C ALA N 85 -12.67 4.94 21.68
N TYR N 86 -12.74 4.47 20.45
CA TYR N 86 -11.80 3.47 20.00
C TYR N 86 -10.55 4.18 19.53
N ALA N 87 -9.42 3.54 19.72
CA ALA N 87 -8.17 4.17 19.39
C ALA N 87 -7.10 3.12 19.14
N TRP N 88 -6.00 3.54 18.50
CA TRP N 88 -4.78 2.73 18.54
C TRP N 88 -3.76 3.41 19.45
N GLN N 89 -2.94 2.61 20.10
CA GLN N 89 -1.94 3.11 21.01
C GLN N 89 -0.58 2.62 20.53
N GLY N 90 0.44 3.47 20.61
CA GLY N 90 1.78 3.10 20.18
C GLY N 90 2.75 2.90 21.34
N ASP N 91 4.03 2.79 21.01
CA ASP N 91 5.01 2.47 22.04
C ASP N 91 5.54 3.66 22.87
N ASN N 92 5.02 4.86 22.63
CA ASN N 92 5.21 5.99 23.54
C ASN N 92 3.98 6.13 24.44
N GLY N 93 3.05 5.19 24.30
CA GLY N 93 1.83 5.20 25.09
C GLY N 93 0.73 6.12 24.59
N ILE N 94 0.99 6.82 23.48
CA ILE N 94 0.05 7.84 22.99
C ILE N 94 -1.24 7.23 22.41
N LEU N 95 -2.39 7.84 22.69
CA LEU N 95 -3.64 7.36 22.09
C LEU N 95 -4.04 8.16 20.87
N HIS N 96 -4.21 7.45 19.75
CA HIS N 96 -4.71 8.03 18.51
C HIS N 96 -6.18 7.62 18.34
N LEU N 97 -7.08 8.57 18.55
CA LEU N 97 -8.49 8.27 18.47
C LEU N 97 -8.93 8.09 17.01
N TYR N 98 -9.85 7.15 16.77
CA TYR N 98 -10.42 6.99 15.44
C TYR N 98 -11.61 7.92 15.22
N HIS N 99 -12.11 8.52 16.28
CA HIS N 99 -13.28 9.38 16.17
C HIS N 99 -13.35 10.22 17.43
N ALA N 100 -14.06 11.34 17.37
CA ALA N 100 -14.29 12.12 18.57
C ALA N 100 -15.03 11.24 19.57
N PRO N 101 -14.67 11.33 20.86
CA PRO N 101 -15.26 10.56 21.96
C PRO N 101 -16.78 10.71 22.03
N VAL N 102 -17.47 9.59 22.24
CA VAL N 102 -18.91 9.60 22.39
C VAL N 102 -19.26 9.85 23.86
N VAL N 103 -19.93 10.96 24.13
CA VAL N 103 -20.33 11.32 25.48
C VAL N 103 -21.46 10.43 25.99
N LEU N 104 -21.14 9.55 26.93
CA LEU N 104 -22.13 8.64 27.49
C LEU N 104 -23.37 9.39 27.95
N PRO O 2 -48.01 75.07 55.43
CA PRO O 2 -46.96 75.26 56.43
C PRO O 2 -45.97 74.09 56.42
N ILE O 3 -44.70 74.40 56.64
CA ILE O 3 -43.70 73.36 56.65
C ILE O 3 -43.63 72.79 58.05
N HIS O 4 -44.20 71.60 58.20
CA HIS O 4 -44.17 70.89 59.47
C HIS O 4 -43.07 69.83 59.40
N ILE O 5 -42.05 70.00 60.22
CA ILE O 5 -40.93 69.06 60.26
C ILE O 5 -40.92 68.20 61.53
N GLU O 6 -41.07 66.90 61.37
CA GLU O 6 -41.07 66.01 62.52
C GLU O 6 -39.68 65.44 62.80
N ARG O 7 -39.42 65.16 64.07
CA ARG O 7 -38.16 64.58 64.53
C ARG O 7 -38.43 63.16 65.04
N TYR O 8 -38.00 62.17 64.28
CA TYR O 8 -38.09 60.77 64.70
C TYR O 8 -36.78 60.25 65.25
N GLU O 9 -36.85 59.45 66.31
CA GLU O 9 -35.65 58.96 67.01
C GLU O 9 -35.74 57.49 67.44
N ILE O 10 -34.62 56.76 67.30
CA ILE O 10 -34.53 55.39 67.80
C ILE O 10 -33.15 55.12 68.40
N GLU O 11 -33.15 54.41 69.53
CA GLU O 11 -31.93 54.00 70.20
C GLU O 11 -31.74 52.48 70.12
N ALA O 12 -30.50 52.06 69.86
CA ALA O 12 -30.12 50.67 70.00
C ALA O 12 -29.35 50.54 71.32
N ARG O 13 -29.87 49.75 72.24
CA ARG O 13 -29.26 49.64 73.56
C ARG O 13 -28.70 48.24 73.89
N ASP O 14 -27.85 48.16 74.91
CA ASP O 14 -27.43 46.87 75.45
C ASP O 14 -28.60 46.23 76.17
N THR O 15 -28.69 44.91 76.12
CA THR O 15 -29.81 44.20 76.71
C THR O 15 -29.33 42.89 77.37
N LYS O 16 -30.09 42.36 78.32
CA LYS O 16 -29.69 41.11 78.97
C LYS O 16 -29.66 39.94 77.99
N LEU O 17 -30.52 40.02 76.97
CA LEU O 17 -30.55 39.06 75.88
C LEU O 17 -29.50 39.33 74.80
N GLY O 18 -28.72 40.40 74.94
CA GLY O 18 -27.78 40.76 73.89
C GLY O 18 -28.14 42.06 73.15
N PRO O 19 -27.16 42.66 72.48
CA PRO O 19 -27.31 44.01 71.92
C PRO O 19 -28.37 44.17 70.81
N GLU O 20 -29.11 45.27 70.88
CA GLU O 20 -29.92 45.74 69.76
C GLU O 20 -28.95 46.38 68.78
N ARG O 21 -29.28 46.34 67.50
CA ARG O 21 -28.40 46.91 66.48
C ARG O 21 -29.14 47.64 65.37
N ILE O 22 -28.66 48.83 65.01
CA ILE O 22 -29.16 49.54 63.84
C ILE O 22 -28.55 48.87 62.63
N THR O 23 -29.39 48.47 61.68
CA THR O 23 -28.92 47.74 60.52
C THR O 23 -29.97 47.64 59.43
N ARG O 24 -29.51 47.31 58.23
CA ARG O 24 -30.38 47.04 57.10
C ARG O 24 -30.79 45.57 57.08
N ASP O 25 -30.06 44.74 57.81
CA ASP O 25 -30.19 43.28 57.67
C ASP O 25 -31.32 42.71 58.53
N ILE O 26 -32.54 42.89 58.05
CA ILE O 26 -33.76 42.65 58.82
C ILE O 26 -34.58 41.53 58.22
N PRO O 27 -34.97 40.54 59.04
CA PRO O 27 -35.67 39.34 58.52
C PRO O 27 -37.14 39.65 58.16
N HIS O 28 -37.72 38.84 57.29
CA HIS O 28 -39.15 38.92 56.96
C HIS O 28 -39.62 40.21 56.26
N LEU O 29 -38.70 40.95 55.67
CA LEU O 29 -39.05 42.16 54.95
C LEU O 29 -38.83 42.01 53.46
N SER O 30 -39.81 42.44 52.67
CA SER O 30 -39.71 42.39 51.21
C SER O 30 -38.64 43.36 50.72
N GLU O 31 -38.13 43.13 49.51
CA GLU O 31 -37.23 44.09 48.86
C GLU O 31 -37.80 45.50 48.83
N ALA O 32 -39.08 45.61 48.50
CA ALA O 32 -39.75 46.90 48.42
C ALA O 32 -39.66 47.64 49.75
N ALA O 33 -39.84 46.90 50.85
CA ALA O 33 -39.81 47.52 52.17
C ALA O 33 -38.42 48.04 52.51
N LEU O 34 -37.40 47.40 51.94
CA LEU O 34 -36.02 47.81 52.19
C LEU O 34 -35.50 48.81 51.15
N ARG O 35 -36.31 49.10 50.14
CA ARG O 35 -35.85 49.87 48.97
C ARG O 35 -35.14 51.20 49.26
N ASP O 36 -35.69 52.01 50.18
CA ASP O 36 -35.13 53.35 50.40
C ASP O 36 -34.08 53.46 51.50
N LEU O 37 -33.66 52.32 52.04
CA LEU O 37 -32.71 52.28 53.15
C LEU O 37 -31.27 52.30 52.65
N ASP O 38 -30.42 53.16 53.22
CA ASP O 38 -28.99 53.04 52.92
C ASP O 38 -28.40 51.73 53.47
N GLU O 39 -27.09 51.53 53.29
CA GLU O 39 -26.49 50.25 53.67
C GLU O 39 -26.42 50.06 55.18
N GLU O 40 -26.67 51.13 55.93
CA GLU O 40 -26.68 51.06 57.39
C GLU O 40 -28.09 50.75 57.89
N GLY O 41 -29.06 50.79 56.98
CA GLY O 41 -30.45 50.63 57.37
C GLY O 41 -31.13 51.96 57.69
N VAL O 42 -30.44 53.07 57.44
CA VAL O 42 -31.05 54.37 57.67
C VAL O 42 -31.65 54.91 56.37
N VAL O 43 -32.90 55.36 56.44
CA VAL O 43 -33.61 55.81 55.24
C VAL O 43 -32.86 56.96 54.56
N ARG O 44 -32.86 56.95 53.22
CA ARG O 44 -32.08 57.91 52.44
C ARG O 44 -32.74 59.29 52.41
N ILE O 45 -31.92 60.34 52.41
CA ILE O 45 -32.43 61.70 52.20
C ILE O 45 -33.17 61.79 50.87
N GLY O 46 -34.33 62.43 50.86
CA GLY O 46 -35.07 62.66 49.63
C GLY O 46 -36.18 61.65 49.43
N ALA O 47 -36.24 60.65 50.32
CA ALA O 47 -37.20 59.59 50.16
C ALA O 47 -38.60 60.01 50.62
N GLU O 48 -39.61 59.49 49.95
CA GLU O 48 -40.96 59.66 50.44
C GLU O 48 -41.35 58.51 51.38
N VAL O 49 -41.73 58.86 52.60
CA VAL O 49 -42.14 57.86 53.58
C VAL O 49 -43.62 58.01 53.93
N LYS O 50 -44.30 56.87 54.05
CA LYS O 50 -45.73 56.82 54.35
C LYS O 50 -45.94 55.89 55.56
N PRO O 51 -47.09 56.01 56.27
CA PRO O 51 -47.33 55.23 57.48
C PRO O 51 -47.01 53.74 57.32
N GLY O 52 -46.21 53.20 58.25
CA GLY O 52 -45.75 51.83 58.16
C GLY O 52 -44.38 51.67 57.51
N ASP O 53 -43.91 52.71 56.83
CA ASP O 53 -42.59 52.63 56.19
C ASP O 53 -41.47 52.79 57.22
N ILE O 54 -40.37 52.08 56.96
CA ILE O 54 -39.18 52.13 57.80
C ILE O 54 -38.35 53.41 57.64
N LEU O 55 -38.02 54.03 58.78
CA LEU O 55 -37.09 55.15 58.80
C LEU O 55 -35.70 54.66 59.19
N VAL O 56 -35.64 53.77 60.16
CA VAL O 56 -34.37 53.23 60.67
C VAL O 56 -34.53 51.74 60.99
N GLY O 57 -33.76 50.89 60.30
CA GLY O 57 -33.79 49.47 60.58
C GLY O 57 -33.18 49.13 61.92
N ARG O 58 -33.83 48.25 62.67
CA ARG O 58 -33.28 47.75 63.93
C ARG O 58 -33.65 46.29 64.18
N THR O 59 -32.69 45.53 64.71
CA THR O 59 -33.01 44.17 65.13
C THR O 59 -32.65 43.93 66.59
N SER O 60 -33.42 43.09 67.28
CA SER O 60 -33.07 42.70 68.65
C SER O 60 -33.27 41.22 68.84
N PHE O 61 -32.73 40.73 69.94
CA PHE O 61 -32.75 39.29 70.20
C PHE O 61 -34.06 38.70 70.75
N LYS O 62 -34.23 37.42 70.42
CA LYS O 62 -35.33 36.61 70.93
C LYS O 62 -34.87 35.96 72.25
N GLY O 63 -35.80 35.40 73.01
CA GLY O 63 -35.53 34.92 74.37
C GLY O 63 -34.53 33.79 74.61
N GLU O 64 -33.69 33.48 73.61
CA GLU O 64 -32.73 32.37 73.66
C GLU O 64 -33.22 31.10 74.37
N SER O 65 -34.21 30.43 73.79
CA SER O 65 -34.72 29.19 74.38
C SER O 65 -33.59 28.15 74.45
N GLU O 66 -33.74 27.19 75.35
CA GLU O 66 -32.84 26.05 75.38
C GLU O 66 -32.98 25.32 74.05
N PRO O 67 -31.88 24.72 73.58
CA PRO O 67 -31.83 24.01 72.31
C PRO O 67 -33.01 23.07 72.10
N THR O 68 -33.87 23.38 71.13
CA THR O 68 -34.96 22.48 70.74
C THR O 68 -34.45 21.03 70.48
N PRO O 69 -35.36 20.05 70.44
CA PRO O 69 -34.88 18.70 70.17
C PRO O 69 -34.44 18.53 68.73
N GLU O 70 -35.22 19.14 67.83
CA GLU O 70 -34.91 19.15 66.41
C GLU O 70 -33.58 19.84 66.19
N GLU O 71 -33.32 20.87 66.97
CA GLU O 71 -32.08 21.63 66.90
C GLU O 71 -30.88 20.73 67.10
N ARG O 72 -30.97 19.85 68.07
CA ARG O 72 -29.83 19.02 68.45
C ARG O 72 -29.43 17.97 67.42
N LEU O 73 -30.39 17.51 66.60
CA LEU O 73 -30.08 16.49 65.62
C LEU O 73 -29.14 17.12 64.62
N LEU O 74 -29.56 18.29 64.14
CA LEU O 74 -28.79 19.13 63.22
C LEU O 74 -27.46 19.49 63.82
N ARG O 75 -27.50 19.86 65.09
CA ARG O 75 -26.33 20.34 65.82
C ARG O 75 -25.10 19.41 65.75
N SER O 76 -25.28 18.21 65.21
CA SER O 76 -24.20 17.22 65.13
C SER O 76 -23.51 17.19 63.78
N ILE O 77 -24.24 17.61 62.75
CA ILE O 77 -23.76 17.57 61.37
C ILE O 77 -23.37 18.96 60.86
N PHE O 78 -24.07 20.00 61.34
CA PHE O 78 -23.82 21.39 60.97
C PHE O 78 -23.32 22.30 62.12
N GLY O 79 -23.51 21.86 63.36
CA GLY O 79 -23.04 22.65 64.48
C GLY O 79 -23.98 23.67 65.09
N GLU O 80 -23.50 24.28 66.18
CA GLU O 80 -24.30 25.08 67.11
C GLU O 80 -25.08 26.21 66.47
N LYS O 81 -26.32 26.34 66.90
CA LYS O 81 -27.23 27.40 66.46
C LYS O 81 -26.62 28.78 66.65
N ALA O 82 -27.32 29.78 66.10
CA ALA O 82 -26.99 31.19 66.29
C ALA O 82 -28.30 31.90 66.56
N ARG O 83 -28.37 32.67 67.64
CA ARG O 83 -29.59 33.35 68.07
C ARG O 83 -30.31 34.08 66.94
N ASP O 84 -31.61 33.85 66.81
CA ASP O 84 -32.40 34.54 65.81
C ASP O 84 -32.75 35.92 66.33
N VAL O 85 -33.19 36.81 65.43
CA VAL O 85 -33.51 38.18 65.80
C VAL O 85 -34.82 38.65 65.17
N LYS O 86 -35.41 39.69 65.75
CA LYS O 86 -36.66 40.19 65.20
C LYS O 86 -36.58 41.64 64.76
N ASP O 87 -37.48 41.98 63.86
CA ASP O 87 -37.64 43.31 63.32
C ASP O 87 -38.24 44.23 64.40
N THR O 88 -37.44 45.09 64.98
CA THR O 88 -37.96 46.11 65.91
C THR O 88 -37.66 47.51 65.39
N SER O 89 -37.80 47.65 64.08
CA SER O 89 -37.45 48.88 63.34
C SER O 89 -38.31 50.10 63.69
N LEU O 90 -37.75 51.28 63.46
CA LEU O 90 -38.49 52.54 63.58
C LEU O 90 -39.35 52.73 62.33
N ARG O 91 -40.67 52.74 62.52
CA ARG O 91 -41.60 52.92 61.40
C ARG O 91 -42.37 54.23 61.49
N VAL O 92 -42.77 54.76 60.34
CA VAL O 92 -43.61 55.96 60.29
C VAL O 92 -44.96 55.66 60.93
N PRO O 93 -45.36 56.47 61.93
CA PRO O 93 -46.64 56.33 62.64
C PRO O 93 -47.85 56.62 61.76
N PRO O 94 -49.01 56.04 62.12
CA PRO O 94 -50.28 56.31 61.45
C PRO O 94 -50.57 57.80 61.35
N GLY O 95 -51.00 58.24 60.16
CA GLY O 95 -51.41 59.61 59.97
C GLY O 95 -50.26 60.58 59.75
N GLU O 96 -49.05 60.05 59.56
CA GLU O 96 -47.89 60.91 59.34
C GLU O 96 -47.15 60.51 58.07
N GLY O 97 -46.07 61.23 57.75
CA GLY O 97 -45.33 60.98 56.53
C GLY O 97 -44.91 62.26 55.81
N GLY O 98 -44.15 62.09 54.73
CA GLY O 98 -43.61 63.23 54.01
C GLY O 98 -42.28 62.88 53.39
N ILE O 99 -41.37 63.85 53.33
CA ILE O 99 -40.07 63.68 52.68
C ILE O 99 -38.94 63.76 53.71
N VAL O 100 -38.03 62.79 53.67
CA VAL O 100 -36.86 62.81 54.56
C VAL O 100 -35.92 63.95 54.17
N VAL O 101 -35.58 64.83 55.12
CA VAL O 101 -34.75 65.98 54.82
C VAL O 101 -33.38 65.98 55.51
N ARG O 102 -33.23 65.17 56.54
CA ARG O 102 -31.97 65.11 57.26
C ARG O 102 -31.96 63.83 58.07
N THR O 103 -30.76 63.27 58.29
CA THR O 103 -30.58 62.22 59.27
C THR O 103 -29.39 62.56 60.14
N VAL O 104 -29.38 62.03 61.35
CA VAL O 104 -28.26 62.18 62.28
C VAL O 104 -28.03 60.84 62.90
N ARG O 105 -26.77 60.39 62.94
CA ARG O 105 -26.46 59.12 63.58
C ARG O 105 -25.26 59.29 64.49
N LEU O 106 -25.40 58.84 65.73
CA LEU O 106 -24.35 58.94 66.74
C LEU O 106 -24.04 57.55 67.31
N ARG O 107 -22.77 57.29 67.59
CA ARG O 107 -22.35 56.00 68.15
C ARG O 107 -21.60 56.14 69.47
N ARG O 108 -21.98 55.35 70.46
CA ARG O 108 -21.30 55.38 71.77
C ARG O 108 -19.80 55.18 71.61
N GLY O 109 -19.01 56.09 72.18
CA GLY O 109 -17.58 55.94 72.23
C GLY O 109 -16.85 56.77 71.18
N ASP O 110 -17.62 57.36 70.29
CA ASP O 110 -17.08 58.36 69.35
C ASP O 110 -16.66 59.59 70.14
N PRO O 111 -15.70 60.37 69.62
CA PRO O 111 -15.21 61.57 70.31
C PRO O 111 -16.30 62.63 70.51
N GLY O 112 -16.52 63.01 71.77
CA GLY O 112 -17.46 64.07 72.11
C GLY O 112 -18.89 63.63 72.30
N VAL O 113 -19.17 62.36 71.96
CA VAL O 113 -20.51 61.81 72.02
C VAL O 113 -20.87 61.29 73.40
N GLU O 114 -22.03 61.70 73.91
CA GLU O 114 -22.50 61.26 75.23
C GLU O 114 -23.94 60.77 75.14
N LEU O 115 -24.13 59.45 75.17
CA LEU O 115 -25.48 58.90 75.07
C LEU O 115 -25.96 58.44 76.43
N LYS O 116 -27.27 58.23 76.57
CA LYS O 116 -27.84 57.64 77.78
C LYS O 116 -27.14 56.32 78.18
N PRO O 117 -27.11 56.02 79.47
CA PRO O 117 -26.60 54.74 79.96
C PRO O 117 -27.30 53.57 79.27
N GLY O 118 -26.52 52.68 78.66
CA GLY O 118 -27.06 51.51 77.99
C GLY O 118 -27.13 51.62 76.48
N VAL O 119 -27.16 52.85 75.97
CA VAL O 119 -27.35 53.11 74.54
C VAL O 119 -26.05 52.93 73.76
N ARG O 120 -26.08 52.11 72.71
CA ARG O 120 -24.90 51.88 71.87
C ARG O 120 -24.85 52.88 70.72
N GLU O 121 -26.03 53.23 70.22
CA GLU O 121 -26.14 54.14 69.09
C GLU O 121 -27.54 54.76 69.02
N VAL O 122 -27.61 55.94 68.41
CA VAL O 122 -28.88 56.62 68.22
C VAL O 122 -28.94 57.28 66.85
N VAL O 123 -30.11 57.18 66.22
CA VAL O 123 -30.33 57.75 64.91
C VAL O 123 -31.58 58.62 64.95
N ARG O 124 -31.50 59.80 64.33
CA ARG O 124 -32.62 60.72 64.19
C ARG O 124 -32.94 61.04 62.72
N VAL O 125 -34.21 60.95 62.35
CA VAL O 125 -34.67 61.23 61.00
C VAL O 125 -35.65 62.41 61.00
N TYR O 126 -35.40 63.39 60.14
CA TYR O 126 -36.29 64.56 60.04
C TYR O 126 -37.12 64.47 58.75
N VAL O 127 -38.44 64.61 58.88
CA VAL O 127 -39.35 64.46 57.76
C VAL O 127 -40.24 65.68 57.61
N ALA O 128 -40.22 66.26 56.43
CA ALA O 128 -41.08 67.41 56.12
C ALA O 128 -42.44 66.87 55.66
N GLN O 129 -43.46 67.14 56.45
CA GLN O 129 -44.80 66.75 56.08
C GLN O 129 -45.64 68.00 55.93
N LYS O 130 -46.22 68.16 54.74
CA LYS O 130 -47.13 69.27 54.48
C LYS O 130 -48.45 69.07 55.20
N VAL P 3 -25.49 37.75 36.20
CA VAL P 3 -24.69 38.40 37.24
C VAL P 3 -24.68 39.95 37.21
N GLU P 4 -24.40 40.53 36.05
CA GLU P 4 -24.28 41.99 35.94
C GLU P 4 -25.48 42.82 36.42
N PRO P 5 -26.73 42.38 36.12
CA PRO P 5 -27.85 43.17 36.66
C PRO P 5 -27.92 43.14 38.20
N TYR P 6 -27.34 42.10 38.80
CA TYR P 6 -27.29 42.00 40.26
C TYR P 6 -26.20 42.87 40.87
N ILE P 7 -25.10 43.06 40.14
CA ILE P 7 -24.10 44.06 40.51
C ILE P 7 -24.76 45.44 40.48
N ARG P 8 -25.61 45.66 39.48
CA ARG P 8 -26.35 46.93 39.33
C ARG P 8 -27.33 47.25 40.47
N LEU P 9 -28.12 46.25 40.87
CA LEU P 9 -29.00 46.38 42.04
C LEU P 9 -28.21 46.60 43.33
N PHE P 10 -27.17 45.80 43.53
CA PHE P 10 -26.36 45.89 44.74
C PHE P 10 -25.69 47.25 44.90
N GLU P 11 -25.09 47.76 43.82
CA GLU P 11 -24.30 48.98 43.91
C GLU P 11 -25.17 50.22 44.07
N ALA P 12 -26.44 50.07 43.73
CA ALA P 12 -27.43 51.11 43.97
C ALA P 12 -27.86 51.22 45.45
N ILE P 13 -27.42 50.31 46.31
CA ILE P 13 -27.66 50.51 47.74
C ILE P 13 -26.89 51.75 48.19
N PRO P 14 -27.58 52.71 48.79
CA PRO P 14 -26.86 53.95 49.16
C PRO P 14 -25.79 53.68 50.21
N ASP P 15 -24.65 54.36 50.07
CA ASP P 15 -23.49 54.17 50.93
C ASP P 15 -23.58 54.97 52.24
N ALA P 16 -22.75 54.58 53.21
CA ALA P 16 -22.70 55.26 54.49
C ALA P 16 -21.35 55.03 55.15
N GLU P 17 -20.79 56.08 55.75
CA GLU P 17 -19.56 55.91 56.53
C GLU P 17 -19.84 55.15 57.82
N THR P 18 -19.36 53.90 57.87
CA THR P 18 -19.42 53.06 59.06
C THR P 18 -18.25 52.11 59.08
N GLU P 19 -18.13 51.38 60.18
CA GLU P 19 -17.18 50.29 60.27
C GLU P 19 -17.52 49.20 59.27
N LEU P 20 -16.51 48.47 58.82
CA LEU P 20 -16.72 47.28 57.99
C LEU P 20 -17.28 46.18 58.88
N ALA P 21 -18.31 45.50 58.40
CA ALA P 21 -18.79 44.33 59.13
C ALA P 21 -17.92 43.11 58.78
N THR P 22 -17.91 42.12 59.66
CA THR P 22 -17.37 40.80 59.33
C THR P 22 -18.52 39.87 58.95
N PHE P 23 -18.56 39.43 57.70
CA PHE P 23 -19.68 38.63 57.22
C PHE P 23 -19.58 37.15 57.61
N TYR P 24 -20.73 36.50 57.66
CA TYR P 24 -20.81 35.10 57.98
C TYR P 24 -20.56 34.26 56.73
N ASP P 25 -19.38 33.64 56.68
CA ASP P 25 -19.00 32.76 55.58
C ASP P 25 -19.58 31.34 55.75
N ALA P 26 -20.87 31.21 55.46
CA ALA P 26 -21.53 29.91 55.59
C ALA P 26 -20.95 28.85 54.64
N ASP P 27 -20.90 27.60 55.12
CA ASP P 27 -20.24 26.51 54.39
C ASP P 27 -20.89 25.14 54.65
N LEU P 28 -20.58 24.17 53.79
CA LEU P 28 -21.16 22.84 53.88
C LEU P 28 -21.08 22.32 55.33
N ASP P 29 -20.11 22.85 56.06
CA ASP P 29 -19.90 22.50 57.47
C ASP P 29 -20.89 23.17 58.42
N THR P 30 -21.45 24.30 58.01
CA THR P 30 -22.23 25.16 58.90
C THR P 30 -23.72 25.24 58.53
N LEU P 31 -24.54 25.67 59.48
CA LEU P 31 -25.95 25.93 59.19
C LEU P 31 -26.05 27.07 58.20
N PRO P 32 -26.84 26.87 57.15
CA PRO P 32 -27.10 28.01 56.27
C PRO P 32 -27.88 29.06 57.04
N PRO P 33 -27.69 30.34 56.67
CA PRO P 33 -28.46 31.39 57.35
C PRO P 33 -29.86 31.47 56.75
N ARG P 34 -30.78 32.18 57.40
CA ARG P 34 -32.10 32.39 56.86
C ARG P 34 -31.99 33.06 55.50
N MET P 35 -32.80 32.61 54.56
CA MET P 35 -32.79 33.16 53.22
C MET P 35 -34.18 33.64 52.90
N PHE P 36 -34.27 34.77 52.22
CA PHE P 36 -35.57 35.28 51.81
C PHE P 36 -35.60 35.62 50.33
N LEU P 37 -36.73 35.30 49.68
CA LEU P 37 -36.99 35.70 48.30
C LEU P 37 -37.30 37.20 48.25
N PRO P 38 -37.23 37.82 47.05
CA PRO P 38 -37.52 39.26 46.93
C PRO P 38 -38.92 39.66 47.39
N SER P 39 -39.83 38.71 47.54
CA SER P 39 -41.18 39.03 48.03
C SER P 39 -41.21 39.13 49.55
N GLY P 40 -40.14 38.66 50.19
CA GLY P 40 -40.10 38.62 51.64
C GLY P 40 -40.38 37.24 52.19
N ASP P 41 -40.80 36.33 51.31
CA ASP P 41 -41.06 34.95 51.71
C ASP P 41 -39.76 34.22 52.11
N LEU P 42 -39.87 33.43 53.17
CA LEU P 42 -38.79 32.57 53.62
C LEU P 42 -38.50 31.53 52.53
N TYR P 43 -37.22 31.34 52.23
CA TYR P 43 -36.82 30.26 51.34
C TYR P 43 -36.08 29.19 52.14
N THR P 44 -36.60 27.98 52.16
CA THR P 44 -35.97 26.91 52.93
C THR P 44 -35.14 26.00 52.04
N PRO P 45 -33.80 26.04 52.18
CA PRO P 45 -32.94 25.22 51.31
C PRO P 45 -33.02 23.73 51.69
N PRO P 46 -32.74 22.81 50.76
CA PRO P 46 -32.80 21.38 51.09
C PRO P 46 -31.46 20.88 51.64
N GLY P 47 -30.51 21.78 51.81
CA GLY P 47 -29.21 21.46 52.38
C GLY P 47 -28.46 22.74 52.67
N PRO P 48 -27.16 22.63 52.95
CA PRO P 48 -26.32 23.78 53.28
C PRO P 48 -25.96 24.60 52.05
N VAL P 49 -25.36 25.77 52.27
CA VAL P 49 -24.94 26.61 51.16
C VAL P 49 -23.46 26.97 51.27
N ARG P 50 -22.95 27.52 50.19
CA ARG P 50 -21.61 28.01 50.08
C ARG P 50 -21.73 29.40 49.47
N LEU P 51 -20.93 30.37 49.89
CA LEU P 51 -21.03 31.73 49.37
C LEU P 51 -19.79 32.13 48.60
N GLU P 52 -20.00 32.89 47.53
CA GLU P 52 -18.90 33.50 46.82
C GLU P 52 -19.14 35.00 46.73
N GLU P 53 -18.28 35.76 47.40
CA GLU P 53 -18.39 37.21 47.41
C GLU P 53 -18.06 37.80 46.05
N ILE P 54 -18.92 38.69 45.57
CA ILE P 54 -18.70 39.35 44.28
C ILE P 54 -18.28 40.79 44.48
N LYS P 55 -19.04 41.51 45.32
CA LYS P 55 -18.72 42.89 45.65
C LYS P 55 -19.03 43.08 47.13
N ARG P 56 -18.42 44.11 47.71
CA ARG P 56 -18.63 44.47 49.11
C ARG P 56 -18.85 45.97 49.35
N LYS P 57 -19.69 46.20 50.36
CA LYS P 57 -20.05 47.49 50.91
C LYS P 57 -19.77 47.28 52.39
N ARG P 58 -19.70 48.36 53.15
CA ARG P 58 -19.27 48.26 54.54
C ARG P 58 -20.15 47.34 55.40
N ARG P 59 -21.47 47.37 55.19
CA ARG P 59 -22.37 46.56 55.99
C ARG P 59 -23.09 45.46 55.21
N VAL P 60 -23.02 45.54 53.88
CA VAL P 60 -23.67 44.57 53.01
C VAL P 60 -22.66 44.10 51.97
N ARG P 61 -22.85 42.88 51.48
CA ARG P 61 -22.05 42.38 50.38
C ARG P 61 -22.95 41.67 49.40
N LEU P 62 -22.48 41.54 48.17
CA LEU P 62 -23.13 40.76 47.13
C LEU P 62 -22.49 39.37 47.06
N VAL P 63 -23.30 38.32 47.04
CA VAL P 63 -22.74 36.98 46.96
C VAL P 63 -23.47 36.14 45.93
N LYS P 64 -22.75 35.14 45.43
CA LYS P 64 -23.37 34.07 44.69
C LYS P 64 -23.60 32.93 45.70
N VAL P 65 -24.85 32.51 45.84
CA VAL P 65 -25.16 31.48 46.81
C VAL P 65 -25.31 30.13 46.11
N SER P 66 -24.46 29.17 46.48
CA SER P 66 -24.58 27.82 45.94
C SER P 66 -25.33 26.93 46.91
N ILE P 67 -26.42 26.34 46.45
CA ILE P 67 -27.31 25.58 47.31
C ILE P 67 -27.12 24.08 47.11
N TYR P 68 -26.73 23.38 48.18
CA TYR P 68 -26.38 21.96 48.09
C TYR P 68 -27.27 20.98 48.86
N ARG P 69 -27.70 19.97 48.09
CA ARG P 69 -28.65 18.93 48.47
C ARG P 69 -27.91 17.70 49.01
N PHE P 70 -28.48 17.04 50.02
CA PHE P 70 -27.93 15.77 50.42
C PHE P 70 -28.45 14.63 49.54
N GLU P 71 -27.55 14.12 48.71
CA GLU P 71 -27.74 12.88 48.00
C GLU P 71 -27.69 11.77 49.04
N HIS P 72 -28.59 10.81 48.91
CA HIS P 72 -28.60 9.68 49.81
C HIS P 72 -27.79 8.51 49.27
N VAL P 73 -26.86 8.06 50.11
CA VAL P 73 -25.83 7.06 49.73
C VAL P 73 -25.76 5.93 50.77
N GLY P 74 -26.57 4.89 50.61
CA GLY P 74 -26.73 3.91 51.67
C GLY P 74 -27.51 4.57 52.80
N LEU P 75 -27.29 4.11 54.02
CA LEU P 75 -27.84 4.79 55.19
C LEU P 75 -27.25 6.21 55.36
N GLY P 76 -26.23 6.58 54.59
CA GLY P 76 -25.52 7.83 54.79
C GLY P 76 -25.68 8.94 53.75
N LEU P 77 -25.00 10.07 53.96
CA LEU P 77 -25.22 11.27 53.12
C LEU P 77 -23.96 11.83 52.48
N ALA P 78 -24.12 12.31 51.25
CA ALA P 78 -23.07 13.02 50.54
C ALA P 78 -23.68 14.28 49.94
N ALA P 79 -22.95 15.40 49.90
CA ALA P 79 -23.52 16.66 49.39
C ALA P 79 -23.24 16.85 47.90
N ARG P 80 -24.26 17.19 47.13
CA ARG P 80 -24.04 17.60 45.74
C ARG P 80 -24.70 18.95 45.57
N PRO P 81 -24.44 19.65 44.45
CA PRO P 81 -25.04 20.94 44.07
C PRO P 81 -26.49 20.97 43.55
N TYR P 82 -27.40 21.80 44.08
CA TYR P 82 -28.83 21.70 43.81
C TYR P 82 -29.35 22.95 43.09
N ALA P 83 -28.85 24.11 43.50
CA ALA P 83 -29.33 25.37 42.93
C ALA P 83 -28.40 26.53 43.23
N TYR P 84 -28.71 27.66 42.63
CA TYR P 84 -27.93 28.87 42.89
C TYR P 84 -28.81 30.12 42.78
N ALA P 85 -28.36 31.17 43.46
CA ALA P 85 -29.05 32.44 43.45
C ALA P 85 -28.06 33.53 43.81
N TYR P 86 -28.24 34.69 43.18
CA TYR P 86 -27.51 35.86 43.60
C TYR P 86 -28.28 36.50 44.74
N ALA P 87 -27.54 37.10 45.65
CA ALA P 87 -28.17 37.66 46.83
C ALA P 87 -27.29 38.75 47.42
N TRP P 88 -27.89 39.58 48.28
CA TRP P 88 -27.08 40.42 49.18
C TRP P 88 -27.19 39.85 50.59
N GLN P 89 -26.11 40.01 51.35
CA GLN P 89 -26.05 39.53 52.71
C GLN P 89 -25.75 40.70 53.62
N GLY P 90 -26.39 40.74 54.78
CA GLY P 90 -26.18 41.83 55.73
C GLY P 90 -25.39 41.41 56.96
N ASP P 91 -25.36 42.28 57.97
CA ASP P 91 -24.54 42.00 59.13
C ASP P 91 -25.16 41.09 60.22
N ASN P 92 -26.35 40.58 59.98
CA ASN P 92 -26.89 39.48 60.77
C ASN P 92 -26.67 38.16 60.03
N GLY P 93 -25.99 38.24 58.90
CA GLY P 93 -25.70 37.06 58.09
C GLY P 93 -26.82 36.61 57.17
N ILE P 94 -27.94 37.34 57.18
CA ILE P 94 -29.13 36.92 56.44
C ILE P 94 -28.95 37.05 54.91
N LEU P 95 -29.44 36.08 54.14
CA LEU P 95 -29.39 36.21 52.69
C LEU P 95 -30.70 36.71 52.10
N HIS P 96 -30.61 37.80 51.36
CA HIS P 96 -31.74 38.35 50.60
C HIS P 96 -31.56 38.01 49.13
N LEU P 97 -32.35 37.07 48.64
CA LEU P 97 -32.23 36.63 47.28
C LEU P 97 -32.79 37.69 46.32
N TYR P 98 -32.14 37.85 45.16
CA TYR P 98 -32.67 38.72 44.12
C TYR P 98 -33.67 38.01 43.22
N HIS P 99 -33.74 36.69 43.32
CA HIS P 99 -34.63 35.92 42.45
C HIS P 99 -34.77 34.55 43.06
N ALA P 100 -35.82 33.83 42.70
CA ALA P 100 -35.95 32.46 43.13
C ALA P 100 -34.76 31.68 42.59
N PRO P 101 -34.21 30.76 43.41
CA PRO P 101 -33.05 29.93 43.06
C PRO P 101 -33.25 29.14 41.78
N VAL P 102 -32.24 29.13 40.93
CA VAL P 102 -32.37 28.44 39.65
C VAL P 102 -31.80 27.04 39.76
N VAL P 103 -32.66 26.06 39.50
CA VAL P 103 -32.26 24.66 39.59
C VAL P 103 -31.26 24.32 38.50
N LEU P 104 -30.25 23.55 38.88
CA LEU P 104 -29.24 23.07 37.93
C LEU P 104 -29.55 21.67 37.39
N ILE Q 3 -73.09 -36.97 46.57
CA ILE Q 3 -71.98 -36.04 46.40
C ILE Q 3 -70.69 -36.67 46.92
N HIS Q 4 -69.61 -36.46 46.20
CA HIS Q 4 -68.36 -37.12 46.53
C HIS Q 4 -67.49 -36.21 47.36
N ILE Q 5 -67.15 -36.70 48.56
CA ILE Q 5 -66.30 -35.94 49.45
C ILE Q 5 -64.97 -36.66 49.60
N GLU Q 6 -63.90 -35.95 49.25
CA GLU Q 6 -62.55 -36.46 49.41
C GLU Q 6 -61.87 -35.84 50.63
N ARG Q 7 -60.97 -36.62 51.23
CA ARG Q 7 -60.18 -36.20 52.38
C ARG Q 7 -58.72 -36.09 51.96
N TYR Q 8 -58.22 -34.86 51.85
CA TYR Q 8 -56.81 -34.61 51.55
C TYR Q 8 -56.02 -34.26 52.81
N GLU Q 9 -54.79 -34.78 52.90
CA GLU Q 9 -53.96 -34.61 54.11
C GLU Q 9 -52.48 -34.32 53.81
N ILE Q 10 -51.89 -33.42 54.58
CA ILE Q 10 -50.44 -33.18 54.50
C ILE Q 10 -49.84 -32.94 55.89
N GLU Q 11 -48.66 -33.53 56.09
CA GLU Q 11 -47.92 -33.36 57.32
C GLU Q 11 -46.64 -32.55 57.09
N ALA Q 12 -46.36 -31.64 58.02
CA ALA Q 12 -45.06 -30.97 58.07
C ALA Q 12 -44.25 -31.63 59.19
N ARG Q 13 -43.12 -32.23 58.83
CA ARG Q 13 -42.33 -32.96 59.80
C ARG Q 13 -40.94 -32.36 60.07
N ASP Q 14 -40.32 -32.78 61.16
CA ASP Q 14 -38.91 -32.46 61.41
C ASP Q 14 -38.04 -33.23 60.43
N THR Q 15 -36.94 -32.65 60.01
CA THR Q 15 -36.07 -33.27 59.01
C THR Q 15 -34.60 -33.00 59.35
N LYS Q 16 -33.68 -33.71 58.73
CA LYS Q 16 -32.27 -33.54 59.06
C LYS Q 16 -31.77 -32.11 58.82
N LEU Q 17 -32.22 -31.47 57.75
CA LEU Q 17 -31.76 -30.12 57.41
C LEU Q 17 -32.50 -28.94 58.08
N GLY Q 18 -33.57 -29.21 58.82
CA GLY Q 18 -34.37 -28.15 59.41
C GLY Q 18 -35.87 -28.30 59.16
N PRO Q 19 -36.69 -27.62 59.96
CA PRO Q 19 -38.15 -27.84 59.97
C PRO Q 19 -38.90 -27.48 58.68
N GLU Q 20 -39.89 -28.30 58.33
CA GLU Q 20 -40.74 -28.02 57.17
C GLU Q 20 -42.05 -27.46 57.72
N ARG Q 21 -42.43 -26.28 57.25
CA ARG Q 21 -43.60 -25.61 57.81
C ARG Q 21 -44.73 -25.24 56.84
N ILE Q 22 -45.95 -25.59 57.25
CA ILE Q 22 -47.18 -25.19 56.56
C ILE Q 22 -47.20 -23.67 56.54
N THR Q 23 -47.38 -23.10 55.36
CA THR Q 23 -47.31 -21.66 55.22
C THR Q 23 -47.82 -21.19 53.86
N ARG Q 24 -48.13 -19.90 53.79
CA ARG Q 24 -48.52 -19.25 52.55
C ARG Q 24 -47.29 -18.75 51.80
N ASP Q 25 -46.16 -18.65 52.50
CA ASP Q 25 -44.98 -17.95 51.97
C ASP Q 25 -44.11 -18.85 51.10
N ILE Q 26 -44.56 -19.06 49.87
CA ILE Q 26 -44.02 -20.08 48.97
C ILE Q 26 -43.40 -19.43 47.74
N PRO Q 27 -42.14 -19.74 47.46
CA PRO Q 27 -41.42 -19.15 46.32
C PRO Q 27 -41.85 -19.68 44.94
N HIS Q 28 -41.75 -18.82 43.92
CA HIS Q 28 -42.03 -19.22 42.54
C HIS Q 28 -43.49 -19.40 42.18
N LEU Q 29 -44.39 -18.89 43.02
CA LEU Q 29 -45.83 -19.02 42.75
C LEU Q 29 -46.48 -17.68 42.43
N SER Q 30 -47.24 -17.65 41.35
CA SER Q 30 -47.93 -16.43 40.93
C SER Q 30 -48.98 -16.01 41.97
N GLU Q 31 -49.36 -14.75 41.96
CA GLU Q 31 -50.48 -14.28 42.80
C GLU Q 31 -51.73 -15.12 42.62
N ALA Q 32 -52.05 -15.45 41.37
CA ALA Q 32 -53.24 -16.23 41.07
C ALA Q 32 -53.18 -17.58 41.77
N ALA Q 33 -52.01 -18.20 41.81
CA ALA Q 33 -51.86 -19.52 42.44
C ALA Q 33 -52.08 -19.43 43.94
N LEU Q 34 -51.77 -18.27 44.51
CA LEU Q 34 -51.93 -18.07 45.96
C LEU Q 34 -53.29 -17.48 46.33
N ARG Q 35 -54.10 -17.14 45.33
CA ARG Q 35 -55.32 -16.36 45.53
C ARG Q 35 -56.29 -16.90 46.61
N ASP Q 36 -56.56 -18.21 46.62
CA ASP Q 36 -57.57 -18.74 47.54
C ASP Q 36 -57.05 -19.22 48.89
N LEU Q 37 -55.78 -18.97 49.17
CA LEU Q 37 -55.13 -19.43 50.40
C LEU Q 37 -55.34 -18.44 51.54
N ASP Q 38 -55.75 -18.91 52.72
CA ASP Q 38 -55.73 -18.03 53.88
C ASP Q 38 -54.30 -17.64 54.28
N GLU Q 39 -54.16 -16.85 55.35
CA GLU Q 39 -52.85 -16.33 55.72
C GLU Q 39 -51.90 -17.42 56.24
N GLU Q 40 -52.46 -18.59 56.54
CA GLU Q 40 -51.65 -19.72 56.99
C GLU Q 40 -51.20 -20.56 55.82
N GLY Q 41 -51.73 -20.27 54.64
CA GLY Q 41 -51.47 -21.09 53.47
C GLY Q 41 -52.48 -22.22 53.29
N VAL Q 42 -53.53 -22.23 54.11
CA VAL Q 42 -54.56 -23.26 53.96
C VAL Q 42 -55.72 -22.71 53.11
N VAL Q 43 -56.11 -23.49 52.10
CA VAL Q 43 -57.15 -23.04 51.17
C VAL Q 43 -58.44 -22.69 51.91
N ARG Q 44 -59.11 -21.64 51.45
CA ARG Q 44 -60.30 -21.12 52.13
C ARG Q 44 -61.54 -21.98 51.87
N ILE Q 45 -62.40 -22.12 52.87
CA ILE Q 45 -63.71 -22.76 52.67
C ILE Q 45 -64.50 -22.06 51.57
N GLY Q 46 -65.10 -22.83 50.69
CA GLY Q 46 -65.96 -22.26 49.65
C GLY Q 46 -65.23 -22.11 48.33
N ALA Q 47 -63.94 -22.39 48.32
CA ALA Q 47 -63.14 -22.21 47.13
C ALA Q 47 -63.34 -23.35 46.13
N GLU Q 48 -63.28 -23.01 44.85
CA GLU Q 48 -63.24 -24.03 43.82
C GLU Q 48 -61.79 -24.43 43.51
N VAL Q 49 -61.48 -25.71 43.68
CA VAL Q 49 -60.14 -26.21 43.38
C VAL Q 49 -60.17 -27.17 42.19
N LYS Q 50 -59.16 -27.05 41.33
CA LYS Q 50 -59.03 -27.86 40.13
C LYS Q 50 -57.62 -28.49 40.12
N PRO Q 51 -57.43 -29.58 39.35
CA PRO Q 51 -56.14 -30.30 39.34
C PRO Q 51 -54.92 -29.37 39.22
N GLY Q 52 -53.96 -29.53 40.11
CA GLY Q 52 -52.79 -28.66 40.16
C GLY Q 52 -52.93 -27.50 41.14
N ASP Q 53 -54.15 -27.23 41.60
CA ASP Q 53 -54.34 -26.14 42.56
C ASP Q 53 -53.90 -26.54 43.96
N ILE Q 54 -53.37 -25.57 44.69
CA ILE Q 54 -52.94 -25.77 46.07
C ILE Q 54 -54.08 -25.85 47.09
N LEU Q 55 -54.03 -26.89 47.92
CA LEU Q 55 -54.92 -27.02 49.05
C LEU Q 55 -54.25 -26.53 50.34
N VAL Q 56 -52.98 -26.88 50.49
CA VAL Q 56 -52.21 -26.51 51.68
C VAL Q 56 -50.77 -26.16 51.28
N GLY Q 57 -50.36 -24.92 51.53
CA GLY Q 57 -48.99 -24.52 51.24
C GLY Q 57 -47.98 -25.17 52.17
N ARG Q 58 -46.87 -25.64 51.60
CA ARG Q 58 -45.78 -26.20 52.41
C ARG Q 58 -44.42 -25.89 51.81
N THR Q 59 -43.45 -25.57 52.65
CA THR Q 59 -42.08 -25.44 52.18
C THR Q 59 -41.12 -26.34 52.93
N SER Q 60 -40.02 -26.63 52.24
CA SER Q 60 -38.95 -27.46 52.74
C SER Q 60 -37.61 -26.77 52.51
N PHE Q 61 -36.70 -26.94 53.45
CA PHE Q 61 -35.36 -26.37 53.35
C PHE Q 61 -34.52 -27.03 52.26
N LYS Q 62 -33.32 -26.48 52.01
CA LYS Q 62 -32.46 -26.93 50.92
C LYS Q 62 -31.17 -27.56 51.41
N GLY Q 63 -30.64 -28.48 50.60
CA GLY Q 63 -29.53 -29.34 50.96
C GLY Q 63 -28.30 -28.75 51.62
N GLU Q 64 -28.30 -27.43 51.83
CA GLU Q 64 -27.26 -26.71 52.58
C GLU Q 64 -25.85 -26.74 51.98
N SER Q 65 -25.76 -27.13 50.70
CA SER Q 65 -24.50 -27.27 49.98
C SER Q 65 -23.54 -26.07 50.12
N GLU Q 66 -22.25 -26.38 50.21
CA GLU Q 66 -21.22 -25.39 50.44
C GLU Q 66 -21.14 -24.38 49.30
N PRO Q 67 -20.70 -23.15 49.60
CA PRO Q 67 -20.71 -22.05 48.62
C PRO Q 67 -20.14 -22.37 47.23
N THR Q 68 -20.93 -22.09 46.17
CA THR Q 68 -20.42 -22.05 44.79
C THR Q 68 -19.40 -20.87 44.60
N PRO Q 69 -18.56 -20.90 43.53
CA PRO Q 69 -17.61 -19.79 43.41
C PRO Q 69 -18.34 -18.46 43.26
N GLU Q 70 -19.42 -18.49 42.51
CA GLU Q 70 -20.25 -17.31 42.28
C GLU Q 70 -20.94 -16.92 43.58
N GLU Q 71 -21.17 -17.88 44.45
CA GLU Q 71 -21.79 -17.59 45.71
C GLU Q 71 -20.87 -16.79 46.60
N ARG Q 72 -19.62 -17.24 46.69
CA ARG Q 72 -18.63 -16.68 47.62
C ARG Q 72 -18.42 -15.19 47.38
N LEU Q 73 -18.70 -14.77 46.13
CA LEU Q 73 -18.50 -13.40 45.69
C LEU Q 73 -19.56 -12.50 46.33
N LEU Q 74 -20.82 -12.78 45.99
CA LEU Q 74 -21.96 -12.24 46.74
C LEU Q 74 -21.71 -12.28 48.25
N ARG Q 75 -21.33 -13.42 48.81
CA ARG Q 75 -21.25 -13.55 50.26
C ARG Q 75 -20.26 -12.60 50.95
N SER Q 76 -19.31 -12.04 50.23
CA SER Q 76 -18.34 -11.13 50.85
C SER Q 76 -18.86 -9.70 50.85
N ILE Q 77 -19.71 -9.39 49.87
CA ILE Q 77 -20.15 -8.03 49.62
C ILE Q 77 -21.58 -7.71 50.11
N PHE Q 78 -22.51 -8.62 49.83
CA PHE Q 78 -23.88 -8.52 50.32
C PHE Q 78 -24.06 -9.04 51.74
N GLY Q 79 -23.13 -9.87 52.19
CA GLY Q 79 -23.16 -10.39 53.55
C GLY Q 79 -23.96 -11.66 53.78
N GLU Q 80 -25.01 -11.53 54.61
CA GLU Q 80 -25.80 -12.68 55.06
C GLU Q 80 -27.15 -12.77 54.34
N LYS Q 81 -27.68 -14.00 54.20
CA LYS Q 81 -28.92 -14.27 53.45
C LYS Q 81 -30.03 -15.03 54.23
N ALA Q 82 -31.22 -15.12 53.62
CA ALA Q 82 -32.25 -16.05 54.06
C ALA Q 82 -31.99 -17.39 53.38
N ARG Q 83 -32.01 -18.50 54.13
CA ARG Q 83 -31.67 -19.81 53.56
C ARG Q 83 -32.75 -20.32 52.60
N ASP Q 84 -32.33 -20.73 51.41
CA ASP Q 84 -33.26 -21.06 50.32
C ASP Q 84 -34.30 -22.08 50.76
N VAL Q 85 -35.47 -22.08 50.12
CA VAL Q 85 -36.50 -23.10 50.36
C VAL Q 85 -37.18 -23.58 49.07
N LYS Q 86 -37.96 -24.66 49.18
CA LYS Q 86 -38.61 -25.21 48.00
C LYS Q 86 -40.04 -25.69 48.23
N ASP Q 87 -40.88 -25.32 47.28
CA ASP Q 87 -42.29 -25.69 47.20
C ASP Q 87 -42.52 -27.20 47.36
N THR Q 88 -43.01 -27.59 48.54
CA THR Q 88 -43.55 -28.94 48.69
C THR Q 88 -45.04 -28.91 49.09
N SER Q 89 -45.84 -28.15 48.34
CA SER Q 89 -47.24 -27.98 48.71
C SER Q 89 -48.16 -29.15 48.35
N LEU Q 90 -49.27 -29.25 49.08
CA LEU Q 90 -50.32 -30.23 48.76
C LEU Q 90 -51.15 -29.68 47.61
N ARG Q 91 -51.13 -30.38 46.48
CA ARG Q 91 -51.90 -29.97 45.29
C ARG Q 91 -53.01 -30.95 44.95
N VAL Q 92 -54.07 -30.44 44.32
CA VAL Q 92 -55.16 -31.29 43.85
C VAL Q 92 -54.65 -32.23 42.77
N PRO Q 93 -54.85 -33.54 42.94
CA PRO Q 93 -54.43 -34.58 42.00
C PRO Q 93 -55.19 -34.51 40.67
N PRO Q 94 -54.55 -35.03 39.60
CA PRO Q 94 -55.18 -35.15 38.28
C PRO Q 94 -56.53 -35.86 38.36
N GLY Q 95 -57.53 -35.31 37.68
CA GLY Q 95 -58.84 -35.93 37.58
C GLY Q 95 -59.72 -35.70 38.79
N GLU Q 96 -59.31 -34.82 39.69
CA GLU Q 96 -60.11 -34.54 40.88
C GLU Q 96 -60.38 -33.04 41.02
N GLY Q 97 -61.10 -32.66 42.07
CA GLY Q 97 -61.48 -31.27 42.27
C GLY Q 97 -62.91 -31.09 42.72
N GLY Q 98 -63.30 -29.85 43.00
CA GLY Q 98 -64.62 -29.55 43.53
C GLY Q 98 -64.56 -28.35 44.44
N ILE Q 99 -65.39 -28.36 45.49
CA ILE Q 99 -65.51 -27.22 46.39
C ILE Q 99 -65.01 -27.60 47.79
N VAL Q 100 -64.15 -26.75 48.37
CA VAL Q 100 -63.66 -26.98 49.73
C VAL Q 100 -64.81 -26.79 50.74
N VAL Q 101 -65.05 -27.79 51.59
CA VAL Q 101 -66.17 -27.71 52.54
C VAL Q 101 -65.75 -27.70 54.00
N ARG Q 102 -64.52 -28.08 54.29
CA ARG Q 102 -64.05 -28.10 55.66
C ARG Q 102 -62.53 -28.16 55.63
N THR Q 103 -61.89 -27.58 56.64
CA THR Q 103 -60.47 -27.82 56.89
C THR Q 103 -60.27 -28.14 58.34
N VAL Q 104 -59.19 -28.87 58.63
CA VAL Q 104 -58.81 -29.20 59.99
C VAL Q 104 -57.32 -29.00 60.08
N ARG Q 105 -56.87 -28.31 61.12
CA ARG Q 105 -55.43 -28.12 61.31
C ARG Q 105 -55.06 -28.41 62.76
N LEU Q 106 -54.05 -29.25 62.93
CA LEU Q 106 -53.57 -29.64 64.25
C LEU Q 106 -52.07 -29.36 64.39
N ARG Q 107 -51.65 -28.92 65.56
CA ARG Q 107 -50.24 -28.63 65.81
C ARG Q 107 -49.66 -29.42 66.98
N ARG Q 108 -48.48 -30.01 66.78
CA ARG Q 108 -47.82 -30.77 67.85
C ARG Q 108 -47.65 -29.93 69.10
N GLY Q 109 -48.11 -30.45 70.23
CA GLY Q 109 -47.89 -29.82 71.52
C GLY Q 109 -49.10 -29.07 72.02
N ASP Q 110 -50.11 -28.93 71.17
CA ASP Q 110 -51.40 -28.41 71.59
C ASP Q 110 -52.05 -29.41 72.55
N PRO Q 111 -52.94 -28.94 73.43
CA PRO Q 111 -53.60 -29.82 74.40
C PRO Q 111 -54.45 -30.91 73.76
N GLY Q 112 -54.15 -32.17 74.08
CA GLY Q 112 -54.94 -33.30 73.61
C GLY Q 112 -54.52 -33.85 72.25
N VAL Q 113 -53.62 -33.14 71.58
CA VAL Q 113 -53.18 -33.50 70.23
C VAL Q 113 -52.05 -34.52 70.25
N GLU Q 114 -52.19 -35.58 69.48
CA GLU Q 114 -51.17 -36.63 69.40
C GLU Q 114 -50.85 -36.95 67.94
N LEU Q 115 -49.72 -36.47 67.44
CA LEU Q 115 -49.35 -36.70 66.05
C LEU Q 115 -48.28 -37.78 65.96
N LYS Q 116 -48.10 -38.34 64.77
CA LYS Q 116 -47.00 -39.28 64.51
C LYS Q 116 -45.63 -38.71 64.95
N PRO Q 117 -44.72 -39.59 65.35
CA PRO Q 117 -43.35 -39.18 65.66
C PRO Q 117 -42.71 -38.42 64.50
N GLY Q 118 -42.23 -37.21 64.78
CA GLY Q 118 -41.59 -36.38 63.77
C GLY Q 118 -42.45 -35.26 63.22
N VAL Q 119 -43.77 -35.42 63.33
CA VAL Q 119 -44.73 -34.49 62.73
C VAL Q 119 -44.91 -33.24 63.60
N ARG Q 120 -44.74 -32.06 63.01
CA ARG Q 120 -44.92 -30.80 63.75
C ARG Q 120 -46.36 -30.31 63.65
N GLU Q 121 -46.97 -30.56 62.49
CA GLU Q 121 -48.33 -30.12 62.23
C GLU Q 121 -48.97 -30.93 61.10
N VAL Q 122 -50.30 -31.00 61.11
CA VAL Q 122 -51.03 -31.70 60.07
C VAL Q 122 -52.30 -30.93 59.71
N VAL Q 123 -52.58 -30.88 58.41
CA VAL Q 123 -53.76 -30.18 57.90
C VAL Q 123 -54.55 -31.13 57.01
N ARG Q 124 -55.85 -31.19 57.22
CA ARG Q 124 -56.73 -31.88 56.28
C ARG Q 124 -57.75 -30.95 55.61
N VAL Q 125 -57.98 -31.21 54.32
CA VAL Q 125 -58.92 -30.45 53.51
C VAL Q 125 -59.99 -31.39 52.92
N TYR Q 126 -61.26 -31.04 53.10
CA TYR Q 126 -62.35 -31.84 52.55
C TYR Q 126 -62.97 -31.14 51.33
N VAL Q 127 -63.09 -31.86 50.22
CA VAL Q 127 -63.57 -31.28 48.98
C VAL Q 127 -64.74 -32.09 48.42
N ALA Q 128 -65.84 -31.40 48.18
CA ALA Q 128 -67.01 -32.03 47.58
C ALA Q 128 -66.85 -31.99 46.06
N GLN Q 129 -66.75 -33.17 45.46
CA GLN Q 129 -66.60 -33.27 44.01
C GLN Q 129 -67.95 -33.18 43.31
N VAL R 3 -50.65 3.23 47.35
CA VAL R 3 -50.60 2.46 48.61
C VAL R 3 -51.94 1.84 49.05
N GLU R 4 -53.01 2.63 49.07
CA GLU R 4 -54.31 2.15 49.56
C GLU R 4 -54.88 0.88 48.87
N PRO R 5 -54.75 0.78 47.52
CA PRO R 5 -55.25 -0.46 46.92
C PRO R 5 -54.45 -1.70 47.35
N TYR R 6 -53.20 -1.49 47.78
CA TYR R 6 -52.38 -2.59 48.28
C TYR R 6 -52.73 -2.98 49.71
N ILE R 7 -53.17 -2.01 50.51
CA ILE R 7 -53.76 -2.31 51.81
C ILE R 7 -55.01 -3.15 51.60
N ARG R 8 -55.75 -2.83 50.55
CA ARG R 8 -56.97 -3.56 50.22
C ARG R 8 -56.69 -5.03 49.90
N LEU R 9 -55.78 -5.25 48.94
CA LEU R 9 -55.38 -6.61 48.57
C LEU R 9 -54.85 -7.40 49.76
N PHE R 10 -53.98 -6.77 50.54
CA PHE R 10 -53.38 -7.43 51.70
C PHE R 10 -54.41 -7.85 52.74
N GLU R 11 -55.33 -6.95 53.06
CA GLU R 11 -56.28 -7.20 54.14
C GLU R 11 -57.33 -8.24 53.77
N ALA R 12 -57.48 -8.45 52.47
CA ALA R 12 -58.33 -9.51 51.94
C ALA R 12 -57.72 -10.91 52.07
N ILE R 13 -56.46 -11.02 52.51
CA ILE R 13 -55.93 -12.35 52.83
C ILE R 13 -56.70 -12.90 54.02
N PRO R 14 -57.29 -14.09 53.86
CA PRO R 14 -58.09 -14.62 54.98
C PRO R 14 -57.25 -14.87 56.22
N ASP R 15 -57.81 -14.57 57.39
CA ASP R 15 -57.10 -14.68 58.66
C ASP R 15 -57.13 -16.10 59.24
N ALA R 16 -56.25 -16.35 60.20
CA ALA R 16 -56.18 -17.64 60.87
C ALA R 16 -55.55 -17.49 62.23
N GLU R 17 -56.09 -18.17 63.24
CA GLU R 17 -55.45 -18.20 64.56
C GLU R 17 -54.17 -19.02 64.51
N THR R 18 -53.04 -18.33 64.61
CA THR R 18 -51.71 -18.94 64.71
C THR R 18 -50.79 -18.04 65.49
N GLU R 19 -49.60 -18.56 65.77
CA GLU R 19 -48.53 -17.76 66.35
C GLU R 19 -48.13 -16.64 65.40
N LEU R 20 -47.65 -15.54 65.96
CA LEU R 20 -47.07 -14.46 65.16
C LEU R 20 -45.72 -14.93 64.64
N ALA R 21 -45.46 -14.70 63.36
CA ALA R 21 -44.13 -14.98 62.84
C ALA R 21 -43.19 -13.81 63.16
N THR R 22 -41.88 -14.08 63.19
CA THR R 22 -40.87 -13.03 63.19
C THR R 22 -40.37 -12.82 61.76
N PHE R 23 -40.63 -11.65 61.18
CA PHE R 23 -40.26 -11.40 59.80
C PHE R 23 -38.80 -11.04 59.61
N TYR R 24 -38.31 -11.29 58.40
CA TYR R 24 -36.95 -10.98 58.03
C TYR R 24 -36.85 -9.51 57.61
N ASP R 25 -36.25 -8.71 58.48
CA ASP R 25 -36.00 -7.30 58.21
C ASP R 25 -34.76 -7.07 57.34
N ALA R 26 -34.89 -7.33 56.05
CA ALA R 26 -33.76 -7.16 55.14
C ALA R 26 -33.28 -5.69 55.05
N ASP R 27 -31.98 -5.52 54.90
CA ASP R 27 -31.34 -4.20 54.94
C ASP R 27 -30.10 -4.10 54.06
N LEU R 28 -29.68 -2.86 53.77
CA LEU R 28 -28.53 -2.62 52.91
C LEU R 28 -27.36 -3.51 53.31
N ASP R 29 -27.34 -3.90 54.58
CA ASP R 29 -26.32 -4.79 55.14
C ASP R 29 -26.50 -6.26 54.75
N THR R 30 -27.72 -6.64 54.43
CA THR R 30 -28.07 -8.06 54.26
C THR R 30 -28.44 -8.43 52.82
N LEU R 31 -28.41 -9.71 52.49
CA LEU R 31 -28.80 -10.12 51.16
C LEU R 31 -30.32 -9.99 51.08
N PRO R 32 -30.80 -9.36 50.01
CA PRO R 32 -32.24 -9.26 49.80
C PRO R 32 -32.83 -10.66 49.66
N PRO R 33 -34.09 -10.83 50.06
CA PRO R 33 -34.72 -12.16 49.89
C PRO R 33 -35.21 -12.31 48.46
N ARG R 34 -35.55 -13.53 48.05
CA ARG R 34 -36.12 -13.75 46.73
C ARG R 34 -37.37 -12.90 46.56
N MET R 35 -37.50 -12.30 45.38
CA MET R 35 -38.65 -11.46 45.08
C MET R 35 -39.35 -12.02 43.87
N PHE R 36 -40.68 -11.99 43.90
CA PHE R 36 -41.44 -12.45 42.76
C PHE R 36 -42.50 -11.43 42.33
N LEU R 37 -42.64 -11.26 41.02
CA LEU R 37 -43.71 -10.44 40.42
C LEU R 37 -45.04 -11.16 40.56
N PRO R 38 -46.17 -10.45 40.40
CA PRO R 38 -47.50 -11.09 40.50
C PRO R 38 -47.72 -12.23 39.50
N SER R 39 -46.90 -12.34 38.47
CA SER R 39 -47.04 -13.43 37.50
C SER R 39 -46.37 -14.70 38.02
N GLY R 40 -45.55 -14.56 39.05
CA GLY R 40 -44.78 -15.68 39.56
C GLY R 40 -43.34 -15.64 39.09
N ASP R 41 -43.03 -14.73 38.17
CA ASP R 41 -41.67 -14.56 37.68
C ASP R 41 -40.73 -14.02 38.77
N LEU R 42 -39.53 -14.57 38.81
CA LEU R 42 -38.47 -14.09 39.68
C LEU R 42 -38.11 -12.67 39.30
N TYR R 43 -37.99 -11.79 40.29
CA TYR R 43 -37.48 -10.45 40.05
C TYR R 43 -36.09 -10.32 40.68
N THR R 44 -35.09 -10.04 39.88
CA THR R 44 -33.73 -9.93 40.41
C THR R 44 -33.33 -8.47 40.60
N PRO R 45 -33.18 -8.02 41.86
CA PRO R 45 -32.84 -6.61 42.12
C PRO R 45 -31.38 -6.32 41.76
N PRO R 46 -31.05 -5.06 41.44
CA PRO R 46 -29.66 -4.73 41.09
C PRO R 46 -28.83 -4.38 42.34
N GLY R 47 -29.44 -4.50 43.50
CA GLY R 47 -28.77 -4.27 44.76
C GLY R 47 -29.67 -4.72 45.90
N PRO R 48 -29.31 -4.35 47.14
CA PRO R 48 -30.07 -4.74 48.33
C PRO R 48 -31.37 -3.95 48.48
N VAL R 49 -32.20 -4.38 49.42
CA VAL R 49 -33.44 -3.68 49.67
C VAL R 49 -33.59 -3.29 51.14
N ARG R 50 -34.55 -2.40 51.38
CA ARG R 50 -34.94 -1.98 52.72
C ARG R 50 -36.46 -2.11 52.80
N LEU R 51 -37.00 -2.57 53.92
CA LEU R 51 -38.43 -2.77 54.02
C LEU R 51 -39.06 -1.80 55.01
N GLU R 52 -40.27 -1.37 54.68
CA GLU R 52 -41.08 -0.59 55.61
C GLU R 52 -42.43 -1.27 55.79
N GLU R 53 -42.67 -1.76 57.00
CA GLU R 53 -43.92 -2.44 57.30
C GLU R 53 -45.09 -1.45 57.32
N ILE R 54 -46.16 -1.83 56.63
CA ILE R 54 -47.35 -1.00 56.60
C ILE R 54 -48.46 -1.59 57.45
N LYS R 55 -48.72 -2.88 57.25
CA LYS R 55 -49.70 -3.61 58.03
C LYS R 55 -49.14 -5.00 58.29
N ARG R 56 -49.68 -5.64 59.33
CA ARG R 56 -49.31 -7.00 59.71
C ARG R 56 -50.49 -7.93 60.01
N LYS R 57 -50.25 -9.19 59.64
CA LYS R 57 -51.11 -10.33 59.87
C LYS R 57 -50.16 -11.29 60.56
N ARG R 58 -50.69 -12.34 61.18
CA ARG R 58 -49.85 -13.23 61.99
C ARG R 58 -48.70 -13.89 61.22
N ARG R 59 -48.96 -14.29 59.98
CA ARG R 59 -47.92 -14.97 59.19
C ARG R 59 -47.44 -14.19 57.98
N VAL R 60 -48.17 -13.14 57.62
CA VAL R 60 -47.82 -12.30 56.48
C VAL R 60 -47.87 -10.84 56.91
N ARG R 61 -47.09 -10.00 56.24
CA ARG R 61 -47.17 -8.57 56.46
C ARG R 61 -47.12 -7.87 55.12
N LEU R 62 -47.59 -6.62 55.10
CA LEU R 62 -47.50 -5.75 53.94
C LEU R 62 -46.28 -4.83 54.12
N VAL R 63 -45.46 -4.70 53.07
CA VAL R 63 -44.31 -3.83 53.18
C VAL R 63 -44.16 -2.97 51.95
N LYS R 64 -43.50 -1.83 52.14
CA LYS R 64 -43.01 -1.05 51.03
C LYS R 64 -41.55 -1.46 50.84
N VAL R 65 -41.21 -1.93 49.64
CA VAL R 65 -39.86 -2.39 49.41
C VAL R 65 -39.06 -1.32 48.66
N SER R 66 -37.98 -0.84 49.27
CA SER R 66 -37.10 0.12 48.60
C SER R 66 -35.91 -0.60 48.00
N ILE R 67 -35.69 -0.40 46.71
CA ILE R 67 -34.58 -1.05 46.02
C ILE R 67 -33.39 -0.10 45.84
N TYR R 68 -32.20 -0.59 46.18
CA TYR R 68 -30.97 0.17 45.99
C TYR R 68 -30.11 -0.47 44.90
N ARG R 69 -29.64 0.35 43.96
CA ARG R 69 -28.86 -0.14 42.83
C ARG R 69 -27.40 0.31 42.94
N PHE R 70 -26.48 -0.63 42.79
CA PHE R 70 -25.08 -0.35 42.96
C PHE R 70 -24.57 0.54 41.84
N GLU R 71 -24.08 1.71 42.21
CA GLU R 71 -23.43 2.59 41.29
C GLU R 71 -21.95 2.24 41.35
N HIS R 72 -21.31 2.31 40.20
CA HIS R 72 -19.89 2.15 40.14
C HIS R 72 -19.25 3.50 40.38
N VAL R 73 -18.36 3.51 41.37
CA VAL R 73 -17.54 4.66 41.67
C VAL R 73 -16.07 4.27 41.52
N GLY R 74 -15.57 4.34 40.30
CA GLY R 74 -14.30 3.73 40.00
C GLY R 74 -14.36 2.22 40.26
N LEU R 75 -13.28 1.68 40.78
CA LEU R 75 -13.14 0.27 41.16
C LEU R 75 -14.04 -0.07 42.36
N GLY R 76 -15.03 0.76 42.63
CA GLY R 76 -15.76 0.69 43.88
C GLY R 76 -17.26 0.83 43.79
N LEU R 77 -17.96 0.67 44.91
CA LEU R 77 -19.42 0.48 44.92
C LEU R 77 -20.15 1.31 45.94
N ALA R 78 -21.24 1.94 45.53
CA ALA R 78 -22.06 2.76 46.44
C ALA R 78 -23.54 2.39 46.28
N ALA R 79 -24.33 2.44 47.35
CA ALA R 79 -25.74 2.03 47.18
C ALA R 79 -26.83 3.13 47.08
N ARG R 80 -27.11 3.64 45.89
CA ARG R 80 -28.17 4.62 45.73
C ARG R 80 -29.53 3.92 45.54
N PRO R 81 -30.66 4.59 45.87
CA PRO R 81 -32.04 4.11 45.66
C PRO R 81 -32.34 3.98 44.18
N TYR R 82 -33.11 2.98 43.75
CA TYR R 82 -33.28 2.62 42.35
C TYR R 82 -34.76 2.44 41.99
N ALA R 83 -35.51 1.83 42.90
CA ALA R 83 -36.91 1.53 42.63
C ALA R 83 -37.67 1.20 43.90
N TYR R 84 -38.98 1.05 43.75
CA TYR R 84 -39.83 0.67 44.86
C TYR R 84 -41.04 -0.16 44.40
N ALA R 85 -41.55 -0.96 45.32
CA ALA R 85 -42.70 -1.79 45.06
C ALA R 85 -43.38 -2.12 46.37
N TYR R 86 -44.70 -2.19 46.32
CA TYR R 86 -45.43 -2.71 47.46
C TYR R 86 -45.47 -4.21 47.32
N ALA R 87 -45.47 -4.89 48.46
CA ALA R 87 -45.41 -6.34 48.44
C ALA R 87 -45.97 -6.91 49.74
N TRP R 88 -46.29 -8.20 49.71
CA TRP R 88 -46.48 -8.92 50.97
C TRP R 88 -45.31 -9.85 51.19
N GLN R 89 -44.97 -10.07 52.46
CA GLN R 89 -43.85 -10.91 52.82
C GLN R 89 -44.38 -12.02 53.73
N GLY R 90 -43.87 -13.24 53.54
CA GLY R 90 -44.30 -14.35 54.35
C GLY R 90 -43.26 -14.83 55.35
N ASP R 91 -43.50 -15.99 55.96
CA ASP R 91 -42.61 -16.45 57.01
C ASP R 91 -41.32 -17.18 56.56
N ASN R 92 -41.11 -17.28 55.26
CA ASN R 92 -39.81 -17.68 54.71
C ASN R 92 -39.02 -16.43 54.29
N GLY R 93 -39.60 -15.27 54.56
CA GLY R 93 -38.98 -13.99 54.23
C GLY R 93 -39.16 -13.55 52.78
N ILE R 94 -39.87 -14.34 51.98
CA ILE R 94 -39.98 -14.08 50.54
C ILE R 94 -40.86 -12.85 50.24
N LEU R 95 -40.46 -12.03 49.27
CA LEU R 95 -41.29 -10.90 48.87
C LEU R 95 -42.13 -11.21 47.63
N HIS R 96 -43.43 -11.04 47.78
CA HIS R 96 -44.38 -11.16 46.66
C HIS R 96 -44.81 -9.76 46.24
N LEU R 97 -44.32 -9.32 45.10
CA LEU R 97 -44.62 -7.99 44.63
C LEU R 97 -46.07 -7.91 44.11
N TYR R 98 -46.73 -6.79 44.36
CA TYR R 98 -48.06 -6.56 43.79
C TYR R 98 -47.99 -5.97 42.39
N HIS R 99 -46.81 -5.50 41.98
CA HIS R 99 -46.66 -4.87 40.69
C HIS R 99 -45.18 -4.83 40.37
N ALA R 100 -44.84 -4.68 39.10
CA ALA R 100 -43.45 -4.49 38.73
C ALA R 100 -42.96 -3.21 39.42
N PRO R 101 -41.71 -3.24 39.93
CA PRO R 101 -41.08 -2.12 40.62
C PRO R 101 -41.07 -0.83 39.79
N VAL R 102 -41.38 0.28 40.44
CA VAL R 102 -41.35 1.58 39.78
C VAL R 102 -39.94 2.16 39.88
N VAL R 103 -39.30 2.31 38.72
CA VAL R 103 -37.97 2.89 38.65
C VAL R 103 -38.12 4.34 39.07
N LEU R 104 -37.29 4.77 40.01
CA LEU R 104 -37.34 6.14 40.50
C LEU R 104 -36.90 7.13 39.42
N PRO S 2 -20.20 9.37 12.46
CA PRO S 2 -19.84 7.97 12.71
C PRO S 2 -19.16 7.33 11.51
N ILE S 3 -18.43 6.25 11.78
CA ILE S 3 -17.72 5.50 10.77
C ILE S 3 -18.60 4.37 10.29
N HIS S 4 -18.80 4.36 8.99
CA HIS S 4 -19.64 3.36 8.27
C HIS S 4 -18.92 2.78 7.03
N ILE S 5 -19.03 1.47 6.81
CA ILE S 5 -18.30 0.77 5.76
C ILE S 5 -19.18 0.39 4.57
N GLU S 6 -18.71 0.72 3.37
CA GLU S 6 -19.40 0.37 2.14
C GLU S 6 -18.89 -0.95 1.56
N ARG S 7 -19.79 -1.66 0.87
CA ARG S 7 -19.49 -2.92 0.21
C ARG S 7 -19.59 -2.71 -1.30
N TYR S 8 -18.44 -2.70 -1.96
CA TYR S 8 -18.40 -2.62 -3.43
C TYR S 8 -18.17 -3.98 -4.07
N GLU S 9 -18.85 -4.24 -5.19
CA GLU S 9 -18.81 -5.56 -5.84
C GLU S 9 -18.74 -5.48 -7.38
N ILE S 10 -17.93 -6.36 -7.98
CA ILE S 10 -17.89 -6.49 -9.44
C ILE S 10 -17.75 -7.95 -9.86
N GLU S 11 -18.49 -8.32 -10.90
CA GLU S 11 -18.44 -9.64 -11.47
C GLU S 11 -17.82 -9.62 -12.87
N ALA S 12 -16.96 -10.60 -13.14
CA ALA S 12 -16.49 -10.85 -14.50
C ALA S 12 -17.25 -12.05 -15.03
N ARG S 13 -18.00 -11.85 -16.11
CA ARG S 13 -18.85 -12.92 -16.63
C ARG S 13 -18.45 -13.39 -18.04
N ASP S 14 -18.96 -14.56 -18.43
CA ASP S 14 -18.85 -15.01 -19.82
C ASP S 14 -19.73 -14.15 -20.69
N THR S 15 -19.31 -13.91 -21.92
CA THR S 15 -20.05 -13.03 -22.83
C THR S 15 -20.00 -13.58 -24.26
N LYS S 16 -20.95 -13.21 -25.11
CA LYS S 16 -20.95 -13.69 -26.49
C LYS S 16 -19.72 -13.20 -27.26
N LEU S 17 -19.23 -12.03 -26.87
CA LEU S 17 -18.01 -11.46 -27.40
C LEU S 17 -16.74 -12.03 -26.76
N GLY S 18 -16.88 -12.90 -25.78
CA GLY S 18 -15.71 -13.39 -25.06
C GLY S 18 -15.64 -12.93 -23.61
N PRO S 19 -14.86 -13.62 -22.78
CA PRO S 19 -14.87 -13.41 -21.32
C PRO S 19 -14.40 -12.03 -20.83
N GLU S 20 -15.11 -11.51 -19.84
CA GLU S 20 -14.63 -10.38 -19.04
C GLU S 20 -13.60 -10.96 -18.09
N ARG S 21 -12.62 -10.14 -17.71
CA ARG S 21 -11.57 -10.61 -16.80
C ARG S 21 -11.15 -9.58 -15.76
N ILE S 22 -11.03 -10.01 -14.51
CA ILE S 22 -10.46 -9.17 -13.46
C ILE S 22 -8.95 -9.18 -13.67
N THR S 23 -8.36 -7.99 -13.75
CA THR S 23 -6.95 -7.89 -14.04
C THR S 23 -6.41 -6.49 -13.80
N ARG S 24 -5.08 -6.40 -13.69
CA ARG S 24 -4.38 -5.14 -13.59
C ARG S 24 -4.08 -4.57 -14.98
N ASP S 25 -4.14 -5.44 -15.99
CA ASP S 25 -3.61 -5.11 -17.32
C ASP S 25 -4.62 -4.35 -18.17
N ILE S 26 -4.76 -3.06 -17.88
CA ILE S 26 -5.85 -2.23 -18.39
C ILE S 26 -5.30 -1.11 -19.28
N PRO S 27 -5.85 -0.98 -20.50
CA PRO S 27 -5.33 0.00 -21.46
C PRO S 27 -5.71 1.44 -21.11
N HIS S 28 -4.94 2.41 -21.59
CA HIS S 28 -5.28 3.84 -21.44
C HIS S 28 -5.26 4.41 -20.00
N LEU S 29 -4.62 3.71 -19.08
CA LEU S 29 -4.54 4.17 -17.71
C LEU S 29 -3.12 4.58 -17.35
N SER S 30 -2.99 5.74 -16.70
CA SER S 30 -1.68 6.22 -16.26
C SER S 30 -1.13 5.32 -15.14
N GLU S 31 0.19 5.37 -14.94
CA GLU S 31 0.82 4.69 -13.80
C GLU S 31 0.16 5.06 -12.47
N ALA S 32 -0.12 6.36 -12.30
CA ALA S 32 -0.73 6.85 -11.07
C ALA S 32 -2.07 6.17 -10.83
N ALA S 33 -2.85 5.97 -11.90
CA ALA S 33 -4.18 5.36 -11.75
C ALA S 33 -4.05 3.90 -11.33
N LEU S 34 -2.95 3.27 -11.72
CA LEU S 34 -2.73 1.86 -11.38
C LEU S 34 -1.95 1.67 -10.07
N ARG S 35 -1.51 2.78 -9.48
CA ARG S 35 -0.56 2.75 -8.35
C ARG S 35 -0.94 1.82 -7.18
N ASP S 36 -2.20 1.87 -6.74
CA ASP S 36 -2.59 1.12 -5.54
C ASP S 36 -3.13 -0.28 -5.77
N LEU S 37 -3.07 -0.74 -7.02
CA LEU S 37 -3.61 -2.04 -7.40
C LEU S 37 -2.61 -3.16 -7.17
N ASP S 38 -3.02 -4.26 -6.54
CA ASP S 38 -2.14 -5.43 -6.50
C ASP S 38 -1.97 -6.04 -7.90
N GLU S 39 -1.21 -7.13 -8.00
CA GLU S 39 -0.88 -7.70 -9.31
C GLU S 39 -2.09 -8.33 -9.99
N GLU S 40 -3.16 -8.53 -9.23
CA GLU S 40 -4.40 -9.07 -9.76
C GLU S 40 -5.35 -7.96 -10.20
N GLY S 41 -4.95 -6.71 -9.99
CA GLY S 41 -5.79 -5.57 -10.30
C GLY S 41 -6.77 -5.22 -9.17
N VAL S 42 -6.62 -5.89 -8.03
CA VAL S 42 -7.48 -5.57 -6.89
C VAL S 42 -6.78 -4.57 -5.96
N VAL S 43 -7.48 -3.50 -5.61
CA VAL S 43 -6.90 -2.44 -4.80
C VAL S 43 -6.37 -2.99 -3.48
N ARG S 44 -5.21 -2.51 -3.06
CA ARG S 44 -4.56 -2.99 -1.84
C ARG S 44 -5.21 -2.51 -0.55
N ILE S 45 -5.22 -3.38 0.46
CA ILE S 45 -5.68 -2.97 1.80
C ILE S 45 -4.87 -1.79 2.31
N GLY S 46 -5.55 -0.81 2.89
CA GLY S 46 -4.87 0.33 3.49
C GLY S 46 -4.82 1.53 2.57
N ALA S 47 -5.29 1.34 1.34
CA ALA S 47 -5.22 2.42 0.36
C ALA S 47 -6.31 3.46 0.57
N GLU S 48 -5.98 4.71 0.27
CA GLU S 48 -7.01 5.73 0.23
C GLU S 48 -7.61 5.84 -1.18
N VAL S 49 -8.92 5.66 -1.28
CA VAL S 49 -9.60 5.77 -2.55
C VAL S 49 -10.55 6.96 -2.57
N LYS S 50 -10.57 7.67 -3.70
CA LYS S 50 -11.40 8.86 -3.90
C LYS S 50 -12.22 8.68 -5.18
N PRO S 51 -13.33 9.44 -5.34
CA PRO S 51 -14.22 9.26 -6.49
C PRO S 51 -13.48 9.20 -7.84
N GLY S 52 -13.78 8.17 -8.62
CA GLY S 52 -13.09 7.94 -9.88
C GLY S 52 -11.92 6.97 -9.77
N ASP S 53 -11.47 6.68 -8.54
CA ASP S 53 -10.37 5.74 -8.37
C ASP S 53 -10.84 4.31 -8.54
N ILE S 54 -9.95 3.48 -9.08
CA ILE S 54 -10.20 2.05 -9.28
C ILE S 54 -10.12 1.21 -8.00
N LEU S 55 -11.16 0.40 -7.79
CA LEU S 55 -11.15 -0.58 -6.72
C LEU S 55 -10.76 -1.96 -7.27
N VAL S 56 -11.29 -2.29 -8.44
CA VAL S 56 -11.04 -3.58 -9.06
C VAL S 56 -10.91 -3.40 -10.59
N GLY S 57 -9.74 -3.73 -11.13
CA GLY S 57 -9.53 -3.66 -12.57
C GLY S 57 -10.32 -4.71 -13.31
N ARG S 58 -10.95 -4.30 -14.43
CA ARG S 58 -11.66 -5.25 -15.29
C ARG S 58 -11.55 -4.84 -16.76
N THR S 59 -11.38 -5.84 -17.63
CA THR S 59 -11.43 -5.56 -19.06
C THR S 59 -12.46 -6.44 -19.76
N SER S 60 -13.09 -5.88 -20.79
CA SER S 60 -14.02 -6.64 -21.61
C SER S 60 -13.55 -6.57 -23.04
N PHE S 61 -14.02 -7.51 -23.85
CA PHE S 61 -13.70 -7.48 -25.26
C PHE S 61 -14.58 -6.53 -26.07
N LYS S 62 -13.97 -5.92 -27.08
CA LYS S 62 -14.63 -5.01 -28.00
C LYS S 62 -15.45 -5.77 -29.05
N GLY S 63 -16.17 -5.02 -29.87
CA GLY S 63 -17.12 -5.61 -30.81
C GLY S 63 -16.57 -6.40 -31.99
N GLU S 64 -15.29 -6.77 -31.95
CA GLU S 64 -14.61 -7.49 -33.05
C GLU S 64 -15.03 -7.10 -34.49
N SER S 65 -14.41 -6.06 -35.05
CA SER S 65 -14.69 -5.70 -36.44
C SER S 65 -14.29 -6.80 -37.42
N GLU S 66 -15.06 -6.92 -38.50
CA GLU S 66 -14.71 -7.84 -39.57
C GLU S 66 -13.36 -7.49 -40.16
N PRO S 67 -12.60 -8.50 -40.59
CA PRO S 67 -11.28 -8.29 -41.18
C PRO S 67 -11.31 -7.12 -42.19
N THR S 68 -10.36 -6.21 -42.09
CA THR S 68 -10.22 -5.14 -43.07
C THR S 68 -9.04 -5.48 -43.96
N PRO S 69 -9.01 -5.02 -45.22
CA PRO S 69 -8.00 -5.60 -46.11
C PRO S 69 -6.55 -5.14 -45.85
N GLU S 70 -6.31 -3.89 -45.45
CA GLU S 70 -4.96 -3.53 -45.00
C GLU S 70 -4.55 -4.53 -43.92
N GLU S 71 -5.40 -4.69 -42.92
CA GLU S 71 -5.22 -5.68 -41.87
C GLU S 71 -5.01 -7.13 -42.38
N ARG S 72 -5.65 -7.49 -43.50
CA ARG S 72 -5.57 -8.87 -44.03
C ARG S 72 -4.24 -9.20 -44.69
N LEU S 73 -3.49 -8.15 -45.00
CA LEU S 73 -2.12 -8.27 -45.47
C LEU S 73 -1.21 -8.51 -44.29
N LEU S 74 -1.40 -7.69 -43.26
CA LEU S 74 -0.66 -7.88 -42.02
C LEU S 74 -0.88 -9.27 -41.45
N ARG S 75 -2.11 -9.78 -41.52
CA ARG S 75 -2.37 -11.15 -41.05
C ARG S 75 -1.48 -12.20 -41.72
N SER S 76 -0.87 -11.86 -42.86
CA SER S 76 0.02 -12.79 -43.54
C SER S 76 1.50 -12.51 -43.32
N ILE S 77 1.89 -11.27 -43.55
CA ILE S 77 3.28 -10.84 -43.45
C ILE S 77 3.82 -11.04 -42.02
N PHE S 78 3.18 -10.41 -41.03
CA PHE S 78 3.39 -10.80 -39.65
C PHE S 78 2.53 -12.00 -39.23
N GLY S 79 1.36 -11.72 -38.65
CA GLY S 79 0.55 -12.81 -38.15
C GLY S 79 -0.90 -12.77 -37.68
N GLU S 80 -1.24 -13.83 -36.94
CA GLU S 80 -2.50 -13.93 -36.24
C GLU S 80 -2.68 -12.67 -35.42
N LYS S 81 -3.92 -12.20 -35.36
CA LYS S 81 -4.19 -10.97 -34.63
C LYS S 81 -4.95 -11.14 -33.29
N ALA S 82 -4.42 -10.51 -32.24
CA ALA S 82 -5.07 -10.42 -30.92
C ALA S 82 -6.26 -9.43 -30.96
N ARG S 83 -7.25 -9.58 -30.09
CA ARG S 83 -8.34 -8.59 -30.08
C ARG S 83 -8.25 -7.53 -28.99
N ASP S 84 -8.56 -6.29 -29.37
CA ASP S 84 -8.57 -5.18 -28.43
C ASP S 84 -9.57 -5.38 -27.30
N VAL S 85 -9.16 -4.99 -26.09
CA VAL S 85 -10.01 -4.98 -24.90
C VAL S 85 -10.22 -3.54 -24.42
N LYS S 86 -11.11 -3.34 -23.45
CA LYS S 86 -11.46 -1.99 -23.05
C LYS S 86 -11.74 -1.92 -21.56
N ASP S 87 -11.42 -0.77 -20.96
CA ASP S 87 -11.50 -0.57 -19.50
C ASP S 87 -12.94 -0.54 -19.00
N THR S 88 -13.33 -1.58 -18.28
CA THR S 88 -14.65 -1.65 -17.69
C THR S 88 -14.57 -1.84 -16.17
N SER S 89 -13.58 -1.16 -15.55
CA SER S 89 -13.20 -1.34 -14.16
C SER S 89 -14.23 -0.82 -13.15
N LEU S 90 -14.19 -1.38 -11.94
CA LEU S 90 -14.99 -0.89 -10.82
C LEU S 90 -14.34 0.36 -10.24
N ARG S 91 -15.03 1.49 -10.34
CA ARG S 91 -14.51 2.76 -9.82
C ARG S 91 -15.32 3.28 -8.63
N VAL S 92 -14.67 4.05 -7.76
CA VAL S 92 -15.35 4.69 -6.64
C VAL S 92 -16.35 5.71 -7.18
N PRO S 93 -17.62 5.59 -6.76
CA PRO S 93 -18.71 6.49 -7.16
C PRO S 93 -18.54 7.91 -6.63
N PRO S 94 -19.17 8.90 -7.23
CA PRO S 94 -18.99 10.25 -6.68
C PRO S 94 -19.49 10.36 -5.23
N GLY S 95 -18.70 11.01 -4.37
CA GLY S 95 -19.06 11.24 -2.97
C GLY S 95 -18.40 10.24 -2.03
N GLU S 96 -18.39 9.00 -2.52
CA GLU S 96 -17.82 7.83 -1.85
C GLU S 96 -16.30 7.90 -1.85
N GLY S 97 -15.68 7.12 -0.98
CA GLY S 97 -14.25 7.12 -0.86
C GLY S 97 -13.96 6.69 0.54
N GLY S 98 -12.69 6.65 0.91
CA GLY S 98 -12.33 6.21 2.23
C GLY S 98 -11.13 5.31 2.17
N ILE S 99 -10.98 4.50 3.20
CA ILE S 99 -9.84 3.58 3.29
C ILE S 99 -10.27 2.14 3.05
N VAL S 100 -9.57 1.43 2.18
CA VAL S 100 -9.86 0.01 1.92
C VAL S 100 -9.51 -0.83 3.17
N VAL S 101 -10.46 -1.61 3.67
CA VAL S 101 -10.23 -2.38 4.89
C VAL S 101 -10.27 -3.89 4.69
N ARG S 102 -10.87 -4.33 3.60
CA ARG S 102 -10.86 -5.73 3.28
C ARG S 102 -11.16 -5.94 1.81
N THR S 103 -10.71 -7.07 1.28
CA THR S 103 -11.15 -7.50 -0.03
C THR S 103 -11.51 -8.98 0.03
N VAL S 104 -12.37 -9.40 -0.88
CA VAL S 104 -12.77 -10.80 -1.00
C VAL S 104 -12.77 -11.10 -2.48
N ARG S 105 -12.15 -12.21 -2.87
CA ARG S 105 -12.17 -12.61 -4.27
C ARG S 105 -12.51 -14.08 -4.39
N LEU S 106 -13.50 -14.39 -5.23
CA LEU S 106 -13.95 -15.76 -5.45
C LEU S 106 -13.88 -16.11 -6.94
N ARG S 107 -13.51 -17.35 -7.24
CA ARG S 107 -13.42 -17.80 -8.62
C ARG S 107 -14.29 -19.03 -8.91
N ARG S 108 -15.05 -18.98 -10.01
CA ARG S 108 -15.88 -20.13 -10.39
C ARG S 108 -15.08 -21.41 -10.50
N GLY S 109 -15.54 -22.44 -9.80
CA GLY S 109 -14.94 -23.76 -9.92
C GLY S 109 -14.02 -24.11 -8.77
N ASP S 110 -13.75 -23.11 -7.92
CA ASP S 110 -13.05 -23.35 -6.66
C ASP S 110 -13.94 -24.19 -5.76
N PRO S 111 -13.35 -24.94 -4.82
CA PRO S 111 -14.12 -25.80 -3.90
C PRO S 111 -15.08 -25.01 -3.01
N GLY S 112 -16.37 -25.34 -3.08
CA GLY S 112 -17.37 -24.74 -2.22
C GLY S 112 -17.99 -23.45 -2.74
N VAL S 113 -17.41 -22.92 -3.82
CA VAL S 113 -17.82 -21.66 -4.40
C VAL S 113 -19.00 -21.82 -5.37
N GLU S 114 -20.03 -21.00 -5.18
CA GLU S 114 -21.21 -21.05 -6.06
C GLU S 114 -21.58 -19.64 -6.52
N LEU S 115 -21.25 -19.34 -7.78
CA LEU S 115 -21.53 -18.00 -8.31
C LEU S 115 -22.77 -18.04 -9.22
N LYS S 116 -23.34 -16.87 -9.49
CA LYS S 116 -24.43 -16.77 -10.47
C LYS S 116 -24.06 -17.40 -11.83
N PRO S 117 -25.07 -17.92 -12.54
CA PRO S 117 -24.85 -18.43 -13.90
C PRO S 117 -24.19 -17.39 -14.79
N GLY S 118 -23.05 -17.76 -15.40
CA GLY S 118 -22.33 -16.88 -16.29
C GLY S 118 -21.10 -16.23 -15.69
N VAL S 119 -21.07 -16.14 -14.36
CA VAL S 119 -20.01 -15.43 -13.64
C VAL S 119 -18.75 -16.30 -13.51
N ARG S 120 -17.61 -15.76 -13.93
CA ARG S 120 -16.34 -16.48 -13.84
C ARG S 120 -15.65 -16.19 -12.50
N GLU S 121 -15.80 -14.96 -12.03
CA GLU S 121 -15.17 -14.51 -10.80
C GLU S 121 -15.88 -13.28 -10.23
N VAL S 122 -15.76 -13.10 -8.92
CA VAL S 122 -16.35 -11.94 -8.25
C VAL S 122 -15.40 -11.42 -7.17
N VAL S 123 -15.31 -10.10 -7.09
CA VAL S 123 -14.46 -9.44 -6.12
C VAL S 123 -15.28 -8.42 -5.35
N ARG S 124 -15.08 -8.39 -4.03
CA ARG S 124 -15.72 -7.41 -3.15
C ARG S 124 -14.68 -6.58 -2.37
N VAL S 125 -14.86 -5.26 -2.36
CA VAL S 125 -13.97 -4.34 -1.66
C VAL S 125 -14.76 -3.58 -0.58
N TYR S 126 -14.23 -3.58 0.64
CA TYR S 126 -14.87 -2.86 1.75
C TYR S 126 -14.08 -1.59 2.08
N VAL S 127 -14.78 -0.45 2.13
CA VAL S 127 -14.13 0.83 2.34
C VAL S 127 -14.76 1.57 3.51
N ALA S 128 -13.89 1.99 4.42
CA ALA S 128 -14.25 2.76 5.58
C ALA S 128 -14.36 4.23 5.21
N GLN S 129 -15.56 4.76 5.46
CA GLN S 129 -15.90 6.13 5.11
C GLN S 129 -16.34 6.87 6.35
N LYS S 130 -15.65 7.97 6.62
CA LYS S 130 -15.90 8.78 7.79
C LYS S 130 -17.36 9.19 7.89
N VAL T 3 18.41 -1.01 -15.70
CA VAL T 3 17.62 -2.20 -15.36
C VAL T 3 17.18 -2.31 -13.90
N GLU T 4 18.12 -2.16 -12.95
CA GLU T 4 17.80 -2.33 -11.54
C GLU T 4 16.65 -1.47 -10.97
N PRO T 5 16.57 -0.18 -11.35
CA PRO T 5 15.43 0.59 -10.84
C PRO T 5 14.09 0.06 -11.36
N TYR T 6 14.10 -0.62 -12.50
CA TYR T 6 12.88 -1.22 -13.05
C TYR T 6 12.50 -2.53 -12.35
N ILE T 7 13.50 -3.27 -11.88
CA ILE T 7 13.26 -4.40 -11.00
C ILE T 7 12.61 -3.89 -9.71
N ARG T 8 13.08 -2.73 -9.24
CA ARG T 8 12.54 -2.09 -8.03
C ARG T 8 11.07 -1.64 -8.14
N LEU T 9 10.71 -1.00 -9.26
CA LEU T 9 9.32 -0.65 -9.55
C LEU T 9 8.43 -1.89 -9.69
N PHE T 10 8.91 -2.87 -10.46
CA PHE T 10 8.14 -4.08 -10.70
C PHE T 10 7.84 -4.86 -9.42
N GLU T 11 8.86 -5.03 -8.58
CA GLU T 11 8.71 -5.88 -7.40
C GLU T 11 7.85 -5.23 -6.33
N ALA T 12 7.70 -3.92 -6.43
CA ALA T 12 6.78 -3.16 -5.58
C ALA T 12 5.30 -3.35 -5.95
N ILE T 13 5.00 -4.03 -7.06
CA ILE T 13 3.61 -4.36 -7.33
C ILE T 13 3.14 -5.34 -6.25
N PRO T 14 2.04 -4.99 -5.56
CA PRO T 14 1.61 -5.88 -4.47
C PRO T 14 1.20 -7.26 -4.99
N ASP T 15 1.55 -8.30 -4.23
CA ASP T 15 1.31 -9.68 -4.62
C ASP T 15 -0.11 -10.17 -4.28
N ALA T 16 -0.51 -11.27 -4.90
CA ALA T 16 -1.82 -11.86 -4.65
C ALA T 16 -1.79 -13.34 -5.00
N GLU T 17 -2.42 -14.16 -4.16
CA GLU T 17 -2.57 -15.58 -4.49
C GLU T 17 -3.56 -15.77 -5.63
N THR T 18 -3.03 -16.13 -6.80
CA THR T 18 -3.84 -16.47 -7.98
C THR T 18 -3.10 -17.49 -8.82
N GLU T 19 -3.79 -17.97 -9.85
CA GLU T 19 -3.16 -18.81 -10.86
C GLU T 19 -2.09 -18.02 -11.60
N LEU T 20 -1.08 -18.74 -12.09
CA LEU T 20 -0.08 -18.14 -12.96
C LEU T 20 -0.72 -17.88 -14.33
N ALA T 21 -0.50 -16.71 -14.88
CA ALA T 21 -0.95 -16.46 -16.25
C ALA T 21 0.06 -17.04 -17.24
N THR T 22 -0.39 -17.32 -18.46
CA THR T 22 0.51 -17.59 -19.58
C THR T 22 0.68 -16.32 -20.40
N PHE T 23 1.90 -15.77 -20.43
CA PHE T 23 2.13 -14.51 -21.12
C PHE T 23 2.28 -14.64 -22.62
N TYR T 24 1.99 -13.54 -23.32
CA TYR T 24 2.12 -13.49 -24.75
C TYR T 24 3.57 -13.18 -25.14
N ASP T 25 4.26 -14.21 -25.64
CA ASP T 25 5.62 -14.08 -26.13
C ASP T 25 5.69 -13.51 -27.54
N ALA T 26 5.49 -12.20 -27.67
CA ALA T 26 5.52 -11.54 -28.97
C ALA T 26 6.90 -11.65 -29.64
N ASP T 27 6.91 -11.67 -30.97
CA ASP T 27 8.12 -11.95 -31.72
C ASP T 27 8.12 -11.21 -33.05
N LEU T 28 9.22 -11.32 -33.79
CA LEU T 28 9.32 -10.73 -35.12
C LEU T 28 8.27 -11.32 -36.05
N ASP T 29 7.83 -12.53 -35.73
CA ASP T 29 6.80 -13.23 -36.49
C ASP T 29 5.39 -12.74 -36.21
N THR T 30 5.19 -12.14 -35.04
CA THR T 30 3.85 -11.83 -34.55
C THR T 30 3.57 -10.33 -34.44
N LEU T 31 2.30 -9.96 -34.37
CA LEU T 31 1.92 -8.58 -34.12
C LEU T 31 2.38 -8.18 -32.73
N PRO T 32 3.06 -7.04 -32.64
CA PRO T 32 3.37 -6.54 -31.31
C PRO T 32 2.07 -6.20 -30.58
N PRO T 33 2.07 -6.33 -29.26
CA PRO T 33 0.86 -5.95 -28.51
C PRO T 33 0.81 -4.44 -28.31
N ARG T 34 -0.32 -3.91 -27.86
CA ARG T 34 -0.43 -2.48 -27.62
C ARG T 34 0.58 -2.09 -26.55
N MET T 35 1.24 -0.96 -26.75
CA MET T 35 2.26 -0.49 -25.83
C MET T 35 1.92 0.91 -25.34
N PHE T 36 2.03 1.13 -24.04
CA PHE T 36 1.71 2.44 -23.49
C PHE T 36 2.89 3.02 -22.70
N LEU T 37 3.11 4.32 -22.87
CA LEU T 37 4.09 5.08 -22.08
C LEU T 37 3.55 5.26 -20.66
N PRO T 38 4.43 5.62 -19.70
CA PRO T 38 3.99 5.84 -18.31
C PRO T 38 2.91 6.92 -18.15
N SER T 39 2.72 7.77 -19.15
CA SER T 39 1.68 8.80 -19.08
C SER T 39 0.32 8.23 -19.45
N GLY T 40 0.31 7.03 -20.04
CA GLY T 40 -0.92 6.44 -20.52
C GLY T 40 -1.07 6.60 -22.03
N ASP T 41 -0.19 7.38 -22.64
CA ASP T 41 -0.20 7.55 -24.08
C ASP T 41 0.17 6.27 -24.82
N LEU T 42 -0.54 6.02 -25.92
CA LEU T 42 -0.25 4.92 -26.81
C LEU T 42 1.12 5.14 -27.44
N TYR T 43 1.93 4.09 -27.45
CA TYR T 43 3.20 4.14 -28.18
C TYR T 43 3.12 3.22 -29.40
N THR T 44 3.27 3.79 -30.59
CA THR T 44 3.17 2.98 -31.80
C THR T 44 4.56 2.62 -32.34
N PRO T 45 4.94 1.33 -32.28
CA PRO T 45 6.28 0.93 -32.74
C PRO T 45 6.37 0.97 -34.26
N PRO T 46 7.58 1.13 -34.82
CA PRO T 46 7.72 1.16 -36.29
C PRO T 46 7.91 -0.25 -36.86
N GLY T 47 7.85 -1.25 -36.00
CA GLY T 47 7.95 -2.64 -36.42
C GLY T 47 7.60 -3.53 -35.24
N PRO T 48 7.89 -4.83 -35.38
CA PRO T 48 7.57 -5.81 -34.33
C PRO T 48 8.53 -5.73 -33.15
N VAL T 49 8.21 -6.45 -32.08
CA VAL T 49 9.06 -6.48 -30.92
C VAL T 49 9.44 -7.90 -30.52
N ARG T 50 10.39 -8.01 -29.62
CA ARG T 50 10.78 -9.27 -29.03
C ARG T 50 10.82 -8.97 -27.56
N LEU T 51 10.56 -9.95 -26.71
CA LEU T 51 10.56 -9.74 -25.28
C LEU T 51 11.58 -10.62 -24.59
N GLU T 52 12.20 -10.07 -23.55
CA GLU T 52 13.05 -10.86 -22.67
C GLU T 52 12.56 -10.71 -21.24
N GLU T 53 12.08 -11.81 -20.68
CA GLU T 53 11.59 -11.81 -19.32
C GLU T 53 12.72 -11.64 -18.31
N ILE T 54 12.52 -10.73 -17.37
CA ILE T 54 13.51 -10.48 -16.34
C ILE T 54 13.07 -11.05 -15.00
N LYS T 55 11.83 -10.73 -14.62
CA LYS T 55 11.23 -11.24 -13.40
C LYS T 55 9.77 -11.54 -13.70
N ARG T 56 9.19 -12.41 -12.88
CA ARG T 56 7.77 -12.78 -12.98
C ARG T 56 7.01 -12.79 -11.65
N LYS T 57 5.75 -12.38 -11.79
CA LYS T 57 4.73 -12.36 -10.76
C LYS T 57 3.63 -13.17 -11.40
N ARG T 58 2.64 -13.62 -10.62
CA ARG T 58 1.64 -14.53 -11.13
C ARG T 58 0.84 -13.97 -12.31
N ARG T 59 0.50 -12.69 -12.28
CA ARG T 59 -0.30 -12.11 -13.35
C ARG T 59 0.44 -11.07 -14.20
N VAL T 60 1.59 -10.63 -13.70
CA VAL T 60 2.40 -9.63 -14.39
C VAL T 60 3.84 -10.13 -14.44
N ARG T 61 4.58 -9.68 -15.46
CA ARG T 61 6.00 -9.96 -15.54
C ARG T 61 6.72 -8.69 -15.96
N LEU T 62 8.02 -8.65 -15.67
CA LEU T 62 8.90 -7.59 -16.13
C LEU T 62 9.63 -8.07 -17.39
N VAL T 63 9.67 -7.23 -18.42
CA VAL T 63 10.37 -7.63 -19.64
C VAL T 63 11.23 -6.51 -20.16
N LYS T 64 12.26 -6.90 -20.91
CA LYS T 64 13.00 -5.97 -21.73
C LYS T 64 12.38 -6.05 -23.13
N VAL T 65 11.91 -4.93 -23.65
CA VAL T 65 11.26 -4.95 -24.94
C VAL T 65 12.22 -4.45 -26.01
N SER T 66 12.54 -5.29 -26.99
CA SER T 66 13.38 -4.88 -28.12
C SER T 66 12.51 -4.51 -29.31
N ILE T 67 12.68 -3.29 -29.78
CA ILE T 67 11.82 -2.74 -30.82
C ILE T 67 12.52 -2.73 -32.17
N TYR T 68 11.94 -3.43 -33.14
CA TYR T 68 12.53 -3.64 -34.46
C TYR T 68 11.88 -2.88 -35.62
N ARG T 69 12.74 -2.48 -36.55
CA ARG T 69 12.34 -1.78 -37.74
C ARG T 69 12.81 -2.62 -38.92
N PHE T 70 12.06 -2.60 -40.00
CA PHE T 70 12.46 -3.28 -41.22
C PHE T 70 13.30 -2.39 -42.10
N GLU T 71 14.31 -3.00 -42.71
CA GLU T 71 15.13 -2.32 -43.70
C GLU T 71 14.69 -2.91 -45.03
N HIS T 72 14.83 -2.12 -46.08
CA HIS T 72 14.52 -2.62 -47.40
C HIS T 72 15.71 -3.23 -48.13
N VAL T 73 15.49 -4.45 -48.63
CA VAL T 73 16.52 -5.17 -49.39
C VAL T 73 15.95 -5.75 -50.72
N GLY T 74 15.93 -4.91 -51.75
CA GLY T 74 15.23 -5.21 -52.98
C GLY T 74 13.73 -5.22 -52.77
N LEU T 75 13.09 -6.22 -53.37
CA LEU T 75 11.68 -6.48 -53.17
C LEU T 75 11.34 -6.77 -51.69
N GLY T 76 12.34 -7.22 -50.94
CA GLY T 76 12.12 -7.88 -49.65
C GLY T 76 12.45 -7.12 -48.38
N LEU T 77 12.31 -7.82 -47.26
CA LEU T 77 12.40 -7.24 -45.91
C LEU T 77 13.39 -7.94 -44.98
N ALA T 78 14.13 -7.14 -44.23
CA ALA T 78 15.09 -7.70 -43.30
C ALA T 78 15.05 -6.96 -41.98
N ALA T 79 14.89 -7.71 -40.90
CA ALA T 79 14.70 -7.11 -39.58
C ALA T 79 15.99 -6.62 -38.88
N ARG T 80 15.94 -5.39 -38.35
CA ARG T 80 17.04 -4.82 -37.59
C ARG T 80 16.51 -4.01 -36.37
N PRO T 81 17.24 -4.02 -35.24
CA PRO T 81 16.92 -3.26 -34.02
C PRO T 81 16.63 -1.76 -34.21
N TYR T 82 15.77 -1.15 -33.40
CA TYR T 82 15.47 0.28 -33.49
C TYR T 82 15.51 0.95 -32.12
N ALA T 83 14.99 0.25 -31.11
CA ALA T 83 14.91 0.82 -29.77
C ALA T 83 14.66 -0.25 -28.71
N TYR T 84 14.70 0.20 -27.46
CA TYR T 84 14.41 -0.70 -26.36
C TYR T 84 13.77 0.06 -25.19
N ALA T 85 13.03 -0.69 -24.37
CA ALA T 85 12.38 -0.15 -23.21
C ALA T 85 12.11 -1.27 -22.23
N TYR T 86 12.23 -0.94 -20.95
CA TYR T 86 11.79 -1.86 -19.92
C TYR T 86 10.31 -1.64 -19.72
N ALA T 87 9.61 -2.71 -19.39
CA ALA T 87 8.17 -2.62 -19.25
C ALA T 87 7.66 -3.73 -18.36
N TRP T 88 6.43 -3.58 -17.88
CA TRP T 88 5.71 -4.73 -17.32
C TRP T 88 4.61 -5.13 -18.30
N GLN T 89 4.31 -6.42 -18.33
CA GLN T 89 3.31 -6.97 -19.21
C GLN T 89 2.27 -7.68 -18.36
N GLY T 90 0.99 -7.53 -18.72
CA GLY T 90 -0.08 -8.17 -17.98
C GLY T 90 -0.72 -9.34 -18.71
N ASP T 91 -1.85 -9.81 -18.21
CA ASP T 91 -2.46 -11.01 -18.77
C ASP T 91 -3.35 -10.79 -20.01
N ASN T 92 -3.46 -9.56 -20.49
CA ASN T 92 -4.01 -9.28 -21.81
C ASN T 92 -2.88 -9.11 -22.82
N GLY T 93 -1.65 -9.31 -22.36
CA GLY T 93 -0.48 -9.18 -23.20
C GLY T 93 0.03 -7.77 -23.40
N ILE T 94 -0.64 -6.79 -22.78
CA ILE T 94 -0.32 -5.38 -23.01
C ILE T 94 1.03 -4.97 -22.40
N LEU T 95 1.81 -4.15 -23.11
CA LEU T 95 3.07 -3.65 -22.54
C LEU T 95 2.91 -2.25 -21.96
N HIS T 96 3.25 -2.12 -20.68
CA HIS T 96 3.30 -0.84 -19.99
C HIS T 96 4.76 -0.41 -19.84
N LEU T 97 5.16 0.57 -20.64
CA LEU T 97 6.53 1.02 -20.62
C LEU T 97 6.82 1.82 -19.33
N TYR T 98 8.04 1.66 -18.79
CA TYR T 98 8.46 2.48 -17.66
C TYR T 98 9.08 3.80 -18.11
N HIS T 99 9.37 3.92 -19.39
CA HIS T 99 10.02 5.12 -19.90
C HIS T 99 9.85 5.11 -21.41
N ALA T 100 9.99 6.28 -22.03
CA ALA T 100 9.99 6.33 -23.49
C ALA T 100 11.16 5.50 -23.99
N PRO T 101 10.94 4.73 -25.08
CA PRO T 101 11.94 3.86 -25.69
C PRO T 101 13.23 4.60 -26.06
N VAL T 102 14.36 3.98 -25.75
CA VAL T 102 15.66 4.53 -26.09
C VAL T 102 16.03 4.10 -27.51
N VAL T 103 16.17 5.08 -28.41
CA VAL T 103 16.46 4.79 -29.81
C VAL T 103 17.95 4.50 -30.00
N LEU T 104 18.23 3.35 -30.62
CA LEU T 104 19.59 2.83 -30.72
C LEU T 104 20.38 3.42 -31.89
N ARG U 7 13.68 24.07 -97.97
CA ARG U 7 13.04 22.79 -97.77
C ARG U 7 14.07 21.78 -97.28
N TYR U 8 13.99 21.42 -96.01
CA TYR U 8 14.85 20.39 -95.44
C TYR U 8 14.14 19.04 -95.34
N GLU U 9 14.88 17.96 -95.62
CA GLU U 9 14.29 16.61 -95.68
C GLU U 9 15.18 15.53 -95.05
N ILE U 10 14.56 14.59 -94.34
CA ILE U 10 15.28 13.42 -93.82
C ILE U 10 14.41 12.17 -93.91
N GLU U 11 15.05 11.07 -94.30
CA GLU U 11 14.40 9.77 -94.38
C GLU U 11 14.95 8.81 -93.32
N ALA U 12 14.04 8.06 -92.69
CA ALA U 12 14.44 6.94 -91.84
C ALA U 12 14.20 5.66 -92.65
N ARG U 13 15.26 4.92 -92.90
CA ARG U 13 15.15 3.73 -93.74
C ARG U 13 15.45 2.41 -93.01
N ASP U 14 15.04 1.30 -93.61
CA ASP U 14 15.45 -0.03 -93.13
C ASP U 14 16.94 -0.21 -93.41
N THR U 15 17.63 -0.93 -92.53
CA THR U 15 19.07 -1.10 -92.67
C THR U 15 19.46 -2.53 -92.25
N LYS U 16 20.60 -3.03 -92.72
CA LYS U 16 21.04 -4.37 -92.35
C LYS U 16 21.31 -4.48 -90.85
N LEU U 17 21.73 -3.37 -90.25
CA LEU U 17 21.93 -3.26 -88.82
C LEU U 17 20.62 -3.02 -88.04
N GLY U 18 19.50 -2.87 -88.73
CA GLY U 18 18.26 -2.54 -88.05
C GLY U 18 17.75 -1.13 -88.39
N PRO U 19 16.45 -0.87 -88.14
CA PRO U 19 15.78 0.34 -88.61
C PRO U 19 16.30 1.67 -88.03
N GLU U 20 16.41 2.68 -88.88
CA GLU U 20 16.55 4.06 -88.44
C GLU U 20 15.18 4.51 -88.00
N ARG U 21 15.14 5.44 -87.05
CA ARG U 21 13.85 5.92 -86.53
C ARG U 21 13.84 7.43 -86.27
N ILE U 22 12.76 8.09 -86.71
CA ILE U 22 12.53 9.49 -86.36
C ILE U 22 12.02 9.49 -84.93
N THR U 23 12.66 10.28 -84.08
CA THR U 23 12.30 10.28 -82.67
C THR U 23 12.95 11.44 -81.92
N ARG U 24 12.40 11.73 -80.74
CA ARG U 24 12.95 12.71 -79.83
C ARG U 24 14.00 12.08 -78.92
N ASP U 25 13.99 10.75 -78.83
CA ASP U 25 14.76 10.04 -77.81
C ASP U 25 16.20 9.79 -78.24
N ILE U 26 17.01 10.83 -78.15
CA ILE U 26 18.35 10.87 -78.73
C ILE U 26 19.40 11.00 -77.65
N PRO U 27 20.43 10.13 -77.69
CA PRO U 27 21.45 10.11 -76.63
C PRO U 27 22.43 11.28 -76.74
N HIS U 28 23.07 11.64 -75.64
CA HIS U 28 24.15 12.65 -75.64
C HIS U 28 23.74 14.10 -75.99
N LEU U 29 22.45 14.39 -75.90
CA LEU U 29 21.98 15.73 -76.20
C LEU U 29 21.47 16.42 -74.95
N SER U 30 21.86 17.68 -74.77
CA SER U 30 21.42 18.47 -73.63
C SER U 30 19.93 18.78 -73.74
N GLU U 31 19.30 19.10 -72.62
CA GLU U 31 17.91 19.58 -72.63
C GLU U 31 17.70 20.74 -73.59
N ALA U 32 18.63 21.68 -73.58
CA ALA U 32 18.55 22.86 -74.45
C ALA U 32 18.48 22.45 -75.90
N ALA U 33 19.27 21.44 -76.28
CA ALA U 33 19.30 20.99 -77.67
C ALA U 33 17.98 20.36 -78.09
N LEU U 34 17.29 19.78 -77.11
CA LEU U 34 16.00 19.14 -77.37
C LEU U 34 14.80 20.08 -77.18
N ARG U 35 15.07 21.30 -76.71
CA ARG U 35 14.01 22.21 -76.26
C ARG U 35 12.86 22.46 -77.25
N ASP U 36 13.17 22.67 -78.53
CA ASP U 36 12.12 23.03 -79.50
C ASP U 36 11.49 21.88 -80.25
N LEU U 37 11.83 20.66 -79.88
CA LEU U 37 11.35 19.46 -80.55
C LEU U 37 10.00 19.00 -80.00
N ASP U 38 9.02 18.71 -80.86
CA ASP U 38 7.80 18.06 -80.39
C ASP U 38 8.09 16.64 -79.87
N GLU U 39 7.05 15.93 -79.43
CA GLU U 39 7.24 14.62 -78.81
C GLU U 39 7.69 13.56 -79.82
N GLU U 40 7.58 13.88 -81.11
CA GLU U 40 8.03 12.97 -82.16
C GLU U 40 9.47 13.22 -82.52
N GLY U 41 10.03 14.31 -81.99
CA GLY U 41 11.37 14.72 -82.36
C GLY U 41 11.38 15.68 -83.56
N VAL U 42 10.21 16.12 -83.99
CA VAL U 42 10.15 17.09 -85.09
C VAL U 42 10.05 18.50 -84.54
N VAL U 43 10.91 19.39 -85.03
CA VAL U 43 10.96 20.77 -84.53
C VAL U 43 9.60 21.45 -84.65
N ARG U 44 9.25 22.26 -83.65
CA ARG U 44 7.93 22.88 -83.58
C ARG U 44 7.81 24.08 -84.53
N ILE U 45 6.63 24.26 -85.10
CA ILE U 45 6.35 25.47 -85.89
C ILE U 45 6.56 26.73 -85.04
N GLY U 46 7.23 27.72 -85.61
CA GLY U 46 7.41 28.99 -84.93
C GLY U 46 8.76 29.10 -84.26
N ALA U 47 9.53 28.01 -84.30
CA ALA U 47 10.81 27.99 -83.62
C ALA U 47 11.89 28.71 -84.43
N GLU U 48 12.81 29.34 -83.72
CA GLU U 48 13.99 29.86 -84.36
C GLU U 48 15.11 28.81 -84.39
N VAL U 49 15.59 28.49 -85.58
CA VAL U 49 16.67 27.52 -85.72
C VAL U 49 17.94 28.19 -86.27
N LYS U 50 19.07 27.80 -85.72
CA LYS U 50 20.38 28.35 -86.10
C LYS U 50 21.31 27.18 -86.43
N PRO U 51 22.41 27.44 -87.19
CA PRO U 51 23.31 26.37 -87.63
C PRO U 51 23.71 25.41 -86.50
N GLY U 52 23.55 24.10 -86.75
CA GLY U 52 23.81 23.09 -85.74
C GLY U 52 22.56 22.67 -84.97
N ASP U 53 21.48 23.44 -85.07
CA ASP U 53 20.25 23.08 -84.37
C ASP U 53 19.52 21.96 -85.09
N ILE U 54 18.87 21.11 -84.30
CA ILE U 54 18.07 20.00 -84.81
C ILE U 54 16.71 20.41 -85.41
N LEU U 55 16.45 19.92 -86.61
CA LEU U 55 15.14 20.07 -87.23
C LEU U 55 14.31 18.81 -87.03
N VAL U 56 14.95 17.66 -87.17
CA VAL U 56 14.28 16.37 -87.04
C VAL U 56 15.21 15.36 -86.34
N GLY U 57 14.80 14.88 -85.17
CA GLY U 57 15.57 13.88 -84.47
C GLY U 57 15.58 12.53 -85.17
N ARG U 58 16.75 11.91 -85.25
CA ARG U 58 16.86 10.56 -85.81
C ARG U 58 17.93 9.74 -85.10
N THR U 59 17.65 8.46 -84.88
CA THR U 59 18.67 7.57 -84.36
C THR U 59 18.87 6.35 -85.26
N SER U 60 20.10 5.84 -85.31
CA SER U 60 20.40 4.61 -86.07
C SER U 60 21.10 3.57 -85.19
N PHE U 61 20.81 2.29 -85.41
CA PHE U 61 21.48 1.21 -84.68
C PHE U 61 23.00 1.14 -84.93
N LYS U 62 23.73 0.51 -84.02
CA LYS U 62 25.19 0.47 -84.10
C LYS U 62 25.71 -0.78 -84.81
N GLY U 63 27.04 -0.90 -84.91
CA GLY U 63 27.68 -1.98 -85.64
C GLY U 63 27.50 -3.38 -85.05
N GLU U 64 26.59 -3.48 -84.08
CA GLU U 64 26.21 -4.75 -83.43
C GLU U 64 27.37 -5.72 -83.15
N SER U 65 28.49 -5.17 -82.71
CA SER U 65 29.63 -5.95 -82.28
C SER U 65 29.18 -6.91 -81.18
N GLU U 66 29.44 -8.20 -81.39
CA GLU U 66 29.09 -9.24 -80.42
C GLU U 66 29.64 -8.90 -79.02
N PRO U 67 29.08 -9.53 -77.98
CA PRO U 67 29.31 -9.11 -76.60
C PRO U 67 30.77 -8.83 -76.22
N THR U 68 31.00 -7.63 -75.70
CA THR U 68 32.28 -7.25 -75.10
C THR U 68 32.57 -8.14 -73.88
N PRO U 69 33.81 -8.12 -73.38
CA PRO U 69 34.02 -8.97 -72.20
C PRO U 69 33.40 -8.40 -70.93
N GLU U 70 33.38 -7.08 -70.80
CA GLU U 70 32.68 -6.45 -69.69
C GLU U 70 31.20 -6.77 -69.81
N GLU U 71 30.68 -6.62 -71.01
CA GLU U 71 29.32 -6.99 -71.35
C GLU U 71 28.88 -8.31 -70.74
N ARG U 72 29.59 -9.38 -71.07
CA ARG U 72 29.15 -10.72 -70.75
C ARG U 72 29.19 -11.05 -69.26
N LEU U 73 29.80 -10.15 -68.50
CA LEU U 73 29.78 -10.23 -67.04
C LEU U 73 28.41 -9.76 -66.56
N LEU U 74 28.18 -8.45 -66.72
CA LEU U 74 26.91 -7.81 -66.39
C LEU U 74 25.70 -8.67 -66.77
N ARG U 75 25.71 -9.25 -67.98
CA ARG U 75 24.49 -9.87 -68.51
C ARG U 75 23.81 -10.91 -67.62
N SER U 76 24.60 -11.79 -67.02
CA SER U 76 24.04 -12.85 -66.17
C SER U 76 23.51 -12.29 -64.85
N ILE U 77 24.30 -11.38 -64.29
CA ILE U 77 24.03 -10.69 -63.04
C ILE U 77 22.91 -9.68 -63.17
N PHE U 78 23.21 -8.59 -63.85
CA PHE U 78 22.30 -7.47 -64.07
C PHE U 78 21.11 -7.77 -64.95
N GLY U 79 21.27 -8.63 -65.96
CA GLY U 79 20.11 -9.12 -66.70
C GLY U 79 19.88 -8.67 -68.14
N GLU U 80 18.59 -8.50 -68.49
CA GLU U 80 18.15 -8.29 -69.87
C GLU U 80 18.66 -6.99 -70.46
N LYS U 81 18.96 -6.97 -71.76
CA LYS U 81 19.64 -5.82 -72.34
C LYS U 81 19.18 -5.34 -73.74
N ALA U 82 19.17 -4.01 -73.89
CA ALA U 82 18.97 -3.28 -75.15
C ALA U 82 20.30 -3.01 -75.87
N ARG U 83 20.26 -2.65 -77.16
CA ARG U 83 21.50 -2.31 -77.88
C ARG U 83 21.64 -0.82 -78.20
N ASP U 84 22.89 -0.35 -78.26
CA ASP U 84 23.20 1.05 -78.52
C ASP U 84 22.59 1.58 -79.83
N VAL U 85 22.29 2.88 -79.83
CA VAL U 85 21.80 3.61 -81.00
C VAL U 85 22.40 5.02 -80.99
N LYS U 86 22.73 5.57 -82.16
CA LYS U 86 23.48 6.83 -82.23
C LYS U 86 22.75 8.02 -82.88
N ASP U 87 23.21 9.21 -82.52
CA ASP U 87 22.67 10.49 -83.00
C ASP U 87 22.96 10.72 -84.51
N THR U 88 21.93 10.58 -85.34
CA THR U 88 22.03 10.79 -86.80
C THR U 88 20.97 11.81 -87.26
N SER U 89 20.73 12.81 -86.40
CA SER U 89 19.66 13.78 -86.60
C SER U 89 19.89 14.76 -87.75
N LEU U 90 18.79 15.31 -88.27
CA LEU U 90 18.85 16.38 -89.27
C LEU U 90 19.14 17.69 -88.56
N ARG U 91 20.27 18.31 -88.93
CA ARG U 91 20.66 19.58 -88.33
C ARG U 91 20.70 20.72 -89.36
N VAL U 92 20.49 21.95 -88.88
CA VAL U 92 20.60 23.12 -89.73
C VAL U 92 22.04 23.28 -90.19
N PRO U 93 22.25 23.38 -91.51
CA PRO U 93 23.58 23.55 -92.13
C PRO U 93 24.22 24.89 -91.81
N PRO U 94 25.56 24.95 -91.86
CA PRO U 94 26.33 26.19 -91.70
C PRO U 94 25.82 27.29 -92.63
N GLY U 95 25.65 28.49 -92.08
CA GLY U 95 25.28 29.64 -92.88
C GLY U 95 23.80 29.74 -93.18
N GLU U 96 23.00 28.90 -92.54
CA GLU U 96 21.56 28.93 -92.78
C GLU U 96 20.79 29.06 -91.47
N GLY U 97 19.45 29.10 -91.55
CA GLY U 97 18.63 29.29 -90.37
C GLY U 97 17.47 30.26 -90.60
N GLY U 98 16.63 30.42 -89.58
CA GLY U 98 15.44 31.23 -89.70
C GLY U 98 14.33 30.69 -88.84
N ILE U 99 13.09 30.82 -89.31
CA ILE U 99 11.91 30.42 -88.54
C ILE U 99 11.20 29.25 -89.21
N VAL U 100 10.89 28.21 -88.44
CA VAL U 100 10.14 27.06 -88.97
C VAL U 100 8.70 27.47 -89.29
N VAL U 101 8.26 27.24 -90.53
CA VAL U 101 6.92 27.67 -90.93
C VAL U 101 5.97 26.52 -91.28
N ARG U 102 6.51 25.34 -91.50
CA ARG U 102 5.67 24.19 -91.84
C ARG U 102 6.48 22.93 -91.62
N THR U 103 5.81 21.84 -91.27
CA THR U 103 6.43 20.53 -91.29
C THR U 103 5.50 19.57 -92.01
N VAL U 104 6.07 18.51 -92.58
CA VAL U 104 5.30 17.47 -93.23
C VAL U 104 5.92 16.15 -92.80
N ARG U 105 5.09 15.21 -92.37
CA ARG U 105 5.61 13.89 -92.00
C ARG U 105 4.77 12.81 -92.62
N LEU U 106 5.44 11.87 -93.30
CA LEU U 106 4.77 10.76 -93.97
C LEU U 106 5.34 9.42 -93.47
N ARG U 107 4.46 8.42 -93.34
CA ARG U 107 4.86 7.10 -92.87
C ARG U 107 4.57 6.04 -93.93
N ARG U 108 5.50 5.12 -94.15
CA ARG U 108 5.26 3.99 -95.06
C ARG U 108 4.06 3.16 -94.61
N GLY U 109 3.13 2.95 -95.53
CA GLY U 109 2.01 2.05 -95.27
C GLY U 109 0.73 2.78 -94.93
N ASP U 110 0.84 4.11 -94.74
CA ASP U 110 -0.33 4.96 -94.61
C ASP U 110 -1.06 4.99 -95.94
N PRO U 111 -2.38 5.26 -95.92
CA PRO U 111 -3.17 5.30 -97.16
C PRO U 111 -2.72 6.38 -98.15
N GLY U 112 -2.39 5.97 -99.36
CA GLY U 112 -2.02 6.90 -100.42
C GLY U 112 -0.55 7.28 -100.47
N VAL U 113 0.19 6.88 -99.43
CA VAL U 113 1.60 7.24 -99.30
C VAL U 113 2.52 6.28 -100.05
N GLU U 114 3.42 6.84 -100.85
CA GLU U 114 4.38 6.03 -101.61
C GLU U 114 5.79 6.55 -101.42
N LEU U 115 6.59 5.86 -100.63
CA LEU U 115 7.96 6.31 -100.36
C LEU U 115 8.95 5.46 -101.16
N LYS U 116 10.17 5.96 -101.29
CA LYS U 116 11.25 5.18 -101.90
C LYS U 116 11.41 3.79 -101.25
N PRO U 117 11.88 2.81 -102.03
CA PRO U 117 12.18 1.49 -101.49
C PRO U 117 13.15 1.57 -100.32
N GLY U 118 12.76 1.00 -99.18
CA GLY U 118 13.59 1.00 -97.99
C GLY U 118 13.19 2.01 -96.93
N VAL U 119 12.50 3.07 -97.35
CA VAL U 119 12.15 4.18 -96.46
C VAL U 119 10.94 3.86 -95.59
N ARG U 120 11.08 4.02 -94.28
CA ARG U 120 9.98 3.75 -93.35
C ARG U 120 9.15 5.02 -93.12
N GLU U 121 9.84 6.16 -93.12
CA GLU U 121 9.19 7.44 -92.87
C GLU U 121 10.04 8.60 -93.41
N VAL U 122 9.38 9.71 -93.72
CA VAL U 122 10.08 10.90 -94.20
C VAL U 122 9.45 12.16 -93.59
N VAL U 123 10.30 13.09 -93.21
CA VAL U 123 9.87 14.35 -92.62
C VAL U 123 10.50 15.50 -93.37
N ARG U 124 9.69 16.49 -93.73
CA ARG U 124 10.23 17.74 -94.27
C ARG U 124 9.92 18.95 -93.37
N VAL U 125 10.90 19.84 -93.27
CA VAL U 125 10.78 21.07 -92.49
C VAL U 125 11.04 22.29 -93.39
N TYR U 126 10.14 23.26 -93.35
CA TYR U 126 10.28 24.50 -94.13
C TYR U 126 10.68 25.66 -93.21
N VAL U 127 11.74 26.37 -93.59
CA VAL U 127 12.28 27.43 -92.76
C VAL U 127 12.41 28.72 -93.57
N VAL V 3 8.14 17.50 -57.43
CA VAL V 3 7.42 16.83 -58.52
C VAL V 3 6.65 17.75 -59.48
N GLU V 4 5.84 18.66 -58.94
CA GLU V 4 5.00 19.53 -59.79
C GLU V 4 5.74 20.36 -60.87
N PRO V 5 6.91 20.94 -60.55
CA PRO V 5 7.60 21.65 -61.63
C PRO V 5 8.07 20.73 -62.77
N TYR V 6 8.24 19.45 -62.46
CA TYR V 6 8.61 18.47 -63.48
C TYR V 6 7.43 18.03 -64.34
N ILE V 7 6.23 18.01 -63.75
CA ILE V 7 5.01 17.85 -64.53
C ILE V 7 4.87 19.02 -65.48
N ARG V 8 5.26 20.20 -65.02
CA ARG V 8 5.19 21.41 -65.83
C ARG V 8 6.11 21.32 -67.06
N LEU V 9 7.39 21.03 -66.81
CA LEU V 9 8.36 20.85 -67.90
C LEU V 9 7.92 19.78 -68.89
N PHE V 10 7.49 18.63 -68.37
CA PHE V 10 7.06 17.52 -69.21
C PHE V 10 5.88 17.87 -70.11
N GLU V 11 4.87 18.52 -69.54
CA GLU V 11 3.63 18.77 -70.28
C GLU V 11 3.80 19.85 -71.32
N ALA V 12 4.85 20.65 -71.16
CA ALA V 12 5.25 21.63 -72.17
C ALA V 12 5.93 21.02 -73.40
N ILE V 13 6.20 19.72 -73.39
CA ILE V 13 6.66 19.09 -74.64
C ILE V 13 5.53 19.13 -75.65
N PRO V 14 5.79 19.70 -76.83
CA PRO V 14 4.69 19.83 -77.80
C PRO V 14 4.19 18.46 -78.24
N ASP V 15 2.87 18.34 -78.41
CA ASP V 15 2.21 17.09 -78.77
C ASP V 15 2.22 16.80 -80.27
N ALA V 16 1.96 15.55 -80.62
CA ALA V 16 1.90 15.15 -82.01
C ALA V 16 1.05 13.89 -82.16
N GLU V 17 0.23 13.83 -83.20
CA GLU V 17 -0.53 12.62 -83.49
C GLU V 17 0.40 11.52 -84.00
N THR V 18 0.61 10.52 -83.17
CA THR V 18 1.38 9.32 -83.53
C THR V 18 0.86 8.13 -82.75
N GLU V 19 1.39 6.96 -83.09
CA GLU V 19 1.15 5.75 -82.30
C GLU V 19 1.72 5.92 -80.90
N LEU V 20 1.10 5.23 -79.94
CA LEU V 20 1.65 5.14 -78.59
C LEU V 20 2.87 4.25 -78.63
N ALA V 21 3.95 4.68 -77.99
CA ALA V 21 5.11 3.80 -77.84
C ALA V 21 4.88 2.84 -76.66
N THR V 22 5.58 1.70 -76.68
CA THR V 22 5.68 0.85 -75.51
C THR V 22 7.01 1.15 -74.80
N PHE V 23 6.93 1.67 -73.58
CA PHE V 23 8.14 2.06 -72.87
C PHE V 23 8.87 0.91 -72.19
N TYR V 24 10.16 1.10 -71.99
CA TYR V 24 10.99 0.13 -71.32
C TYR V 24 10.87 0.27 -69.81
N ASP V 25 10.18 -0.68 -69.20
CA ASP V 25 10.02 -0.75 -67.75
C ASP V 25 11.22 -1.37 -67.04
N ALA V 26 12.30 -0.60 -66.93
CA ALA V 26 13.51 -1.09 -66.29
C ALA V 26 13.30 -1.44 -64.80
N ASP V 27 14.00 -2.48 -64.35
CA ASP V 27 13.79 -3.05 -63.02
C ASP V 27 15.05 -3.67 -62.42
N LEU V 28 15.05 -3.87 -61.11
CA LEU V 28 16.21 -4.40 -60.41
C LEU V 28 16.75 -5.63 -61.13
N ASP V 29 15.87 -6.29 -61.88
CA ASP V 29 16.21 -7.47 -62.68
C ASP V 29 16.96 -7.14 -63.97
N THR V 30 16.77 -5.92 -64.47
CA THR V 30 17.24 -5.56 -65.81
C THR V 30 18.35 -4.49 -65.80
N LEU V 31 19.07 -4.39 -66.92
CA LEU V 31 20.05 -3.32 -67.09
C LEU V 31 19.33 -1.99 -67.10
N PRO V 32 19.82 -1.05 -66.29
CA PRO V 32 19.27 0.30 -66.40
C PRO V 32 19.60 0.86 -67.79
N PRO V 33 18.73 1.74 -68.31
CA PRO V 33 19.04 2.34 -69.61
C PRO V 33 20.01 3.50 -69.42
N ARG V 34 20.61 3.99 -70.51
CA ARG V 34 21.49 5.15 -70.43
C ARG V 34 20.71 6.32 -69.83
N MET V 35 21.38 7.06 -68.96
CA MET V 35 20.76 8.19 -68.31
C MET V 35 21.63 9.40 -68.59
N PHE V 36 20.98 10.54 -68.81
CA PHE V 36 21.70 11.77 -69.04
C PHE V 36 21.19 12.91 -68.15
N LEU V 37 22.13 13.70 -67.63
CA LEU V 37 21.82 14.92 -66.89
C LEU V 37 21.33 16.00 -67.87
N PRO V 38 20.68 17.07 -67.35
CA PRO V 38 20.19 18.15 -68.23
C PRO V 38 21.28 18.82 -69.05
N SER V 39 22.55 18.65 -68.69
CA SER V 39 23.64 19.25 -69.46
C SER V 39 23.99 18.40 -70.67
N GLY V 40 23.49 17.16 -70.69
CA GLY V 40 23.84 16.24 -71.75
C GLY V 40 24.88 15.23 -71.30
N ASP V 41 25.45 15.45 -70.12
CA ASP V 41 26.43 14.53 -69.56
C ASP V 41 25.82 13.17 -69.20
N LEU V 42 26.56 12.12 -69.49
CA LEU V 42 26.17 10.77 -69.12
C LEU V 42 26.17 10.66 -67.59
N TYR V 43 25.11 10.07 -67.04
CA TYR V 43 25.08 9.76 -65.62
C TYR V 43 25.18 8.25 -65.43
N THR V 44 26.22 7.80 -64.74
CA THR V 44 26.39 6.36 -64.54
C THR V 44 25.91 5.94 -63.15
N PRO V 45 24.81 5.16 -63.08
CA PRO V 45 24.27 4.76 -61.78
C PRO V 45 25.16 3.70 -61.11
N PRO V 46 25.13 3.59 -59.78
CA PRO V 46 25.95 2.57 -59.10
C PRO V 46 25.22 1.23 -58.98
N GLY V 47 24.02 1.16 -59.57
CA GLY V 47 23.24 -0.05 -59.59
C GLY V 47 22.06 0.13 -60.52
N PRO V 48 21.10 -0.81 -60.46
CA PRO V 48 19.91 -0.77 -61.33
C PRO V 48 18.91 0.28 -60.88
N VAL V 49 17.90 0.52 -61.71
CA VAL V 49 16.86 1.47 -61.36
C VAL V 49 15.48 0.84 -61.45
N ARG V 50 14.51 1.55 -60.88
CA ARG V 50 13.09 1.21 -60.96
C ARG V 50 12.36 2.48 -61.39
N LEU V 51 11.34 2.36 -62.24
CA LEU V 51 10.66 3.53 -62.73
C LEU V 51 9.23 3.59 -62.24
N GLU V 52 8.76 4.80 -61.95
CA GLU V 52 7.36 5.03 -61.66
C GLU V 52 6.81 6.09 -62.60
N GLU V 53 5.89 5.68 -63.46
CA GLU V 53 5.29 6.58 -64.41
C GLU V 53 4.38 7.59 -63.72
N ILE V 54 4.55 8.86 -64.07
CA ILE V 54 3.72 9.91 -63.50
C ILE V 54 2.72 10.42 -64.51
N LYS V 55 3.20 10.74 -65.71
CA LYS V 55 2.36 11.17 -66.82
C LYS V 55 2.90 10.54 -68.08
N ARG V 56 2.03 10.45 -69.10
CA ARG V 56 2.38 9.92 -70.40
C ARG V 56 1.89 10.74 -71.60
N LYS V 57 2.78 10.86 -72.60
CA LYS V 57 2.53 11.42 -73.90
C LYS V 57 2.74 10.24 -74.85
N ARG V 58 2.39 10.39 -76.12
CA ARG V 58 2.44 9.26 -77.05
C ARG V 58 3.82 8.61 -77.21
N ARG V 59 4.86 9.43 -77.31
CA ARG V 59 6.23 8.93 -77.49
C ARG V 59 7.17 9.14 -76.29
N VAL V 60 6.75 9.96 -75.33
CA VAL V 60 7.54 10.25 -74.15
C VAL V 60 6.66 10.09 -72.91
N ARG V 61 7.29 9.77 -71.78
CA ARG V 61 6.58 9.74 -70.52
C ARG V 61 7.44 10.38 -69.46
N LEU V 62 6.79 10.81 -68.38
CA LEU V 62 7.46 11.34 -67.19
C LEU V 62 7.58 10.21 -66.16
N VAL V 63 8.75 10.05 -65.58
CA VAL V 63 8.93 9.00 -64.58
C VAL V 63 9.69 9.52 -63.38
N LYS V 64 9.44 8.87 -62.25
CA LYS V 64 10.30 9.01 -61.09
C LYS V 64 11.29 7.85 -61.16
N VAL V 65 12.58 8.17 -61.17
CA VAL V 65 13.58 7.12 -61.28
C VAL V 65 14.19 6.83 -59.91
N SER V 66 14.04 5.60 -59.43
CA SER V 66 14.66 5.20 -58.17
C SER V 66 15.97 4.46 -58.44
N ILE V 67 17.04 4.97 -57.88
CA ILE V 67 18.38 4.47 -58.16
C ILE V 67 18.90 3.60 -57.02
N TYR V 68 19.19 2.34 -57.31
CA TYR V 68 19.59 1.41 -56.27
C TYR V 68 21.08 1.09 -56.31
N ARG V 69 21.63 0.76 -55.13
CA ARG V 69 23.07 0.53 -55.02
C ARG V 69 23.27 -0.89 -54.56
N PHE V 70 24.45 -1.41 -54.80
CA PHE V 70 24.84 -2.66 -54.17
C PHE V 70 25.70 -2.47 -52.90
N GLU V 71 25.09 -2.77 -51.76
CA GLU V 71 25.84 -2.98 -50.54
C GLU V 71 26.51 -4.33 -50.74
N HIS V 72 27.65 -4.51 -50.10
CA HIS V 72 28.34 -5.78 -50.14
C HIS V 72 27.96 -6.56 -48.89
N VAL V 73 27.52 -7.81 -49.06
CA VAL V 73 27.09 -8.61 -47.91
C VAL V 73 27.89 -9.92 -47.84
N GLY V 74 29.13 -9.83 -47.37
CA GLY V 74 30.08 -10.93 -47.48
C GLY V 74 30.78 -10.81 -48.81
N LEU V 75 30.51 -11.76 -49.69
CA LEU V 75 30.98 -11.66 -51.07
C LEU V 75 29.76 -11.49 -51.97
N GLY V 76 28.57 -11.53 -51.35
CA GLY V 76 27.32 -11.36 -52.05
C GLY V 76 26.90 -9.90 -52.17
N LEU V 77 25.82 -9.64 -52.90
CA LEU V 77 25.34 -8.28 -53.15
C LEU V 77 23.89 -8.18 -52.84
N ALA V 78 23.43 -6.97 -52.57
CA ALA V 78 22.01 -6.74 -52.29
C ALA V 78 21.64 -5.33 -52.66
N ALA V 79 20.44 -5.14 -53.21
CA ALA V 79 20.05 -3.78 -53.56
C ALA V 79 19.47 -3.00 -52.36
N ARG V 80 19.88 -1.75 -52.17
CA ARG V 80 19.25 -0.88 -51.18
C ARG V 80 19.22 0.51 -51.84
N PRO V 81 18.13 1.26 -51.69
CA PRO V 81 17.88 2.56 -52.37
C PRO V 81 19.02 3.58 -52.25
N TYR V 82 19.48 4.27 -53.32
CA TYR V 82 20.65 5.13 -53.27
C TYR V 82 20.30 6.58 -53.61
N ALA V 83 19.42 6.76 -54.59
CA ALA V 83 19.07 8.10 -55.05
C ALA V 83 17.80 8.11 -55.88
N TYR V 84 17.36 9.30 -56.22
CA TYR V 84 16.19 9.46 -57.06
C TYR V 84 16.29 10.71 -57.93
N ALA V 85 15.57 10.68 -59.05
CA ALA V 85 15.53 11.80 -59.96
C ALA V 85 14.27 11.71 -60.79
N TYR V 86 13.69 12.86 -61.10
CA TYR V 86 12.62 12.92 -62.05
C TYR V 86 13.23 13.00 -63.43
N ALA V 87 12.56 12.40 -64.40
CA ALA V 87 13.10 12.35 -65.73
C ALA V 87 11.99 12.16 -66.75
N TRP V 88 12.31 12.44 -68.02
CA TRP V 88 11.45 11.95 -69.11
C TRP V 88 12.16 10.82 -69.82
N GLN V 89 11.38 9.88 -70.33
CA GLN V 89 11.90 8.73 -71.02
C GLN V 89 11.32 8.70 -72.42
N GLY V 90 12.12 8.34 -73.42
CA GLY V 90 11.66 8.30 -74.79
C GLY V 90 11.51 6.88 -75.32
N ASP V 91 11.32 6.75 -76.63
CA ASP V 91 11.04 5.44 -77.21
C ASP V 91 12.28 4.56 -77.52
N ASN V 92 13.47 5.04 -77.19
CA ASN V 92 14.66 4.20 -77.15
C ASN V 92 14.93 3.75 -75.72
N GLY V 93 14.04 4.14 -74.81
CA GLY V 93 14.15 3.78 -73.41
C GLY V 93 15.08 4.67 -72.61
N ILE V 94 15.67 5.68 -73.25
CA ILE V 94 16.69 6.52 -72.59
C ILE V 94 16.09 7.43 -71.52
N LEU V 95 16.77 7.59 -70.38
CA LEU V 95 16.30 8.54 -69.36
C LEU V 95 17.01 9.87 -69.44
N HIS V 96 16.22 10.93 -69.57
CA HIS V 96 16.71 12.30 -69.54
C HIS V 96 16.35 12.92 -68.19
N LEU V 97 17.36 13.07 -67.34
CA LEU V 97 17.13 13.59 -66.01
C LEU V 97 16.84 15.10 -66.06
N TYR V 98 15.93 15.56 -65.20
CA TYR V 98 15.68 16.99 -65.06
C TYR V 98 16.63 17.65 -64.09
N HIS V 99 17.36 16.86 -63.31
CA HIS V 99 18.26 17.40 -62.30
C HIS V 99 19.20 16.29 -61.90
N ALA V 100 20.34 16.65 -61.32
CA ALA V 100 21.23 15.64 -60.77
C ALA V 100 20.47 14.88 -59.69
N PRO V 101 20.65 13.55 -59.63
CA PRO V 101 20.00 12.66 -58.65
C PRO V 101 20.23 13.09 -57.22
N VAL V 102 19.17 13.05 -56.42
CA VAL V 102 19.25 13.38 -55.00
C VAL V 102 19.64 12.11 -54.22
N VAL V 103 20.80 12.15 -53.58
CA VAL V 103 21.30 11.00 -52.85
C VAL V 103 20.62 10.87 -51.48
N LEU V 104 20.00 9.71 -51.26
CA LEU V 104 19.25 9.48 -50.04
C LEU V 104 20.18 9.32 -48.86
N PRO W 2 90.27 -23.25 -23.87
CA PRO W 2 90.45 -23.61 -25.27
C PRO W 2 89.14 -23.52 -26.06
N ILE W 3 89.25 -23.36 -27.37
CA ILE W 3 88.07 -23.27 -28.22
C ILE W 3 87.31 -24.59 -28.27
N HIS W 4 86.04 -24.55 -27.89
CA HIS W 4 85.20 -25.74 -27.90
C HIS W 4 84.03 -25.51 -28.85
N ILE W 5 84.00 -26.29 -29.93
CA ILE W 5 82.94 -26.18 -30.92
C ILE W 5 81.96 -27.36 -30.89
N GLU W 6 80.70 -27.09 -30.57
CA GLU W 6 79.71 -28.15 -30.52
C GLU W 6 78.96 -28.29 -31.84
N ARG W 7 78.55 -29.51 -32.12
CA ARG W 7 77.76 -29.78 -33.29
C ARG W 7 76.37 -30.19 -32.82
N TYR W 8 75.40 -29.38 -33.18
CA TYR W 8 73.98 -29.67 -32.93
C TYR W 8 73.26 -30.10 -34.20
N GLU W 9 72.36 -31.09 -34.07
CA GLU W 9 71.68 -31.67 -35.23
C GLU W 9 70.19 -31.95 -35.00
N ILE W 10 69.36 -31.69 -36.00
CA ILE W 10 67.94 -32.06 -35.95
C ILE W 10 67.45 -32.54 -37.31
N GLU W 11 66.64 -33.61 -37.27
CA GLU W 11 66.04 -34.17 -38.47
C GLU W 11 64.52 -33.94 -38.47
N ALA W 12 63.98 -33.57 -39.62
CA ALA W 12 62.55 -33.57 -39.85
C ALA W 12 62.20 -34.82 -40.66
N ARG W 13 61.39 -35.69 -40.08
CA ARG W 13 61.08 -36.96 -40.73
C ARG W 13 59.60 -37.12 -41.13
N ASP W 14 59.33 -38.09 -42.01
CA ASP W 14 57.95 -38.48 -42.29
C ASP W 14 57.38 -39.20 -41.09
N THR W 15 56.08 -39.04 -40.84
CA THR W 15 55.46 -39.62 -39.66
C THR W 15 54.05 -40.12 -40.02
N LYS W 16 53.52 -41.07 -39.24
CA LYS W 16 52.17 -41.58 -39.51
C LYS W 16 51.11 -40.47 -39.36
N LEU W 17 51.39 -39.54 -38.47
CA LEU W 17 50.56 -38.36 -38.26
C LEU W 17 50.79 -37.26 -39.30
N GLY W 18 51.75 -37.44 -40.20
CA GLY W 18 52.10 -36.39 -41.14
C GLY W 18 53.49 -35.80 -40.91
N PRO W 19 54.04 -35.12 -41.92
CA PRO W 19 55.45 -34.70 -41.91
C PRO W 19 55.85 -33.67 -40.83
N GLU W 20 57.01 -33.88 -40.22
CA GLU W 20 57.68 -32.86 -39.44
C GLU W 20 58.30 -31.89 -40.43
N ARG W 21 58.42 -30.62 -40.04
CA ARG W 21 58.98 -29.62 -40.95
C ARG W 21 59.89 -28.62 -40.24
N ILE W 22 61.05 -28.35 -40.85
CA ILE W 22 61.93 -27.28 -40.39
C ILE W 22 61.31 -25.99 -40.86
N THR W 23 61.11 -25.05 -39.94
CA THR W 23 60.45 -23.81 -40.26
C THR W 23 60.57 -22.78 -39.15
N ARG W 24 60.31 -21.52 -39.53
CA ARG W 24 60.26 -20.41 -38.58
C ARG W 24 58.86 -20.28 -37.98
N ASP W 25 57.87 -20.89 -38.64
CA ASP W 25 56.46 -20.63 -38.32
C ASP W 25 55.95 -21.49 -37.17
N ILE W 26 56.32 -21.10 -35.96
CA ILE W 26 56.14 -21.91 -34.76
C ILE W 26 55.18 -21.25 -33.79
N PRO W 27 54.15 -21.97 -33.38
CA PRO W 27 53.13 -21.43 -32.47
C PRO W 27 53.56 -21.22 -31.02
N HIS W 28 52.98 -20.19 -30.41
CA HIS W 28 53.18 -19.87 -29.01
C HIS W 28 54.53 -19.25 -28.71
N LEU W 29 55.18 -18.69 -29.73
CA LEU W 29 56.51 -18.13 -29.48
C LEU W 29 56.55 -16.61 -29.61
N SER W 30 57.05 -15.98 -28.56
CA SER W 30 57.21 -14.53 -28.51
C SER W 30 58.24 -14.11 -29.53
N GLU W 31 58.09 -12.90 -30.06
CA GLU W 31 58.98 -12.40 -31.09
C GLU W 31 60.43 -12.50 -30.65
N ALA W 32 60.71 -12.22 -29.39
CA ALA W 32 62.06 -12.29 -28.88
C ALA W 32 62.64 -13.68 -29.11
N ALA W 33 61.84 -14.72 -28.91
CA ALA W 33 62.32 -16.09 -29.06
C ALA W 33 62.64 -16.40 -30.52
N LEU W 34 61.94 -15.72 -31.42
CA LEU W 34 62.16 -15.92 -32.86
C LEU W 34 63.18 -14.96 -33.45
N ARG W 35 63.67 -14.02 -32.64
CA ARG W 35 64.49 -12.90 -33.13
C ARG W 35 65.69 -13.27 -34.01
N ASP W 36 66.46 -14.29 -33.61
CA ASP W 36 67.71 -14.60 -34.34
C ASP W 36 67.58 -15.65 -35.44
N LEU W 37 66.35 -16.05 -35.73
CA LEU W 37 66.10 -17.10 -36.72
C LEU W 37 66.00 -16.53 -38.13
N ASP W 38 66.69 -17.13 -39.11
CA ASP W 38 66.44 -16.74 -40.49
C ASP W 38 65.01 -17.14 -40.95
N GLU W 39 64.68 -16.86 -42.20
CA GLU W 39 63.31 -17.08 -42.67
C GLU W 39 62.97 -18.57 -42.78
N GLU W 40 63.98 -19.43 -42.70
CA GLU W 40 63.77 -20.87 -42.74
C GLU W 40 63.58 -21.41 -41.33
N GLY W 41 63.82 -20.57 -40.33
CA GLY W 41 63.78 -21.03 -38.94
C GLY W 41 65.15 -21.51 -38.45
N VAL W 42 66.19 -21.32 -39.26
CA VAL W 42 67.53 -21.70 -38.82
C VAL W 42 68.26 -20.49 -38.23
N VAL W 43 68.83 -20.67 -37.06
CA VAL W 43 69.48 -19.56 -36.36
C VAL W 43 70.59 -18.95 -37.22
N ARG W 44 70.72 -17.62 -37.14
CA ARG W 44 71.65 -16.88 -38.00
C ARG W 44 73.09 -17.02 -37.51
N ILE W 45 74.04 -17.07 -38.45
CA ILE W 45 75.47 -17.01 -38.10
C ILE W 45 75.78 -15.73 -37.32
N GLY W 46 76.54 -15.86 -36.25
CA GLY W 46 76.98 -14.70 -35.49
C GLY W 46 76.13 -14.46 -34.26
N ALA W 47 75.06 -15.24 -34.12
CA ALA W 47 74.13 -15.06 -33.02
C ALA W 47 74.67 -15.63 -31.71
N GLU W 48 74.34 -14.97 -30.61
CA GLU W 48 74.62 -15.55 -29.31
C GLU W 48 73.44 -16.40 -28.83
N VAL W 49 73.71 -17.67 -28.56
CA VAL W 49 72.67 -18.57 -28.07
C VAL W 49 72.96 -19.02 -26.64
N LYS W 50 71.88 -19.10 -25.84
CA LYS W 50 71.96 -19.47 -24.42
C LYS W 50 70.93 -20.57 -24.12
N PRO W 51 71.16 -21.34 -23.06
CA PRO W 51 70.29 -22.49 -22.78
C PRO W 51 68.78 -22.19 -22.91
N GLY W 52 68.08 -23.01 -23.67
CA GLY W 52 66.67 -22.78 -23.96
C GLY W 52 66.42 -22.03 -25.27
N ASP W 53 67.47 -21.43 -25.84
CA ASP W 53 67.30 -20.72 -27.11
C ASP W 53 67.22 -21.69 -28.28
N ILE W 54 66.41 -21.31 -29.27
CA ILE W 54 66.25 -22.08 -30.50
C ILE W 54 67.43 -21.99 -31.47
N LEU W 55 67.89 -23.16 -31.92
CA LEU W 55 68.88 -23.23 -32.98
C LEU W 55 68.21 -23.49 -34.32
N VAL W 56 67.22 -24.38 -34.32
CA VAL W 56 66.49 -24.76 -35.52
C VAL W 56 65.00 -24.95 -35.20
N GLY W 57 64.14 -24.14 -35.82
CA GLY W 57 62.72 -24.29 -35.64
C GLY W 57 62.18 -25.57 -36.27
N ARG W 58 61.30 -26.26 -35.54
CA ARG W 58 60.63 -27.44 -36.09
C ARG W 58 59.21 -27.57 -35.55
N THR W 59 58.29 -27.97 -36.44
CA THR W 59 56.93 -28.29 -35.97
C THR W 59 56.52 -29.70 -36.37
N SER W 60 55.70 -30.31 -35.52
CA SER W 60 55.14 -31.62 -35.82
C SER W 60 53.62 -31.55 -35.76
N PHE W 61 52.93 -32.58 -36.24
CA PHE W 61 51.47 -32.55 -36.17
C PHE W 61 50.94 -33.17 -34.88
N LYS W 62 49.81 -32.66 -34.41
CA LYS W 62 49.17 -33.15 -33.19
C LYS W 62 48.26 -34.33 -33.56
N GLY W 63 48.29 -35.39 -32.75
CA GLY W 63 47.33 -36.48 -32.91
C GLY W 63 45.91 -35.95 -32.74
N GLU W 64 44.97 -36.46 -33.52
CA GLU W 64 43.65 -35.84 -33.55
C GLU W 64 42.85 -36.18 -32.30
N SER W 65 42.28 -35.14 -31.70
CA SER W 65 41.40 -35.31 -30.56
C SER W 65 39.92 -35.25 -30.92
N GLU W 66 39.10 -35.45 -29.91
CA GLU W 66 37.68 -35.61 -30.08
C GLU W 66 37.08 -34.23 -30.00
N PRO W 67 35.98 -34.01 -30.71
CA PRO W 67 35.44 -32.66 -30.72
C PRO W 67 34.63 -32.35 -29.45
N THR W 68 34.85 -31.16 -28.89
CA THR W 68 34.05 -30.63 -27.78
C THR W 68 32.67 -30.22 -28.31
N PRO W 69 31.68 -30.04 -27.41
CA PRO W 69 30.36 -29.60 -27.85
C PRO W 69 30.43 -28.25 -28.61
N GLU W 70 31.38 -27.42 -28.22
CA GLU W 70 31.56 -26.12 -28.88
C GLU W 70 32.16 -26.27 -30.28
N GLU W 71 33.19 -27.10 -30.42
CA GLU W 71 33.76 -27.35 -31.74
C GLU W 71 32.75 -27.97 -32.69
N ARG W 72 31.74 -28.62 -32.11
CA ARG W 72 30.65 -29.19 -32.88
C ARG W 72 29.80 -28.11 -33.54
N LEU W 73 29.36 -27.14 -32.74
CA LEU W 73 28.62 -26.02 -33.29
C LEU W 73 29.42 -25.30 -34.37
N LEU W 74 30.70 -25.04 -34.08
CA LEU W 74 31.55 -24.25 -34.96
C LEU W 74 31.78 -24.97 -36.26
N ARG W 75 31.68 -26.29 -36.23
CA ARG W 75 31.93 -27.07 -37.42
C ARG W 75 30.87 -26.82 -38.49
N SER W 76 29.62 -26.73 -38.05
CA SER W 76 28.50 -26.45 -38.93
C SER W 76 28.73 -25.15 -39.72
N ILE W 77 29.31 -24.17 -39.04
CA ILE W 77 29.37 -22.78 -39.52
C ILE W 77 30.64 -22.45 -40.30
N PHE W 78 31.66 -21.98 -39.57
CA PHE W 78 32.93 -21.50 -40.11
C PHE W 78 33.59 -22.48 -41.08
N GLY W 79 33.17 -23.74 -41.04
CA GLY W 79 33.77 -24.76 -41.87
C GLY W 79 34.28 -25.92 -41.04
N GLU W 80 35.31 -26.60 -41.55
CA GLU W 80 35.86 -27.78 -40.86
C GLU W 80 37.26 -27.60 -40.26
N LYS W 81 37.44 -28.14 -39.06
CA LYS W 81 38.66 -27.91 -38.29
C LYS W 81 39.90 -28.59 -38.86
N ALA W 82 40.95 -27.80 -39.07
CA ALA W 82 42.24 -28.33 -39.52
C ALA W 82 43.05 -28.95 -38.37
N ARG W 83 44.09 -29.70 -38.70
CA ARG W 83 44.98 -30.32 -37.70
C ARG W 83 45.90 -29.30 -37.10
N ASP W 84 46.33 -29.51 -35.87
CA ASP W 84 47.20 -28.54 -35.22
C ASP W 84 48.68 -28.96 -35.25
N VAL W 85 49.58 -27.97 -35.19
CA VAL W 85 51.02 -28.24 -35.10
C VAL W 85 51.59 -27.88 -33.72
N LYS W 86 52.52 -28.69 -33.22
CA LYS W 86 53.21 -28.34 -31.98
C LYS W 86 54.69 -28.00 -32.21
N ASP W 87 55.30 -27.36 -31.23
CA ASP W 87 56.69 -26.93 -31.34
C ASP W 87 57.59 -28.12 -30.95
N THR W 88 58.45 -28.55 -31.86
CA THR W 88 59.42 -29.58 -31.51
C THR W 88 60.80 -29.08 -31.88
N SER W 89 61.05 -27.82 -31.60
CA SER W 89 62.29 -27.19 -32.06
C SER W 89 63.55 -27.70 -31.37
N LEU W 90 64.68 -27.54 -32.06
CA LEU W 90 66.01 -27.82 -31.48
C LEU W 90 66.41 -26.64 -30.61
N ARG W 91 66.56 -26.91 -29.31
CA ARG W 91 66.95 -25.87 -28.36
C ARG W 91 68.33 -26.12 -27.75
N VAL W 92 69.01 -25.04 -27.36
CA VAL W 92 70.30 -25.16 -26.68
C VAL W 92 70.10 -25.83 -25.33
N PRO W 93 70.84 -26.92 -25.07
CA PRO W 93 70.79 -27.69 -23.83
C PRO W 93 71.30 -26.91 -22.62
N PRO W 94 70.83 -27.27 -21.42
CA PRO W 94 71.31 -26.70 -20.16
C PRO W 94 72.83 -26.76 -20.05
N GLY W 95 73.43 -25.65 -19.62
CA GLY W 95 74.86 -25.60 -19.37
C GLY W 95 75.69 -25.41 -20.62
N GLU W 96 75.05 -25.11 -21.75
CA GLU W 96 75.80 -24.90 -22.99
C GLU W 96 75.43 -23.55 -23.62
N GLY W 97 76.05 -23.25 -24.76
CA GLY W 97 75.84 -21.97 -25.41
C GLY W 97 77.11 -21.35 -25.96
N GLY W 98 76.97 -20.21 -26.64
CA GLY W 98 78.11 -19.58 -27.29
C GLY W 98 77.66 -18.84 -28.54
N ILE W 99 78.52 -18.84 -29.55
CA ILE W 99 78.27 -18.10 -30.78
C ILE W 99 78.11 -19.06 -31.96
N VAL W 100 77.05 -18.89 -32.75
CA VAL W 100 76.85 -19.71 -33.95
C VAL W 100 77.90 -19.37 -35.00
N VAL W 101 78.64 -20.38 -35.48
CA VAL W 101 79.71 -20.14 -36.44
C VAL W 101 79.49 -20.76 -37.82
N ARG W 102 78.59 -21.73 -37.89
CA ARG W 102 78.23 -22.29 -39.16
C ARG W 102 76.89 -23.00 -39.08
N THR W 103 76.23 -23.12 -40.22
CA THR W 103 75.07 -23.98 -40.32
C THR W 103 75.18 -24.81 -41.58
N VAL W 104 74.53 -25.97 -41.57
CA VAL W 104 74.47 -26.84 -42.73
C VAL W 104 73.05 -27.33 -42.84
N ARG W 105 72.46 -27.25 -44.03
CA ARG W 105 71.11 -27.75 -44.22
C ARG W 105 71.04 -28.60 -45.47
N LEU W 106 70.50 -29.81 -45.32
CA LEU W 106 70.36 -30.76 -46.42
C LEU W 106 68.90 -31.18 -46.59
N ARG W 107 68.47 -31.35 -47.83
CA ARG W 107 67.09 -31.76 -48.11
C ARG W 107 67.03 -33.05 -48.92
N ARG W 108 66.18 -33.99 -48.52
CA ARG W 108 66.10 -35.25 -49.24
C ARG W 108 65.69 -34.98 -50.68
N GLY W 109 66.40 -35.61 -51.61
CA GLY W 109 66.07 -35.56 -53.02
C GLY W 109 66.91 -34.57 -53.80
N ASP W 110 67.68 -33.76 -53.07
CA ASP W 110 68.69 -32.90 -53.68
C ASP W 110 69.78 -33.78 -54.29
N PRO W 111 70.49 -33.27 -55.30
CA PRO W 111 71.55 -34.03 -55.96
C PRO W 111 72.71 -34.41 -55.02
N GLY W 112 72.98 -35.71 -54.91
CA GLY W 112 74.12 -36.18 -54.12
C GLY W 112 73.82 -36.41 -52.65
N VAL W 113 72.64 -35.98 -52.21
CA VAL W 113 72.24 -36.05 -50.81
C VAL W 113 71.63 -37.41 -50.45
N GLU W 114 72.13 -38.02 -49.38
CA GLU W 114 71.62 -39.31 -48.92
C GLU W 114 71.31 -39.27 -47.43
N LEU W 115 70.03 -39.18 -47.08
CA LEU W 115 69.64 -39.10 -45.68
C LEU W 115 69.11 -40.45 -45.19
N LYS W 116 69.04 -40.63 -43.88
CA LYS W 116 68.41 -41.82 -43.29
C LYS W 116 66.99 -42.05 -43.84
N PRO W 117 66.56 -43.31 -43.90
CA PRO W 117 65.18 -43.64 -44.27
C PRO W 117 64.17 -42.90 -43.41
N GLY W 118 63.26 -42.15 -44.04
CA GLY W 118 62.24 -41.42 -43.34
C GLY W 118 62.51 -39.92 -43.22
N VAL W 119 63.77 -39.53 -43.31
CA VAL W 119 64.19 -38.14 -43.09
C VAL W 119 63.94 -37.28 -44.33
N ARG W 120 63.23 -36.16 -44.15
CA ARG W 120 62.96 -35.25 -45.25
C ARG W 120 64.05 -34.19 -45.37
N GLU W 121 64.58 -33.78 -44.22
CA GLU W 121 65.61 -32.75 -44.17
C GLU W 121 66.39 -32.81 -42.86
N VAL W 122 67.63 -32.32 -42.89
CA VAL W 122 68.47 -32.28 -41.71
C VAL W 122 69.25 -30.97 -41.67
N VAL W 123 69.35 -30.41 -40.47
CA VAL W 123 70.08 -29.17 -40.27
C VAL W 123 71.08 -29.36 -39.13
N ARG W 124 72.31 -28.92 -39.36
CA ARG W 124 73.29 -28.85 -38.28
C ARG W 124 73.75 -27.41 -37.98
N VAL W 125 73.93 -27.14 -36.69
CA VAL W 125 74.39 -25.83 -36.21
C VAL W 125 75.67 -26.00 -35.38
N TYR W 126 76.71 -25.24 -35.71
CA TYR W 126 77.97 -25.28 -34.97
C TYR W 126 78.11 -24.04 -34.07
N VAL W 127 78.39 -24.26 -32.79
CA VAL W 127 78.45 -23.18 -31.83
C VAL W 127 79.78 -23.20 -31.07
N ALA W 128 80.49 -22.07 -31.09
CA ALA W 128 81.73 -21.98 -30.34
C ALA W 128 81.38 -22.01 -28.85
N GLN W 129 82.15 -22.80 -28.10
CA GLN W 129 81.94 -22.90 -26.65
C GLN W 129 83.28 -22.90 -25.94
N LYS W 130 83.30 -22.43 -24.69
CA LYS W 130 84.56 -22.42 -23.94
C LYS W 130 84.76 -23.72 -23.18
N VAL X 3 51.84 1.03 -42.33
CA VAL X 3 52.33 -0.04 -43.21
C VAL X 3 53.86 -0.11 -43.38
N GLU X 4 54.50 1.01 -43.70
CA GLU X 4 55.95 1.02 -43.96
C GLU X 4 56.85 0.46 -42.84
N PRO X 5 56.56 0.77 -41.56
CA PRO X 5 57.41 0.16 -40.53
C PRO X 5 57.28 -1.37 -40.47
N TYR X 6 56.15 -1.89 -40.95
CA TYR X 6 55.94 -3.33 -41.00
C TYR X 6 56.66 -4.00 -42.18
N ILE X 7 56.79 -3.26 -43.28
CA ILE X 7 57.66 -3.69 -44.38
C ILE X 7 59.10 -3.75 -43.87
N ARG X 8 59.45 -2.80 -43.01
CA ARG X 8 60.79 -2.76 -42.43
C ARG X 8 61.08 -3.99 -41.57
N LEU X 9 60.20 -4.26 -40.60
CA LEU X 9 60.34 -5.45 -39.75
C LEU X 9 60.39 -6.74 -40.57
N PHE X 10 59.47 -6.87 -41.53
CA PHE X 10 59.41 -8.06 -42.35
C PHE X 10 60.68 -8.30 -43.16
N GLU X 11 61.19 -7.26 -43.79
CA GLU X 11 62.33 -7.41 -44.70
C GLU X 11 63.62 -7.67 -43.96
N ALA X 12 63.64 -7.34 -42.67
CA ALA X 12 64.74 -7.67 -41.78
C ALA X 12 64.79 -9.16 -41.38
N ILE X 13 63.78 -9.95 -41.75
CA ILE X 13 63.91 -11.39 -41.55
C ILE X 13 65.03 -11.91 -42.44
N PRO X 14 66.02 -12.59 -41.85
CA PRO X 14 67.15 -13.03 -42.67
C PRO X 14 66.70 -14.04 -43.74
N ASP X 15 67.28 -13.93 -44.93
CA ASP X 15 66.91 -14.76 -46.07
C ASP X 15 67.62 -16.12 -46.08
N ALA X 16 67.09 -17.04 -46.88
CA ALA X 16 67.67 -18.37 -47.00
C ALA X 16 67.27 -18.99 -48.33
N GLU X 17 68.21 -19.66 -49.00
CA GLU X 17 67.87 -20.40 -50.22
C GLU X 17 67.05 -21.64 -49.88
N THR X 18 65.77 -21.59 -50.23
CA THR X 18 64.85 -22.73 -50.10
C THR X 18 63.80 -22.66 -51.16
N GLU X 19 62.98 -23.70 -51.23
CA GLU X 19 61.80 -23.71 -52.07
C GLU X 19 60.81 -22.64 -51.61
N LEU X 20 60.03 -22.12 -52.55
CA LEU X 20 58.93 -21.22 -52.20
C LEU X 20 57.83 -22.03 -51.55
N ALA X 21 57.29 -21.53 -50.46
CA ALA X 21 56.12 -22.18 -49.87
C ALA X 21 54.84 -21.74 -50.61
N THR X 22 53.80 -22.55 -50.53
CA THR X 22 52.46 -22.12 -50.94
C THR X 22 51.68 -21.70 -49.68
N PHE X 23 51.33 -20.42 -49.59
CA PHE X 23 50.66 -19.91 -48.41
C PHE X 23 49.16 -20.19 -48.36
N TYR X 24 48.64 -20.21 -47.15
CA TYR X 24 47.23 -20.44 -46.94
C TYR X 24 46.47 -19.13 -47.10
N ASP X 25 45.74 -19.02 -48.21
CA ASP X 25 44.89 -17.86 -48.49
C ASP X 25 43.54 -17.93 -47.78
N ALA X 26 43.54 -17.66 -46.47
CA ALA X 26 42.32 -17.71 -45.69
C ALA X 26 41.26 -16.68 -46.16
N ASP X 27 40.00 -17.01 -45.99
CA ASP X 27 38.92 -16.21 -46.56
C ASP X 27 37.68 -16.27 -45.68
N LEU X 28 36.65 -15.51 -46.05
CA LEU X 28 35.38 -15.53 -45.35
C LEU X 28 34.76 -16.92 -45.39
N ASP X 29 35.13 -17.69 -46.42
CA ASP X 29 34.67 -19.05 -46.60
C ASP X 29 35.36 -20.07 -45.69
N THR X 30 36.57 -19.73 -45.24
CA THR X 30 37.43 -20.70 -44.56
C THR X 30 37.68 -20.36 -43.09
N LEU X 31 38.13 -21.34 -42.31
CA LEU X 31 38.55 -21.11 -40.94
C LEU X 31 39.75 -20.19 -40.94
N PRO X 32 39.70 -19.14 -40.13
CA PRO X 32 40.91 -18.35 -39.97
C PRO X 32 41.99 -19.20 -39.31
N PRO X 33 43.26 -18.92 -39.62
CA PRO X 33 44.33 -19.69 -38.95
C PRO X 33 44.60 -19.11 -37.57
N ARG X 34 45.33 -19.83 -36.74
CA ARG X 34 45.72 -19.32 -35.42
C ARG X 34 46.46 -18.00 -35.58
N MET X 35 46.14 -17.06 -34.72
CA MET X 35 46.78 -15.76 -34.77
C MET X 35 47.42 -15.49 -33.42
N PHE X 36 48.60 -14.89 -33.45
CA PHE X 36 49.27 -14.54 -32.21
C PHE X 36 49.72 -13.09 -32.19
N LEU X 37 49.55 -12.44 -31.05
CA LEU X 37 50.07 -11.09 -30.80
C LEU X 37 51.60 -11.15 -30.65
N PRO X 38 52.28 -9.99 -30.76
CA PRO X 38 53.76 -9.97 -30.61
C PRO X 38 54.25 -10.49 -29.27
N SER X 39 53.39 -10.59 -28.26
CA SER X 39 53.81 -11.11 -26.96
C SER X 39 53.80 -12.63 -26.96
N GLY X 40 53.20 -13.23 -27.98
CA GLY X 40 53.05 -14.67 -28.03
C GLY X 40 51.66 -15.12 -27.61
N ASP X 41 50.85 -14.20 -27.10
CA ASP X 41 49.48 -14.49 -26.72
C ASP X 41 48.61 -14.83 -27.93
N LEU X 42 47.76 -15.83 -27.76
CA LEU X 42 46.76 -16.20 -28.75
C LEU X 42 45.78 -15.05 -28.93
N TYR X 43 45.49 -14.71 -30.18
CA TYR X 43 44.44 -13.74 -30.47
C TYR X 43 43.25 -14.46 -31.11
N THR X 44 42.10 -14.41 -30.47
CA THR X 44 40.93 -15.10 -31.00
C THR X 44 40.00 -14.12 -31.73
N PRO X 45 39.90 -14.25 -33.06
CA PRO X 45 39.06 -13.31 -33.84
C PRO X 45 37.56 -13.60 -33.61
N PRO X 46 36.70 -12.59 -33.79
CA PRO X 46 35.26 -12.82 -33.60
C PRO X 46 34.59 -13.31 -34.89
N GLY X 47 35.39 -13.53 -35.92
CA GLY X 47 34.89 -14.06 -37.18
C GLY X 47 36.08 -14.42 -38.06
N PRO X 48 35.82 -14.68 -39.35
CA PRO X 48 36.87 -15.07 -40.31
C PRO X 48 37.72 -13.88 -40.74
N VAL X 49 38.81 -14.18 -41.44
CA VAL X 49 39.67 -13.13 -41.93
C VAL X 49 39.89 -13.23 -43.44
N ARG X 50 40.39 -12.16 -44.02
CA ARG X 50 40.85 -12.15 -45.40
C ARG X 50 42.27 -11.59 -45.38
N LEU X 51 43.11 -12.06 -46.29
CA LEU X 51 44.51 -11.62 -46.30
C LEU X 51 44.84 -10.86 -47.57
N GLU X 52 45.68 -9.85 -47.43
CA GLU X 52 46.24 -9.17 -48.58
C GLU X 52 47.76 -9.19 -48.49
N GLU X 53 48.38 -9.89 -49.42
CA GLU X 53 49.83 -10.00 -49.45
C GLU X 53 50.48 -8.67 -49.83
N ILE X 54 51.48 -8.27 -49.06
CA ILE X 54 52.20 -7.04 -49.33
C ILE X 54 53.57 -7.33 -49.89
N LYS X 55 54.31 -8.21 -49.22
CA LYS X 55 55.62 -8.66 -49.67
C LYS X 55 55.74 -10.14 -49.39
N ARG X 56 56.65 -10.78 -50.10
CA ARG X 56 56.93 -12.21 -49.93
C ARG X 56 58.42 -12.56 -49.89
N LYS X 57 58.69 -13.53 -49.02
CA LYS X 57 59.97 -14.17 -48.81
C LYS X 57 59.67 -15.65 -48.94
N ARG X 58 60.69 -16.43 -49.29
CA ARG X 58 60.51 -17.84 -49.65
C ARG X 58 59.56 -18.67 -48.78
N ARG X 59 59.61 -18.43 -47.47
CA ARG X 59 58.90 -19.24 -46.48
C ARG X 59 57.99 -18.42 -45.57
N VAL X 60 58.09 -17.10 -45.72
CA VAL X 60 57.26 -16.18 -44.97
C VAL X 60 56.76 -15.09 -45.92
N ARG X 61 55.61 -14.52 -45.61
CA ARG X 61 55.12 -13.37 -46.35
C ARG X 61 54.56 -12.36 -45.37
N LEU X 62 54.47 -11.12 -45.82
CA LEU X 62 53.82 -10.03 -45.07
C LEU X 62 52.39 -9.87 -45.59
N VAL X 63 51.44 -9.78 -44.67
CA VAL X 63 50.05 -9.61 -45.10
C VAL X 63 49.36 -8.55 -44.29
N LYS X 64 48.34 -7.96 -44.89
CA LYS X 64 47.38 -7.15 -44.17
C LYS X 64 46.21 -8.08 -43.84
N VAL X 65 45.89 -8.21 -42.55
CA VAL X 65 44.84 -9.12 -42.16
C VAL X 65 43.56 -8.34 -41.86
N SER X 66 42.49 -8.62 -42.61
CA SER X 66 41.21 -8.00 -42.36
C SER X 66 40.33 -8.92 -41.54
N ILE X 67 39.88 -8.43 -40.39
CA ILE X 67 39.14 -9.25 -39.44
C ILE X 67 37.65 -8.95 -39.48
N TYR X 68 36.85 -9.95 -39.80
CA TYR X 68 35.41 -9.75 -39.96
C TYR X 68 34.60 -10.31 -38.80
N ARG X 69 33.50 -9.62 -38.53
CA ARG X 69 32.64 -9.94 -37.41
C ARG X 69 31.27 -10.27 -37.96
N PHE X 70 30.63 -11.29 -37.39
CA PHE X 70 29.28 -11.59 -37.75
C PHE X 70 28.32 -10.56 -37.17
N GLU X 71 27.30 -10.22 -37.93
CA GLU X 71 26.28 -9.35 -37.41
C GLU X 71 24.95 -10.07 -37.51
N HIS X 72 23.97 -9.62 -36.72
CA HIS X 72 22.68 -10.26 -36.68
C HIS X 72 21.69 -9.64 -37.66
N VAL X 73 21.09 -10.51 -38.47
CA VAL X 73 19.96 -10.15 -39.29
C VAL X 73 18.86 -11.14 -38.95
N GLY X 74 17.99 -10.76 -38.00
CA GLY X 74 16.95 -11.65 -37.54
C GLY X 74 17.53 -12.94 -36.98
N LEU X 75 16.95 -14.06 -37.37
CA LEU X 75 17.35 -15.38 -36.87
C LEU X 75 18.79 -15.77 -37.19
N GLY X 76 19.43 -15.01 -38.08
CA GLY X 76 20.73 -15.40 -38.61
C GLY X 76 21.80 -14.33 -38.71
N LEU X 77 22.87 -14.66 -39.42
CA LEU X 77 24.09 -13.86 -39.41
C LEU X 77 24.70 -13.57 -40.77
N ALA X 78 25.30 -12.39 -40.88
CA ALA X 78 26.05 -11.95 -42.06
C ALA X 78 27.41 -11.39 -41.62
N ALA X 79 28.34 -11.25 -42.57
CA ALA X 79 29.72 -10.79 -42.28
C ALA X 79 29.93 -9.26 -42.40
N ARG X 80 30.88 -8.71 -41.66
CA ARG X 80 31.15 -7.26 -41.69
C ARG X 80 32.43 -6.84 -40.94
N PRO X 81 33.26 -6.01 -41.56
CA PRO X 81 34.57 -5.43 -41.20
C PRO X 81 34.88 -5.00 -39.73
N TYR X 82 35.63 -5.77 -38.95
CA TYR X 82 35.70 -5.52 -37.51
C TYR X 82 37.03 -4.90 -37.11
N ALA X 83 38.11 -5.37 -37.72
CA ALA X 83 39.44 -4.91 -37.36
C ALA X 83 40.47 -5.27 -38.42
N TYR X 84 41.68 -4.76 -38.21
CA TYR X 84 42.78 -5.07 -39.10
C TYR X 84 44.13 -5.07 -38.35
N ALA X 85 45.07 -5.82 -38.90
CA ALA X 85 46.40 -5.90 -38.34
C ALA X 85 47.36 -6.31 -39.44
N TYR X 86 48.57 -5.77 -39.36
CA TYR X 86 49.64 -6.26 -40.22
C TYR X 86 50.28 -7.44 -39.53
N ALA X 87 50.73 -8.39 -40.32
CA ALA X 87 51.27 -9.61 -39.76
C ALA X 87 52.22 -10.26 -40.75
N TRP X 88 53.05 -11.19 -40.25
CA TRP X 88 53.73 -12.13 -41.14
C TRP X 88 53.09 -13.50 -41.00
N GLN X 89 53.09 -14.25 -42.08
CA GLN X 89 52.50 -15.56 -42.11
C GLN X 89 53.58 -16.55 -42.53
N GLY X 90 53.60 -17.73 -41.91
CA GLY X 90 54.59 -18.74 -42.23
C GLY X 90 54.02 -19.93 -42.99
N ASP X 91 54.80 -20.99 -43.11
CA ASP X 91 54.37 -22.12 -43.92
C ASP X 91 53.45 -23.14 -43.23
N ASN X 92 53.06 -22.90 -41.98
CA ASN X 92 51.98 -23.62 -41.34
C ASN X 92 50.70 -22.79 -41.42
N GLY X 93 50.78 -21.65 -42.11
CA GLY X 93 49.65 -20.77 -42.26
C GLY X 93 49.37 -19.84 -41.10
N ILE X 94 50.20 -19.91 -40.06
CA ILE X 94 49.95 -19.17 -38.82
C ILE X 94 50.17 -17.65 -39.00
N LEU X 95 49.31 -16.82 -38.41
CA LEU X 95 49.53 -15.37 -38.46
C LEU X 95 50.19 -14.85 -37.20
N HIS X 96 51.32 -14.18 -37.39
CA HIS X 96 52.04 -13.49 -36.31
C HIS X 96 51.78 -11.98 -36.44
N LEU X 97 50.94 -11.46 -35.55
CA LEU X 97 50.60 -10.05 -35.62
C LEU X 97 51.77 -9.18 -35.16
N TYR X 98 51.94 -8.03 -35.81
CA TYR X 98 52.95 -7.05 -35.36
C TYR X 98 52.41 -6.12 -34.29
N HIS X 99 51.09 -6.13 -34.09
CA HIS X 99 50.47 -5.23 -33.13
C HIS X 99 49.08 -5.75 -32.85
N ALA X 100 48.50 -5.36 -31.72
CA ALA X 100 47.11 -5.70 -31.47
C ALA X 100 46.26 -5.08 -32.57
N PRO X 101 45.24 -5.83 -33.04
CA PRO X 101 44.33 -5.41 -34.11
C PRO X 101 43.65 -4.07 -33.83
N VAL X 102 43.63 -3.21 -34.83
CA VAL X 102 42.97 -1.91 -34.76
C VAL X 102 41.46 -2.07 -34.86
N VAL X 103 40.72 -1.11 -34.31
CA VAL X 103 39.27 -1.13 -34.39
C VAL X 103 38.79 0.00 -35.29
N LEU X 104 37.96 -0.34 -36.28
CA LEU X 104 37.45 0.64 -37.22
C LEU X 104 36.13 1.28 -36.77
#